data_7W9E
#
_entry.id   7W9E
#
loop_
_entity.id
_entity.type
_entity.pdbx_description
1 polymer 'Spike glycoprotein'
2 polymer 'Anti-H5N1 hemagglutinin monoclonal anitbody H5M9 heavy chain'
3 polymer 'The light chain of 8D3 fab'
#
loop_
_entity_poly.entity_id
_entity_poly.type
_entity_poly.pdbx_seq_one_letter_code
_entity_poly.pdbx_strand_id
1 'polypeptide(L)'
;MFVFLVLLPLVSSQCVNLRTRTQLPPAYTNSFTRGVYYPDKVFRSSVLHSTQDLFLPFFSNVTWFHAIHVSGTNGTKRFD
NPVLPFNDGVYFASTEKSNIIRGWIFGTTLDSKTQSLLIVNNATNVVIKVCEFQFCNDPFLGVYYHKNNKSWMESEFGVY
SSANNCTFEYVSQPFLMDLEGKQGNFKNLREFVFKNIDGYFKIYSKHTPINLVRDLPQGFSALEPLVDLPIGINITRFQT
LLALHRSYLTPGDSSSGWTAGAAAYYVGYLQPRTFLLKYNENGTITDAVDCALDPLSETKCTLKSFTVEKGIYQTSNFRV
QPTESIVRFPNITNLCPFGEVFNATRFASVYAWNRKRISNCVADYSVLYNSASFSTFKCYGVSPTKLNDLCFTNVYADSF
VIRGDEVRQIAPGQTGKIADYNYKLPDDFTGCVIAWNSNNLDSKVGGNYNYRYRLFRKSNLKPFERDISTEIYQAGSKPC
NGVEGFNCYFPLQSYGFQPTNGVGYQPYRVVVLSFELLHAPATVCGPKKSTNLVKNKCVNFNFNGLTGTGVLTESNKKFL
PFQQFGRDIADTTDAVRDPQTLEILDITPCSFGGVSVITPGTNTSNQVAVLYQGVNCTEVPVAIHADQLTPTWRVYSTGS
NVFQTRAGCLIGAEHVNNSYECDIPIGAGICASYQTQTNSRGSASSVASQSIIAYTMSLGAENSVAYSNNSIAIPTNFTI
SVTTEILPVSMTKTSVDCTMYICGDSTECSNLLLQYGSFCTQLNRALTGIAVEQDKNTQEVFAQVKQIYKTPPIKDFGGF
NFSQILPDPSKPSKRSFIEDLLFNKVTLADAGFIKQYGDCLGDIAARDLICAQKFNGLTVLPPLLTDEMIAQYTSALLAG
TITSGWTFGAGAALQIPFAMQMAYRFNGIGVTQNVLYENQKLIANQFNSAIGKIQDSLSSTASALGKLQNVVNQNAQALN
TLVKQLSSNFGAISSVLNDILSRLDPPEAEVQIDRLITGRLQSLQTYVTQQLIRAAEIRASANLAATKMSECVLGQSKRV
DFCGKGYHLMSFPQSAPHGVVFLHVTYVPAQEKNFTTAPAICHDGKAHFPREGVFVSNGTHWFVTQRNFYEPQIITTDNT
FVSGNCDVVIGIVNNTVYDPLQPELDSFKEELDKYFKNHTSPDVDLGDISGINASVVNIQKEIDRLNEVAKNLNESLIDL
QELGKYEQGSGYIPEAPRDGQAYVRKDGEWVLLSTFLENLYFQGDYKDDDDKHHHHHHHHH
;
A,B,C
2 'polypeptide(L)'
;EVQLQQSGPELVKPGASVKISCKTSGYTFTEYTMYWVKQSHGKSLEWIGGINPNIGDTSYNQNFKGKATLTVDRSSSTAY
MELRSLTSEDSAVYYCARDGYPYYYALDHWGQGTSVTVSSAKTTPPSVYPLAPGSAAQTNSMVTLGCLVKGYFPEPVTVT
WNSGSLSSGVHTFPAVLQSDLYTLSSSVTVPSSTWPSETVTCNVAHPASSTKVDKKIVPRDCGCKPCICTVPEVSSVFIF
PPKPKDVLTITLTPKVTCVVVDISKDDPEVQFSWFVDDVEVHTAQTQPREEQFNSTFRSVSELPIMHQDWLNGKEFKCRV
NSAAFPAPIEKTISKTKGRPKAPQVYTIPPPKEQMAKDKVSLTCMITDFFPEDITVEWQWNGQPAENYKNTQPIMDTDGS
YFVYSKLNVQKSNWEAGNTFTCSVLHEGLHNHHTEKSLSHSPGK
;
D
3 'polypeptide(L)'
;DIVMTQSQKFMSTSVGDRVSVTCKASQNVGTNVAWYQQKPGQSPKALIYSTSYRYSGVPDRFTGSGSGTDFTLTISNVQS
EDLAEYFCQQYNSYPYTFGGGTKLEIKRADAAPTVSIFPPSSEQLTSGGASVVCFLNNFYPKDINVKWKIDGSERQNGVL
NSWTDQDSKDSTYSMSSTLTLTKDEYERHNSYTCEATHKTSTSPIVKSFNRNEC
;
E
#
# COMPACT_ATOMS: atom_id res chain seq x y z
N GLN A 14 -4.33 61.15 18.90
CA GLN A 14 -3.81 59.75 18.77
C GLN A 14 -4.11 58.95 20.04
N CYS A 15 -3.49 59.36 21.15
CA CYS A 15 -3.64 58.66 22.42
C CYS A 15 -4.89 59.06 23.18
N VAL A 16 -5.39 60.28 22.97
CA VAL A 16 -6.57 60.74 23.69
C VAL A 16 -7.78 59.90 23.27
N ASN A 17 -8.48 59.37 24.27
CA ASN A 17 -9.72 58.65 24.02
C ASN A 17 -10.81 59.62 23.60
N LEU A 18 -11.64 59.19 22.66
CA LEU A 18 -12.66 60.07 22.11
C LEU A 18 -13.71 60.39 23.17
N ARG A 19 -14.33 61.56 23.03
CA ARG A 19 -15.35 61.98 23.99
C ARG A 19 -16.57 61.07 23.94
N THR A 20 -16.88 60.52 22.76
CA THR A 20 -18.05 59.69 22.55
C THR A 20 -17.79 58.20 22.82
N ARG A 21 -16.75 57.89 23.59
CA ARG A 21 -16.39 56.49 23.85
C ARG A 21 -17.22 55.95 25.00
N THR A 22 -17.96 54.86 24.76
CA THR A 22 -18.74 54.21 25.79
C THR A 22 -18.84 52.73 25.45
N GLN A 23 -18.73 51.88 26.46
CA GLN A 23 -18.66 50.44 26.28
C GLN A 23 -20.07 49.86 26.21
N LEU A 24 -20.44 49.32 25.06
CA LEU A 24 -21.70 48.61 24.91
C LEU A 24 -21.59 47.20 25.47
N PRO A 25 -22.70 46.56 25.82
CA PRO A 25 -22.64 45.20 26.38
C PRO A 25 -22.56 44.15 25.30
N PRO A 26 -22.27 42.89 25.65
CA PRO A 26 -22.19 41.81 24.64
C PRO A 26 -23.55 41.25 24.24
N ALA A 27 -24.19 41.91 23.29
CA ALA A 27 -25.49 41.46 22.80
C ALA A 27 -25.34 40.23 21.92
N TYR A 28 -26.48 39.62 21.60
CA TYR A 28 -26.53 38.42 20.77
C TYR A 28 -27.81 38.43 19.94
N THR A 29 -27.76 37.78 18.79
CA THR A 29 -28.94 37.58 17.94
C THR A 29 -28.74 36.31 17.13
N ASN A 30 -29.71 36.02 16.26
CA ASN A 30 -29.73 34.78 15.49
C ASN A 30 -29.26 35.04 14.06
N SER A 31 -29.03 33.94 13.35
CA SER A 31 -28.63 33.96 11.95
C SER A 31 -29.36 32.85 11.23
N PHE A 32 -30.24 33.21 10.29
CA PHE A 32 -31.08 32.22 9.64
C PHE A 32 -30.25 31.31 8.74
N THR A 33 -29.62 31.89 7.71
CA THR A 33 -28.75 31.16 6.81
C THR A 33 -27.58 32.02 6.34
N ARG A 34 -27.25 33.05 7.10
CA ARG A 34 -26.20 33.98 6.68
C ARG A 34 -24.83 33.42 6.96
N GLY A 35 -23.91 33.64 6.03
CA GLY A 35 -22.55 33.16 6.13
C GLY A 35 -22.26 32.05 5.16
N VAL A 36 -22.87 32.11 3.98
CA VAL A 36 -22.76 31.10 2.94
C VAL A 36 -22.12 31.75 1.72
N TYR A 37 -21.00 31.18 1.27
CA TYR A 37 -20.24 31.72 0.16
C TYR A 37 -19.79 30.59 -0.75
N TYR A 38 -19.29 30.97 -1.92
CA TYR A 38 -18.72 30.03 -2.86
C TYR A 38 -17.33 29.61 -2.40
N PRO A 39 -17.10 28.36 -1.97
CA PRO A 39 -15.75 27.99 -1.52
C PRO A 39 -14.74 27.86 -2.63
N ASP A 40 -15.16 27.87 -3.89
CA ASP A 40 -14.25 27.75 -5.01
C ASP A 40 -14.89 28.39 -6.24
N LYS A 41 -14.08 28.56 -7.29
CA LYS A 41 -14.52 29.19 -8.52
C LYS A 41 -15.03 28.19 -9.54
N VAL A 42 -15.49 27.03 -9.08
CA VAL A 42 -15.95 25.97 -9.97
C VAL A 42 -17.41 26.20 -10.31
N PHE A 43 -17.75 26.02 -11.58
CA PHE A 43 -19.12 26.14 -12.03
C PHE A 43 -19.84 24.80 -11.92
N ARG A 44 -21.10 24.85 -11.52
CA ARG A 44 -21.97 23.69 -11.48
C ARG A 44 -23.33 24.10 -12.07
N SER A 45 -24.17 23.11 -12.35
CA SER A 45 -25.44 23.36 -13.00
C SER A 45 -26.43 22.29 -12.59
N SER A 46 -27.36 22.66 -11.71
CA SER A 46 -28.47 21.79 -11.33
C SER A 46 -27.97 20.49 -10.72
N VAL A 47 -27.14 20.64 -9.69
CA VAL A 47 -26.60 19.53 -8.92
C VAL A 47 -26.69 19.88 -7.44
N LEU A 48 -26.14 19.01 -6.61
CA LEU A 48 -26.17 19.19 -5.16
C LEU A 48 -24.90 18.55 -4.60
N HIS A 49 -23.86 19.36 -4.42
CA HIS A 49 -22.56 18.91 -3.97
C HIS A 49 -22.27 19.44 -2.58
N SER A 50 -21.54 18.63 -1.81
CA SER A 50 -21.17 18.97 -0.45
C SER A 50 -19.79 19.64 -0.43
N THR A 51 -19.30 19.92 0.77
CA THR A 51 -18.00 20.56 0.95
C THR A 51 -17.67 20.54 2.43
N GLN A 52 -16.38 20.64 2.72
CA GLN A 52 -15.86 20.68 4.10
C GLN A 52 -14.92 21.87 4.21
N ASP A 53 -15.46 23.01 4.64
CA ASP A 53 -14.70 24.23 4.80
C ASP A 53 -15.28 24.99 5.99
N LEU A 54 -14.82 26.23 6.18
CA LEU A 54 -15.24 27.05 7.30
C LEU A 54 -16.48 27.84 6.88
N PHE A 55 -17.56 27.70 7.67
CA PHE A 55 -18.80 28.41 7.44
C PHE A 55 -19.36 28.85 8.79
N LEU A 56 -20.50 29.53 8.75
CA LEU A 56 -21.25 29.86 9.94
C LEU A 56 -22.31 28.78 10.20
N PRO A 57 -22.36 28.15 11.37
CA PRO A 57 -23.52 27.29 11.66
C PRO A 57 -24.80 28.11 11.70
N PHE A 58 -25.82 27.61 11.02
CA PHE A 58 -27.08 28.33 10.96
C PHE A 58 -27.73 28.38 12.34
N PHE A 59 -28.47 29.46 12.56
CA PHE A 59 -29.19 29.66 13.82
C PHE A 59 -28.22 29.69 15.01
N SER A 60 -27.15 30.46 14.84
CA SER A 60 -26.09 30.60 15.84
C SER A 60 -26.17 31.99 16.46
N ASN A 61 -25.39 32.16 17.52
CA ASN A 61 -25.35 33.42 18.27
C ASN A 61 -24.23 34.29 17.71
N VAL A 62 -24.59 35.45 17.18
CA VAL A 62 -23.65 36.42 16.65
C VAL A 62 -23.73 37.69 17.47
N THR A 63 -22.58 38.27 17.76
CA THR A 63 -22.54 39.52 18.53
C THR A 63 -23.10 40.68 17.70
N TRP A 64 -23.67 41.64 18.42
CA TRP A 64 -24.27 42.83 17.82
C TRP A 64 -23.63 44.07 18.41
N PHE A 65 -23.41 45.07 17.55
CA PHE A 65 -22.82 46.33 17.96
C PHE A 65 -23.54 47.47 17.27
N HIS A 66 -23.55 48.64 17.91
CA HIS A 66 -24.29 49.80 17.45
C HIS A 66 -23.44 51.05 17.62
N ALA A 67 -23.85 52.11 16.94
CA ALA A 67 -23.24 53.42 17.06
C ALA A 67 -24.32 54.48 16.99
N ILE A 68 -24.03 55.65 17.57
CA ILE A 68 -24.99 56.74 17.60
C ILE A 68 -24.25 58.01 17.98
N HIS A 69 -24.75 59.14 17.49
CA HIS A 69 -24.13 60.44 17.76
C HIS A 69 -24.20 60.77 19.25
N LYS A 77 -23.49 59.30 21.97
CA LYS A 77 -22.44 59.20 22.98
C LYS A 77 -21.79 57.82 23.03
N ARG A 78 -22.32 56.86 22.26
CA ARG A 78 -21.87 55.46 22.29
C ARG A 78 -21.13 55.16 21.00
N PHE A 79 -19.80 55.29 21.04
CA PHE A 79 -18.94 54.96 19.92
C PHE A 79 -18.31 53.60 20.15
N ASP A 80 -18.65 52.64 19.29
CA ASP A 80 -18.30 51.23 19.46
C ASP A 80 -17.25 50.85 18.44
N ASN A 81 -16.04 50.54 18.91
CA ASN A 81 -14.98 50.06 18.03
C ASN A 81 -13.88 49.38 18.84
N PRO A 82 -14.15 48.21 19.44
CA PRO A 82 -13.13 47.55 20.26
C PRO A 82 -12.26 46.58 19.47
N VAL A 83 -11.29 45.96 20.15
CA VAL A 83 -10.44 44.93 19.57
C VAL A 83 -11.14 43.59 19.71
N LEU A 84 -11.05 42.77 18.67
CA LEU A 84 -11.70 41.47 18.59
C LEU A 84 -10.70 40.47 18.02
N PRO A 85 -10.92 39.17 18.25
CA PRO A 85 -9.97 38.17 17.78
C PRO A 85 -10.28 37.67 16.36
N PHE A 86 -9.31 36.95 15.81
CA PHE A 86 -9.39 36.40 14.46
C PHE A 86 -8.92 34.94 14.46
N ASN A 87 -9.47 34.15 15.37
CA ASN A 87 -8.99 32.79 15.57
C ASN A 87 -9.12 31.94 14.31
N ASP A 88 -10.33 31.77 13.78
CA ASP A 88 -10.58 30.89 12.63
C ASP A 88 -11.49 31.59 11.62
N GLY A 89 -11.19 32.84 11.28
CA GLY A 89 -12.00 33.58 10.34
C GLY A 89 -13.22 34.17 10.99
N VAL A 90 -13.79 35.22 10.38
CA VAL A 90 -14.92 35.94 10.93
C VAL A 90 -15.89 36.28 9.80
N TYR A 91 -16.95 37.00 10.15
CA TYR A 91 -18.01 37.34 9.22
C TYR A 91 -18.54 38.72 9.60
N PHE A 92 -18.91 39.49 8.57
CA PHE A 92 -19.47 40.82 8.74
C PHE A 92 -20.78 40.94 7.98
N ALA A 93 -21.73 41.66 8.57
CA ALA A 93 -22.95 42.08 7.90
C ALA A 93 -23.13 43.55 8.27
N SER A 94 -22.50 44.42 7.48
CA SER A 94 -22.43 45.84 7.82
C SER A 94 -23.69 46.52 7.30
N THR A 95 -24.70 46.64 8.17
CA THR A 95 -25.86 47.44 7.85
C THR A 95 -25.44 48.89 7.71
N GLU A 96 -25.83 49.53 6.61
CA GLU A 96 -25.36 50.88 6.30
C GLU A 96 -26.44 51.69 5.64
N LYS A 97 -26.83 52.79 6.31
CA LYS A 97 -27.57 53.86 5.67
C LYS A 97 -26.68 54.85 4.95
N SER A 98 -25.45 55.04 5.44
CA SER A 98 -24.58 56.12 5.00
C SER A 98 -23.12 55.68 4.86
N ASN A 99 -22.84 54.39 4.84
CA ASN A 99 -21.48 53.88 4.65
C ASN A 99 -20.53 54.41 5.73
N ILE A 100 -21.02 54.47 6.97
CA ILE A 100 -20.20 54.98 8.07
C ILE A 100 -18.99 54.09 8.28
N ILE A 101 -19.18 52.77 8.22
CA ILE A 101 -18.09 51.84 8.44
C ILE A 101 -17.21 51.82 7.19
N ARG A 102 -15.92 52.08 7.37
CA ARG A 102 -15.01 52.35 6.26
C ARG A 102 -14.01 51.23 6.02
N GLY A 103 -13.31 50.78 7.07
CA GLY A 103 -12.23 49.83 6.90
C GLY A 103 -12.06 48.90 8.07
N TRP A 104 -11.00 48.09 8.02
CA TRP A 104 -10.77 47.04 9.00
C TRP A 104 -9.28 46.88 9.24
N ILE A 105 -8.90 46.84 10.51
CA ILE A 105 -7.52 46.60 10.93
C ILE A 105 -7.34 45.09 11.07
N PHE A 106 -6.13 44.62 10.82
CA PHE A 106 -5.80 43.21 11.01
C PHE A 106 -4.36 43.11 11.48
N GLY A 107 -4.00 41.93 11.97
CA GLY A 107 -2.66 41.66 12.43
C GLY A 107 -2.70 40.87 13.72
N THR A 108 -1.55 40.85 14.40
CA THR A 108 -1.38 40.18 15.69
C THR A 108 -1.20 41.19 16.82
N THR A 109 -0.20 42.07 16.72
CA THR A 109 0.05 43.09 17.73
C THR A 109 -0.62 44.41 17.39
N LEU A 110 -0.84 44.69 16.10
CA LEU A 110 -1.51 45.90 15.65
C LEU A 110 -0.74 47.14 16.10
N ASP A 111 0.54 47.20 15.74
CA ASP A 111 1.39 48.33 16.05
C ASP A 111 2.67 48.20 15.22
N SER A 112 3.59 49.14 15.45
CA SER A 112 4.83 49.19 14.69
C SER A 112 5.78 48.04 15.01
N LYS A 113 5.48 47.20 16.01
CA LYS A 113 6.39 46.14 16.39
C LYS A 113 6.57 45.12 15.27
N THR A 114 5.48 44.77 14.58
CA THR A 114 5.52 43.76 13.53
C THR A 114 4.52 44.14 12.45
N GLN A 115 4.61 43.44 11.33
CA GLN A 115 3.81 43.76 10.16
C GLN A 115 2.32 43.58 10.43
N SER A 116 1.53 44.44 9.81
CA SER A 116 0.08 44.42 9.97
C SER A 116 -0.57 44.95 8.71
N LEU A 117 -1.87 44.73 8.60
CA LEU A 117 -2.64 45.04 7.40
C LEU A 117 -3.67 46.12 7.69
N LEU A 118 -4.02 46.87 6.65
CA LEU A 118 -5.10 47.84 6.68
C LEU A 118 -5.87 47.76 5.38
N ILE A 119 -7.20 47.89 5.48
CA ILE A 119 -8.10 47.83 4.33
C ILE A 119 -8.99 49.07 4.44
N VAL A 120 -8.61 50.14 3.76
CA VAL A 120 -9.23 51.45 3.93
C VAL A 120 -9.96 51.81 2.65
N ASN A 121 -11.25 52.15 2.78
CA ASN A 121 -12.06 52.62 1.67
C ASN A 121 -12.13 54.15 1.76
N ASN A 122 -11.41 54.83 0.86
CA ASN A 122 -11.36 56.28 0.84
C ASN A 122 -12.45 56.90 -0.03
N ALA A 123 -13.57 56.20 -0.23
CA ALA A 123 -14.71 56.64 -1.01
C ALA A 123 -14.42 56.74 -2.52
N THR A 124 -13.25 56.33 -2.97
CA THR A 124 -12.90 56.28 -4.38
C THR A 124 -12.37 54.91 -4.80
N ASN A 125 -11.63 54.25 -3.92
CA ASN A 125 -11.06 52.94 -4.21
C ASN A 125 -10.77 52.21 -2.91
N VAL A 126 -10.63 50.90 -2.99
CA VAL A 126 -10.28 50.08 -1.83
C VAL A 126 -8.77 50.11 -1.67
N VAL A 127 -8.27 51.09 -0.92
CA VAL A 127 -6.85 51.19 -0.67
C VAL A 127 -6.46 50.14 0.35
N ILE A 128 -5.40 49.40 0.05
CA ILE A 128 -4.88 48.35 0.93
C ILE A 128 -3.39 48.54 1.06
N LYS A 129 -2.87 48.39 2.28
CA LYS A 129 -1.44 48.52 2.54
C LYS A 129 -1.06 47.58 3.66
N VAL A 130 0.20 47.17 3.67
CA VAL A 130 0.75 46.26 4.68
C VAL A 130 2.05 46.89 5.16
N CYS A 131 2.00 47.60 6.29
CA CYS A 131 3.17 48.24 6.86
C CYS A 131 3.12 48.04 8.37
N GLU A 132 4.25 48.32 9.03
CA GLU A 132 4.30 48.33 10.49
C GLU A 132 3.72 49.65 10.98
N PHE A 133 2.41 49.77 10.85
CA PHE A 133 1.73 51.02 11.13
C PHE A 133 1.79 51.35 12.61
N GLN A 134 1.75 52.64 12.93
CA GLN A 134 1.84 53.11 14.30
C GLN A 134 0.44 53.12 14.90
N PHE A 135 0.31 52.55 16.08
CA PHE A 135 -1.00 52.34 16.69
C PHE A 135 -1.44 53.55 17.50
N CYS A 136 -2.72 53.87 17.39
CA CYS A 136 -3.36 54.89 18.21
C CYS A 136 -4.28 54.22 19.23
N ASN A 137 -4.65 55.00 20.26
CA ASN A 137 -5.56 54.47 21.27
C ASN A 137 -6.98 54.35 20.74
N ASP A 138 -7.33 55.10 19.69
CA ASP A 138 -8.64 55.00 19.06
C ASP A 138 -8.54 55.54 17.65
N PRO A 139 -8.01 54.75 16.71
CA PRO A 139 -7.98 55.20 15.31
C PRO A 139 -9.37 55.44 14.76
N PHE A 140 -9.42 56.25 13.71
CA PHE A 140 -10.68 56.62 13.07
C PHE A 140 -10.33 57.29 11.74
N LEU A 141 -11.35 57.53 10.93
CA LEU A 141 -11.22 58.28 9.68
C LEU A 141 -11.76 59.68 9.95
N GLY A 142 -10.85 60.65 10.04
CA GLY A 142 -11.23 62.03 10.31
C GLY A 142 -11.79 62.70 9.07
N VAL A 143 -12.99 63.27 9.22
CA VAL A 143 -13.62 64.11 8.20
C VAL A 143 -13.94 65.43 8.87
N TYR A 144 -13.08 66.42 8.67
CA TYR A 144 -13.19 67.73 9.31
C TYR A 144 -13.46 68.82 8.28
N TYR A 145 -13.71 70.02 8.79
CA TYR A 145 -13.97 71.21 7.98
C TYR A 145 -15.19 71.00 7.09
N HIS A 146 -16.33 70.88 7.76
CA HIS A 146 -17.63 70.80 7.10
C HIS A 146 -18.29 72.17 6.95
N LYS A 147 -17.59 73.25 7.31
CA LYS A 147 -18.16 74.58 7.17
C LYS A 147 -18.28 74.99 5.70
N ASN A 148 -17.33 74.55 4.88
CA ASN A 148 -17.34 74.87 3.46
C ASN A 148 -16.72 73.71 2.68
N ASN A 149 -17.41 73.29 1.61
CA ASN A 149 -16.96 72.18 0.78
C ASN A 149 -16.79 70.91 1.61
N LYS A 150 -17.92 70.42 2.13
CA LYS A 150 -17.89 69.21 2.95
C LYS A 150 -17.36 68.03 2.15
N SER A 151 -18.11 67.62 1.12
CA SER A 151 -17.72 66.60 0.13
C SER A 151 -17.77 65.18 0.67
N TRP A 152 -17.94 65.00 1.98
CA TRP A 152 -18.12 63.69 2.61
C TRP A 152 -17.07 62.69 2.16
N MET A 153 -15.80 63.09 2.24
CA MET A 153 -14.68 62.31 1.74
C MET A 153 -13.56 62.21 2.76
N GLU A 154 -12.41 61.69 2.35
CA GLU A 154 -11.27 61.53 3.24
C GLU A 154 -10.60 62.87 3.51
N SER A 155 -10.00 62.99 4.69
CA SER A 155 -9.28 64.19 5.08
C SER A 155 -8.18 63.86 6.09
N GLY A 158 -7.39 60.50 11.97
CA GLY A 158 -6.48 60.06 13.00
C GLY A 158 -6.25 58.57 12.98
N VAL A 159 -6.05 58.02 11.79
CA VAL A 159 -5.85 56.59 11.64
C VAL A 159 -4.55 56.16 12.29
N TYR A 160 -3.44 56.69 11.79
CA TYR A 160 -2.11 56.31 12.24
C TYR A 160 -1.19 57.53 12.14
N SER A 161 0.08 57.31 12.50
CA SER A 161 1.06 58.39 12.49
C SER A 161 2.41 57.99 11.90
N SER A 162 2.65 56.72 11.61
CA SER A 162 3.91 56.32 11.01
C SER A 162 3.74 54.96 10.33
N ALA A 163 4.61 54.71 9.36
CA ALA A 163 4.58 53.46 8.59
C ALA A 163 6.00 53.17 8.12
N ASN A 164 6.41 51.91 8.24
CA ASN A 164 7.77 51.53 7.88
C ASN A 164 7.77 50.09 7.37
N ASN A 165 8.68 49.84 6.42
CA ASN A 165 8.87 48.52 5.84
C ASN A 165 7.59 48.00 5.19
N CYS A 166 6.96 48.84 4.36
CA CYS A 166 5.78 48.41 3.63
C CYS A 166 6.16 47.33 2.63
N THR A 167 5.28 46.33 2.48
CA THR A 167 5.57 45.15 1.70
C THR A 167 4.48 44.76 0.70
N PHE A 168 3.39 45.50 0.61
CA PHE A 168 2.27 45.11 -0.24
C PHE A 168 1.35 46.30 -0.43
N GLU A 169 0.67 46.32 -1.56
CA GLU A 169 -0.29 47.37 -1.87
C GLU A 169 -1.28 46.83 -2.90
N TYR A 170 -2.44 47.47 -2.97
CA TYR A 170 -3.50 47.03 -3.86
C TYR A 170 -4.53 48.14 -3.95
N VAL A 171 -5.06 48.34 -5.16
CA VAL A 171 -6.16 49.26 -5.41
C VAL A 171 -7.19 48.53 -6.27
N SER A 172 -8.46 48.82 -6.04
CA SER A 172 -9.56 48.10 -6.66
C SER A 172 -10.16 48.92 -7.80
N GLN A 173 -11.27 48.43 -8.34
CA GLN A 173 -11.99 49.14 -9.38
C GLN A 173 -12.50 50.48 -8.86
N PRO A 174 -12.79 51.43 -9.74
CA PRO A 174 -13.27 52.73 -9.28
C PRO A 174 -14.76 52.69 -8.96
N PHE A 175 -15.10 53.22 -7.78
CA PHE A 175 -16.47 53.38 -7.35
C PHE A 175 -16.52 54.58 -6.40
N LEU A 176 -17.73 54.96 -6.01
CA LEU A 176 -17.95 56.17 -5.21
C LEU A 176 -18.92 55.85 -4.09
N MET A 177 -18.45 55.97 -2.84
CA MET A 177 -19.27 55.87 -1.65
C MET A 177 -19.39 57.24 -1.00
N ASP A 178 -20.38 57.38 -0.11
CA ASP A 178 -20.72 58.65 0.49
C ASP A 178 -20.85 58.46 2.00
N LEU A 179 -20.47 59.49 2.76
CA LEU A 179 -20.53 59.48 4.22
C LEU A 179 -21.45 60.56 4.77
N GLU A 180 -22.54 60.86 4.08
CA GLU A 180 -23.49 61.87 4.55
C GLU A 180 -24.41 61.26 5.61
N GLY A 181 -24.63 61.99 6.69
CA GLY A 181 -25.38 61.43 7.80
C GLY A 181 -26.83 61.17 7.41
N LYS A 182 -27.36 60.05 7.93
CA LYS A 182 -28.74 59.67 7.69
C LYS A 182 -29.21 58.85 8.88
N GLN A 183 -30.24 59.34 9.56
CA GLN A 183 -30.79 58.68 10.73
C GLN A 183 -31.81 57.63 10.30
N GLY A 184 -32.55 57.10 11.27
CA GLY A 184 -33.60 56.15 10.98
C GLY A 184 -33.10 54.72 10.81
N ASN A 185 -33.97 53.88 10.27
CA ASN A 185 -33.69 52.47 10.08
C ASN A 185 -32.97 52.26 8.75
N PHE A 186 -32.41 51.06 8.60
CA PHE A 186 -31.51 50.75 7.49
C PHE A 186 -32.29 50.28 6.26
N LYS A 187 -31.65 50.44 5.10
CA LYS A 187 -32.22 50.03 3.82
C LYS A 187 -31.27 49.12 3.05
N ASN A 188 -29.97 49.38 3.15
CA ASN A 188 -28.95 48.62 2.44
C ASN A 188 -28.12 47.80 3.44
N LEU A 189 -27.65 46.65 2.97
CA LEU A 189 -26.80 45.77 3.75
C LEU A 189 -25.68 45.24 2.87
N ARG A 190 -24.46 45.30 3.38
CA ARG A 190 -23.27 44.81 2.70
C ARG A 190 -22.62 43.75 3.58
N GLU A 191 -22.59 42.51 3.10
CA GLU A 191 -22.02 41.39 3.83
C GLU A 191 -20.61 41.13 3.33
N PHE A 192 -19.71 40.81 4.26
CA PHE A 192 -18.31 40.56 3.95
C PHE A 192 -17.84 39.34 4.73
N VAL A 193 -16.80 38.70 4.22
CA VAL A 193 -16.17 37.55 4.86
C VAL A 193 -14.67 37.73 4.79
N PHE A 194 -13.97 37.26 5.82
CA PHE A 194 -12.53 37.46 5.94
C PHE A 194 -11.91 36.22 6.56
N LYS A 195 -10.95 35.63 5.86
CA LYS A 195 -10.15 34.54 6.42
C LYS A 195 -8.81 34.52 5.72
N ASN A 196 -7.85 33.84 6.35
CA ASN A 196 -6.48 33.73 5.84
C ASN A 196 -6.03 32.30 5.99
N ILE A 197 -5.76 31.63 4.86
CA ILE A 197 -5.43 30.22 4.82
C ILE A 197 -4.12 30.08 4.05
N ASP A 198 -3.10 29.55 4.71
CA ASP A 198 -1.80 29.27 4.08
C ASP A 198 -1.19 30.53 3.49
N GLY A 199 -1.34 31.65 4.20
CA GLY A 199 -0.84 32.93 3.77
C GLY A 199 -1.75 33.70 2.85
N TYR A 200 -2.62 33.02 2.11
CA TYR A 200 -3.55 33.69 1.21
C TYR A 200 -4.71 34.27 2.00
N PHE A 201 -4.91 35.58 1.88
CA PHE A 201 -6.01 36.28 2.53
C PHE A 201 -7.15 36.41 1.53
N LYS A 202 -8.28 35.77 1.83
CA LYS A 202 -9.42 35.71 0.92
C LYS A 202 -10.55 36.59 1.44
N ILE A 203 -11.30 37.17 0.51
CA ILE A 203 -12.42 38.04 0.82
C ILE A 203 -13.59 37.64 -0.07
N TYR A 204 -14.79 37.59 0.51
CA TYR A 204 -16.02 37.37 -0.21
C TYR A 204 -17.05 38.38 0.27
N SER A 205 -17.89 38.85 -0.65
CA SER A 205 -18.85 39.89 -0.29
C SER A 205 -19.90 40.03 -1.38
N LYS A 206 -20.85 40.91 -1.13
CA LYS A 206 -21.89 41.27 -2.09
C LYS A 206 -22.51 42.58 -1.64
N HIS A 207 -23.60 42.96 -2.28
CA HIS A 207 -24.40 44.11 -1.86
C HIS A 207 -25.85 43.84 -2.21
N THR A 208 -26.75 44.15 -1.29
CA THR A 208 -28.18 43.88 -1.47
C THR A 208 -28.99 44.86 -0.64
N PRO A 209 -30.21 45.19 -1.06
CA PRO A 209 -31.08 45.99 -0.19
C PRO A 209 -31.84 45.11 0.79
N ILE A 210 -32.35 45.75 1.85
CA ILE A 210 -33.14 45.09 2.87
C ILE A 210 -34.14 46.08 3.44
N ASN A 211 -35.05 45.56 4.27
CA ASN A 211 -35.92 46.37 5.13
C ASN A 211 -35.64 45.92 6.55
N LEU A 212 -34.72 46.60 7.23
CA LEU A 212 -34.20 46.13 8.52
C LEU A 212 -35.27 46.33 9.58
N VAL A 213 -36.25 45.41 9.57
CA VAL A 213 -37.29 45.41 10.59
C VAL A 213 -36.78 44.78 11.88
N ARG A 214 -35.86 43.82 11.77
CA ARG A 214 -35.30 43.12 12.92
C ARG A 214 -33.78 43.18 12.87
N ASP A 215 -33.10 42.42 13.74
CA ASP A 215 -31.65 42.40 13.73
C ASP A 215 -31.10 41.95 12.39
N LEU A 216 -31.62 40.84 11.86
CA LEU A 216 -31.17 40.29 10.59
C LEU A 216 -32.37 39.68 9.87
N PRO A 217 -32.27 39.47 8.55
CA PRO A 217 -33.40 38.92 7.80
C PRO A 217 -33.38 37.40 7.74
N GLN A 218 -34.56 36.81 7.77
CA GLN A 218 -34.71 35.38 7.59
C GLN A 218 -34.77 35.07 6.10
N GLY A 219 -33.61 34.79 5.50
CA GLY A 219 -33.56 34.50 4.08
C GLY A 219 -32.24 33.84 3.73
N PHE A 220 -31.94 33.81 2.43
CA PHE A 220 -30.71 33.20 1.95
C PHE A 220 -30.19 33.97 0.74
N SER A 221 -28.88 34.14 0.70
CA SER A 221 -28.21 34.76 -0.43
C SER A 221 -26.72 34.47 -0.33
N ALA A 222 -26.12 34.03 -1.42
CA ALA A 222 -24.72 33.63 -1.44
C ALA A 222 -23.80 34.82 -1.62
N LEU A 223 -22.58 34.67 -1.12
CA LEU A 223 -21.56 35.73 -1.14
C LEU A 223 -20.48 35.33 -2.14
N GLU A 224 -20.22 36.20 -3.11
CA GLU A 224 -19.27 35.90 -4.16
C GLU A 224 -17.86 36.29 -3.74
N PRO A 225 -16.82 35.75 -4.38
CA PRO A 225 -15.46 36.16 -4.05
C PRO A 225 -15.14 37.52 -4.63
N LEU A 226 -14.21 38.21 -3.95
CA LEU A 226 -13.77 39.55 -4.35
C LEU A 226 -12.31 39.58 -4.74
N VAL A 227 -11.40 39.16 -3.86
CA VAL A 227 -9.97 39.16 -4.15
C VAL A 227 -9.32 37.96 -3.47
N ASP A 228 -8.01 37.80 -3.66
CA ASP A 228 -7.25 36.76 -2.99
C ASP A 228 -5.79 37.21 -2.95
N LEU A 229 -5.35 37.69 -1.78
CA LEU A 229 -4.06 38.35 -1.65
C LEU A 229 -3.05 37.38 -1.08
N PRO A 230 -1.88 37.13 -1.74
CA PRO A 230 -0.88 36.23 -1.13
C PRO A 230 0.07 36.99 -0.20
N ILE A 231 -0.48 37.47 0.91
CA ILE A 231 0.30 38.31 1.83
C ILE A 231 1.34 37.45 2.56
N GLY A 232 0.87 36.48 3.34
CA GLY A 232 1.76 35.55 4.00
C GLY A 232 2.19 35.98 5.39
N ILE A 233 1.23 36.29 6.25
CA ILE A 233 1.49 36.67 7.64
C ILE A 233 0.51 35.95 8.54
N ASN A 234 0.75 36.06 9.85
CA ASN A 234 -0.18 35.57 10.86
C ASN A 234 -1.08 36.71 11.29
N ILE A 235 -2.36 36.39 11.50
CA ILE A 235 -3.35 37.34 11.99
C ILE A 235 -4.12 36.66 13.10
N THR A 236 -4.38 37.41 14.18
CA THR A 236 -5.13 36.89 15.32
C THR A 236 -6.16 37.87 15.86
N ARG A 237 -6.16 39.13 15.42
CA ARG A 237 -7.11 40.11 15.90
C ARG A 237 -7.49 41.05 14.76
N PHE A 238 -8.51 41.86 15.00
CA PHE A 238 -8.97 42.83 14.02
C PHE A 238 -9.71 43.95 14.75
N GLN A 239 -10.13 44.95 13.99
CA GLN A 239 -10.88 46.08 14.53
C GLN A 239 -11.44 46.89 13.37
N THR A 240 -12.57 47.54 13.61
CA THR A 240 -13.30 48.28 12.59
C THR A 240 -12.89 49.75 12.60
N LEU A 241 -13.14 50.41 11.47
CA LEU A 241 -12.84 51.82 11.27
C LEU A 241 -14.12 52.52 10.83
N LEU A 242 -14.43 53.64 11.50
CA LEU A 242 -15.67 54.37 11.29
C LEU A 242 -15.38 55.81 10.89
N ALA A 243 -16.37 56.44 10.28
CA ALA A 243 -16.25 57.81 9.77
C ALA A 243 -16.81 58.80 10.79
N LEU A 244 -15.98 59.76 11.20
CA LEU A 244 -16.38 60.81 12.12
C LEU A 244 -16.46 62.14 11.39
N HIS A 245 -17.53 62.89 11.68
CA HIS A 245 -17.72 64.25 11.16
C HIS A 245 -17.32 65.26 12.23
N ARG A 246 -17.09 66.50 11.79
CA ARG A 246 -16.79 67.59 12.71
C ARG A 246 -17.01 68.91 11.97
N SER A 247 -18.00 69.68 12.43
CA SER A 247 -18.31 70.98 11.82
C SER A 247 -17.57 72.09 12.56
N SER A 255 -8.49 64.59 18.99
CA SER A 255 -9.26 63.35 18.95
C SER A 255 -10.56 63.48 19.76
N SER A 256 -10.57 64.36 20.76
CA SER A 256 -11.75 64.51 21.59
C SER A 256 -12.92 65.10 20.80
N GLY A 257 -12.66 66.12 20.00
CA GLY A 257 -13.71 66.81 19.26
C GLY A 257 -14.09 66.12 17.97
N TRP A 258 -14.86 65.03 18.06
CA TRP A 258 -15.28 64.26 16.90
C TRP A 258 -16.69 63.72 17.10
N THR A 259 -17.56 64.00 16.13
CA THR A 259 -18.97 63.63 16.19
C THR A 259 -19.12 62.16 15.85
N ALA A 260 -19.68 61.39 16.77
CA ALA A 260 -19.88 59.96 16.53
C ALA A 260 -20.99 59.73 15.52
N GLY A 261 -20.90 58.58 14.84
CA GLY A 261 -21.86 58.23 13.81
C GLY A 261 -22.96 57.30 14.28
N ALA A 262 -23.95 57.10 13.41
CA ALA A 262 -25.08 56.21 13.66
C ALA A 262 -24.97 55.02 12.72
N ALA A 263 -24.68 53.85 13.27
CA ALA A 263 -24.53 52.64 12.47
C ALA A 263 -24.63 51.42 13.38
N ALA A 264 -24.66 50.25 12.75
CA ALA A 264 -24.69 48.98 13.46
C ALA A 264 -24.00 47.93 12.61
N TYR A 265 -23.24 47.04 13.26
CA TYR A 265 -22.51 46.00 12.56
C TYR A 265 -22.48 44.75 13.43
N TYR A 266 -22.52 43.60 12.74
CA TYR A 266 -22.50 42.29 13.38
C TYR A 266 -21.16 41.62 13.17
N VAL A 267 -20.87 40.62 13.99
CA VAL A 267 -19.63 39.87 13.94
C VAL A 267 -19.93 38.41 14.17
N GLY A 268 -19.21 37.53 13.47
CA GLY A 268 -19.32 36.10 13.64
C GLY A 268 -17.95 35.46 13.65
N TYR A 269 -17.96 34.14 13.84
CA TYR A 269 -16.75 33.34 13.81
C TYR A 269 -17.09 31.99 13.20
N LEU A 270 -16.19 31.51 12.34
CA LEU A 270 -16.46 30.33 11.53
C LEU A 270 -15.98 29.06 12.23
N GLN A 271 -16.40 27.92 11.70
CA GLN A 271 -16.02 26.62 12.21
C GLN A 271 -15.97 25.64 11.05
N PRO A 272 -15.13 24.59 11.13
CA PRO A 272 -15.02 23.65 9.99
C PRO A 272 -16.15 22.64 9.94
N ARG A 273 -17.26 23.06 9.35
CA ARG A 273 -18.48 22.26 9.25
C ARG A 273 -18.71 21.79 7.82
N THR A 274 -19.42 20.67 7.70
CA THR A 274 -19.77 20.09 6.42
C THR A 274 -21.12 20.63 5.98
N PHE A 275 -21.20 21.08 4.72
CA PHE A 275 -22.37 21.75 4.18
C PHE A 275 -22.76 21.11 2.86
N LEU A 276 -23.98 21.43 2.43
CA LEU A 276 -24.46 21.13 1.09
C LEU A 276 -24.74 22.43 0.35
N LEU A 277 -24.68 22.35 -0.97
CA LEU A 277 -24.82 23.52 -1.84
C LEU A 277 -25.67 23.16 -3.03
N LYS A 278 -26.80 23.85 -3.19
CA LYS A 278 -27.72 23.64 -4.29
C LYS A 278 -27.44 24.69 -5.36
N TYR A 279 -26.91 24.26 -6.49
CA TYR A 279 -26.62 25.14 -7.62
C TYR A 279 -27.77 25.03 -8.63
N ASN A 280 -28.23 26.17 -9.11
CA ASN A 280 -29.30 26.20 -10.11
C ASN A 280 -28.72 25.93 -11.49
N GLU A 281 -29.52 26.13 -12.52
CA GLU A 281 -29.05 25.92 -13.89
C GLU A 281 -27.99 26.95 -14.26
N ASN A 282 -28.21 28.21 -13.92
CA ASN A 282 -27.30 29.29 -14.26
C ASN A 282 -26.10 29.38 -13.33
N GLY A 283 -25.94 28.43 -12.40
CA GLY A 283 -24.78 28.40 -11.54
C GLY A 283 -24.88 29.19 -10.26
N THR A 284 -26.01 29.85 -10.01
CA THR A 284 -26.19 30.64 -8.80
C THR A 284 -26.74 29.77 -7.68
N ILE A 285 -26.05 29.78 -6.53
CA ILE A 285 -26.51 29.02 -5.38
C ILE A 285 -27.83 29.60 -4.89
N THR A 286 -28.74 28.72 -4.49
CA THR A 286 -30.08 29.11 -4.06
C THR A 286 -30.46 28.58 -2.67
N ASP A 287 -29.80 27.53 -2.19
CA ASP A 287 -30.10 26.98 -0.88
C ASP A 287 -28.93 26.13 -0.43
N ALA A 288 -28.87 25.87 0.88
CA ALA A 288 -27.80 25.07 1.46
C ALA A 288 -28.33 24.40 2.72
N VAL A 289 -27.56 23.43 3.21
CA VAL A 289 -27.93 22.64 4.38
C VAL A 289 -26.68 22.40 5.22
N ASP A 290 -26.84 22.48 6.54
CA ASP A 290 -25.76 22.24 7.48
C ASP A 290 -25.86 20.80 7.98
N CYS A 291 -24.80 20.02 7.76
CA CYS A 291 -24.82 18.59 8.04
C CYS A 291 -24.57 18.26 9.51
N ALA A 292 -24.64 19.23 10.42
CA ALA A 292 -24.53 18.96 11.84
C ALA A 292 -25.48 19.82 12.67
N LEU A 293 -26.48 20.43 12.04
CA LEU A 293 -27.43 21.25 12.77
C LEU A 293 -28.40 20.38 13.57
N ASP A 294 -29.12 19.52 12.89
CA ASP A 294 -30.11 18.64 13.48
C ASP A 294 -30.09 17.29 12.77
N PRO A 295 -30.72 16.24 13.34
CA PRO A 295 -30.66 14.93 12.67
C PRO A 295 -31.31 14.93 11.30
N LEU A 296 -32.32 15.77 11.07
CA LEU A 296 -32.95 15.84 9.77
C LEU A 296 -31.96 16.27 8.70
N SER A 297 -31.10 17.24 9.02
CA SER A 297 -30.13 17.73 8.05
C SER A 297 -28.99 16.75 7.85
N GLU A 298 -28.64 15.98 8.88
CA GLU A 298 -27.67 14.91 8.70
C GLU A 298 -28.16 13.88 7.70
N THR A 299 -29.47 13.66 7.64
CA THR A 299 -30.03 12.72 6.68
C THR A 299 -29.90 13.23 5.25
N LYS A 300 -30.19 14.52 5.04
CA LYS A 300 -30.12 15.09 3.70
C LYS A 300 -28.71 15.05 3.14
N CYS A 301 -27.70 15.14 4.02
CA CYS A 301 -26.32 15.06 3.57
C CYS A 301 -25.89 13.62 3.31
N THR A 302 -26.54 12.65 3.94
CA THR A 302 -26.23 11.25 3.68
C THR A 302 -26.80 10.80 2.34
N LEU A 303 -28.02 11.24 2.02
CA LEU A 303 -28.66 10.89 0.76
C LEU A 303 -28.29 11.83 -0.38
N LYS A 304 -27.60 12.94 -0.10
CA LYS A 304 -27.24 13.92 -1.12
C LYS A 304 -28.49 14.45 -1.82
N SER A 305 -29.49 14.81 -1.01
CA SER A 305 -30.75 15.31 -1.54
C SER A 305 -31.40 16.22 -0.50
N PHE A 306 -31.79 17.42 -0.92
CA PHE A 306 -32.53 18.33 -0.07
C PHE A 306 -33.96 17.86 0.20
N THR A 307 -34.44 16.85 -0.53
CA THR A 307 -35.75 16.25 -0.31
C THR A 307 -35.57 14.86 0.27
N VAL A 308 -36.37 14.52 1.27
CA VAL A 308 -36.31 13.24 1.95
C VAL A 308 -37.68 12.60 1.89
N GLU A 309 -37.71 11.31 1.56
CA GLU A 309 -38.95 10.54 1.50
C GLU A 309 -39.14 9.76 2.80
N LYS A 310 -40.32 9.14 2.91
CA LYS A 310 -40.66 8.38 4.10
C LYS A 310 -39.76 7.15 4.22
N GLY A 311 -39.30 6.89 5.43
CA GLY A 311 -38.47 5.73 5.68
C GLY A 311 -37.59 5.95 6.89
N ILE A 312 -36.61 5.07 7.03
CA ILE A 312 -35.60 5.14 8.07
C ILE A 312 -34.24 5.07 7.41
N TYR A 313 -33.31 5.89 7.90
CA TYR A 313 -32.01 6.07 7.26
C TYR A 313 -30.94 6.21 8.33
N GLN A 314 -29.79 5.57 8.09
CA GLN A 314 -28.63 5.70 8.95
C GLN A 314 -27.85 6.94 8.55
N THR A 315 -27.33 7.67 9.53
CA THR A 315 -26.61 8.92 9.32
C THR A 315 -25.20 8.91 9.89
N SER A 316 -25.01 8.34 11.07
CA SER A 316 -23.71 8.35 11.73
C SER A 316 -23.68 7.22 12.75
N ASN A 317 -22.68 7.26 13.63
CA ASN A 317 -22.52 6.29 14.70
C ASN A 317 -22.40 7.02 16.02
N PHE A 318 -23.15 6.55 17.02
CA PHE A 318 -23.14 7.15 18.33
C PHE A 318 -21.85 6.79 19.05
N ARG A 319 -21.22 7.78 19.66
CA ARG A 319 -19.95 7.63 20.35
C ARG A 319 -20.02 8.26 21.72
N VAL A 320 -19.55 7.53 22.72
CA VAL A 320 -19.43 8.03 24.08
C VAL A 320 -17.99 8.51 24.25
N GLN A 321 -17.84 9.81 24.46
CA GLN A 321 -16.51 10.40 24.56
C GLN A 321 -15.94 10.15 25.95
N PRO A 322 -14.62 10.14 26.10
CA PRO A 322 -14.02 9.91 27.42
C PRO A 322 -14.11 11.17 28.29
N THR A 323 -14.40 10.95 29.57
CA THR A 323 -14.54 12.07 30.50
C THR A 323 -13.19 12.63 30.90
N GLU A 324 -12.31 11.77 31.41
CA GLU A 324 -11.00 12.19 31.91
C GLU A 324 -9.95 11.21 31.41
N SER A 325 -8.68 11.54 31.69
CA SER A 325 -7.54 10.71 31.35
C SER A 325 -6.86 10.27 32.63
N ILE A 326 -6.61 8.98 32.76
CA ILE A 326 -6.03 8.37 33.95
C ILE A 326 -4.58 8.02 33.66
N VAL A 327 -3.72 8.19 34.65
CA VAL A 327 -2.30 7.88 34.55
C VAL A 327 -1.88 7.16 35.82
N ARG A 328 -1.37 5.94 35.67
CA ARG A 328 -0.92 5.13 36.81
C ARG A 328 0.41 4.52 36.46
N PHE A 329 1.43 4.79 37.27
CA PHE A 329 2.78 4.32 37.07
C PHE A 329 3.31 3.77 38.38
N PRO A 330 4.41 3.00 38.35
CA PRO A 330 4.92 2.41 39.59
C PRO A 330 5.40 3.46 40.57
N ASN A 331 5.31 3.13 41.85
CA ASN A 331 5.73 4.01 42.94
C ASN A 331 7.24 3.93 43.09
N ILE A 332 7.94 4.56 42.15
CA ILE A 332 9.39 4.58 42.09
C ILE A 332 9.85 6.02 41.99
N THR A 333 10.99 6.31 42.64
CA THR A 333 11.58 7.64 42.63
C THR A 333 13.08 7.64 42.39
N ASN A 334 13.69 6.49 42.12
CA ASN A 334 15.12 6.42 41.89
C ASN A 334 15.45 6.95 40.50
N LEU A 335 16.46 7.82 40.44
CA LEU A 335 16.95 8.32 39.16
C LEU A 335 17.95 7.32 38.58
N CYS A 336 17.88 7.13 37.27
CA CYS A 336 18.67 6.09 36.63
C CYS A 336 20.14 6.51 36.52
N PRO A 337 21.06 5.54 36.38
CA PRO A 337 22.50 5.86 36.32
C PRO A 337 22.98 6.15 34.89
N PHE A 338 22.49 7.25 34.32
CA PHE A 338 22.91 7.63 32.97
C PHE A 338 24.22 8.41 33.01
N GLY A 339 24.37 9.31 33.99
CA GLY A 339 25.60 10.06 34.14
C GLY A 339 26.83 9.18 34.36
N GLU A 340 26.63 7.96 34.85
CA GLU A 340 27.75 7.05 35.03
C GLU A 340 28.43 6.70 33.71
N VAL A 341 27.68 6.71 32.62
CA VAL A 341 28.17 6.24 31.33
C VAL A 341 28.59 7.41 30.44
N PHE A 342 27.81 8.47 30.40
CA PHE A 342 28.11 9.60 29.53
C PHE A 342 29.22 10.47 30.10
N ASN A 343 29.19 10.71 31.41
CA ASN A 343 30.23 11.46 32.10
C ASN A 343 31.27 10.53 32.73
N ALA A 344 31.54 9.40 32.09
CA ALA A 344 32.50 8.43 32.58
C ALA A 344 33.92 8.90 32.34
N THR A 345 34.87 8.01 32.60
CA THR A 345 36.30 8.28 32.44
C THR A 345 36.90 7.54 31.25
N ARG A 346 36.61 6.24 31.13
CA ARG A 346 37.17 5.40 30.08
C ARG A 346 36.09 4.48 29.52
N PHE A 347 36.10 4.29 28.21
CA PHE A 347 35.22 3.37 27.52
C PHE A 347 36.00 2.15 27.05
N ALA A 348 35.27 1.09 26.73
CA ALA A 348 35.87 -0.15 26.29
C ALA A 348 36.14 -0.13 24.79
N SER A 349 36.82 -1.17 24.32
CA SER A 349 37.07 -1.36 22.90
C SER A 349 35.94 -2.18 22.29
N VAL A 350 35.76 -2.01 20.98
CA VAL A 350 34.74 -2.77 20.25
C VAL A 350 35.08 -4.26 20.20
N TYR A 351 36.34 -4.62 20.45
CA TYR A 351 36.70 -6.04 20.55
C TYR A 351 35.88 -6.73 21.64
N ALA A 352 35.73 -6.07 22.79
CA ALA A 352 34.88 -6.56 23.86
C ALA A 352 34.30 -5.33 24.57
N TRP A 353 33.12 -4.92 24.13
CA TRP A 353 32.50 -3.71 24.63
C TRP A 353 31.80 -3.97 25.97
N ASN A 354 31.44 -2.89 26.64
CA ASN A 354 30.77 -2.95 27.93
C ASN A 354 29.26 -2.93 27.75
N ARG A 355 28.57 -3.63 28.64
CA ARG A 355 27.11 -3.66 28.67
C ARG A 355 26.64 -3.36 30.08
N LYS A 356 25.90 -2.27 30.24
CA LYS A 356 25.36 -1.84 31.52
C LYS A 356 23.84 -2.00 31.50
N ARG A 357 23.31 -2.68 32.51
CA ARG A 357 21.87 -2.80 32.70
C ARG A 357 21.37 -1.66 33.56
N ILE A 358 20.15 -1.22 33.26
CA ILE A 358 19.45 -0.20 34.04
C ILE A 358 18.06 -0.71 34.32
N SER A 359 17.60 -0.54 35.56
CA SER A 359 16.30 -1.05 35.95
C SER A 359 15.90 -0.46 37.29
N ASN A 360 14.59 -0.38 37.52
CA ASN A 360 14.02 0.10 38.77
C ASN A 360 14.49 1.53 39.07
N CYS A 361 14.13 2.43 38.17
CA CYS A 361 14.53 3.82 38.30
C CYS A 361 13.67 4.67 37.37
N VAL A 362 13.96 5.96 37.33
CA VAL A 362 13.22 6.93 36.53
C VAL A 362 14.23 7.72 35.71
N ALA A 363 13.89 8.00 34.45
CA ALA A 363 14.78 8.65 33.52
C ALA A 363 14.13 9.90 32.94
N ASP A 364 14.98 10.88 32.62
CA ASP A 364 14.57 12.10 31.92
C ASP A 364 15.46 12.22 30.69
N TYR A 365 14.96 11.76 29.55
CA TYR A 365 15.73 11.71 28.32
C TYR A 365 15.96 13.08 27.69
N SER A 366 15.46 14.15 28.29
CA SER A 366 15.75 15.50 27.77
C SER A 366 17.24 15.79 27.81
N VAL A 367 17.96 15.25 28.80
CA VAL A 367 19.40 15.47 28.89
C VAL A 367 20.10 14.86 27.68
N LEU A 368 19.55 13.79 27.12
CA LEU A 368 20.10 13.19 25.91
C LEU A 368 19.58 13.86 24.64
N TYR A 369 18.47 14.60 24.72
CA TYR A 369 17.88 15.28 23.57
C TYR A 369 17.92 16.79 23.70
N ASN A 370 17.36 17.35 24.76
CA ASN A 370 17.31 18.80 24.90
C ASN A 370 18.70 19.39 25.12
N SER A 371 19.40 18.91 26.14
CA SER A 371 20.75 19.39 26.40
C SER A 371 21.67 19.08 25.22
N ALA A 372 22.35 20.12 24.72
CA ALA A 372 23.25 19.98 23.57
C ALA A 372 24.63 19.63 24.09
N SER A 373 24.85 18.31 24.28
CA SER A 373 26.11 17.79 24.80
C SER A 373 26.52 16.54 24.03
N PHE A 374 26.30 16.55 22.72
CA PHE A 374 26.58 15.38 21.90
C PHE A 374 26.88 15.83 20.47
N SER A 375 27.53 14.92 19.73
CA SER A 375 27.78 15.13 18.31
C SER A 375 26.67 14.57 17.42
N THR A 376 25.82 13.70 17.95
CA THR A 376 24.71 13.14 17.18
C THR A 376 23.77 12.42 18.13
N PHE A 377 22.55 12.20 17.68
CA PHE A 377 21.55 11.49 18.48
C PHE A 377 20.44 11.04 17.54
N LYS A 378 20.15 9.74 17.54
CA LYS A 378 19.23 9.16 16.58
C LYS A 378 18.46 8.03 17.25
N CYS A 379 17.21 7.87 16.84
CA CYS A 379 16.35 6.78 17.30
C CYS A 379 15.72 6.09 16.10
N TYR A 380 15.76 4.76 16.11
CA TYR A 380 15.31 3.95 14.99
C TYR A 380 13.85 3.53 15.11
N GLY A 381 13.51 2.81 16.17
CA GLY A 381 12.17 2.26 16.34
C GLY A 381 11.36 2.95 17.43
N VAL A 382 11.68 4.21 17.70
CA VAL A 382 11.01 4.95 18.77
C VAL A 382 11.28 6.43 18.56
N SER A 383 10.41 7.27 19.09
CA SER A 383 10.58 8.71 19.00
C SER A 383 11.48 9.19 20.14
N PRO A 384 12.44 10.10 19.89
CA PRO A 384 13.21 10.64 21.01
C PRO A 384 12.40 11.52 21.94
N THR A 385 11.25 12.03 21.50
CA THR A 385 10.44 12.91 22.32
C THR A 385 9.40 12.16 23.15
N LYS A 386 8.93 11.01 22.67
CA LYS A 386 7.88 10.26 23.35
C LYS A 386 8.42 9.33 24.42
N LEU A 387 9.71 9.43 24.77
CA LEU A 387 10.30 8.51 25.74
C LEU A 387 9.90 8.87 27.16
N ASN A 388 9.61 10.14 27.42
CA ASN A 388 9.27 10.55 28.78
C ASN A 388 7.88 10.09 29.22
N ASP A 389 7.07 9.53 28.32
CA ASP A 389 5.77 8.97 28.67
C ASP A 389 5.73 7.47 28.43
N LEU A 390 6.09 7.02 27.23
CA LEU A 390 6.22 5.59 26.97
C LEU A 390 7.44 5.05 27.72
N CYS A 391 7.35 3.79 28.13
CA CYS A 391 8.44 3.18 28.88
C CYS A 391 8.42 1.67 28.71
N PHE A 392 9.49 1.03 29.18
CA PHE A 392 9.80 -0.35 28.88
C PHE A 392 10.21 -1.06 30.16
N THR A 393 10.59 -2.33 30.03
CA THR A 393 11.03 -3.11 31.17
C THR A 393 12.51 -2.87 31.48
N ASN A 394 13.39 -3.19 30.53
CA ASN A 394 14.82 -3.17 30.74
C ASN A 394 15.51 -2.50 29.57
N VAL A 395 16.78 -2.16 29.77
CA VAL A 395 17.64 -1.59 28.74
C VAL A 395 19.07 -1.97 29.04
N TYR A 396 19.87 -2.12 27.98
CA TYR A 396 21.26 -2.55 28.07
C TYR A 396 22.10 -1.48 27.37
N ALA A 397 22.48 -0.45 28.12
CA ALA A 397 23.30 0.63 27.59
C ALA A 397 24.70 0.12 27.32
N ASP A 398 25.14 0.20 26.07
CA ASP A 398 26.48 -0.22 25.69
C ASP A 398 27.45 0.96 25.81
N SER A 399 28.74 0.65 25.66
CA SER A 399 29.80 1.64 25.82
C SER A 399 31.03 1.18 25.04
N PHE A 400 31.49 2.01 24.11
CA PHE A 400 32.65 1.70 23.29
C PHE A 400 33.00 2.95 22.49
N VAL A 401 34.06 2.84 21.68
CA VAL A 401 34.56 3.94 20.88
C VAL A 401 34.96 3.43 19.51
N ILE A 402 34.77 4.26 18.50
CA ILE A 402 35.12 3.95 17.11
C ILE A 402 35.50 5.25 16.40
N ARG A 403 36.00 5.11 15.18
CA ARG A 403 36.29 6.27 14.35
C ARG A 403 34.98 6.95 13.92
N GLY A 404 35.11 8.21 13.51
CA GLY A 404 33.94 8.96 13.09
C GLY A 404 33.27 8.37 11.86
N ASP A 405 34.07 7.84 10.94
CA ASP A 405 33.50 7.25 9.72
C ASP A 405 32.76 5.95 9.99
N GLU A 406 33.16 5.20 11.03
CA GLU A 406 32.59 3.89 11.29
C GLU A 406 31.22 3.95 11.94
N VAL A 407 30.70 5.13 12.27
CA VAL A 407 29.39 5.23 12.90
C VAL A 407 28.28 4.81 11.96
N ARG A 408 28.50 4.84 10.64
CA ARG A 408 27.48 4.44 9.70
C ARG A 408 27.13 2.97 9.83
N GLN A 409 28.08 2.15 10.29
CA GLN A 409 27.82 0.75 10.57
C GLN A 409 26.98 0.53 11.82
N ILE A 410 26.78 1.57 12.64
CA ILE A 410 25.95 1.47 13.84
C ILE A 410 24.52 1.73 13.40
N ALA A 411 23.86 0.67 12.96
CA ALA A 411 22.48 0.74 12.47
C ALA A 411 21.98 -0.69 12.27
N PRO A 412 20.66 -0.90 12.25
CA PRO A 412 20.15 -2.26 12.04
C PRO A 412 20.41 -2.72 10.61
N GLY A 413 21.10 -3.86 10.50
CA GLY A 413 21.36 -4.44 9.19
C GLY A 413 22.42 -3.71 8.39
N GLN A 414 23.66 -3.73 8.88
CA GLN A 414 24.79 -3.14 8.19
C GLN A 414 25.84 -4.20 7.91
N THR A 415 26.94 -3.78 7.27
CA THR A 415 28.01 -4.68 6.89
C THR A 415 29.28 -3.87 6.70
N GLY A 416 30.40 -4.47 7.08
CA GLY A 416 31.69 -3.81 6.96
C GLY A 416 32.73 -4.47 7.85
N LYS A 417 33.58 -3.64 8.43
CA LYS A 417 34.63 -4.11 9.33
C LYS A 417 34.20 -4.17 10.78
N ILE A 418 33.13 -3.46 11.15
CA ILE A 418 32.61 -3.45 12.52
C ILE A 418 31.46 -4.43 12.68
N ALA A 419 30.45 -4.33 11.80
CA ALA A 419 29.25 -5.14 11.94
C ALA A 419 29.49 -6.62 11.70
N ASP A 420 30.61 -6.99 11.07
CA ASP A 420 30.92 -8.38 10.77
C ASP A 420 32.00 -8.96 11.68
N TYR A 421 32.68 -8.13 12.46
CA TYR A 421 33.83 -8.56 13.26
C TYR A 421 33.74 -8.14 14.73
N ASN A 422 33.23 -6.94 15.01
CA ASN A 422 33.35 -6.34 16.33
C ASN A 422 32.01 -6.15 17.02
N TYR A 423 31.06 -5.43 16.41
CA TYR A 423 29.83 -5.05 17.08
C TYR A 423 28.71 -5.00 16.06
N LYS A 424 27.71 -5.86 16.22
CA LYS A 424 26.62 -6.00 15.27
C LYS A 424 25.28 -5.85 15.99
N LEU A 425 24.29 -5.35 15.27
CA LEU A 425 22.94 -5.14 15.76
C LEU A 425 21.96 -6.03 15.03
N PRO A 426 20.75 -6.22 15.57
CA PRO A 426 19.74 -6.98 14.85
C PRO A 426 19.02 -6.12 13.81
N ASP A 427 18.38 -6.81 12.86
CA ASP A 427 17.61 -6.11 11.85
C ASP A 427 16.37 -5.45 12.46
N ASP A 428 15.82 -6.04 13.51
CA ASP A 428 14.64 -5.52 14.20
C ASP A 428 15.02 -4.70 15.44
N PHE A 429 16.15 -4.00 15.39
CA PHE A 429 16.63 -3.25 16.55
C PHE A 429 15.66 -2.13 16.91
N THR A 430 15.54 -1.88 18.21
CA THR A 430 14.73 -0.78 18.74
C THR A 430 15.52 -0.11 19.85
N GLY A 431 15.67 1.21 19.75
CA GLY A 431 16.41 1.95 20.75
C GLY A 431 16.82 3.30 20.19
N CYS A 432 17.76 3.94 20.90
CA CYS A 432 18.30 5.23 20.51
C CYS A 432 19.81 5.18 20.65
N VAL A 433 20.50 5.84 19.71
CA VAL A 433 21.95 5.89 19.67
C VAL A 433 22.40 7.33 19.84
N ILE A 434 23.47 7.52 20.61
CA ILE A 434 24.02 8.84 20.89
C ILE A 434 25.53 8.71 20.94
N ALA A 435 26.22 9.77 20.50
CA ALA A 435 27.67 9.75 20.43
C ALA A 435 28.20 11.17 20.57
N TRP A 436 29.49 11.27 20.89
CA TRP A 436 30.15 12.55 20.99
C TRP A 436 31.65 12.37 20.79
N ASN A 437 32.28 13.39 20.23
CA ASN A 437 33.70 13.34 19.95
C ASN A 437 34.51 13.31 21.24
N SER A 438 35.63 12.58 21.22
CA SER A 438 36.49 12.43 22.39
C SER A 438 37.96 12.53 22.00
N ASN A 439 38.27 13.41 21.05
CA ASN A 439 39.65 13.54 20.60
C ASN A 439 40.53 14.10 21.70
N ASN A 440 40.09 15.19 22.35
CA ASN A 440 40.87 15.80 23.41
C ASN A 440 41.01 14.89 24.62
N LEU A 441 40.06 14.00 24.86
CA LEU A 441 40.01 13.18 26.07
C LEU A 441 40.67 11.82 25.89
N ASP A 442 40.52 11.19 24.73
CA ASP A 442 41.03 9.85 24.49
C ASP A 442 42.34 9.83 23.71
N SER A 443 42.41 10.55 22.59
CA SER A 443 43.58 10.48 21.73
C SER A 443 44.81 11.04 22.43
N LYS A 444 45.95 10.42 22.15
CA LYS A 444 47.24 10.84 22.69
C LYS A 444 48.19 11.07 21.52
N VAL A 445 49.22 11.89 21.77
CA VAL A 445 50.16 12.24 20.71
C VAL A 445 50.87 10.99 20.19
N GLY A 446 51.08 10.01 21.05
CA GLY A 446 51.65 8.73 20.66
C GLY A 446 50.63 7.68 20.27
N GLY A 447 49.35 8.02 20.23
CA GLY A 447 48.31 7.08 19.85
C GLY A 447 47.79 6.30 21.04
N ASN A 448 46.49 6.40 21.30
CA ASN A 448 45.85 5.67 22.39
C ASN A 448 45.45 4.30 21.86
N TYR A 449 46.31 3.31 22.05
CA TYR A 449 46.08 1.96 21.54
C TYR A 449 45.23 1.11 22.47
N ASN A 450 44.73 1.66 23.57
CA ASN A 450 43.73 0.94 24.37
C ASN A 450 42.48 0.69 23.54
N TYR A 451 42.10 1.64 22.69
CA TYR A 451 40.97 1.47 21.78
C TYR A 451 41.45 0.69 20.56
N ARG A 452 40.90 -0.51 20.38
CA ARG A 452 41.36 -1.45 19.38
C ARG A 452 40.17 -1.94 18.56
N TYR A 453 40.46 -2.81 17.59
CA TYR A 453 39.43 -3.33 16.72
C TYR A 453 39.89 -4.67 16.15
N ARG A 454 38.91 -5.49 15.80
CA ARG A 454 39.15 -6.75 15.11
C ARG A 454 39.07 -6.51 13.61
N LEU A 455 40.08 -7.01 12.89
CA LEU A 455 40.15 -6.90 11.43
C LEU A 455 39.71 -8.19 10.74
N PHE A 456 40.19 -9.34 11.21
CA PHE A 456 39.82 -10.64 10.68
C PHE A 456 38.95 -11.38 11.68
N ARG A 457 37.91 -12.05 11.16
CA ARG A 457 37.10 -12.97 11.92
C ARG A 457 36.85 -14.21 11.08
N LYS A 458 36.90 -15.38 11.72
CA LYS A 458 36.75 -16.64 11.00
C LYS A 458 35.38 -16.79 10.35
N SER A 459 34.37 -16.10 10.86
CA SER A 459 33.04 -16.10 10.25
C SER A 459 32.40 -14.75 10.52
N ASN A 460 31.10 -14.66 10.25
CA ASN A 460 30.35 -13.43 10.48
C ASN A 460 29.96 -13.33 11.95
N LEU A 461 29.95 -12.09 12.44
CA LEU A 461 29.56 -11.81 13.82
C LEU A 461 28.04 -11.79 13.95
N LYS A 462 27.56 -12.21 15.10
CA LYS A 462 26.13 -12.19 15.41
C LYS A 462 25.76 -10.88 16.09
N PRO A 463 24.47 -10.57 16.19
CA PRO A 463 24.07 -9.39 16.97
C PRO A 463 24.39 -9.57 18.44
N PHE A 464 25.11 -8.61 19.01
CA PHE A 464 25.48 -8.63 20.42
C PHE A 464 26.32 -9.87 20.75
N GLU A 465 27.47 -9.98 20.11
CA GLU A 465 28.43 -11.05 20.33
C GLU A 465 29.76 -10.44 20.77
N ARG A 466 30.14 -10.68 22.02
CA ARG A 466 31.38 -10.13 22.59
C ARG A 466 32.46 -11.19 22.46
N ASP A 467 33.18 -11.14 21.34
CA ASP A 467 34.27 -12.08 21.08
C ASP A 467 35.52 -11.62 21.82
N ILE A 468 36.17 -12.54 22.52
CA ILE A 468 37.35 -12.25 23.32
C ILE A 468 38.49 -13.21 23.00
N SER A 469 38.49 -13.80 21.80
CA SER A 469 39.56 -14.68 21.35
C SER A 469 40.59 -13.90 20.56
N THR A 470 41.82 -13.87 21.07
CA THR A 470 42.92 -13.16 20.46
C THR A 470 43.85 -14.11 19.71
N GLU A 471 43.29 -15.16 19.10
CA GLU A 471 44.08 -16.09 18.32
C GLU A 471 44.44 -15.50 16.97
N ILE A 472 45.53 -15.99 16.39
CA ILE A 472 45.92 -15.58 15.05
C ILE A 472 44.90 -16.12 14.06
N TYR A 473 44.50 -15.28 13.11
CA TYR A 473 43.56 -15.71 12.08
C TYR A 473 44.33 -16.39 10.95
N GLN A 474 44.01 -17.66 10.72
CA GLN A 474 44.57 -18.41 9.59
C GLN A 474 43.72 -18.16 8.35
N ALA A 475 44.34 -17.63 7.30
CA ALA A 475 43.64 -17.30 6.06
C ALA A 475 43.77 -18.37 4.99
N GLY A 476 44.98 -18.86 4.74
CA GLY A 476 45.22 -19.84 3.70
C GLY A 476 45.12 -21.26 4.21
N SER A 477 46.16 -22.06 3.95
CA SER A 477 46.21 -23.46 4.34
C SER A 477 47.30 -23.76 5.35
N LYS A 478 48.40 -23.00 5.33
CA LYS A 478 49.49 -23.27 6.25
C LYS A 478 49.10 -22.89 7.68
N PRO A 479 49.70 -23.52 8.68
CA PRO A 479 49.34 -23.19 10.06
C PRO A 479 50.07 -21.97 10.58
N CYS A 480 49.42 -21.29 11.53
CA CYS A 480 49.99 -20.09 12.15
C CYS A 480 50.84 -20.42 13.38
N ASN A 481 50.47 -21.45 14.13
CA ASN A 481 51.26 -21.91 15.28
C ASN A 481 51.38 -20.83 16.36
N GLY A 482 50.29 -20.11 16.59
CA GLY A 482 50.27 -19.08 17.62
C GLY A 482 51.00 -17.81 17.28
N VAL A 483 51.51 -17.67 16.05
CA VAL A 483 52.22 -16.48 15.61
C VAL A 483 51.79 -16.16 14.18
N GLU A 484 51.93 -14.90 13.81
CA GLU A 484 51.66 -14.49 12.44
C GLU A 484 52.62 -15.18 11.48
N GLY A 485 52.20 -15.30 10.22
CA GLY A 485 53.02 -15.94 9.22
C GLY A 485 52.41 -15.96 7.84
N PHE A 486 52.63 -17.05 7.11
CA PHE A 486 52.17 -17.16 5.73
C PHE A 486 50.65 -17.25 5.72
N ASN A 487 50.00 -16.19 5.21
CA ASN A 487 48.54 -16.09 5.21
C ASN A 487 47.98 -16.25 6.62
N CYS A 488 48.67 -15.67 7.59
CA CYS A 488 48.29 -15.71 9.00
C CYS A 488 48.45 -14.31 9.57
N TYR A 489 47.35 -13.74 10.07
CA TYR A 489 47.32 -12.35 10.53
C TYR A 489 46.70 -12.28 11.91
N PHE A 490 47.20 -11.35 12.73
CA PHE A 490 46.69 -11.15 14.08
C PHE A 490 45.48 -10.22 14.02
N PRO A 491 44.28 -10.65 14.45
CA PRO A 491 43.09 -9.84 14.19
C PRO A 491 42.96 -8.64 15.11
N LEU A 492 43.31 -8.80 16.38
CA LEU A 492 43.28 -7.70 17.34
C LEU A 492 44.30 -6.65 16.93
N GLN A 493 43.81 -5.49 16.49
CA GLN A 493 44.65 -4.40 16.01
C GLN A 493 44.22 -3.09 16.67
N SER A 494 45.21 -2.21 16.86
CA SER A 494 44.99 -0.96 17.56
C SER A 494 44.59 0.15 16.59
N TYR A 495 43.92 1.16 17.13
CA TYR A 495 43.52 2.32 16.36
C TYR A 495 44.63 3.34 16.31
N GLY A 496 44.50 4.31 15.41
CA GLY A 496 45.47 5.38 15.25
C GLY A 496 44.97 6.70 15.78
N PHE A 497 44.28 6.68 16.92
CA PHE A 497 43.69 7.90 17.47
C PHE A 497 44.76 8.83 18.00
N GLN A 498 45.06 9.88 17.22
CA GLN A 498 45.97 10.95 17.59
C GLN A 498 45.24 12.29 17.60
N PRO A 499 45.59 13.24 18.46
CA PRO A 499 44.98 14.58 18.36
C PRO A 499 45.25 15.26 17.03
N THR A 500 46.32 14.86 16.33
CA THR A 500 46.63 15.40 15.01
C THR A 500 45.86 14.72 13.89
N ASN A 501 44.97 13.77 14.20
CA ASN A 501 44.24 13.02 13.19
C ASN A 501 42.95 13.73 12.83
N GLY A 502 42.49 13.51 11.61
CA GLY A 502 41.24 14.09 11.17
C GLY A 502 40.04 13.47 11.86
N VAL A 503 38.91 14.18 11.77
CA VAL A 503 37.67 13.69 12.39
C VAL A 503 37.24 12.37 11.77
N GLY A 504 37.60 12.13 10.52
CA GLY A 504 37.34 10.83 9.90
C GLY A 504 38.13 9.69 10.49
N TYR A 505 39.11 9.97 11.36
CA TYR A 505 39.86 8.95 12.07
C TYR A 505 39.92 9.19 13.57
N GLN A 506 39.48 10.34 14.06
CA GLN A 506 39.49 10.59 15.49
C GLN A 506 38.49 9.68 16.21
N PRO A 507 38.66 9.48 17.51
CA PRO A 507 37.73 8.61 18.24
C PRO A 507 36.40 9.28 18.49
N TYR A 508 35.36 8.45 18.62
CA TYR A 508 34.00 8.92 18.85
C TYR A 508 33.38 8.07 19.94
N ARG A 509 33.12 8.68 21.09
CA ARG A 509 32.44 7.97 22.18
C ARG A 509 31.02 7.63 21.75
N VAL A 510 30.55 6.45 22.14
CA VAL A 510 29.26 5.92 21.72
C VAL A 510 28.57 5.28 22.91
N VAL A 511 27.25 5.49 23.00
CA VAL A 511 26.41 4.88 24.03
C VAL A 511 25.15 4.39 23.34
N VAL A 512 25.03 3.07 23.16
CA VAL A 512 23.91 2.46 22.45
C VAL A 512 22.92 1.94 23.49
N LEU A 513 21.72 2.51 23.49
CA LEU A 513 20.63 1.98 24.30
C LEU A 513 19.86 0.95 23.49
N SER A 514 19.43 -0.11 24.17
CA SER A 514 18.73 -1.24 23.54
C SER A 514 17.54 -1.61 24.43
N PHE A 515 16.36 -1.09 24.09
CA PHE A 515 15.18 -1.30 24.91
C PHE A 515 14.56 -2.66 24.65
N GLU A 516 13.52 -2.97 25.43
CA GLU A 516 12.76 -4.20 25.29
C GLU A 516 11.31 -3.90 25.67
N LEU A 517 10.42 -3.87 24.68
CA LEU A 517 9.03 -3.50 24.86
C LEU A 517 8.12 -4.70 24.62
N LEU A 518 6.98 -4.70 25.33
CA LEU A 518 5.98 -5.75 25.20
C LEU A 518 6.57 -7.12 25.52
N HIS A 519 7.31 -7.18 26.62
CA HIS A 519 7.92 -8.41 27.11
C HIS A 519 7.72 -8.65 28.60
N ALA A 520 7.45 -7.61 29.40
CA ALA A 520 7.35 -7.74 30.84
C ALA A 520 6.82 -6.44 31.42
N PRO A 521 6.45 -6.40 32.70
CA PRO A 521 6.00 -5.13 33.29
C PRO A 521 7.09 -4.06 33.23
N ALA A 522 6.70 -2.88 32.76
CA ALA A 522 7.65 -1.78 32.62
C ALA A 522 8.18 -1.36 33.97
N THR A 523 9.47 -0.99 33.99
CA THR A 523 10.16 -0.58 35.21
C THR A 523 10.87 0.75 35.10
N VAL A 524 11.40 1.11 33.92
CA VAL A 524 12.16 2.34 33.74
C VAL A 524 11.28 3.36 33.04
N CYS A 525 10.53 4.15 33.80
CA CYS A 525 9.54 5.07 33.26
C CYS A 525 9.84 6.48 33.71
N GLY A 526 9.40 7.43 32.88
CA GLY A 526 9.75 8.82 33.05
C GLY A 526 8.96 9.47 34.17
N PRO A 527 9.20 10.78 34.34
CA PRO A 527 8.54 11.54 35.43
C PRO A 527 7.06 11.80 35.13
N LYS A 528 6.28 10.72 35.10
CA LYS A 528 4.85 10.80 34.84
C LYS A 528 4.10 10.89 36.15
N LYS A 529 3.40 12.01 36.36
CA LYS A 529 2.62 12.21 37.58
C LYS A 529 1.37 11.35 37.51
N SER A 530 1.29 10.35 38.38
CA SER A 530 0.14 9.47 38.39
C SER A 530 -1.10 10.22 38.86
N THR A 531 -2.24 9.54 38.82
CA THR A 531 -3.52 10.12 39.19
C THR A 531 -4.32 9.05 39.93
N ASN A 532 -5.55 9.40 40.30
CA ASN A 532 -6.44 8.48 40.97
C ASN A 532 -7.14 7.58 39.96
N LEU A 533 -8.05 6.73 40.46
CA LEU A 533 -8.83 5.82 39.64
C LEU A 533 -10.28 6.30 39.58
N VAL A 534 -10.92 6.00 38.44
CA VAL A 534 -12.33 6.28 38.24
C VAL A 534 -12.95 5.05 37.59
N LYS A 535 -14.06 4.57 38.16
CA LYS A 535 -14.66 3.31 37.77
C LYS A 535 -16.04 3.52 37.19
N ASN A 536 -16.48 2.55 36.39
CA ASN A 536 -17.81 2.56 35.78
C ASN A 536 -18.02 3.78 34.90
N LYS A 537 -16.98 4.19 34.18
CA LYS A 537 -17.05 5.38 33.34
C LYS A 537 -16.12 5.21 32.15
N CYS A 538 -16.59 5.68 30.99
CA CYS A 538 -15.75 5.69 29.79
C CYS A 538 -14.70 6.78 29.92
N VAL A 539 -13.42 6.36 29.96
CA VAL A 539 -12.32 7.27 30.20
C VAL A 539 -11.08 6.74 29.51
N ASN A 540 -10.15 7.66 29.23
CA ASN A 540 -8.84 7.29 28.74
C ASN A 540 -7.94 6.91 29.92
N PHE A 541 -6.97 6.05 29.65
CA PHE A 541 -6.09 5.58 30.70
C PHE A 541 -4.74 5.20 30.12
N ASN A 542 -3.74 5.18 30.99
CA ASN A 542 -2.38 4.72 30.66
C ASN A 542 -1.89 3.95 31.87
N PHE A 543 -2.12 2.63 31.87
CA PHE A 543 -1.72 1.76 32.97
C PHE A 543 -0.31 1.24 32.70
N ASN A 544 0.67 2.09 32.98
CA ASN A 544 2.08 1.73 32.82
C ASN A 544 2.39 1.42 31.36
N GLY A 545 1.75 2.16 30.45
CA GLY A 545 1.87 1.95 29.03
C GLY A 545 0.71 1.22 28.40
N LEU A 546 -0.20 0.66 29.20
CA LEU A 546 -1.37 -0.05 28.68
C LEU A 546 -2.45 0.98 28.31
N THR A 547 -2.20 1.67 27.20
CA THR A 547 -3.14 2.67 26.72
C THR A 547 -4.45 2.01 26.30
N GLY A 548 -5.49 2.82 26.16
CA GLY A 548 -6.79 2.33 25.78
C GLY A 548 -7.87 3.28 26.25
N THR A 549 -9.11 2.81 26.17
CA THR A 549 -10.26 3.60 26.57
C THR A 549 -11.45 2.67 26.74
N GLY A 550 -12.14 2.77 27.88
CA GLY A 550 -13.28 1.91 28.13
C GLY A 550 -13.71 1.98 29.58
N VAL A 551 -14.59 1.05 29.93
CA VAL A 551 -15.17 0.98 31.26
C VAL A 551 -14.25 0.19 32.18
N LEU A 552 -13.62 0.88 33.14
CA LEU A 552 -12.86 0.22 34.18
C LEU A 552 -13.80 -0.10 35.34
N THR A 553 -13.81 -1.36 35.76
CA THR A 553 -14.59 -1.78 36.91
C THR A 553 -13.91 -2.98 37.55
N GLU A 554 -14.34 -3.28 38.77
CA GLU A 554 -13.70 -4.33 39.56
C GLU A 554 -13.81 -5.68 38.86
N SER A 555 -12.75 -6.46 38.96
CA SER A 555 -12.68 -7.78 38.33
C SER A 555 -13.13 -8.86 39.30
N ASN A 556 -14.18 -9.59 38.91
CA ASN A 556 -14.66 -10.75 39.64
C ASN A 556 -14.07 -12.05 39.10
N LYS A 557 -12.89 -11.98 38.50
CA LYS A 557 -12.25 -13.12 37.85
C LYS A 557 -10.94 -13.45 38.54
N LYS A 558 -10.57 -14.72 38.50
CA LYS A 558 -9.34 -15.17 39.12
C LYS A 558 -8.14 -14.67 38.31
N PHE A 559 -6.95 -15.01 38.77
CA PHE A 559 -5.72 -14.48 38.22
C PHE A 559 -4.53 -15.20 38.84
N LEU A 560 -3.42 -15.19 38.12
CA LEU A 560 -2.19 -15.77 38.66
C LEU A 560 -1.48 -14.76 39.55
N PRO A 561 -0.57 -15.21 40.41
CA PRO A 561 0.22 -14.24 41.19
C PRO A 561 1.09 -13.36 40.32
N PHE A 562 1.65 -13.93 39.26
CA PHE A 562 2.54 -13.20 38.35
C PHE A 562 1.80 -12.59 37.17
N GLN A 563 0.48 -12.75 37.08
CA GLN A 563 -0.28 -12.09 36.04
C GLN A 563 -0.14 -10.58 36.15
N GLN A 564 -0.07 -9.92 35.00
CA GLN A 564 -0.10 -8.46 34.91
C GLN A 564 -1.36 -7.93 34.25
N PHE A 565 -2.05 -8.74 33.45
CA PHE A 565 -3.30 -8.34 32.83
C PHE A 565 -3.94 -9.59 32.21
N GLY A 566 -5.10 -9.38 31.59
CA GLY A 566 -5.80 -10.46 30.92
C GLY A 566 -6.09 -10.06 29.48
N ARG A 567 -6.70 -11.00 28.75
CA ARG A 567 -7.01 -10.80 27.36
C ARG A 567 -8.19 -11.66 26.95
N ASP A 568 -8.83 -11.27 25.86
CA ASP A 568 -9.99 -11.96 25.30
C ASP A 568 -9.55 -12.83 24.12
N ILE A 569 -10.53 -13.42 23.43
CA ILE A 569 -10.23 -14.20 22.23
C ILE A 569 -9.61 -13.33 21.14
N ALA A 570 -9.85 -12.02 21.15
CA ALA A 570 -9.40 -11.11 20.10
C ALA A 570 -8.02 -10.52 20.39
N ASP A 571 -7.29 -11.07 21.36
CA ASP A 571 -5.97 -10.55 21.76
C ASP A 571 -6.07 -9.08 22.16
N THR A 572 -7.21 -8.67 22.72
CA THR A 572 -7.43 -7.31 23.18
C THR A 572 -7.31 -7.26 24.69
N THR A 573 -6.79 -6.14 25.20
CA THR A 573 -6.60 -5.98 26.63
C THR A 573 -7.95 -5.95 27.34
N ASP A 574 -8.26 -7.05 28.04
CA ASP A 574 -9.54 -7.19 28.71
C ASP A 574 -9.51 -6.75 30.16
N ALA A 575 -8.34 -6.68 30.78
CA ALA A 575 -8.21 -6.23 32.15
C ALA A 575 -6.79 -5.73 32.38
N VAL A 576 -6.50 -5.32 33.61
CA VAL A 576 -5.19 -4.75 33.93
C VAL A 576 -5.00 -4.72 35.44
N ARG A 577 -3.74 -4.78 35.88
CA ARG A 577 -3.37 -4.60 37.27
C ARG A 577 -2.71 -3.23 37.43
N ASP A 578 -3.14 -2.48 38.43
CA ASP A 578 -2.57 -1.17 38.68
C ASP A 578 -1.15 -1.33 39.23
N PRO A 579 -0.17 -0.54 38.76
CA PRO A 579 1.20 -0.72 39.25
C PRO A 579 1.39 -0.32 40.70
N GLN A 580 0.47 0.45 41.28
CA GLN A 580 0.60 0.93 42.65
C GLN A 580 -0.27 0.17 43.64
N THR A 581 -1.40 -0.38 43.18
CA THR A 581 -2.31 -1.15 44.03
C THR A 581 -2.76 -2.36 43.22
N LEU A 582 -2.11 -3.50 43.44
CA LEU A 582 -2.23 -4.63 42.53
C LEU A 582 -3.62 -5.24 42.66
N GLU A 583 -4.57 -4.56 42.04
CA GLU A 583 -5.95 -5.01 41.92
C GLU A 583 -6.32 -5.11 40.45
N ILE A 584 -7.12 -6.10 40.11
CA ILE A 584 -7.49 -6.37 38.73
C ILE A 584 -8.78 -5.64 38.41
N LEU A 585 -8.83 -5.01 37.23
CA LEU A 585 -9.96 -4.22 36.80
C LEU A 585 -10.38 -4.68 35.42
N ASP A 586 -11.64 -5.04 35.26
CA ASP A 586 -12.15 -5.42 33.95
C ASP A 586 -12.13 -4.23 33.00
N ILE A 587 -12.24 -4.52 31.71
CA ILE A 587 -12.39 -3.51 30.67
C ILE A 587 -13.57 -3.91 29.80
N THR A 588 -14.38 -2.92 29.43
CA THR A 588 -15.54 -3.12 28.60
C THR A 588 -15.72 -1.82 27.82
N PRO A 589 -15.90 -1.86 26.51
CA PRO A 589 -15.83 -0.63 25.72
C PRO A 589 -17.13 0.16 25.76
N CYS A 590 -17.04 1.39 25.29
CA CYS A 590 -18.17 2.30 25.12
C CYS A 590 -18.28 2.63 23.63
N SER A 591 -19.16 3.60 23.32
CA SER A 591 -19.35 4.08 21.94
C SER A 591 -19.84 2.95 21.05
N PHE A 592 -20.65 2.07 21.61
CA PHE A 592 -21.16 0.91 20.91
C PHE A 592 -22.59 1.20 20.49
N GLY A 593 -22.76 1.63 19.24
CA GLY A 593 -24.07 1.86 18.71
C GLY A 593 -24.11 2.73 17.47
N GLY A 594 -25.04 2.42 16.56
CA GLY A 594 -25.29 3.26 15.41
C GLY A 594 -26.39 4.26 15.68
N VAL A 595 -26.77 4.98 14.63
CA VAL A 595 -27.81 6.00 14.69
C VAL A 595 -28.64 5.92 13.42
N SER A 596 -29.96 6.01 13.56
CA SER A 596 -30.86 6.00 12.42
C SER A 596 -31.97 7.00 12.68
N VAL A 597 -32.33 7.74 11.63
CA VAL A 597 -33.30 8.83 11.72
C VAL A 597 -34.61 8.34 11.14
N ILE A 598 -35.67 8.46 11.94
CA ILE A 598 -37.02 8.08 11.52
C ILE A 598 -37.77 9.36 11.18
N THR A 599 -38.35 9.41 9.99
CA THR A 599 -39.09 10.57 9.55
C THR A 599 -40.09 10.16 8.49
N PRO A 600 -41.23 10.84 8.38
CA PRO A 600 -42.06 10.73 7.18
C PRO A 600 -41.44 11.55 6.05
N GLY A 601 -42.14 11.60 4.93
CA GLY A 601 -41.65 12.34 3.78
C GLY A 601 -41.54 13.82 4.07
N THR A 602 -40.69 14.49 3.27
CA THR A 602 -40.51 15.92 3.42
C THR A 602 -41.78 16.69 3.10
N ASN A 603 -42.62 16.16 2.21
CA ASN A 603 -43.89 16.80 1.88
C ASN A 603 -44.93 16.65 2.98
N THR A 604 -44.65 15.89 4.03
CA THR A 604 -45.58 15.67 5.14
C THR A 604 -45.24 16.54 6.34
N SER A 605 -43.97 16.58 6.74
CA SER A 605 -43.56 17.34 7.91
C SER A 605 -42.04 17.25 8.02
N ASN A 606 -41.50 17.99 8.98
CA ASN A 606 -40.08 17.95 9.32
C ASN A 606 -39.82 17.41 10.72
N GLN A 607 -40.86 17.06 11.48
CA GLN A 607 -40.67 16.38 12.75
C GLN A 607 -40.15 14.98 12.49
N VAL A 608 -39.18 14.56 13.30
CA VAL A 608 -38.49 13.28 13.13
C VAL A 608 -38.29 12.63 14.49
N ALA A 609 -37.70 11.45 14.47
CA ALA A 609 -37.30 10.73 15.67
C ALA A 609 -35.96 10.07 15.41
N VAL A 610 -35.34 9.60 16.49
CA VAL A 610 -33.97 9.08 16.44
C VAL A 610 -33.90 7.79 17.24
N LEU A 611 -33.14 6.83 16.74
CA LEU A 611 -32.89 5.55 17.39
C LEU A 611 -31.40 5.39 17.59
N TYR A 612 -31.02 4.95 18.79
CA TYR A 612 -29.63 4.63 19.14
C TYR A 612 -29.55 3.12 19.28
N GLN A 613 -29.02 2.46 18.25
CA GLN A 613 -29.09 1.01 18.15
C GLN A 613 -28.29 0.35 19.25
N GLY A 614 -28.92 -0.57 19.98
CA GLY A 614 -28.24 -1.33 21.01
C GLY A 614 -27.70 -0.51 22.15
N VAL A 615 -28.50 0.42 22.67
CA VAL A 615 -28.08 1.34 23.72
C VAL A 615 -29.24 1.53 24.68
N ASN A 616 -28.95 1.42 25.98
CA ASN A 616 -29.94 1.75 26.99
C ASN A 616 -30.12 3.26 27.06
N CYS A 617 -31.29 3.67 27.55
CA CYS A 617 -31.63 5.09 27.64
C CYS A 617 -30.83 5.71 28.78
N THR A 618 -29.61 6.11 28.45
CA THR A 618 -28.68 6.72 29.40
C THR A 618 -27.99 7.97 28.88
N GLU A 619 -27.96 8.20 27.57
CA GLU A 619 -27.31 9.38 27.02
C GLU A 619 -27.97 10.68 27.50
N VAL A 620 -29.29 10.67 27.69
CA VAL A 620 -30.00 11.89 28.07
C VAL A 620 -29.59 12.33 29.47
N ASN A 641 -40.86 11.78 25.71
CA ASN A 641 -40.68 11.25 24.36
C ASN A 641 -39.47 10.32 24.31
N VAL A 642 -39.39 9.39 25.25
CA VAL A 642 -38.30 8.42 25.32
C VAL A 642 -38.89 7.07 25.71
N PHE A 643 -38.45 6.02 25.01
CA PHE A 643 -38.92 4.67 25.28
C PHE A 643 -37.83 3.69 24.87
N GLN A 644 -37.60 2.70 25.74
CA GLN A 644 -36.61 1.67 25.50
C GLN A 644 -37.23 0.53 24.70
N THR A 645 -36.43 -0.05 23.80
CA THR A 645 -36.85 -1.18 22.99
C THR A 645 -35.71 -2.18 22.93
N ARG A 646 -36.00 -3.34 22.33
CA ARG A 646 -34.95 -4.33 22.10
C ARG A 646 -33.96 -3.88 21.04
N ALA A 647 -34.36 -2.95 20.18
CA ALA A 647 -33.45 -2.40 19.18
C ALA A 647 -32.58 -1.29 19.76
N GLY A 648 -33.12 -0.51 20.67
CA GLY A 648 -32.36 0.57 21.28
C GLY A 648 -33.29 1.56 21.96
N CYS A 649 -32.74 2.74 22.23
CA CYS A 649 -33.47 3.83 22.87
C CYS A 649 -34.04 4.72 21.78
N LEU A 650 -35.36 4.70 21.63
CA LEU A 650 -36.06 5.55 20.67
C LEU A 650 -36.43 6.86 21.35
N ILE A 651 -36.12 7.97 20.69
CA ILE A 651 -36.39 9.30 21.19
C ILE A 651 -37.05 10.12 20.10
N GLY A 652 -38.04 10.91 20.48
CA GLY A 652 -38.80 11.72 19.55
C GLY A 652 -40.08 11.09 19.05
N ALA A 653 -40.58 10.05 19.71
CA ALA A 653 -41.77 9.35 19.27
C ALA A 653 -42.54 8.85 20.49
N GLU A 654 -43.86 8.79 20.35
CA GLU A 654 -44.75 8.44 21.44
C GLU A 654 -45.16 6.98 21.34
N HIS A 655 -45.04 6.25 22.45
CA HIS A 655 -45.47 4.87 22.51
C HIS A 655 -46.96 4.80 22.86
N VAL A 656 -47.62 3.78 22.33
CA VAL A 656 -49.06 3.59 22.50
C VAL A 656 -49.34 2.11 22.68
N ASN A 657 -50.48 1.83 23.31
CA ASN A 657 -50.93 0.46 23.53
C ASN A 657 -51.63 -0.14 22.32
N ASN A 658 -52.08 0.69 21.37
CA ASN A 658 -52.77 0.20 20.20
C ASN A 658 -51.80 -0.54 19.27
N SER A 659 -52.35 -1.15 18.24
CA SER A 659 -51.58 -1.84 17.22
C SER A 659 -52.18 -1.54 15.85
N TYR A 660 -51.31 -1.26 14.88
CA TYR A 660 -51.72 -0.90 13.53
C TYR A 660 -50.81 -1.62 12.54
N GLU A 661 -51.00 -1.33 11.26
CA GLU A 661 -50.14 -1.85 10.22
C GLU A 661 -48.79 -1.14 10.26
N CYS A 662 -47.74 -1.87 9.91
CA CYS A 662 -46.39 -1.34 9.93
C CYS A 662 -46.15 -0.44 8.72
N ASP A 663 -45.90 0.83 8.98
CA ASP A 663 -45.59 1.81 7.95
C ASP A 663 -44.09 2.05 7.82
N ILE A 664 -43.39 2.19 8.94
CA ILE A 664 -41.95 2.38 8.98
C ILE A 664 -41.36 1.34 9.94
N PRO A 665 -40.62 0.33 9.48
CA PRO A 665 -40.07 -0.64 10.41
C PRO A 665 -38.90 -0.10 11.21
N ILE A 666 -38.72 -0.67 12.40
CA ILE A 666 -37.63 -0.32 13.30
C ILE A 666 -36.89 -1.59 13.66
N GLY A 667 -37.59 -2.55 14.22
CA GLY A 667 -37.01 -3.82 14.62
C GLY A 667 -37.74 -4.38 15.83
N ALA A 668 -37.72 -5.71 15.94
CA ALA A 668 -38.31 -6.42 17.07
C ALA A 668 -39.81 -6.16 17.16
N GLY A 669 -40.48 -6.24 16.02
CA GLY A 669 -41.92 -6.04 15.98
C GLY A 669 -42.37 -4.61 16.22
N ILE A 670 -41.46 -3.65 16.20
CA ILE A 670 -41.78 -2.25 16.45
C ILE A 670 -41.82 -1.51 15.12
N CYS A 671 -42.80 -0.63 14.98
CA CYS A 671 -42.94 0.18 13.78
C CYS A 671 -43.45 1.55 14.20
N ALA A 672 -43.35 2.51 13.28
CA ALA A 672 -43.69 3.89 13.56
C ALA A 672 -44.43 4.51 12.39
N SER A 673 -45.11 5.61 12.66
CA SER A 673 -45.87 6.32 11.65
C SER A 673 -46.23 7.70 12.19
N TYR A 674 -46.76 8.54 11.31
CA TYR A 674 -47.17 9.90 11.64
C TYR A 674 -48.69 9.95 11.60
N GLN A 675 -49.31 10.17 12.75
CA GLN A 675 -50.75 10.20 12.89
C GLN A 675 -51.16 11.27 13.88
N THR A 676 -52.46 11.46 14.04
CA THR A 676 -53.01 12.44 14.96
C THR A 676 -53.25 11.81 16.34
N SER A 689 -52.02 18.96 15.48
CA SER A 689 -52.08 18.10 16.65
C SER A 689 -51.51 16.72 16.36
N GLN A 690 -50.62 16.63 15.38
CA GLN A 690 -50.06 15.37 14.94
C GLN A 690 -48.68 15.14 15.54
N SER A 691 -48.23 13.90 15.45
CA SER A 691 -46.95 13.51 16.04
C SER A 691 -46.58 12.12 15.53
N ILE A 692 -45.31 11.77 15.69
CA ILE A 692 -44.80 10.47 15.31
C ILE A 692 -44.98 9.52 16.49
N ILE A 693 -45.41 8.30 16.19
CA ILE A 693 -45.78 7.31 17.20
C ILE A 693 -44.96 6.04 16.98
N ALA A 694 -44.97 5.20 18.00
CA ALA A 694 -44.35 3.88 17.95
C ALA A 694 -45.33 2.87 18.53
N TYR A 695 -45.36 1.69 17.93
CA TYR A 695 -46.36 0.68 18.30
C TYR A 695 -45.85 -0.69 17.91
N THR A 696 -46.53 -1.70 18.42
CA THR A 696 -46.29 -3.08 17.99
C THR A 696 -47.07 -3.38 16.72
N MET A 697 -46.40 -3.99 15.76
CA MET A 697 -47.02 -4.30 14.48
C MET A 697 -48.15 -5.30 14.66
N SER A 698 -49.21 -5.11 13.87
CA SER A 698 -50.33 -6.04 13.81
C SER A 698 -50.25 -6.85 12.52
N LEU A 699 -50.64 -8.12 12.61
CA LEU A 699 -50.54 -9.06 11.51
C LEU A 699 -51.88 -9.29 10.81
N GLY A 700 -52.78 -8.32 10.86
CA GLY A 700 -54.08 -8.43 10.23
C GLY A 700 -55.18 -8.75 11.23
N ALA A 701 -56.40 -8.82 10.71
CA ALA A 701 -57.56 -9.01 11.55
C ALA A 701 -57.83 -10.50 11.80
N GLU A 702 -58.35 -10.79 12.97
CA GLU A 702 -58.73 -12.15 13.31
C GLU A 702 -59.98 -12.55 12.54
N ASN A 703 -60.04 -13.82 12.15
CA ASN A 703 -61.21 -14.38 11.46
C ASN A 703 -61.37 -15.82 11.94
N SER A 704 -62.19 -16.00 12.97
CA SER A 704 -62.54 -17.34 13.45
C SER A 704 -63.75 -17.82 12.66
N VAL A 705 -63.49 -18.53 11.57
CA VAL A 705 -64.53 -18.94 10.65
C VAL A 705 -65.43 -19.98 11.32
N ALA A 706 -66.58 -20.24 10.70
CA ALA A 706 -67.51 -21.20 11.23
C ALA A 706 -66.94 -22.60 11.16
N TYR A 707 -67.60 -23.53 11.85
CA TYR A 707 -67.15 -24.91 11.92
C TYR A 707 -68.33 -25.81 12.21
N SER A 708 -68.32 -26.99 11.61
CA SER A 708 -69.29 -28.04 11.92
C SER A 708 -68.95 -29.25 11.07
N ASN A 709 -69.47 -30.40 11.49
CA ASN A 709 -69.41 -31.59 10.66
C ASN A 709 -70.42 -31.55 9.51
N ASN A 710 -71.33 -30.58 9.51
CA ASN A 710 -72.44 -30.51 8.56
C ASN A 710 -72.59 -29.09 8.04
N SER A 711 -71.49 -28.48 7.64
CA SER A 711 -71.49 -27.11 7.12
C SER A 711 -70.56 -27.00 5.93
N ILE A 712 -70.97 -26.20 4.96
CA ILE A 712 -70.21 -25.96 3.74
C ILE A 712 -70.54 -24.56 3.25
N ALA A 713 -69.55 -23.89 2.67
CA ALA A 713 -69.72 -22.58 2.07
C ALA A 713 -69.39 -22.66 0.59
N ILE A 714 -70.36 -22.29 -0.25
CA ILE A 714 -70.22 -22.38 -1.70
C ILE A 714 -70.31 -20.97 -2.27
N PRO A 715 -69.50 -20.59 -3.26
CA PRO A 715 -69.70 -19.28 -3.89
C PRO A 715 -70.96 -19.26 -4.75
N THR A 716 -71.54 -18.06 -4.85
CA THR A 716 -72.70 -17.82 -5.68
C THR A 716 -72.41 -16.93 -6.89
N ASN A 717 -71.45 -16.02 -6.78
CA ASN A 717 -71.02 -15.16 -7.88
C ASN A 717 -69.52 -15.28 -8.02
N PHE A 718 -68.92 -14.45 -8.86
CA PHE A 718 -67.48 -14.43 -9.03
C PHE A 718 -67.03 -13.04 -9.42
N THR A 719 -65.72 -12.82 -9.31
CA THR A 719 -65.12 -11.52 -9.60
C THR A 719 -63.80 -11.75 -10.32
N ILE A 720 -63.66 -11.18 -11.51
CA ILE A 720 -62.44 -11.28 -12.28
C ILE A 720 -61.46 -10.22 -11.78
N SER A 721 -60.26 -10.65 -11.42
CA SER A 721 -59.19 -9.76 -11.00
C SER A 721 -58.04 -9.84 -11.99
N VAL A 722 -57.45 -8.69 -12.28
CA VAL A 722 -56.32 -8.57 -13.19
C VAL A 722 -55.24 -7.80 -12.45
N THR A 723 -54.34 -8.51 -11.78
CA THR A 723 -53.25 -7.90 -11.05
C THR A 723 -52.06 -7.70 -11.98
N THR A 724 -50.95 -7.25 -11.40
CA THR A 724 -49.75 -6.89 -12.14
C THR A 724 -48.53 -7.50 -11.46
N GLU A 725 -47.56 -7.90 -12.27
CA GLU A 725 -46.33 -8.48 -11.77
C GLU A 725 -45.17 -8.01 -12.63
N ILE A 726 -44.21 -7.34 -12.01
CA ILE A 726 -43.03 -6.82 -12.68
C ILE A 726 -41.84 -7.70 -12.34
N LEU A 727 -40.97 -7.90 -13.32
CA LEU A 727 -39.78 -8.72 -13.16
C LEU A 727 -38.67 -8.09 -14.00
N PRO A 728 -37.53 -7.72 -13.43
CA PRO A 728 -36.43 -7.26 -14.27
C PRO A 728 -35.72 -8.42 -14.94
N VAL A 729 -35.26 -8.15 -16.17
CA VAL A 729 -34.77 -9.19 -17.07
C VAL A 729 -33.29 -8.98 -17.39
N SER A 730 -32.88 -7.74 -17.64
CA SER A 730 -31.53 -7.45 -18.12
C SER A 730 -30.97 -6.25 -17.38
N MET A 731 -29.65 -6.11 -17.48
CA MET A 731 -28.91 -4.99 -16.95
C MET A 731 -28.25 -4.23 -18.10
N THR A 732 -27.71 -3.06 -17.77
CA THR A 732 -27.00 -2.27 -18.76
C THR A 732 -25.65 -2.91 -19.08
N LYS A 733 -25.38 -3.07 -20.38
CA LYS A 733 -24.11 -3.63 -20.82
C LYS A 733 -23.03 -2.57 -20.77
N THR A 734 -21.91 -2.89 -20.15
CA THR A 734 -20.81 -1.95 -19.97
C THR A 734 -19.49 -2.64 -20.26
N SER A 735 -18.50 -1.82 -20.59
CA SER A 735 -17.13 -2.26 -20.77
C SER A 735 -16.21 -1.16 -20.25
N VAL A 736 -15.06 -1.56 -19.73
CA VAL A 736 -14.12 -0.63 -19.11
C VAL A 736 -12.72 -1.00 -19.57
N ASP A 737 -12.06 -0.07 -20.26
CA ASP A 737 -10.66 -0.24 -20.63
C ASP A 737 -9.82 -0.10 -19.37
N CYS A 738 -9.29 -1.22 -18.88
CA CYS A 738 -8.55 -1.20 -17.63
C CYS A 738 -7.28 -0.37 -17.73
N THR A 739 -6.71 -0.26 -18.93
CA THR A 739 -5.50 0.55 -19.10
C THR A 739 -5.84 2.04 -19.10
N MET A 740 -6.85 2.43 -19.87
CA MET A 740 -7.21 3.84 -19.96
C MET A 740 -7.73 4.38 -18.63
N TYR A 741 -8.43 3.55 -17.86
CA TYR A 741 -8.98 4.01 -16.60
C TYR A 741 -7.88 4.31 -15.59
N ILE A 742 -6.89 3.42 -15.49
CA ILE A 742 -5.79 3.63 -14.55
C ILE A 742 -4.80 4.63 -15.11
N CYS A 743 -4.19 4.30 -16.25
CA CYS A 743 -3.17 5.12 -16.88
C CYS A 743 -3.85 6.02 -17.92
N GLY A 744 -4.14 7.25 -17.53
CA GLY A 744 -4.76 8.21 -18.43
C GLY A 744 -3.76 8.88 -19.34
N ASP A 745 -3.34 8.19 -20.39
CA ASP A 745 -2.30 8.68 -21.31
C ASP A 745 -1.00 8.96 -20.55
N SER A 746 -0.44 7.90 -19.99
CA SER A 746 0.80 7.96 -19.23
C SER A 746 1.57 6.67 -19.50
N THR A 747 2.52 6.74 -20.43
CA THR A 747 3.31 5.55 -20.76
C THR A 747 4.13 5.07 -19.58
N GLU A 748 4.48 5.97 -18.66
CA GLU A 748 5.18 5.56 -17.45
C GLU A 748 4.29 4.66 -16.60
N CYS A 749 3.00 5.00 -16.49
CA CYS A 749 2.07 4.16 -15.75
C CYS A 749 1.87 2.81 -16.45
N SER A 750 1.84 2.82 -17.79
CA SER A 750 1.61 1.59 -18.53
C SER A 750 2.74 0.60 -18.35
N ASN A 751 3.99 1.10 -18.34
CA ASN A 751 5.13 0.21 -18.17
C ASN A 751 5.13 -0.42 -16.78
N LEU A 752 4.67 0.32 -15.77
CA LEU A 752 4.54 -0.23 -14.43
C LEU A 752 3.37 -1.20 -14.35
N LEU A 753 2.29 -0.89 -15.08
CA LEU A 753 1.10 -1.74 -15.04
C LEU A 753 1.37 -3.11 -15.63
N LEU A 754 2.33 -3.22 -16.56
CA LEU A 754 2.63 -4.49 -17.19
C LEU A 754 3.20 -5.50 -16.20
N GLN A 755 3.79 -5.04 -15.09
CA GLN A 755 4.37 -5.92 -14.10
C GLN A 755 3.32 -6.59 -13.22
N TYR A 756 2.05 -6.23 -13.36
CA TYR A 756 0.98 -6.87 -12.60
C TYR A 756 0.35 -8.05 -13.32
N GLY A 757 0.70 -8.27 -14.59
CA GLY A 757 0.25 -9.45 -15.30
C GLY A 757 -1.09 -9.25 -16.01
N SER A 758 -1.88 -10.31 -16.04
CA SER A 758 -3.16 -10.32 -16.74
C SER A 758 -4.32 -9.85 -15.87
N PHE A 759 -4.04 -9.06 -14.83
CA PHE A 759 -5.14 -8.45 -14.07
C PHE A 759 -5.98 -7.55 -14.95
N CYS A 760 -5.35 -6.88 -15.92
CA CYS A 760 -6.09 -6.05 -16.86
C CYS A 760 -7.02 -6.91 -17.72
N THR A 761 -6.53 -8.08 -18.14
CA THR A 761 -7.27 -8.90 -19.11
C THR A 761 -8.47 -9.57 -18.46
N GLN A 762 -8.33 -10.05 -17.22
CA GLN A 762 -9.39 -10.81 -16.58
C GLN A 762 -10.66 -9.99 -16.39
N LEU A 763 -10.51 -8.68 -16.16
CA LEU A 763 -11.69 -7.85 -15.92
C LEU A 763 -12.54 -7.72 -17.17
N ASN A 764 -11.91 -7.61 -18.34
CA ASN A 764 -12.65 -7.50 -19.58
C ASN A 764 -13.34 -8.81 -19.93
N ARG A 765 -12.85 -9.94 -19.42
CA ARG A 765 -13.52 -11.22 -19.66
C ARG A 765 -14.81 -11.31 -18.86
N ALA A 766 -14.79 -10.83 -17.62
CA ALA A 766 -15.97 -10.93 -16.77
C ALA A 766 -17.09 -10.03 -17.27
N LEU A 767 -16.75 -8.78 -17.60
CA LEU A 767 -17.76 -7.85 -18.10
C LEU A 767 -18.28 -8.29 -19.45
N THR A 768 -17.42 -8.83 -20.30
CA THR A 768 -17.87 -9.38 -21.58
C THR A 768 -18.81 -10.57 -21.35
N GLY A 769 -18.48 -11.42 -20.38
CA GLY A 769 -19.37 -12.53 -20.06
C GLY A 769 -20.69 -12.08 -19.51
N ILE A 770 -20.69 -10.99 -18.73
CA ILE A 770 -21.95 -10.44 -18.23
C ILE A 770 -22.79 -9.91 -19.37
N ALA A 771 -22.15 -9.24 -20.33
CA ALA A 771 -22.89 -8.60 -21.42
C ALA A 771 -23.59 -9.63 -22.29
N VAL A 772 -22.95 -10.79 -22.50
CA VAL A 772 -23.57 -11.82 -23.31
C VAL A 772 -24.78 -12.42 -22.62
N GLU A 773 -24.78 -12.45 -21.29
CA GLU A 773 -25.91 -13.01 -20.56
C GLU A 773 -27.15 -12.12 -20.69
N GLN A 774 -26.97 -10.81 -20.72
CA GLN A 774 -28.11 -9.90 -20.84
C GLN A 774 -28.83 -10.06 -22.17
N ASP A 775 -28.15 -10.57 -23.20
CA ASP A 775 -28.80 -10.86 -24.47
C ASP A 775 -29.50 -12.21 -24.43
N LYS A 776 -28.92 -13.17 -23.72
CA LYS A 776 -29.58 -14.48 -23.57
C LYS A 776 -30.80 -14.37 -22.65
N ASN A 777 -30.71 -13.53 -21.62
CA ASN A 777 -31.84 -13.37 -20.72
C ASN A 777 -33.05 -12.79 -21.44
N THR A 778 -32.83 -11.98 -22.47
CA THR A 778 -33.93 -11.43 -23.25
C THR A 778 -34.45 -12.45 -24.25
N GLN A 779 -33.57 -13.23 -24.86
CA GLN A 779 -34.01 -14.25 -25.81
C GLN A 779 -34.78 -15.35 -25.11
N GLU A 780 -34.37 -15.72 -23.90
CA GLU A 780 -35.04 -16.80 -23.18
C GLU A 780 -36.47 -16.43 -22.82
N VAL A 781 -36.77 -15.15 -22.68
CA VAL A 781 -38.07 -14.69 -22.21
C VAL A 781 -38.99 -14.42 -23.40
N PHE A 782 -38.59 -13.49 -24.25
CA PHE A 782 -39.49 -12.98 -25.29
C PHE A 782 -39.50 -13.86 -26.53
N ALA A 783 -38.36 -14.43 -26.91
CA ALA A 783 -38.28 -15.25 -28.12
C ALA A 783 -38.70 -16.69 -27.84
N GLN A 784 -39.94 -16.83 -27.38
CA GLN A 784 -40.55 -18.13 -27.12
C GLN A 784 -41.35 -18.65 -28.31
N VAL A 785 -41.44 -17.88 -29.40
CA VAL A 785 -42.24 -18.24 -30.57
C VAL A 785 -41.32 -18.34 -31.78
N LYS A 786 -41.60 -19.30 -32.64
CA LYS A 786 -40.83 -19.52 -33.86
C LYS A 786 -41.36 -18.72 -35.05
N GLN A 787 -42.53 -18.11 -34.93
CA GLN A 787 -43.11 -17.34 -36.02
C GLN A 787 -44.00 -16.25 -35.45
N ILE A 788 -44.06 -15.13 -36.14
CA ILE A 788 -44.79 -13.95 -35.69
C ILE A 788 -46.25 -14.10 -36.06
N TYR A 789 -47.14 -13.77 -35.12
CA TYR A 789 -48.57 -13.78 -35.34
C TYR A 789 -49.10 -12.35 -35.28
N LYS A 790 -50.02 -12.03 -36.20
CA LYS A 790 -50.55 -10.69 -36.34
C LYS A 790 -51.99 -10.63 -35.86
N THR A 791 -52.38 -9.45 -35.40
CA THR A 791 -53.74 -9.25 -34.94
C THR A 791 -54.65 -8.99 -36.14
N PRO A 792 -55.86 -9.54 -36.18
CA PRO A 792 -56.72 -9.33 -37.34
C PRO A 792 -57.40 -7.98 -37.26
N PRO A 793 -57.97 -7.50 -38.37
CA PRO A 793 -58.67 -6.22 -38.32
C PRO A 793 -60.02 -6.30 -37.63
N ILE A 794 -60.78 -7.38 -37.88
CA ILE A 794 -62.09 -7.57 -37.26
C ILE A 794 -61.84 -8.08 -35.85
N LYS A 795 -61.85 -7.17 -34.88
CA LYS A 795 -61.52 -7.51 -33.49
C LYS A 795 -62.81 -7.80 -32.72
N ASP A 796 -63.36 -8.97 -32.99
CA ASP A 796 -64.56 -9.47 -32.31
C ASP A 796 -64.14 -10.62 -31.41
N PHE A 797 -64.04 -10.34 -30.11
CA PHE A 797 -63.57 -11.31 -29.12
C PHE A 797 -64.62 -11.56 -28.05
N GLY A 798 -65.91 -11.40 -28.39
CA GLY A 798 -66.97 -11.67 -27.44
C GLY A 798 -67.11 -10.63 -26.35
N GLY A 799 -66.85 -9.36 -26.66
CA GLY A 799 -67.00 -8.28 -25.72
C GLY A 799 -65.71 -7.87 -25.03
N PHE A 800 -64.64 -8.65 -25.17
CA PHE A 800 -63.37 -8.32 -24.54
C PHE A 800 -62.64 -7.28 -25.37
N ASN A 801 -62.23 -6.19 -24.73
CA ASN A 801 -61.54 -5.08 -25.39
C ASN A 801 -60.06 -5.15 -25.03
N PHE A 802 -59.23 -5.56 -25.99
CA PHE A 802 -57.78 -5.63 -25.81
C PHE A 802 -57.07 -4.44 -26.45
N SER A 803 -57.73 -3.29 -26.51
CA SER A 803 -57.15 -2.14 -27.19
C SER A 803 -56.00 -1.53 -26.40
N GLN A 804 -56.06 -1.57 -25.07
CA GLN A 804 -55.05 -0.93 -24.26
C GLN A 804 -53.75 -1.74 -24.18
N ILE A 805 -53.79 -3.03 -24.54
CA ILE A 805 -52.61 -3.87 -24.55
C ILE A 805 -52.13 -4.21 -25.96
N LEU A 806 -52.97 -4.07 -26.96
CA LEU A 806 -52.57 -4.30 -28.33
C LEU A 806 -51.79 -3.11 -28.88
N PRO A 807 -50.97 -3.31 -29.90
CA PRO A 807 -50.13 -2.20 -30.38
C PRO A 807 -50.96 -1.12 -31.09
N ASP A 808 -50.56 0.13 -30.87
CA ASP A 808 -51.18 1.26 -31.54
C ASP A 808 -50.38 1.58 -32.79
N PRO A 809 -50.88 1.30 -34.00
CA PRO A 809 -50.08 1.61 -35.20
C PRO A 809 -49.90 3.09 -35.46
N SER A 810 -50.70 3.95 -34.82
CA SER A 810 -50.54 5.39 -35.00
C SER A 810 -49.23 5.91 -34.45
N LYS A 811 -48.64 5.23 -33.47
CA LYS A 811 -47.40 5.67 -32.88
C LYS A 811 -46.23 5.34 -33.81
N PRO A 812 -45.08 6.01 -33.65
CA PRO A 812 -43.91 5.58 -34.44
C PRO A 812 -43.40 4.22 -33.99
N SER A 813 -43.24 4.01 -32.69
CA SER A 813 -42.95 2.69 -32.14
C SER A 813 -44.26 1.97 -31.91
N LYS A 814 -44.43 0.83 -32.57
CA LYS A 814 -45.71 0.11 -32.56
C LYS A 814 -45.88 -0.60 -31.22
N ARG A 815 -46.19 0.21 -30.21
CA ARG A 815 -46.44 -0.24 -28.85
C ARG A 815 -47.87 0.07 -28.44
N SER A 816 -48.26 -0.49 -27.30
CA SER A 816 -49.58 -0.28 -26.75
C SER A 816 -49.59 0.93 -25.83
N PHE A 817 -50.78 1.28 -25.34
CA PHE A 817 -50.88 2.37 -24.37
C PHE A 817 -50.11 2.03 -23.09
N ILE A 818 -50.32 0.83 -22.56
CA ILE A 818 -49.67 0.44 -21.32
C ILE A 818 -48.16 0.36 -21.52
N GLU A 819 -47.73 -0.11 -22.69
CA GLU A 819 -46.29 -0.17 -22.96
C GLU A 819 -45.67 1.22 -22.97
N ASP A 820 -46.44 2.24 -23.37
CA ASP A 820 -45.91 3.59 -23.40
C ASP A 820 -45.86 4.19 -22.00
N LEU A 821 -46.85 3.87 -21.16
CA LEU A 821 -46.87 4.41 -19.81
C LEU A 821 -45.71 3.88 -18.98
N LEU A 822 -45.33 2.62 -19.22
CA LEU A 822 -44.23 2.03 -18.46
C LEU A 822 -42.89 2.66 -18.85
N PHE A 823 -42.74 3.03 -20.12
CA PHE A 823 -41.50 3.65 -20.57
C PHE A 823 -41.34 5.07 -20.04
N ASN A 824 -42.46 5.79 -19.84
CA ASN A 824 -42.39 7.15 -19.34
C ASN A 824 -42.15 7.21 -17.84
N LYS A 825 -42.61 6.20 -17.09
CA LYS A 825 -42.42 6.18 -15.65
C LYS A 825 -41.01 5.77 -15.23
N VAL A 826 -40.12 5.46 -16.19
CA VAL A 826 -38.75 5.06 -15.91
C VAL A 826 -37.81 6.07 -16.56
N THR A 827 -36.69 6.34 -15.89
CA THR A 827 -35.72 7.31 -16.36
C THR A 827 -34.31 6.71 -16.40
N LYS A 854 -18.12 7.63 -19.02
CA LYS A 854 -18.16 8.81 -19.87
C LYS A 854 -16.92 8.86 -20.77
N PHE A 855 -15.77 9.11 -20.15
CA PHE A 855 -14.50 9.26 -20.85
C PHE A 855 -13.41 8.35 -20.30
N ASN A 856 -13.39 8.10 -19.00
CA ASN A 856 -12.28 7.37 -18.39
C ASN A 856 -12.36 5.88 -18.72
N GLY A 857 -12.20 5.54 -20.00
CA GLY A 857 -12.30 4.17 -20.44
C GLY A 857 -13.67 3.54 -20.32
N LEU A 858 -14.68 4.31 -19.93
CA LEU A 858 -15.98 3.79 -19.55
C LEU A 858 -16.95 3.98 -20.71
N THR A 859 -17.30 2.88 -21.36
CA THR A 859 -18.22 2.88 -22.49
C THR A 859 -19.40 1.97 -22.20
N VAL A 860 -20.56 2.35 -22.72
CA VAL A 860 -21.80 1.59 -22.55
C VAL A 860 -22.14 0.94 -23.88
N LEU A 861 -22.21 -0.38 -23.89
CA LEU A 861 -22.61 -1.09 -25.09
C LEU A 861 -24.14 -1.11 -25.20
N PRO A 862 -24.68 -1.16 -26.41
CA PRO A 862 -26.13 -1.19 -26.55
C PRO A 862 -26.64 -2.63 -26.50
N PRO A 863 -27.94 -2.83 -26.33
CA PRO A 863 -28.48 -4.19 -26.36
C PRO A 863 -28.64 -4.70 -27.77
N LEU A 864 -28.70 -6.02 -27.88
CA LEU A 864 -28.85 -6.65 -29.18
C LEU A 864 -30.24 -6.39 -29.75
N LEU A 865 -31.27 -6.65 -28.98
CA LEU A 865 -32.65 -6.43 -29.39
C LEU A 865 -33.09 -5.03 -28.98
N THR A 866 -33.48 -4.23 -29.96
CA THR A 866 -33.99 -2.90 -29.69
C THR A 866 -35.42 -3.00 -29.14
N ASP A 867 -35.91 -1.88 -28.62
CA ASP A 867 -37.21 -1.86 -27.98
C ASP A 867 -38.34 -2.19 -28.95
N GLU A 868 -38.19 -1.80 -30.22
CA GLU A 868 -39.20 -2.15 -31.21
C GLU A 868 -39.27 -3.65 -31.44
N MET A 869 -38.12 -4.33 -31.38
CA MET A 869 -38.10 -5.78 -31.56
C MET A 869 -38.79 -6.48 -30.40
N ILE A 870 -38.63 -5.96 -29.19
CA ILE A 870 -39.27 -6.58 -28.03
C ILE A 870 -40.78 -6.49 -28.14
N ALA A 871 -41.29 -5.35 -28.64
CA ALA A 871 -42.72 -5.19 -28.78
C ALA A 871 -43.30 -6.10 -29.85
N GLN A 872 -42.51 -6.42 -30.87
CA GLN A 872 -42.98 -7.36 -31.90
C GLN A 872 -43.20 -8.74 -31.31
N TYR A 873 -42.28 -9.20 -30.47
CA TYR A 873 -42.47 -10.47 -29.78
C TYR A 873 -43.66 -10.41 -28.85
N THR A 874 -43.80 -9.31 -28.10
CA THR A 874 -44.92 -9.17 -27.17
C THR A 874 -46.25 -9.19 -27.90
N SER A 875 -46.30 -8.66 -29.13
CA SER A 875 -47.54 -8.68 -29.89
C SER A 875 -47.83 -10.07 -30.44
N ALA A 876 -46.79 -10.83 -30.76
CA ALA A 876 -46.99 -12.19 -31.26
C ALA A 876 -47.56 -13.09 -30.18
N LEU A 877 -47.03 -13.00 -28.95
CA LEU A 877 -47.56 -13.78 -27.85
C LEU A 877 -48.98 -13.39 -27.52
N LEU A 878 -49.33 -12.11 -27.69
CA LEU A 878 -50.70 -11.67 -27.49
C LEU A 878 -51.61 -12.23 -28.58
N ALA A 879 -51.19 -12.11 -29.84
CA ALA A 879 -52.03 -12.55 -30.95
C ALA A 879 -52.23 -14.06 -30.93
N GLY A 880 -51.30 -14.80 -30.31
CA GLY A 880 -51.48 -16.24 -30.19
C GLY A 880 -52.38 -16.61 -29.03
N THR A 881 -52.18 -15.96 -27.88
CA THR A 881 -52.97 -16.26 -26.70
C THR A 881 -54.42 -15.84 -26.90
N ILE A 882 -54.64 -14.66 -27.47
CA ILE A 882 -56.00 -14.20 -27.75
C ILE A 882 -56.68 -15.11 -28.76
N THR A 883 -55.91 -15.69 -29.68
CA THR A 883 -56.46 -16.46 -30.78
C THR A 883 -56.52 -17.95 -30.47
N SER A 884 -55.36 -18.56 -30.22
CA SER A 884 -55.26 -20.01 -30.09
C SER A 884 -55.21 -20.48 -28.65
N GLY A 885 -54.74 -19.65 -27.73
CA GLY A 885 -54.71 -20.00 -26.33
C GLY A 885 -53.46 -20.75 -25.94
N TRP A 886 -53.55 -22.07 -25.90
CA TRP A 886 -52.52 -22.93 -25.33
C TRP A 886 -51.86 -23.83 -26.37
N THR A 887 -52.18 -23.66 -27.65
CA THR A 887 -51.69 -24.55 -28.69
C THR A 887 -50.46 -24.04 -29.41
N PHE A 888 -50.35 -22.72 -29.60
CA PHE A 888 -49.19 -22.17 -30.29
C PHE A 888 -47.89 -22.37 -29.51
N GLY A 889 -47.98 -22.59 -28.20
CA GLY A 889 -46.83 -22.96 -27.41
C GLY A 889 -46.48 -24.42 -27.43
N ALA A 890 -47.15 -25.22 -28.28
CA ALA A 890 -46.90 -26.65 -28.39
C ALA A 890 -46.90 -27.15 -29.82
N GLY A 891 -47.00 -26.28 -30.81
CA GLY A 891 -47.06 -26.70 -32.19
C GLY A 891 -47.56 -25.61 -33.11
N ALA A 892 -48.54 -25.93 -33.94
CA ALA A 892 -49.13 -24.95 -34.83
C ALA A 892 -50.19 -24.13 -34.11
N ALA A 893 -50.39 -22.91 -34.58
CA ALA A 893 -51.38 -22.01 -33.99
C ALA A 893 -52.75 -22.38 -34.53
N LEU A 894 -53.55 -23.05 -33.70
CA LEU A 894 -54.87 -23.49 -34.09
C LEU A 894 -55.91 -22.40 -33.83
N GLN A 895 -56.74 -22.14 -34.83
CA GLN A 895 -57.79 -21.14 -34.71
C GLN A 895 -58.84 -21.64 -33.73
N ILE A 896 -59.11 -20.83 -32.70
CA ILE A 896 -60.14 -21.12 -31.70
C ILE A 896 -60.83 -19.80 -31.38
N PRO A 897 -62.15 -19.74 -31.23
CA PRO A 897 -62.76 -18.49 -30.77
C PRO A 897 -62.43 -18.22 -29.31
N PHE A 898 -62.47 -16.95 -28.94
CA PHE A 898 -62.07 -16.56 -27.60
C PHE A 898 -63.05 -17.06 -26.56
N ALA A 899 -64.35 -17.11 -26.91
CA ALA A 899 -65.34 -17.63 -25.99
C ALA A 899 -65.12 -19.11 -25.71
N MET A 900 -64.63 -19.87 -26.70
CA MET A 900 -64.33 -21.27 -26.47
C MET A 900 -63.10 -21.44 -25.57
N GLN A 901 -62.14 -20.53 -25.67
CA GLN A 901 -60.93 -20.63 -24.86
C GLN A 901 -61.26 -20.55 -23.38
N MET A 902 -62.07 -19.58 -22.99
CA MET A 902 -62.41 -19.39 -21.59
C MET A 902 -63.14 -20.60 -21.02
N ALA A 903 -63.93 -21.29 -21.84
CA ALA A 903 -64.60 -22.50 -21.38
C ALA A 903 -63.59 -23.60 -21.11
N TYR A 904 -62.60 -23.77 -21.98
CA TYR A 904 -61.52 -24.70 -21.71
C TYR A 904 -60.72 -24.28 -20.49
N ARG A 905 -60.67 -22.98 -20.20
CA ARG A 905 -59.93 -22.47 -19.04
C ARG A 905 -60.78 -22.53 -17.78
N PHE A 906 -62.07 -22.23 -17.89
CA PHE A 906 -62.97 -22.38 -16.75
C PHE A 906 -63.09 -23.84 -16.35
N ASN A 907 -63.15 -24.74 -17.35
CA ASN A 907 -63.22 -26.16 -17.06
C ASN A 907 -61.94 -26.66 -16.39
N GLY A 908 -60.82 -25.94 -16.56
CA GLY A 908 -59.58 -26.33 -15.93
C GLY A 908 -59.46 -25.98 -14.47
N ILE A 909 -60.34 -25.11 -13.97
CA ILE A 909 -60.34 -24.71 -12.57
C ILE A 909 -61.54 -25.28 -11.82
N GLY A 910 -62.18 -26.32 -12.35
CA GLY A 910 -63.30 -26.93 -11.69
C GLY A 910 -64.58 -26.14 -11.80
N VAL A 911 -64.83 -25.52 -12.95
CA VAL A 911 -66.04 -24.76 -13.19
C VAL A 911 -66.53 -25.08 -14.59
N THR A 912 -67.75 -25.59 -14.70
CA THR A 912 -68.26 -26.04 -15.98
C THR A 912 -68.50 -24.86 -16.92
N GLN A 913 -68.74 -25.18 -18.18
CA GLN A 913 -68.84 -24.18 -19.24
C GLN A 913 -70.10 -23.33 -19.15
N ASN A 914 -71.11 -23.75 -18.40
CA ASN A 914 -72.40 -23.07 -18.43
C ASN A 914 -72.32 -21.65 -17.89
N VAL A 915 -71.36 -21.37 -17.00
CA VAL A 915 -71.36 -20.07 -16.34
C VAL A 915 -70.92 -18.97 -17.29
N LEU A 916 -70.06 -19.29 -18.26
CA LEU A 916 -69.60 -18.29 -19.21
C LEU A 916 -70.70 -17.84 -20.15
N TYR A 917 -71.30 -18.79 -20.85
CA TYR A 917 -72.30 -18.43 -21.86
C TYR A 917 -73.54 -17.83 -21.21
N GLU A 918 -73.77 -18.16 -19.93
CA GLU A 918 -74.84 -17.54 -19.16
C GLU A 918 -74.44 -16.20 -18.57
N ASN A 919 -73.14 -15.93 -18.44
CA ASN A 919 -72.63 -14.66 -17.94
C ASN A 919 -71.56 -14.12 -18.88
N GLN A 920 -71.80 -14.27 -20.18
CA GLN A 920 -70.84 -13.80 -21.19
C GLN A 920 -70.65 -12.29 -21.12
N LYS A 921 -71.71 -11.54 -20.84
CA LYS A 921 -71.60 -10.09 -20.79
C LYS A 921 -70.97 -9.61 -19.49
N LEU A 922 -71.29 -10.27 -18.38
CA LEU A 922 -70.78 -9.85 -17.09
C LEU A 922 -69.27 -10.02 -17.02
N ILE A 923 -68.77 -11.17 -17.48
CA ILE A 923 -67.34 -11.46 -17.36
C ILE A 923 -66.53 -10.50 -18.23
N ALA A 924 -67.07 -10.12 -19.39
CA ALA A 924 -66.35 -9.20 -20.27
C ALA A 924 -66.30 -7.81 -19.67
N ASN A 925 -67.41 -7.35 -19.08
CA ASN A 925 -67.41 -6.04 -18.42
C ASN A 925 -66.47 -6.03 -17.23
N GLN A 926 -66.37 -7.14 -16.51
CA GLN A 926 -65.44 -7.21 -15.39
C GLN A 926 -64.00 -7.16 -15.87
N PHE A 927 -63.72 -7.79 -17.02
CA PHE A 927 -62.36 -7.78 -17.56
C PHE A 927 -61.97 -6.38 -18.04
N ASN A 928 -62.87 -5.74 -18.80
CA ASN A 928 -62.55 -4.43 -19.34
C ASN A 928 -62.44 -3.38 -18.25
N SER A 929 -63.18 -3.54 -17.15
CA SER A 929 -63.10 -2.60 -16.05
C SER A 929 -61.79 -2.74 -15.29
N ALA A 930 -61.33 -3.98 -15.11
CA ALA A 930 -60.05 -4.21 -14.44
C ALA A 930 -58.90 -3.67 -15.25
N ILE A 931 -59.02 -3.68 -16.58
CA ILE A 931 -57.97 -3.11 -17.43
C ILE A 931 -57.86 -1.61 -17.19
N GLY A 932 -59.00 -0.93 -17.06
CA GLY A 932 -58.98 0.51 -16.87
C GLY A 932 -58.34 0.93 -15.56
N LYS A 933 -58.47 0.12 -14.52
CA LYS A 933 -57.88 0.45 -13.23
C LYS A 933 -56.36 0.41 -13.29
N ILE A 934 -55.79 -0.36 -14.22
CA ILE A 934 -54.34 -0.43 -14.35
C ILE A 934 -53.79 0.89 -14.88
N GLN A 935 -54.47 1.46 -15.87
CA GLN A 935 -54.04 2.75 -16.41
C GLN A 935 -54.09 3.84 -15.34
N ASP A 936 -55.08 3.75 -14.46
CA ASP A 936 -55.18 4.74 -13.38
C ASP A 936 -54.05 4.58 -12.39
N SER A 937 -53.58 3.35 -12.18
CA SER A 937 -52.51 3.10 -11.22
C SER A 937 -51.15 3.48 -11.79
N LEU A 938 -50.85 3.04 -13.01
CA LEU A 938 -49.52 3.26 -13.55
C LEU A 938 -49.33 4.70 -14.02
N SER A 939 -50.42 5.41 -14.32
CA SER A 939 -50.33 6.81 -14.72
C SER A 939 -50.21 7.76 -13.53
N SER A 940 -50.35 7.27 -12.30
CA SER A 940 -50.30 8.11 -11.10
C SER A 940 -49.27 7.63 -10.08
N THR A 941 -49.13 6.33 -9.88
CA THR A 941 -48.23 5.80 -8.86
C THR A 941 -46.83 5.68 -9.44
N ALA A 942 -45.83 6.14 -8.68
CA ALA A 942 -44.44 6.13 -9.12
C ALA A 942 -43.67 4.93 -8.59
N SER A 943 -43.99 4.48 -7.38
CA SER A 943 -43.26 3.39 -6.75
C SER A 943 -43.72 2.02 -7.23
N ALA A 944 -44.60 1.94 -8.24
CA ALA A 944 -45.05 0.64 -8.72
C ALA A 944 -43.94 -0.10 -9.44
N LEU A 945 -43.08 0.63 -10.16
CA LEU A 945 -41.99 0.05 -10.93
C LEU A 945 -40.65 0.19 -10.21
N GLY A 946 -40.65 0.07 -8.88
CA GLY A 946 -39.42 0.22 -8.13
C GLY A 946 -38.41 -0.86 -8.43
N LYS A 947 -38.89 -2.04 -8.85
CA LYS A 947 -37.97 -3.14 -9.13
C LYS A 947 -37.06 -2.81 -10.31
N LEU A 948 -37.59 -2.11 -11.31
CA LEU A 948 -36.80 -1.76 -12.49
C LEU A 948 -35.95 -0.53 -12.25
N GLN A 949 -36.47 0.45 -11.51
CA GLN A 949 -35.71 1.66 -11.24
C GLN A 949 -34.50 1.38 -10.37
N ASN A 950 -34.61 0.43 -9.44
CA ASN A 950 -33.47 0.09 -8.60
C ASN A 950 -32.33 -0.52 -9.41
N VAL A 951 -32.64 -1.15 -10.54
CA VAL A 951 -31.60 -1.69 -11.40
C VAL A 951 -30.86 -0.57 -12.11
N VAL A 952 -31.60 0.43 -12.59
CA VAL A 952 -30.97 1.56 -13.26
C VAL A 952 -30.12 2.36 -12.28
N ASN A 953 -30.66 2.63 -11.09
CA ASN A 953 -29.93 3.42 -10.11
C ASN A 953 -28.72 2.67 -9.57
N GLN A 954 -28.80 1.35 -9.47
CA GLN A 954 -27.68 0.58 -8.95
C GLN A 954 -26.46 0.67 -9.87
N ASN A 955 -26.69 0.55 -11.18
CA ASN A 955 -25.58 0.63 -12.12
C ASN A 955 -25.01 2.03 -12.17
N ALA A 956 -25.86 3.05 -12.04
CA ALA A 956 -25.39 4.42 -12.10
C ALA A 956 -24.49 4.77 -10.92
N GLN A 957 -24.87 4.34 -9.72
CA GLN A 957 -24.05 4.63 -8.54
C GLN A 957 -22.70 3.93 -8.62
N ALA A 958 -22.68 2.71 -9.14
CA ALA A 958 -21.42 1.98 -9.26
C ALA A 958 -20.49 2.66 -10.24
N LEU A 959 -21.03 3.22 -11.32
CA LEU A 959 -20.20 3.92 -12.29
C LEU A 959 -19.70 5.24 -11.75
N ASN A 960 -20.58 6.03 -11.13
CA ASN A 960 -20.16 7.30 -10.55
C ASN A 960 -19.18 7.09 -9.42
N THR A 961 -19.39 6.05 -8.61
CA THR A 961 -18.43 5.73 -7.55
C THR A 961 -17.08 5.33 -8.14
N LEU A 962 -17.09 4.66 -9.29
CA LEU A 962 -15.86 4.26 -9.93
C LEU A 962 -15.08 5.47 -10.45
N VAL A 963 -15.78 6.53 -10.85
CA VAL A 963 -15.12 7.72 -11.38
C VAL A 963 -14.64 8.61 -10.25
N LYS A 964 -15.40 8.67 -9.15
CA LYS A 964 -15.01 9.52 -8.03
C LYS A 964 -13.74 9.03 -7.36
N GLN A 965 -13.46 7.73 -7.45
CA GLN A 965 -12.24 7.20 -6.85
C GLN A 965 -10.98 7.59 -7.60
N LEU A 966 -11.11 8.16 -8.81
CA LEU A 966 -9.94 8.67 -9.51
C LEU A 966 -9.38 9.91 -8.82
N SER A 967 -10.24 10.69 -8.17
CA SER A 967 -9.79 11.85 -7.41
C SER A 967 -9.12 11.48 -6.10
N SER A 968 -9.11 10.21 -5.71
CA SER A 968 -8.48 9.78 -4.48
C SER A 968 -6.98 9.62 -4.68
N ASN A 969 -6.24 9.85 -3.59
CA ASN A 969 -4.78 9.81 -3.63
C ASN A 969 -4.21 8.46 -3.24
N PHE A 970 -4.87 7.73 -2.36
CA PHE A 970 -4.40 6.43 -1.89
C PHE A 970 -3.03 6.54 -1.23
N GLY A 971 -2.80 7.64 -0.53
CA GLY A 971 -1.56 7.84 0.19
C GLY A 971 -0.46 8.52 -0.61
N ALA A 972 -0.75 9.03 -1.79
CA ALA A 972 0.22 9.71 -2.62
C ALA A 972 0.14 11.22 -2.41
N ILE A 973 1.11 11.93 -3.00
CA ILE A 973 1.12 13.38 -2.90
C ILE A 973 -0.09 13.99 -3.61
N SER A 974 -0.61 13.32 -4.64
CA SER A 974 -1.73 13.84 -5.40
C SER A 974 -2.39 12.70 -6.14
N SER A 975 -3.56 13.00 -6.71
CA SER A 975 -4.31 12.04 -7.50
C SER A 975 -3.90 12.04 -8.97
N VAL A 976 -3.37 13.15 -9.46
CA VAL A 976 -3.06 13.29 -10.89
C VAL A 976 -1.64 12.79 -11.12
N LEU A 977 -1.45 12.07 -12.23
CA LEU A 977 -0.14 11.52 -12.56
C LEU A 977 0.80 12.61 -13.06
N ASN A 978 0.29 13.54 -13.88
CA ASN A 978 1.14 14.58 -14.43
C ASN A 978 1.65 15.51 -13.34
N ASP A 979 0.81 15.81 -12.34
CA ASP A 979 1.27 16.60 -11.21
C ASP A 979 2.36 15.88 -10.43
N ILE A 980 2.29 14.55 -10.39
CA ILE A 980 3.36 13.77 -9.76
C ILE A 980 4.57 13.73 -10.66
N LEU A 981 4.35 13.61 -11.97
CA LEU A 981 5.46 13.54 -12.91
C LEU A 981 6.12 14.90 -13.10
N SER A 982 5.36 15.98 -12.97
CA SER A 982 5.87 17.33 -13.16
C SER A 982 6.38 17.96 -11.86
N ARG A 983 6.50 17.20 -10.78
CA ARG A 983 7.01 17.68 -9.50
C ARG A 983 8.13 16.82 -8.96
N LEU A 984 8.07 15.51 -9.18
CA LEU A 984 8.97 14.55 -8.56
C LEU A 984 9.86 13.90 -9.60
N ASP A 985 10.90 13.24 -9.12
CA ASP A 985 11.80 12.50 -9.98
C ASP A 985 11.17 11.18 -10.41
N PRO A 986 11.73 10.50 -11.39
CA PRO A 986 11.19 9.19 -11.80
C PRO A 986 11.17 8.18 -10.66
N PRO A 987 12.31 7.91 -10.00
CA PRO A 987 12.29 6.84 -9.00
C PRO A 987 11.44 7.16 -7.78
N GLU A 988 11.24 8.45 -7.47
CA GLU A 988 10.33 8.83 -6.40
C GLU A 988 8.89 8.80 -6.87
N ALA A 989 8.66 9.13 -8.14
CA ALA A 989 7.31 9.10 -8.69
C ALA A 989 6.82 7.68 -8.93
N GLU A 990 7.72 6.77 -9.32
CA GLU A 990 7.32 5.39 -9.56
C GLU A 990 6.83 4.72 -8.28
N VAL A 991 7.32 5.16 -7.12
CA VAL A 991 6.82 4.63 -5.86
C VAL A 991 5.42 5.13 -5.58
N GLN A 992 5.20 6.43 -5.77
CA GLN A 992 3.88 7.00 -5.51
C GLN A 992 2.89 6.64 -6.60
N ILE A 993 3.36 6.45 -7.83
CA ILE A 993 2.47 6.01 -8.90
C ILE A 993 1.99 4.59 -8.63
N ASP A 994 2.80 3.78 -7.96
CA ASP A 994 2.39 2.43 -7.62
C ASP A 994 1.26 2.41 -6.60
N ARG A 995 1.07 3.49 -5.86
CA ARG A 995 -0.03 3.55 -4.91
C ARG A 995 -1.35 3.82 -5.61
N LEU A 996 -1.36 4.73 -6.59
CA LEU A 996 -2.57 4.99 -7.35
C LEU A 996 -3.01 3.75 -8.13
N ILE A 997 -2.04 3.02 -8.69
CA ILE A 997 -2.37 1.82 -9.44
C ILE A 997 -2.97 0.76 -8.51
N THR A 998 -2.42 0.63 -7.31
CA THR A 998 -2.92 -0.38 -6.38
C THR A 998 -4.33 -0.04 -5.92
N GLY A 999 -4.63 1.25 -5.77
CA GLY A 999 -5.94 1.67 -5.34
C GLY A 999 -6.95 1.65 -6.47
N ARG A 1000 -6.54 2.15 -7.64
CA ARG A 1000 -7.43 2.16 -8.79
C ARG A 1000 -7.73 0.76 -9.28
N LEU A 1001 -6.78 -0.17 -9.13
CA LEU A 1001 -7.01 -1.54 -9.56
C LEU A 1001 -8.02 -2.23 -8.65
N GLN A 1002 -7.98 -1.94 -7.36
CA GLN A 1002 -8.97 -2.50 -6.44
C GLN A 1002 -10.35 -1.92 -6.69
N SER A 1003 -10.42 -0.68 -7.18
CA SER A 1003 -11.71 -0.08 -7.49
C SER A 1003 -12.41 -0.83 -8.61
N LEU A 1004 -11.64 -1.41 -9.53
CA LEU A 1004 -12.23 -2.18 -10.61
C LEU A 1004 -12.70 -3.55 -10.10
N GLN A 1005 -11.88 -4.21 -9.30
CA GLN A 1005 -12.27 -5.51 -8.75
C GLN A 1005 -13.51 -5.40 -7.88
N THR A 1006 -13.61 -4.30 -7.13
CA THR A 1006 -14.81 -4.05 -6.34
C THR A 1006 -16.02 -3.82 -7.22
N TYR A 1007 -15.81 -3.25 -8.41
CA TYR A 1007 -16.91 -2.99 -9.32
C TYR A 1007 -17.28 -4.23 -10.12
N VAL A 1008 -16.27 -4.98 -10.58
CA VAL A 1008 -16.54 -6.17 -11.38
C VAL A 1008 -17.13 -7.28 -10.52
N THR A 1009 -16.64 -7.39 -9.28
CA THR A 1009 -17.16 -8.42 -8.39
C THR A 1009 -18.60 -8.15 -8.01
N GLN A 1010 -18.97 -6.87 -7.88
CA GLN A 1010 -20.35 -6.52 -7.58
C GLN A 1010 -21.26 -6.83 -8.77
N GLN A 1011 -20.83 -6.44 -9.97
CA GLN A 1011 -21.65 -6.65 -11.15
C GLN A 1011 -21.82 -8.14 -11.45
N LEU A 1012 -20.86 -8.97 -11.04
CA LEU A 1012 -21.04 -10.41 -11.20
C LEU A 1012 -22.14 -10.93 -10.31
N ILE A 1013 -22.30 -10.33 -9.13
CA ILE A 1013 -23.37 -10.73 -8.21
C ILE A 1013 -24.69 -10.11 -8.65
N ARG A 1014 -24.67 -8.86 -9.09
CA ARG A 1014 -25.88 -8.25 -9.63
C ARG A 1014 -26.35 -8.97 -10.88
N ALA A 1015 -25.42 -9.54 -11.65
CA ALA A 1015 -25.76 -10.31 -12.83
C ALA A 1015 -26.30 -11.70 -12.51
N ALA A 1016 -26.20 -12.14 -11.24
CA ALA A 1016 -26.79 -13.41 -10.85
C ALA A 1016 -28.22 -13.22 -10.38
N GLU A 1017 -28.49 -12.14 -9.65
CA GLU A 1017 -29.85 -11.85 -9.22
C GLU A 1017 -30.73 -11.56 -10.43
N ILE A 1018 -30.18 -10.90 -11.45
CA ILE A 1018 -30.96 -10.58 -12.63
C ILE A 1018 -31.20 -11.82 -13.47
N ARG A 1019 -30.30 -12.80 -13.41
CA ARG A 1019 -30.46 -14.02 -14.20
C ARG A 1019 -31.53 -14.92 -13.60
N ALA A 1020 -31.54 -15.05 -12.26
CA ALA A 1020 -32.58 -15.84 -11.62
C ALA A 1020 -33.94 -15.21 -11.84
N SER A 1021 -34.01 -13.88 -11.83
CA SER A 1021 -35.26 -13.20 -12.16
C SER A 1021 -35.63 -13.37 -13.63
N ALA A 1022 -34.63 -13.50 -14.50
CA ALA A 1022 -34.90 -13.69 -15.92
C ALA A 1022 -35.35 -15.11 -16.20
N ASN A 1023 -34.71 -16.10 -15.57
CA ASN A 1023 -35.14 -17.48 -15.73
C ASN A 1023 -36.55 -17.68 -15.19
N LEU A 1024 -36.90 -16.95 -14.14
CA LEU A 1024 -38.27 -17.00 -13.63
C LEU A 1024 -39.24 -16.44 -14.65
N ALA A 1025 -38.94 -15.27 -15.21
CA ALA A 1025 -39.83 -14.66 -16.18
C ALA A 1025 -39.98 -15.53 -17.42
N ALA A 1026 -38.89 -16.19 -17.83
CA ALA A 1026 -38.99 -17.16 -18.92
C ALA A 1026 -39.85 -18.35 -18.52
N THR A 1027 -39.84 -18.73 -17.25
CA THR A 1027 -40.68 -19.83 -16.79
C THR A 1027 -42.14 -19.41 -16.70
N LYS A 1028 -42.42 -18.14 -16.38
CA LYS A 1028 -43.78 -17.67 -16.31
C LYS A 1028 -44.38 -17.43 -17.69
N MET A 1029 -43.56 -17.00 -18.65
CA MET A 1029 -44.05 -16.83 -20.01
C MET A 1029 -44.46 -18.16 -20.62
N SER A 1030 -43.88 -19.26 -20.17
CA SER A 1030 -44.24 -20.58 -20.68
C SER A 1030 -45.46 -21.14 -19.95
N GLU A 1031 -45.46 -21.08 -18.62
CA GLU A 1031 -46.51 -21.73 -17.84
C GLU A 1031 -47.76 -20.87 -17.74
N CYS A 1032 -47.61 -19.55 -17.61
CA CYS A 1032 -48.74 -18.66 -17.40
C CYS A 1032 -49.36 -18.20 -18.71
N VAL A 1033 -48.54 -17.75 -19.66
CA VAL A 1033 -49.03 -17.17 -20.90
C VAL A 1033 -49.32 -18.27 -21.92
N LEU A 1034 -48.29 -19.06 -22.25
CA LEU A 1034 -48.44 -20.10 -23.25
C LEU A 1034 -49.33 -21.25 -22.80
N GLY A 1035 -49.71 -21.30 -21.52
CA GLY A 1035 -50.59 -22.36 -21.04
C GLY A 1035 -51.28 -21.92 -19.78
N GLN A 1036 -52.13 -22.82 -19.28
CA GLN A 1036 -52.85 -22.62 -18.04
C GLN A 1036 -52.16 -23.39 -16.92
N SER A 1037 -51.86 -22.70 -15.83
CA SER A 1037 -51.09 -23.25 -14.72
C SER A 1037 -52.01 -23.54 -13.55
N LYS A 1038 -51.87 -24.74 -12.99
CA LYS A 1038 -52.51 -25.10 -11.74
C LYS A 1038 -51.67 -24.74 -10.52
N ARG A 1039 -50.53 -24.07 -10.72
CA ARG A 1039 -49.67 -23.68 -9.61
C ARG A 1039 -50.24 -22.44 -8.94
N VAL A 1040 -50.29 -22.47 -7.62
CA VAL A 1040 -50.92 -21.42 -6.84
C VAL A 1040 -49.94 -20.26 -6.62
N ASP A 1041 -50.45 -19.05 -6.77
CA ASP A 1041 -49.69 -17.82 -6.55
C ASP A 1041 -48.46 -17.69 -7.45
N PHE A 1042 -48.40 -18.45 -8.53
CA PHE A 1042 -47.31 -18.38 -9.50
C PHE A 1042 -47.67 -17.47 -10.66
N CYS A 1043 -48.91 -17.55 -11.12
CA CYS A 1043 -49.44 -16.73 -12.21
C CYS A 1043 -50.59 -15.86 -11.70
N GLY A 1044 -50.41 -15.29 -10.52
CA GLY A 1044 -51.36 -14.36 -9.93
C GLY A 1044 -52.12 -14.98 -8.77
N LYS A 1045 -52.79 -14.11 -8.02
CA LYS A 1045 -53.57 -14.53 -6.86
C LYS A 1045 -54.93 -15.04 -7.32
N GLY A 1046 -55.24 -16.27 -6.97
CA GLY A 1046 -56.49 -16.91 -7.34
C GLY A 1046 -56.27 -17.97 -8.40
N TYR A 1047 -57.39 -18.51 -8.88
CA TYR A 1047 -57.36 -19.53 -9.90
C TYR A 1047 -57.00 -18.91 -11.24
N HIS A 1048 -55.90 -19.36 -11.82
CA HIS A 1048 -55.36 -18.73 -13.01
C HIS A 1048 -56.15 -19.14 -14.24
N LEU A 1049 -56.50 -18.15 -15.07
CA LEU A 1049 -57.16 -18.38 -16.36
C LEU A 1049 -56.20 -18.15 -17.52
N MET A 1050 -55.61 -16.95 -17.59
CA MET A 1050 -54.66 -16.62 -18.64
C MET A 1050 -53.92 -15.36 -18.23
N SER A 1051 -52.82 -15.09 -18.92
CA SER A 1051 -51.98 -13.95 -18.62
C SER A 1051 -51.47 -13.34 -19.91
N PHE A 1052 -51.30 -12.01 -19.88
CA PHE A 1052 -50.86 -11.23 -21.02
C PHE A 1052 -49.56 -10.52 -20.69
N PRO A 1053 -48.51 -10.64 -21.50
CA PRO A 1053 -47.26 -9.94 -21.19
C PRO A 1053 -47.21 -8.54 -21.78
N GLN A 1054 -46.37 -7.72 -21.16
CA GLN A 1054 -46.12 -6.36 -21.62
C GLN A 1054 -44.66 -6.04 -21.40
N SER A 1055 -44.06 -5.36 -22.37
CA SER A 1055 -42.65 -5.03 -22.31
C SER A 1055 -42.43 -3.83 -21.40
N ALA A 1056 -41.17 -3.57 -21.10
CA ALA A 1056 -40.77 -2.48 -20.22
C ALA A 1056 -39.26 -2.31 -20.32
N PRO A 1057 -38.72 -1.19 -19.84
CA PRO A 1057 -37.26 -1.01 -19.88
C PRO A 1057 -36.56 -1.99 -18.95
N HIS A 1058 -35.70 -2.82 -19.53
CA HIS A 1058 -34.89 -3.78 -18.79
C HIS A 1058 -35.74 -4.79 -18.03
N GLY A 1059 -36.94 -5.10 -18.52
CA GLY A 1059 -37.79 -6.02 -17.82
C GLY A 1059 -39.03 -6.37 -18.62
N VAL A 1060 -40.01 -6.89 -17.88
CA VAL A 1060 -41.26 -7.35 -18.48
C VAL A 1060 -42.35 -7.26 -17.43
N VAL A 1061 -43.59 -7.09 -17.88
CA VAL A 1061 -44.75 -6.97 -17.02
C VAL A 1061 -45.77 -8.03 -17.43
N PHE A 1062 -46.33 -8.72 -16.44
CA PHE A 1062 -47.34 -9.74 -16.66
C PHE A 1062 -48.68 -9.25 -16.10
N LEU A 1063 -49.72 -9.37 -16.89
CA LEU A 1063 -51.09 -9.06 -16.47
C LEU A 1063 -51.81 -10.37 -16.25
N HIS A 1064 -51.92 -10.78 -14.99
CA HIS A 1064 -52.44 -12.09 -14.63
C HIS A 1064 -53.94 -12.02 -14.40
N VAL A 1065 -54.71 -12.67 -15.26
CA VAL A 1065 -56.15 -12.79 -15.10
C VAL A 1065 -56.45 -13.98 -14.21
N THR A 1066 -57.33 -13.79 -13.23
CA THR A 1066 -57.64 -14.82 -12.25
C THR A 1066 -59.13 -14.85 -11.95
N TYR A 1067 -59.59 -16.02 -11.54
CA TYR A 1067 -60.97 -16.23 -11.12
C TYR A 1067 -61.00 -16.23 -9.60
N VAL A 1068 -61.88 -15.40 -9.03
CA VAL A 1068 -61.97 -15.22 -7.59
C VAL A 1068 -63.43 -15.34 -7.18
N PRO A 1069 -63.81 -16.36 -6.40
CA PRO A 1069 -65.17 -16.36 -5.86
C PRO A 1069 -65.36 -15.28 -4.83
N ALA A 1070 -66.51 -14.61 -4.90
CA ALA A 1070 -66.77 -13.40 -4.13
C ALA A 1070 -67.88 -13.58 -3.10
N GLN A 1071 -69.07 -13.99 -3.54
CA GLN A 1071 -70.26 -14.01 -2.70
C GLN A 1071 -70.55 -15.44 -2.26
N GLU A 1072 -70.54 -15.67 -0.96
CA GLU A 1072 -70.70 -17.00 -0.38
C GLU A 1072 -72.10 -17.18 0.19
N LYS A 1073 -72.37 -18.41 0.64
CA LYS A 1073 -73.64 -18.73 1.27
C LYS A 1073 -73.46 -20.03 2.05
N ASN A 1074 -73.71 -20.00 3.35
CA ASN A 1074 -73.56 -21.19 4.17
C ASN A 1074 -74.62 -22.20 3.82
N PHE A 1075 -74.21 -23.48 3.78
CA PHE A 1075 -75.11 -24.58 3.47
C PHE A 1075 -74.77 -25.76 4.38
N THR A 1076 -75.75 -26.64 4.54
CA THR A 1076 -75.56 -27.90 5.25
C THR A 1076 -75.22 -28.99 4.24
N THR A 1077 -74.22 -29.80 4.58
CA THR A 1077 -73.66 -30.79 3.66
C THR A 1077 -73.70 -32.18 4.28
N ALA A 1078 -73.24 -33.16 3.51
CA ALA A 1078 -73.11 -34.54 3.95
C ALA A 1078 -72.27 -35.29 2.92
N PRO A 1079 -71.50 -36.31 3.35
CA PRO A 1079 -70.61 -36.98 2.39
C PRO A 1079 -71.28 -38.04 1.53
N ALA A 1080 -72.49 -38.48 1.86
CA ALA A 1080 -73.13 -39.55 1.12
C ALA A 1080 -74.63 -39.52 1.40
N ILE A 1081 -75.35 -40.40 0.71
CA ILE A 1081 -76.81 -40.50 0.81
C ILE A 1081 -77.17 -41.98 0.86
N CYS A 1082 -78.07 -42.33 1.77
CA CYS A 1082 -78.62 -43.67 1.89
C CYS A 1082 -80.01 -43.69 1.27
N HIS A 1083 -80.17 -44.46 0.19
CA HIS A 1083 -81.42 -44.49 -0.57
C HIS A 1083 -82.26 -45.71 -0.21
N ASP A 1084 -81.71 -46.92 -0.39
CA ASP A 1084 -82.40 -48.15 -0.05
C ASP A 1084 -81.43 -49.14 0.55
N GLY A 1085 -80.45 -48.63 1.31
CA GLY A 1085 -79.36 -49.43 1.84
C GLY A 1085 -78.04 -49.19 1.14
N LYS A 1086 -78.07 -48.68 -0.08
CA LYS A 1086 -76.87 -48.39 -0.85
C LYS A 1086 -76.44 -46.94 -0.60
N ALA A 1087 -75.15 -46.76 -0.40
CA ALA A 1087 -74.57 -45.43 -0.18
C ALA A 1087 -74.19 -44.82 -1.52
N HIS A 1088 -74.73 -43.64 -1.80
CA HIS A 1088 -74.51 -42.95 -3.07
C HIS A 1088 -73.56 -41.78 -2.83
N PHE A 1089 -72.39 -41.83 -3.45
CA PHE A 1089 -71.42 -40.75 -3.43
C PHE A 1089 -71.54 -39.92 -4.69
N PRO A 1090 -71.09 -38.67 -4.69
CA PRO A 1090 -71.19 -37.84 -5.89
C PRO A 1090 -70.01 -38.03 -6.83
N ARG A 1091 -70.31 -38.07 -8.13
CA ARG A 1091 -69.25 -38.22 -9.13
C ARG A 1091 -68.37 -36.99 -9.19
N GLU A 1092 -68.98 -35.81 -9.29
CA GLU A 1092 -68.24 -34.57 -9.39
C GLU A 1092 -69.07 -33.47 -8.75
N GLY A 1093 -68.80 -33.16 -7.49
CA GLY A 1093 -69.54 -32.15 -6.77
C GLY A 1093 -69.70 -32.47 -5.30
N VAL A 1094 -70.64 -31.79 -4.64
CA VAL A 1094 -70.89 -31.97 -3.22
C VAL A 1094 -72.40 -31.96 -2.99
N PHE A 1095 -72.80 -32.61 -1.91
CA PHE A 1095 -74.20 -32.58 -1.47
C PHE A 1095 -74.39 -31.39 -0.54
N VAL A 1096 -75.43 -30.61 -0.81
CA VAL A 1096 -75.78 -29.44 -0.01
C VAL A 1096 -77.25 -29.56 0.38
N SER A 1097 -77.71 -28.59 1.16
CA SER A 1097 -79.07 -28.60 1.66
C SER A 1097 -79.51 -27.19 2.00
N ASN A 1098 -80.72 -26.83 1.55
CA ASN A 1098 -81.36 -25.59 1.93
C ASN A 1098 -82.20 -25.72 3.19
N GLY A 1099 -81.97 -26.77 3.98
CA GLY A 1099 -82.74 -27.03 5.17
C GLY A 1099 -83.88 -28.03 4.99
N THR A 1100 -84.38 -28.18 3.76
CA THR A 1100 -85.52 -29.05 3.46
C THR A 1100 -85.24 -30.05 2.36
N HIS A 1101 -84.47 -29.68 1.34
CA HIS A 1101 -84.18 -30.53 0.21
C HIS A 1101 -82.67 -30.57 -0.01
N TRP A 1102 -82.20 -31.68 -0.58
CA TRP A 1102 -80.79 -31.88 -0.90
C TRP A 1102 -80.59 -31.82 -2.41
N PHE A 1103 -79.44 -31.29 -2.81
CA PHE A 1103 -79.08 -31.16 -4.22
C PHE A 1103 -77.62 -31.54 -4.40
N VAL A 1104 -77.17 -31.46 -5.65
CA VAL A 1104 -75.76 -31.58 -6.00
C VAL A 1104 -75.36 -30.32 -6.73
N THR A 1105 -74.12 -29.88 -6.52
CA THR A 1105 -73.63 -28.67 -7.15
C THR A 1105 -72.12 -28.74 -7.30
N GLN A 1106 -71.63 -28.05 -8.32
CA GLN A 1106 -70.19 -27.86 -8.47
C GLN A 1106 -69.64 -27.12 -7.25
N ARG A 1107 -68.37 -27.39 -6.93
CA ARG A 1107 -67.79 -26.87 -5.70
C ARG A 1107 -67.67 -25.35 -5.74
N ASN A 1108 -67.05 -24.81 -6.78
CA ASN A 1108 -66.72 -23.39 -6.84
C ASN A 1108 -67.85 -22.53 -7.41
N PHE A 1109 -69.06 -23.07 -7.52
CA PHE A 1109 -70.19 -22.27 -8.01
C PHE A 1109 -71.47 -22.99 -7.63
N TYR A 1110 -72.45 -22.23 -7.14
CA TYR A 1110 -73.72 -22.79 -6.69
C TYR A 1110 -74.62 -23.00 -7.90
N GLU A 1111 -74.64 -24.23 -8.39
CA GLU A 1111 -75.50 -24.64 -9.51
C GLU A 1111 -76.27 -25.89 -9.08
N PRO A 1112 -77.22 -25.73 -8.15
CA PRO A 1112 -77.87 -26.90 -7.59
C PRO A 1112 -78.72 -27.64 -8.61
N GLN A 1113 -78.72 -28.96 -8.50
CA GLN A 1113 -79.52 -29.82 -9.38
C GLN A 1113 -79.87 -31.08 -8.63
N ILE A 1114 -80.88 -31.79 -9.16
CA ILE A 1114 -81.47 -32.91 -8.45
C ILE A 1114 -80.48 -34.08 -8.40
N ILE A 1115 -80.51 -34.81 -7.29
CA ILE A 1115 -79.69 -36.00 -7.13
C ILE A 1115 -80.27 -37.12 -7.96
N THR A 1116 -79.45 -37.70 -8.83
CA THR A 1116 -79.85 -38.81 -9.69
C THR A 1116 -78.77 -39.88 -9.67
N THR A 1117 -79.04 -40.99 -10.34
CA THR A 1117 -78.06 -42.05 -10.48
C THR A 1117 -76.96 -41.70 -11.49
N ASP A 1118 -77.16 -40.66 -12.30
CA ASP A 1118 -76.13 -40.21 -13.22
C ASP A 1118 -75.16 -39.24 -12.58
N ASN A 1119 -75.59 -38.48 -11.60
CA ASN A 1119 -74.73 -37.55 -10.87
C ASN A 1119 -74.01 -38.20 -9.70
N THR A 1120 -74.19 -39.51 -9.47
CA THR A 1120 -73.72 -40.16 -8.27
C THR A 1120 -73.03 -41.48 -8.61
N PHE A 1121 -72.41 -42.06 -7.58
CA PHE A 1121 -71.69 -43.33 -7.68
C PHE A 1121 -71.99 -44.13 -6.43
N VAL A 1122 -72.27 -45.42 -6.63
CA VAL A 1122 -72.65 -46.31 -5.53
C VAL A 1122 -71.45 -47.15 -5.13
N SER A 1123 -71.25 -47.31 -3.83
CA SER A 1123 -70.18 -48.15 -3.32
C SER A 1123 -70.50 -48.53 -1.89
N GLY A 1124 -70.81 -49.81 -1.67
CA GLY A 1124 -71.00 -50.31 -0.32
C GLY A 1124 -72.41 -50.06 0.20
N ASN A 1125 -72.50 -49.96 1.53
CA ASN A 1125 -73.76 -49.78 2.24
C ASN A 1125 -73.64 -48.58 3.17
N CYS A 1126 -74.67 -48.37 3.99
CA CYS A 1126 -74.79 -47.18 4.81
C CYS A 1126 -74.32 -47.37 6.25
N ASP A 1127 -73.73 -48.52 6.59
CA ASP A 1127 -73.34 -48.84 7.96
C ASP A 1127 -71.85 -48.63 8.23
N VAL A 1128 -71.13 -47.97 7.31
CA VAL A 1128 -69.70 -47.76 7.47
C VAL A 1128 -69.28 -46.30 7.31
N VAL A 1129 -70.04 -45.47 6.63
CA VAL A 1129 -69.67 -44.08 6.40
C VAL A 1129 -70.19 -43.23 7.55
N ILE A 1130 -69.38 -42.27 7.96
CA ILE A 1130 -69.70 -41.37 9.06
C ILE A 1130 -70.35 -40.12 8.49
N GLY A 1131 -71.38 -39.64 9.16
CA GLY A 1131 -72.08 -38.44 8.74
C GLY A 1131 -73.08 -38.66 7.61
N ILE A 1132 -73.34 -39.90 7.23
CA ILE A 1132 -74.27 -40.17 6.14
C ILE A 1132 -75.69 -39.83 6.58
N VAL A 1133 -76.55 -39.52 5.61
CA VAL A 1133 -77.93 -39.15 5.84
C VAL A 1133 -78.81 -39.94 4.88
N ASN A 1134 -80.06 -40.13 5.29
CA ASN A 1134 -81.05 -40.85 4.50
C ASN A 1134 -81.82 -39.87 3.63
N ASN A 1135 -81.94 -40.17 2.34
CA ASN A 1135 -82.72 -39.36 1.43
C ASN A 1135 -82.96 -40.16 0.15
N THR A 1136 -83.71 -39.55 -0.76
CA THR A 1136 -84.13 -40.21 -1.99
C THR A 1136 -83.16 -39.92 -3.12
N VAL A 1137 -83.09 -40.86 -4.07
CA VAL A 1137 -82.33 -40.72 -5.29
C VAL A 1137 -83.26 -40.98 -6.47
N TYR A 1138 -83.19 -40.12 -7.47
CA TYR A 1138 -84.09 -40.18 -8.61
C TYR A 1138 -83.52 -41.08 -9.70
N ASP A 1139 -84.40 -41.85 -10.34
CA ASP A 1139 -84.04 -42.74 -11.45
C ASP A 1139 -84.78 -42.29 -12.71
N PRO A 1140 -84.10 -41.79 -13.74
CA PRO A 1140 -84.83 -41.34 -14.94
C PRO A 1140 -85.54 -42.44 -15.69
N LEU A 1141 -85.20 -43.71 -15.44
CA LEU A 1141 -85.82 -44.81 -16.18
C LEU A 1141 -87.24 -45.09 -15.71
N GLN A 1142 -87.54 -44.85 -14.44
CA GLN A 1142 -88.84 -45.18 -13.86
C GLN A 1142 -90.03 -44.56 -14.57
N PRO A 1143 -90.09 -43.23 -14.81
CA PRO A 1143 -91.30 -42.67 -15.42
C PRO A 1143 -91.57 -43.17 -16.83
N GLU A 1144 -90.55 -43.61 -17.56
CA GLU A 1144 -90.78 -44.16 -18.89
C GLU A 1144 -91.47 -45.50 -18.82
N LEU A 1145 -91.27 -46.26 -17.74
CA LEU A 1145 -91.98 -47.51 -17.58
C LEU A 1145 -93.47 -47.29 -17.42
N ASP A 1146 -93.85 -46.24 -16.70
CA ASP A 1146 -95.26 -45.91 -16.51
C ASP A 1146 -95.90 -45.31 -17.75
N SER A 1147 -95.11 -44.86 -18.72
CA SER A 1147 -95.65 -44.33 -19.96
C SER A 1147 -96.32 -45.43 -20.77
N GLN B 14 39.85 -30.52 47.21
CA GLN B 14 38.87 -30.01 46.22
C GLN B 14 38.66 -31.02 45.09
N CYS B 15 39.73 -31.71 44.72
CA CYS B 15 39.71 -32.68 43.63
C CYS B 15 39.38 -34.09 44.08
N VAL B 16 38.77 -34.24 45.26
CA VAL B 16 38.45 -35.57 45.78
C VAL B 16 37.28 -36.14 45.00
N ASN B 17 37.49 -37.32 44.42
CA ASN B 17 36.46 -38.03 43.68
C ASN B 17 35.81 -39.06 44.60
N LEU B 18 34.48 -39.02 44.67
CA LEU B 18 33.76 -39.85 45.63
C LEU B 18 33.91 -41.33 45.28
N ARG B 19 34.16 -42.14 46.30
CA ARG B 19 34.23 -43.59 46.11
C ARG B 19 32.87 -44.18 45.74
N THR B 20 31.79 -43.46 46.02
CA THR B 20 30.47 -43.85 45.56
C THR B 20 30.24 -43.55 44.07
N ARG B 21 31.22 -42.99 43.37
CA ARG B 21 31.09 -42.63 41.97
C ARG B 21 31.13 -43.90 41.12
N THR B 22 29.96 -44.50 40.94
CA THR B 22 29.78 -45.67 40.11
C THR B 22 28.87 -45.30 38.95
N GLN B 23 29.43 -45.27 37.75
CA GLN B 23 28.71 -44.79 36.57
C GLN B 23 27.65 -45.81 36.14
N LEU B 24 26.41 -45.36 36.04
CA LEU B 24 25.32 -46.21 35.57
C LEU B 24 25.20 -46.11 34.05
N PRO B 25 24.46 -47.02 33.42
CA PRO B 25 24.17 -46.86 31.99
C PRO B 25 23.07 -45.83 31.79
N PRO B 26 22.80 -45.42 30.55
CA PRO B 26 21.77 -44.39 30.31
C PRO B 26 20.36 -44.97 30.26
N ALA B 27 19.85 -45.36 31.43
CA ALA B 27 18.48 -45.85 31.53
C ALA B 27 17.50 -44.74 31.16
N TYR B 28 16.30 -45.14 30.76
CA TYR B 28 15.27 -44.16 30.44
C TYR B 28 13.89 -44.78 30.58
N THR B 29 12.89 -43.92 30.64
CA THR B 29 11.48 -44.29 30.68
C THR B 29 10.72 -43.31 29.81
N ASN B 30 9.39 -43.33 29.92
CA ASN B 30 8.51 -42.51 29.09
C ASN B 30 7.55 -41.70 29.96
N SER B 31 7.24 -40.50 29.50
CA SER B 31 6.33 -39.60 30.18
C SER B 31 4.93 -39.69 29.58
N PHE B 32 3.94 -39.35 30.40
CA PHE B 32 2.54 -39.44 29.98
C PHE B 32 2.04 -38.13 29.40
N THR B 33 1.96 -37.09 30.24
CA THR B 33 1.61 -35.75 29.80
C THR B 33 2.44 -34.68 30.50
N ARG B 34 3.59 -35.06 31.06
CA ARG B 34 4.40 -34.12 31.80
C ARG B 34 5.02 -33.09 30.87
N GLY B 35 5.39 -31.95 31.45
CA GLY B 35 6.11 -30.92 30.73
C GLY B 35 5.22 -29.87 30.11
N VAL B 36 4.36 -29.27 30.93
CA VAL B 36 3.46 -28.21 30.51
C VAL B 36 3.64 -27.03 31.45
N TYR B 37 3.58 -25.82 30.89
CA TYR B 37 3.70 -24.61 31.68
C TYR B 37 2.94 -23.49 31.01
N TYR B 38 2.70 -22.43 31.77
CA TYR B 38 2.04 -21.24 31.28
C TYR B 38 3.07 -20.37 30.56
N PRO B 39 3.09 -20.34 29.22
CA PRO B 39 4.20 -19.68 28.53
C PRO B 39 4.22 -18.17 28.70
N ASP B 40 3.08 -17.55 29.00
CA ASP B 40 2.99 -16.11 29.14
C ASP B 40 2.15 -15.79 30.36
N LYS B 41 2.15 -14.50 30.74
CA LYS B 41 1.44 -14.01 31.91
C LYS B 41 0.07 -13.45 31.56
N VAL B 42 -0.57 -14.01 30.54
CA VAL B 42 -1.88 -13.58 30.08
C VAL B 42 -2.93 -14.51 30.67
N PHE B 43 -4.03 -13.93 31.13
CA PHE B 43 -5.15 -14.70 31.65
C PHE B 43 -6.08 -15.09 30.51
N ARG B 44 -6.52 -16.34 30.52
CA ARG B 44 -7.50 -16.85 29.57
C ARG B 44 -8.35 -17.88 30.29
N SER B 45 -9.60 -18.01 29.84
CA SER B 45 -10.55 -18.89 30.52
C SER B 45 -11.60 -19.37 29.54
N SER B 46 -11.88 -20.68 29.59
CA SER B 46 -12.90 -21.31 28.76
C SER B 46 -12.62 -21.09 27.28
N VAL B 47 -11.35 -21.16 26.91
CA VAL B 47 -10.90 -20.94 25.54
C VAL B 47 -9.69 -21.80 25.26
N LEU B 48 -9.32 -21.91 23.99
CA LEU B 48 -8.16 -22.65 23.54
C LEU B 48 -7.23 -21.68 22.81
N HIS B 49 -5.92 -21.94 22.91
CA HIS B 49 -4.91 -21.07 22.34
C HIS B 49 -3.75 -21.90 21.81
N SER B 50 -3.34 -21.64 20.58
CA SER B 50 -2.15 -22.24 20.02
C SER B 50 -0.92 -21.46 20.45
N THR B 51 0.23 -22.11 20.42
CA THR B 51 1.49 -21.48 20.79
C THR B 51 2.65 -22.31 20.27
N GLN B 52 3.64 -21.61 19.70
CA GLN B 52 4.83 -22.22 19.12
C GLN B 52 6.01 -21.83 20.00
N ASP B 53 6.28 -22.65 21.01
CA ASP B 53 7.38 -22.44 21.94
C ASP B 53 8.04 -23.78 22.20
N LEU B 54 9.03 -23.78 23.08
CA LEU B 54 9.77 -24.98 23.42
C LEU B 54 9.03 -25.77 24.49
N PHE B 55 8.84 -27.06 24.23
CA PHE B 55 8.04 -27.91 25.09
C PHE B 55 8.66 -29.29 25.15
N LEU B 56 8.11 -30.12 26.05
CA LEU B 56 8.50 -31.51 26.18
C LEU B 56 7.52 -32.36 25.38
N PRO B 57 7.92 -33.01 24.28
CA PRO B 57 6.98 -33.87 23.56
C PRO B 57 6.54 -35.05 24.43
N PHE B 58 5.24 -35.31 24.41
CA PHE B 58 4.69 -36.39 25.22
C PHE B 58 5.18 -37.74 24.71
N PHE B 59 5.23 -38.71 25.61
CA PHE B 59 5.64 -40.07 25.29
C PHE B 59 7.04 -40.11 24.70
N SER B 60 7.93 -39.32 25.28
CA SER B 60 9.33 -39.23 24.86
C SER B 60 10.22 -39.93 25.87
N ASN B 61 11.38 -40.39 25.39
CA ASN B 61 12.35 -41.02 26.26
C ASN B 61 13.00 -39.99 27.16
N VAL B 62 12.99 -40.26 28.46
CA VAL B 62 13.55 -39.37 29.47
C VAL B 62 14.50 -40.17 30.34
N THR B 63 15.66 -39.59 30.63
CA THR B 63 16.69 -40.30 31.38
C THR B 63 16.33 -40.32 32.87
N TRP B 64 16.36 -41.50 33.46
CA TRP B 64 16.16 -41.69 34.89
C TRP B 64 17.50 -41.75 35.60
N PHE B 65 17.54 -41.25 36.83
CA PHE B 65 18.74 -41.27 37.65
C PHE B 65 18.37 -41.55 39.10
N HIS B 66 19.40 -41.78 39.92
CA HIS B 66 19.20 -42.19 41.30
C HIS B 66 20.38 -41.70 42.13
N ALA B 67 20.20 -41.73 43.45
CA ALA B 67 21.25 -41.41 44.40
C ALA B 67 21.11 -42.32 45.61
N ILE B 68 22.23 -42.83 46.11
CA ILE B 68 22.23 -43.78 47.22
C ILE B 68 23.64 -43.83 47.79
N HIS B 69 23.74 -44.18 49.07
CA HIS B 69 25.04 -44.32 49.72
C HIS B 69 25.83 -45.49 49.12
N LYS B 77 24.09 -48.62 45.34
CA LYS B 77 25.53 -48.69 45.48
C LYS B 77 26.22 -47.88 44.39
N ARG B 78 25.70 -46.68 44.14
CA ARG B 78 26.24 -45.80 43.11
C ARG B 78 25.97 -44.35 43.52
N PHE B 79 26.47 -43.42 42.71
CA PHE B 79 26.26 -42.00 42.95
C PHE B 79 26.26 -41.30 41.60
N ASP B 80 25.08 -40.90 41.14
CA ASP B 80 24.91 -40.33 39.80
C ASP B 80 25.03 -38.82 39.88
N ASN B 81 26.08 -38.27 39.25
CA ASN B 81 26.27 -36.83 39.16
C ASN B 81 27.08 -36.51 37.91
N PRO B 82 26.49 -36.71 36.73
CA PRO B 82 27.22 -36.48 35.48
C PRO B 82 27.00 -35.06 34.94
N VAL B 83 27.81 -34.75 33.93
CA VAL B 83 27.74 -33.45 33.25
C VAL B 83 26.70 -33.56 32.14
N LEU B 84 25.42 -33.34 32.49
CA LEU B 84 24.35 -33.46 31.51
C LEU B 84 24.27 -32.21 30.65
N PRO B 85 23.99 -32.32 29.35
CA PRO B 85 24.08 -31.15 28.47
C PRO B 85 22.87 -30.23 28.62
N PHE B 86 23.02 -29.03 28.06
CA PHE B 86 22.01 -27.98 28.08
C PHE B 86 21.95 -27.29 26.72
N ASN B 87 21.91 -28.08 25.64
CA ASN B 87 22.09 -27.51 24.31
C ASN B 87 20.94 -26.61 23.91
N ASP B 88 19.69 -27.02 24.20
CA ASP B 88 18.51 -26.25 23.82
C ASP B 88 17.45 -26.27 24.92
N GLY B 89 17.88 -26.33 26.18
CA GLY B 89 16.97 -26.37 27.30
C GLY B 89 16.71 -27.79 27.77
N VAL B 90 16.29 -27.90 29.03
CA VAL B 90 16.08 -29.20 29.69
C VAL B 90 14.84 -29.12 30.57
N TYR B 91 14.54 -30.24 31.21
CA TYR B 91 13.50 -30.38 32.21
C TYR B 91 14.10 -31.04 33.45
N PHE B 92 13.29 -31.17 34.50
CA PHE B 92 13.74 -31.80 35.72
C PHE B 92 12.55 -32.13 36.59
N ALA B 93 12.57 -33.33 37.17
CA ALA B 93 11.57 -33.76 38.13
C ALA B 93 12.25 -34.53 39.24
N SER B 94 11.57 -34.63 40.38
CA SER B 94 12.12 -35.33 41.52
C SER B 94 10.97 -35.75 42.43
N THR B 95 11.04 -37.00 42.89
CA THR B 95 10.04 -37.59 43.78
C THR B 95 10.77 -37.91 45.07
N GLU B 96 10.70 -36.97 46.04
CA GLU B 96 11.45 -37.07 47.27
C GLU B 96 10.51 -36.93 48.46
N LYS B 97 10.82 -37.68 49.51
CA LYS B 97 10.21 -37.51 50.81
C LYS B 97 11.05 -36.67 51.76
N SER B 98 12.25 -36.23 51.34
CA SER B 98 13.19 -35.55 52.21
C SER B 98 13.88 -34.36 51.57
N ASN B 99 13.59 -34.05 50.30
CA ASN B 99 14.11 -32.85 49.64
C ASN B 99 15.64 -32.86 49.62
N ILE B 100 16.21 -33.96 49.15
CA ILE B 100 17.66 -34.08 49.10
C ILE B 100 18.24 -33.21 48.00
N ILE B 101 17.56 -33.17 46.86
CA ILE B 101 18.04 -32.41 45.70
C ILE B 101 17.73 -30.93 45.96
N ARG B 102 18.77 -30.15 46.27
CA ARG B 102 18.61 -28.78 46.72
C ARG B 102 19.59 -27.86 46.04
N GLY B 103 19.77 -28.02 44.72
CA GLY B 103 20.67 -27.14 44.02
C GLY B 103 21.02 -27.58 42.61
N TRP B 104 21.39 -26.61 41.78
CA TRP B 104 21.80 -26.87 40.40
C TRP B 104 22.92 -25.90 40.05
N ILE B 105 23.75 -26.31 39.09
CA ILE B 105 24.86 -25.52 38.59
C ILE B 105 24.80 -25.54 37.08
N PHE B 106 24.98 -24.38 36.45
CA PHE B 106 24.85 -24.22 35.01
C PHE B 106 26.05 -23.48 34.45
N GLY B 107 26.38 -23.78 33.20
CA GLY B 107 27.45 -23.07 32.52
C GLY B 107 27.98 -23.92 31.38
N THR B 108 29.08 -23.44 30.79
CA THR B 108 29.74 -24.14 29.70
C THR B 108 30.86 -25.05 30.23
N THR B 109 31.85 -24.47 30.91
CA THR B 109 32.97 -25.22 31.45
C THR B 109 32.84 -25.49 32.94
N LEU B 110 32.07 -24.69 33.67
CA LEU B 110 31.82 -24.91 35.10
C LEU B 110 33.10 -24.84 35.90
N ASP B 111 33.90 -23.80 35.66
CA ASP B 111 35.10 -23.54 36.44
C ASP B 111 35.28 -22.03 36.55
N SER B 112 36.38 -21.61 37.17
CA SER B 112 36.67 -20.19 37.32
C SER B 112 37.07 -19.52 36.01
N LYS B 113 37.18 -20.26 34.91
CA LYS B 113 37.46 -19.64 33.61
C LYS B 113 36.30 -18.77 33.16
N THR B 114 35.10 -19.33 33.12
CA THR B 114 33.90 -18.65 32.63
C THR B 114 32.91 -18.50 33.79
N GLN B 115 31.86 -17.73 33.54
CA GLN B 115 30.81 -17.57 34.53
C GLN B 115 29.95 -18.82 34.59
N SER B 116 29.09 -18.88 35.61
CA SER B 116 28.26 -20.05 35.83
C SER B 116 27.20 -19.70 36.87
N LEU B 117 25.98 -20.15 36.62
CA LEU B 117 24.88 -19.94 37.56
C LEU B 117 24.95 -20.98 38.67
N LEU B 118 24.57 -20.56 39.87
CA LEU B 118 24.63 -21.40 41.07
C LEU B 118 23.33 -21.20 41.83
N ILE B 119 22.33 -22.01 41.49
CA ILE B 119 21.03 -21.96 42.15
C ILE B 119 21.05 -22.99 43.28
N VAL B 120 20.74 -22.52 44.49
CA VAL B 120 20.88 -23.32 45.70
C VAL B 120 19.68 -23.04 46.60
N ASN B 121 19.27 -24.06 47.34
CA ASN B 121 18.24 -23.97 48.37
C ASN B 121 18.91 -24.38 49.68
N ASN B 122 19.57 -23.40 50.34
CA ASN B 122 20.45 -23.67 51.46
C ASN B 122 19.77 -23.57 52.81
N ALA B 123 18.46 -23.85 52.88
CA ALA B 123 17.66 -23.86 54.09
C ALA B 123 17.42 -22.47 54.68
N THR B 124 17.89 -21.41 54.03
CA THR B 124 17.63 -20.04 54.44
C THR B 124 16.87 -19.26 53.38
N ASN B 125 17.22 -19.43 52.12
CA ASN B 125 16.59 -18.73 51.00
C ASN B 125 17.23 -19.24 49.72
N VAL B 126 16.58 -18.95 48.60
CA VAL B 126 17.04 -19.43 47.30
C VAL B 126 18.20 -18.54 46.88
N VAL B 127 19.42 -18.98 47.15
CA VAL B 127 20.62 -18.22 46.81
C VAL B 127 20.94 -18.50 45.34
N ILE B 128 21.07 -17.43 44.57
CA ILE B 128 21.29 -17.51 43.13
C ILE B 128 22.47 -16.59 42.84
N LYS B 129 23.67 -17.16 42.79
CA LYS B 129 24.90 -16.40 42.60
C LYS B 129 25.47 -16.68 41.23
N VAL B 130 26.25 -15.72 40.73
CA VAL B 130 26.94 -15.85 39.45
C VAL B 130 28.36 -15.30 39.59
N CYS B 131 29.32 -16.21 39.76
CA CYS B 131 30.73 -15.84 39.90
C CYS B 131 31.56 -16.87 39.16
N GLU B 132 32.84 -16.55 38.96
CA GLU B 132 33.81 -17.51 38.44
C GLU B 132 34.23 -18.43 39.59
N PHE B 133 33.30 -19.29 39.98
CA PHE B 133 33.43 -20.06 41.21
C PHE B 133 34.56 -21.06 41.10
N GLN B 134 35.18 -21.35 42.25
CA GLN B 134 36.21 -22.38 42.36
C GLN B 134 35.50 -23.72 42.39
N PHE B 135 35.39 -24.33 41.21
CA PHE B 135 34.56 -25.53 41.06
C PHE B 135 35.22 -26.71 41.74
N CYS B 136 34.53 -27.29 42.73
CA CYS B 136 34.94 -28.57 43.28
C CYS B 136 34.61 -29.66 42.29
N ASN B 137 35.55 -30.60 42.09
CA ASN B 137 35.38 -31.62 41.06
C ASN B 137 34.33 -32.67 41.43
N ASP B 138 33.78 -32.65 42.63
CA ASP B 138 32.74 -33.59 43.03
C ASP B 138 32.01 -33.01 44.23
N PRO B 139 31.26 -31.91 44.06
CA PRO B 139 30.75 -31.18 45.23
C PRO B 139 29.60 -31.91 45.90
N PHE B 140 29.13 -31.31 46.99
CA PHE B 140 28.06 -31.87 47.79
C PHE B 140 27.70 -30.86 48.88
N LEU B 141 26.46 -30.98 49.38
CA LEU B 141 26.03 -30.21 50.54
C LEU B 141 26.43 -30.99 51.79
N GLY B 142 27.47 -30.54 52.48
CA GLY B 142 27.99 -31.23 53.64
C GLY B 142 27.32 -30.84 54.94
N VAL B 143 26.56 -31.77 55.52
CA VAL B 143 25.90 -31.57 56.81
C VAL B 143 26.73 -32.34 57.85
N TYR B 144 27.43 -31.60 58.70
CA TYR B 144 28.18 -32.15 59.82
C TYR B 144 27.83 -31.33 61.07
N TYR B 145 28.43 -31.73 62.20
CA TYR B 145 28.15 -31.13 63.50
C TYR B 145 26.70 -31.39 63.90
N HIS B 146 26.36 -32.68 63.95
CA HIS B 146 24.98 -33.09 64.22
C HIS B 146 24.61 -32.85 65.68
N LYS B 147 25.56 -33.01 66.60
CA LYS B 147 25.31 -32.80 68.02
C LYS B 147 25.31 -31.34 68.42
N ASN B 148 25.51 -30.40 67.49
CA ASN B 148 25.46 -28.97 67.76
C ASN B 148 24.57 -28.32 66.70
N ASN B 149 23.26 -28.34 66.93
CA ASN B 149 22.30 -27.63 66.08
C ASN B 149 22.38 -28.13 64.63
N LYS B 150 22.02 -29.40 64.44
CA LYS B 150 21.99 -29.97 63.10
C LYS B 150 21.02 -29.19 62.23
N SER B 151 19.74 -29.22 62.57
CA SER B 151 18.68 -28.44 61.93
C SER B 151 18.50 -28.76 60.45
N TRP B 152 19.14 -29.82 59.94
CA TRP B 152 19.06 -30.18 58.53
C TRP B 152 19.53 -29.04 57.62
N MET B 153 20.52 -28.28 58.08
CA MET B 153 21.14 -27.21 57.33
C MET B 153 22.60 -27.55 57.09
N GLU B 154 23.10 -27.20 55.90
CA GLU B 154 24.51 -27.45 55.57
C GLU B 154 25.40 -26.63 56.48
N SER B 155 26.26 -27.31 57.22
CA SER B 155 27.21 -26.64 58.10
C SER B 155 28.48 -26.26 57.34
N GLY B 158 29.97 -27.53 51.69
CA GLY B 158 31.09 -28.22 51.08
C GLY B 158 30.93 -28.35 49.57
N VAL B 159 30.40 -27.30 48.95
CA VAL B 159 30.12 -27.31 47.52
C VAL B 159 31.20 -26.59 46.73
N TYR B 160 31.65 -25.44 47.23
CA TYR B 160 32.57 -24.58 46.50
C TYR B 160 33.55 -23.97 47.49
N SER B 161 34.68 -23.51 46.96
CA SER B 161 35.78 -23.03 47.80
C SER B 161 35.78 -21.51 47.94
N SER B 162 35.45 -20.78 46.89
CA SER B 162 35.50 -19.32 46.93
C SER B 162 34.61 -18.75 45.84
N ALA B 163 34.54 -17.42 45.78
CA ALA B 163 33.77 -16.68 44.80
C ALA B 163 34.56 -15.46 44.38
N ASN B 164 34.65 -15.23 43.08
CA ASN B 164 35.44 -14.12 42.56
C ASN B 164 34.83 -13.63 41.25
N ASN B 165 35.02 -12.33 41.00
CA ASN B 165 34.55 -11.70 39.77
C ASN B 165 33.04 -11.84 39.59
N CYS B 166 32.31 -11.79 40.70
CA CYS B 166 30.86 -11.91 40.66
C CYS B 166 30.25 -10.77 39.87
N THR B 167 29.15 -11.06 39.18
CA THR B 167 28.44 -10.07 38.37
C THR B 167 26.93 -10.11 38.55
N PHE B 168 26.41 -10.97 39.42
CA PHE B 168 24.97 -11.05 39.64
C PHE B 168 24.71 -11.82 40.91
N GLU B 169 23.63 -11.44 41.60
CA GLU B 169 23.16 -12.17 42.76
C GLU B 169 21.68 -11.89 42.93
N TYR B 170 20.99 -12.85 43.55
CA TYR B 170 19.53 -12.76 43.71
C TYR B 170 19.12 -13.65 44.85
N VAL B 171 18.05 -13.25 45.54
CA VAL B 171 17.49 -14.00 46.65
C VAL B 171 15.97 -13.89 46.58
N SER B 172 15.29 -15.03 46.67
CA SER B 172 13.85 -15.09 46.64
C SER B 172 13.32 -15.05 48.08
N GLN B 173 12.05 -15.42 48.25
CA GLN B 173 11.45 -15.50 49.57
C GLN B 173 12.26 -16.45 50.46
N PRO B 174 12.49 -16.12 51.74
CA PRO B 174 13.17 -17.06 52.63
C PRO B 174 12.21 -18.12 53.16
N PHE B 175 12.80 -19.24 53.59
CA PHE B 175 12.05 -20.36 54.13
C PHE B 175 13.05 -21.36 54.67
N LEU B 176 12.57 -22.19 55.61
CA LEU B 176 13.39 -23.16 56.31
C LEU B 176 13.20 -24.54 55.67
N MET B 177 14.29 -25.12 55.18
CA MET B 177 14.22 -26.42 54.53
C MET B 177 13.99 -27.51 55.56
N ASP B 178 13.28 -28.56 55.14
CA ASP B 178 12.97 -29.71 55.97
C ASP B 178 13.45 -30.97 55.27
N LEU B 179 14.24 -31.77 55.97
CA LEU B 179 14.80 -33.01 55.45
C LEU B 179 14.40 -34.20 56.31
N GLU B 180 13.12 -34.25 56.68
CA GLU B 180 12.59 -35.37 57.46
C GLU B 180 12.08 -36.44 56.50
N GLY B 181 12.74 -37.60 56.50
CA GLY B 181 12.37 -38.66 55.61
C GLY B 181 11.05 -39.29 56.02
N LYS B 182 10.03 -39.20 55.18
CA LYS B 182 8.75 -39.81 55.45
C LYS B 182 8.84 -41.30 55.14
N GLN B 183 7.68 -41.98 55.13
CA GLN B 183 7.59 -43.41 54.88
C GLN B 183 6.84 -43.69 53.59
N GLY B 184 6.62 -44.98 53.32
CA GLY B 184 5.90 -45.39 52.13
C GLY B 184 6.66 -45.06 50.86
N ASN B 185 5.91 -44.84 49.79
CA ASN B 185 6.47 -44.38 48.53
C ASN B 185 6.58 -42.85 48.54
N PHE B 186 7.16 -42.31 47.47
CA PHE B 186 7.37 -40.87 47.40
C PHE B 186 6.03 -40.14 47.30
N LYS B 187 5.87 -39.12 48.14
CA LYS B 187 4.61 -38.38 48.27
C LYS B 187 4.69 -36.97 47.75
N ASN B 188 5.74 -36.22 48.08
CA ASN B 188 5.88 -34.83 47.67
C ASN B 188 6.59 -34.79 46.32
N LEU B 189 5.90 -34.26 45.32
CA LEU B 189 6.45 -34.13 43.97
C LEU B 189 6.97 -32.71 43.77
N ARG B 190 8.06 -32.59 43.01
CA ARG B 190 8.63 -31.30 42.64
C ARG B 190 9.17 -31.40 41.22
N GLU B 191 8.61 -30.59 40.33
CA GLU B 191 9.01 -30.56 38.92
C GLU B 191 9.41 -29.13 38.56
N PHE B 192 10.43 -29.00 37.73
CA PHE B 192 11.01 -27.70 37.39
C PHE B 192 11.35 -27.66 35.91
N VAL B 193 11.46 -26.43 35.40
CA VAL B 193 11.86 -26.16 34.02
C VAL B 193 12.95 -25.11 34.04
N PHE B 194 13.87 -25.20 33.09
CA PHE B 194 15.01 -24.28 33.00
C PHE B 194 15.30 -24.00 31.54
N LYS B 195 15.20 -22.73 31.15
CA LYS B 195 15.56 -22.30 29.81
C LYS B 195 16.05 -20.86 29.86
N ASN B 196 16.83 -20.48 28.85
CA ASN B 196 17.45 -19.16 28.76
C ASN B 196 17.16 -18.60 27.38
N ILE B 197 16.21 -17.67 27.31
CA ILE B 197 15.76 -17.07 26.06
C ILE B 197 16.16 -15.60 26.08
N ASP B 198 17.10 -15.24 25.20
CA ASP B 198 17.57 -13.86 25.07
C ASP B 198 18.12 -13.34 26.41
N GLY B 199 18.80 -14.23 27.14
CA GLY B 199 19.33 -13.89 28.45
C GLY B 199 18.34 -14.01 29.60
N TYR B 200 17.05 -14.04 29.32
CA TYR B 200 16.03 -14.14 30.36
C TYR B 200 15.93 -15.60 30.79
N PHE B 201 16.69 -15.96 31.81
CA PHE B 201 16.66 -17.32 32.35
C PHE B 201 15.36 -17.52 33.12
N LYS B 202 14.47 -18.32 32.57
CA LYS B 202 13.14 -18.53 33.15
C LYS B 202 13.11 -19.85 33.90
N ILE B 203 12.35 -19.87 34.99
CA ILE B 203 12.24 -21.02 35.88
C ILE B 203 10.78 -21.20 36.24
N TYR B 204 10.18 -22.28 35.77
CA TYR B 204 8.82 -22.67 36.13
C TYR B 204 8.90 -23.84 37.11
N SER B 205 7.85 -24.00 37.91
CA SER B 205 7.89 -24.99 38.98
C SER B 205 6.49 -25.27 39.46
N LYS B 206 6.38 -26.31 40.29
CA LYS B 206 5.15 -26.69 40.97
C LYS B 206 5.47 -27.79 41.97
N HIS B 207 4.71 -27.79 43.07
CA HIS B 207 4.82 -28.82 44.10
C HIS B 207 3.43 -29.33 44.42
N THR B 208 3.27 -30.65 44.44
CA THR B 208 1.97 -31.28 44.65
C THR B 208 2.19 -32.62 45.35
N PRO B 209 1.22 -33.09 46.14
CA PRO B 209 1.32 -34.46 46.66
C PRO B 209 0.98 -35.49 45.58
N ILE B 210 1.53 -36.68 45.77
CA ILE B 210 1.34 -37.79 44.82
C ILE B 210 1.35 -39.09 45.61
N ASN B 211 1.03 -40.18 44.91
CA ASN B 211 1.16 -41.55 45.42
C ASN B 211 1.81 -42.43 44.36
N LEU B 212 2.91 -41.94 43.80
CA LEU B 212 3.55 -42.59 42.67
C LEU B 212 4.06 -43.97 43.06
N VAL B 213 3.66 -44.98 42.28
CA VAL B 213 4.13 -46.35 42.44
C VAL B 213 4.78 -46.80 41.14
N ARG B 214 5.38 -45.85 40.41
CA ARG B 214 5.93 -46.09 39.09
C ARG B 214 7.12 -45.16 38.89
N ASP B 215 7.74 -45.25 37.71
CA ASP B 215 8.77 -44.30 37.33
C ASP B 215 8.23 -42.86 37.39
N LEU B 216 7.22 -42.58 36.59
CA LEU B 216 6.61 -41.26 36.49
C LEU B 216 5.10 -41.37 36.60
N PRO B 217 4.42 -40.30 36.99
CA PRO B 217 2.97 -40.39 37.23
C PRO B 217 2.15 -40.09 35.99
N GLN B 218 0.83 -40.20 36.16
CA GLN B 218 -0.15 -39.90 35.14
C GLN B 218 -0.91 -38.64 35.53
N GLY B 219 -1.94 -38.30 34.75
CA GLY B 219 -2.76 -37.14 35.02
C GLY B 219 -2.28 -35.92 34.26
N PHE B 220 -2.53 -34.73 34.82
CA PHE B 220 -2.14 -33.49 34.17
C PHE B 220 -1.94 -32.39 35.20
N SER B 221 -0.89 -31.59 35.01
CA SER B 221 -0.65 -30.41 35.82
C SER B 221 0.45 -29.60 35.16
N ALA B 222 0.24 -28.29 35.09
CA ALA B 222 1.19 -27.38 34.45
C ALA B 222 2.05 -26.68 35.50
N LEU B 223 3.23 -26.25 35.07
CA LEU B 223 4.20 -25.62 35.95
C LEU B 223 4.11 -24.11 35.81
N GLU B 224 3.82 -23.44 36.91
CA GLU B 224 3.68 -21.99 36.92
C GLU B 224 5.06 -21.34 36.92
N PRO B 225 5.18 -20.10 36.44
CA PRO B 225 6.47 -19.43 36.48
C PRO B 225 6.82 -18.96 37.89
N LEU B 226 8.12 -18.85 38.15
CA LEU B 226 8.64 -18.50 39.46
C LEU B 226 9.46 -17.23 39.45
N VAL B 227 10.44 -17.11 38.55
CA VAL B 227 11.29 -15.93 38.46
C VAL B 227 11.62 -15.64 37.01
N ASP B 228 12.42 -14.60 36.78
CA ASP B 228 12.85 -14.24 35.43
C ASP B 228 14.10 -13.37 35.57
N LEU B 229 15.21 -13.86 35.02
CA LEU B 229 16.54 -13.28 35.26
C LEU B 229 17.21 -12.92 33.94
N PRO B 230 17.32 -11.63 33.55
CA PRO B 230 18.04 -11.30 32.31
C PRO B 230 19.54 -11.38 32.48
N ILE B 231 20.11 -12.57 32.31
CA ILE B 231 21.52 -12.81 32.60
C ILE B 231 22.36 -12.63 31.34
N GLY B 232 22.12 -13.46 30.33
CA GLY B 232 22.80 -13.31 29.06
C GLY B 232 24.15 -14.00 28.98
N ILE B 233 24.18 -15.32 29.18
CA ILE B 233 25.41 -16.11 29.09
C ILE B 233 25.16 -17.29 28.16
N ASN B 234 26.25 -18.01 27.87
CA ASN B 234 26.21 -19.22 27.04
C ASN B 234 26.34 -20.43 27.95
N ILE B 235 25.30 -21.27 27.95
CA ILE B 235 25.24 -22.48 28.77
C ILE B 235 25.17 -23.68 27.83
N THR B 236 25.87 -24.75 28.21
CA THR B 236 25.90 -25.98 27.41
C THR B 236 25.75 -27.24 28.25
N ARG B 237 25.76 -27.16 29.58
CA ARG B 237 25.61 -28.33 30.42
C ARG B 237 25.37 -27.87 31.85
N PHE B 238 24.82 -28.79 32.66
CA PHE B 238 24.45 -28.47 34.03
C PHE B 238 24.66 -29.69 34.90
N GLN B 239 24.36 -29.54 36.19
CA GLN B 239 24.59 -30.58 37.17
C GLN B 239 23.63 -30.38 38.34
N THR B 240 23.56 -31.39 39.21
CA THR B 240 22.66 -31.41 40.34
C THR B 240 23.44 -31.64 41.64
N LEU B 241 22.87 -31.14 42.74
CA LEU B 241 23.46 -31.25 44.07
C LEU B 241 22.54 -32.06 44.98
N LEU B 242 23.11 -32.53 46.09
CA LEU B 242 22.41 -33.40 47.02
C LEU B 242 22.91 -33.14 48.44
N ALA B 243 22.03 -33.39 49.41
CA ALA B 243 22.38 -33.28 50.83
C ALA B 243 22.96 -34.61 51.31
N LEU B 244 24.12 -34.53 51.97
CA LEU B 244 24.90 -35.70 52.35
C LEU B 244 25.13 -35.74 53.86
N HIS B 245 25.42 -36.94 54.35
CA HIS B 245 25.73 -37.18 55.75
C HIS B 245 26.87 -38.20 55.83
N ARG B 246 27.55 -38.20 56.98
CA ARG B 246 28.54 -39.23 57.28
C ARG B 246 28.90 -39.14 58.75
N SER B 247 29.63 -40.16 59.22
CA SER B 247 30.12 -40.21 60.59
C SER B 247 31.62 -39.91 60.63
N SER B 255 36.52 -35.62 51.72
CA SER B 255 35.30 -35.37 50.95
C SER B 255 34.73 -36.67 50.36
N SER B 256 35.59 -37.68 50.18
CA SER B 256 35.14 -38.95 49.64
C SER B 256 34.18 -39.66 50.58
N GLY B 257 34.37 -39.52 51.88
CA GLY B 257 33.61 -40.27 52.86
C GLY B 257 32.15 -39.87 53.01
N TRP B 258 31.72 -38.77 52.39
CA TRP B 258 30.34 -38.34 52.51
C TRP B 258 29.42 -39.32 51.78
N THR B 259 28.19 -39.43 52.31
CA THR B 259 27.21 -40.39 51.80
C THR B 259 25.85 -39.71 51.69
N ALA B 260 25.00 -40.26 50.83
CA ALA B 260 23.69 -39.70 50.51
C ALA B 260 22.59 -40.62 51.02
N GLY B 261 21.35 -40.24 50.68
CA GLY B 261 20.18 -41.06 50.93
C GLY B 261 19.60 -41.61 49.64
N ALA B 262 18.42 -42.21 49.76
CA ALA B 262 17.74 -42.84 48.63
C ALA B 262 16.75 -41.85 48.04
N ALA B 263 17.04 -41.37 46.83
CA ALA B 263 16.11 -40.53 46.08
C ALA B 263 16.37 -40.74 44.60
N ALA B 264 15.57 -40.08 43.76
CA ALA B 264 15.66 -40.24 42.32
C ALA B 264 15.18 -38.98 41.64
N TYR B 265 15.71 -38.73 40.44
CA TYR B 265 15.30 -37.60 39.64
C TYR B 265 15.33 -38.00 38.16
N TYR B 266 14.77 -37.14 37.32
CA TYR B 266 14.63 -37.38 35.90
C TYR B 266 15.10 -36.16 35.12
N VAL B 267 15.27 -36.34 33.82
CA VAL B 267 15.69 -35.29 32.92
C VAL B 267 15.04 -35.51 31.56
N GLY B 268 14.58 -34.43 30.95
CA GLY B 268 14.02 -34.44 29.63
C GLY B 268 14.79 -33.55 28.68
N TYR B 269 14.06 -32.84 27.82
CA TYR B 269 14.67 -31.93 26.86
C TYR B 269 13.60 -30.98 26.36
N LEU B 270 14.00 -30.06 25.49
CA LEU B 270 13.13 -29.06 24.91
C LEU B 270 13.14 -29.17 23.39
N GLN B 271 12.00 -28.83 22.78
CA GLN B 271 11.90 -28.88 21.33
C GLN B 271 10.81 -27.91 20.91
N PRO B 272 10.97 -27.16 19.79
CA PRO B 272 9.92 -26.20 19.42
C PRO B 272 8.70 -26.87 18.80
N ARG B 273 7.82 -27.37 19.68
CA ARG B 273 6.60 -28.05 19.29
C ARG B 273 5.39 -27.14 19.46
N THR B 274 4.49 -27.18 18.48
CA THR B 274 3.24 -26.44 18.57
C THR B 274 2.27 -27.18 19.47
N PHE B 275 1.56 -26.42 20.31
CA PHE B 275 0.74 -26.98 21.36
C PHE B 275 -0.55 -26.19 21.48
N LEU B 276 -1.61 -26.89 21.89
CA LEU B 276 -2.87 -26.26 22.30
C LEU B 276 -2.97 -26.32 23.82
N LEU B 277 -3.56 -25.27 24.40
CA LEU B 277 -3.69 -25.14 25.85
C LEU B 277 -5.17 -24.94 26.17
N LYS B 278 -5.75 -25.89 26.89
CA LYS B 278 -7.17 -25.85 27.25
C LYS B 278 -7.31 -25.16 28.61
N TYR B 279 -7.65 -23.88 28.58
CA TYR B 279 -7.96 -23.15 29.80
C TYR B 279 -9.38 -23.46 30.23
N ASN B 280 -9.64 -23.33 31.53
CA ASN B 280 -10.94 -23.61 32.13
C ASN B 280 -11.55 -22.32 32.67
N GLU B 281 -12.75 -22.45 33.24
CA GLU B 281 -13.43 -21.29 33.82
C GLU B 281 -12.61 -20.65 34.93
N ASN B 282 -11.90 -21.45 35.71
CA ASN B 282 -11.06 -20.94 36.79
C ASN B 282 -9.72 -20.39 36.31
N GLY B 283 -9.48 -20.36 35.01
CA GLY B 283 -8.25 -19.81 34.46
C GLY B 283 -7.07 -20.76 34.42
N THR B 284 -7.24 -22.01 34.85
CA THR B 284 -6.15 -22.97 34.90
C THR B 284 -6.11 -23.80 33.64
N ILE B 285 -4.90 -24.22 33.26
CA ILE B 285 -4.71 -25.09 32.11
C ILE B 285 -5.01 -26.52 32.54
N THR B 286 -6.10 -27.09 32.02
CA THR B 286 -6.55 -28.42 32.41
C THR B 286 -6.11 -29.51 31.45
N ASP B 287 -5.85 -29.17 30.18
CA ASP B 287 -5.46 -30.17 29.20
C ASP B 287 -4.73 -29.48 28.06
N ALA B 288 -4.04 -30.28 27.26
CA ALA B 288 -3.26 -29.77 26.14
C ALA B 288 -3.14 -30.85 25.08
N VAL B 289 -2.59 -30.47 23.94
CA VAL B 289 -2.45 -31.37 22.79
C VAL B 289 -1.13 -31.09 22.11
N ASP B 290 -0.46 -32.15 21.66
CA ASP B 290 0.79 -32.05 20.91
C ASP B 290 0.45 -32.15 19.43
N CYS B 291 0.74 -31.09 18.68
CA CYS B 291 0.31 -30.98 17.29
C CYS B 291 1.23 -31.73 16.32
N ALA B 292 2.17 -32.54 16.80
CA ALA B 292 3.01 -33.35 15.92
C ALA B 292 3.26 -34.74 16.48
N LEU B 293 2.52 -35.15 17.52
CA LEU B 293 2.68 -36.49 18.08
C LEU B 293 2.16 -37.54 17.11
N ASP B 294 0.96 -37.35 16.60
CA ASP B 294 0.32 -38.31 15.72
C ASP B 294 -0.60 -37.55 14.77
N PRO B 295 -1.06 -38.19 13.70
CA PRO B 295 -1.96 -37.48 12.78
C PRO B 295 -3.28 -37.10 13.43
N LEU B 296 -3.75 -37.87 14.41
CA LEU B 296 -5.00 -37.56 15.07
C LEU B 296 -4.93 -36.20 15.77
N SER B 297 -3.78 -35.88 16.35
CA SER B 297 -3.64 -34.61 17.05
C SER B 297 -3.50 -33.45 16.08
N GLU B 298 -2.93 -33.70 14.90
CA GLU B 298 -2.87 -32.65 13.88
C GLU B 298 -4.27 -32.20 13.49
N THR B 299 -5.23 -33.13 13.47
CA THR B 299 -6.61 -32.77 13.22
C THR B 299 -7.14 -31.85 14.32
N LYS B 300 -6.83 -32.18 15.57
CA LYS B 300 -7.33 -31.36 16.68
C LYS B 300 -6.72 -29.97 16.65
N CYS B 301 -5.44 -29.86 16.29
CA CYS B 301 -4.82 -28.54 16.21
C CYS B 301 -5.25 -27.79 14.96
N THR B 302 -5.68 -28.51 13.92
CA THR B 302 -6.12 -27.84 12.70
C THR B 302 -7.47 -27.18 12.90
N LEU B 303 -8.43 -27.90 13.49
CA LEU B 303 -9.74 -27.34 13.78
C LEU B 303 -9.74 -26.40 14.98
N LYS B 304 -8.65 -26.35 15.75
CA LYS B 304 -8.64 -25.64 17.02
C LYS B 304 -9.72 -26.19 17.95
N SER B 305 -9.86 -27.51 17.96
CA SER B 305 -10.88 -28.19 18.74
C SER B 305 -10.27 -29.42 19.41
N PHE B 306 -10.69 -29.67 20.65
CA PHE B 306 -10.24 -30.83 21.40
C PHE B 306 -11.02 -32.09 21.04
N THR B 307 -12.27 -31.93 20.63
CA THR B 307 -13.13 -33.04 20.21
C THR B 307 -13.34 -32.96 18.71
N VAL B 308 -13.52 -34.13 18.09
CA VAL B 308 -13.63 -34.24 16.64
C VAL B 308 -14.81 -35.14 16.31
N GLU B 309 -15.59 -34.74 15.30
CA GLU B 309 -16.69 -35.53 14.79
C GLU B 309 -16.22 -36.41 13.64
N LYS B 310 -17.09 -37.33 13.25
CA LYS B 310 -16.78 -38.25 12.15
C LYS B 310 -16.63 -37.48 10.85
N GLY B 311 -15.65 -37.87 10.05
CA GLY B 311 -15.43 -37.26 8.76
C GLY B 311 -13.98 -37.41 8.33
N ILE B 312 -13.65 -36.66 7.28
CA ILE B 312 -12.31 -36.62 6.72
C ILE B 312 -11.88 -35.16 6.68
N TYR B 313 -10.60 -34.91 7.00
CA TYR B 313 -10.09 -33.56 7.18
C TYR B 313 -8.71 -33.44 6.56
N GLN B 314 -8.43 -32.27 6.00
CA GLN B 314 -7.09 -31.94 5.52
C GLN B 314 -6.32 -31.25 6.64
N THR B 315 -5.18 -31.82 7.01
CA THR B 315 -4.37 -31.32 8.11
C THR B 315 -3.10 -30.63 7.64
N SER B 316 -2.38 -31.25 6.71
CA SER B 316 -1.10 -30.71 6.25
C SER B 316 -0.86 -31.20 4.83
N ASN B 317 0.37 -31.03 4.36
CA ASN B 317 0.78 -31.45 3.03
C ASN B 317 2.07 -32.25 3.12
N PHE B 318 2.21 -33.20 2.20
CA PHE B 318 3.36 -34.10 2.20
C PHE B 318 4.52 -33.48 1.46
N ARG B 319 5.73 -33.70 1.98
CA ARG B 319 6.96 -33.15 1.43
C ARG B 319 7.99 -34.25 1.32
N VAL B 320 8.60 -34.37 0.14
CA VAL B 320 9.74 -35.26 -0.07
C VAL B 320 11.00 -34.43 0.08
N GLN B 321 11.56 -34.42 1.29
CA GLN B 321 12.69 -33.56 1.57
C GLN B 321 13.90 -34.01 0.76
N PRO B 322 14.64 -33.09 0.13
CA PRO B 322 15.77 -33.52 -0.72
C PRO B 322 16.90 -34.11 0.11
N THR B 323 17.54 -35.13 -0.45
CA THR B 323 18.63 -35.81 0.23
C THR B 323 19.93 -35.01 0.14
N GLU B 324 20.41 -34.77 -1.07
CA GLU B 324 21.68 -34.12 -1.33
C GLU B 324 21.44 -32.80 -2.06
N SER B 325 22.53 -32.18 -2.50
CA SER B 325 22.48 -30.92 -3.23
C SER B 325 23.58 -30.89 -4.26
N ILE B 326 23.20 -30.78 -5.53
CA ILE B 326 24.14 -30.79 -6.65
C ILE B 326 24.65 -29.37 -6.86
N VAL B 327 25.94 -29.26 -7.17
CA VAL B 327 26.57 -27.98 -7.50
C VAL B 327 27.52 -28.24 -8.67
N ARG B 328 27.28 -27.58 -9.80
CA ARG B 328 28.04 -27.79 -11.01
C ARG B 328 28.51 -26.45 -11.55
N PHE B 329 29.78 -26.40 -11.94
CA PHE B 329 30.38 -25.22 -12.55
C PHE B 329 31.33 -25.66 -13.65
N PRO B 330 31.63 -24.79 -14.61
CA PRO B 330 32.59 -25.16 -15.66
C PRO B 330 34.00 -25.27 -15.11
N ASN B 331 34.88 -25.78 -15.96
CA ASN B 331 36.28 -25.99 -15.61
C ASN B 331 37.14 -24.80 -16.04
N ILE B 332 36.75 -23.61 -15.56
CA ILE B 332 37.44 -22.37 -15.86
C ILE B 332 38.34 -22.04 -14.67
N THR B 333 39.64 -21.86 -14.96
CA THR B 333 40.64 -21.56 -13.95
C THR B 333 41.25 -20.17 -14.08
N ASN B 334 40.95 -19.45 -15.17
CA ASN B 334 41.52 -18.13 -15.37
C ASN B 334 40.99 -17.17 -14.31
N LEU B 335 41.91 -16.51 -13.61
CA LEU B 335 41.54 -15.47 -12.66
C LEU B 335 41.32 -14.16 -13.40
N CYS B 336 40.24 -13.47 -13.05
CA CYS B 336 39.81 -12.32 -13.82
C CYS B 336 40.82 -11.17 -13.68
N PRO B 337 40.85 -10.25 -14.66
CA PRO B 337 41.80 -9.11 -14.57
C PRO B 337 41.21 -7.93 -13.79
N PHE B 338 41.06 -8.11 -12.48
CA PHE B 338 40.63 -7.02 -11.61
C PHE B 338 41.79 -6.15 -11.17
N GLY B 339 42.96 -6.75 -10.96
CA GLY B 339 44.13 -5.95 -10.65
C GLY B 339 44.53 -5.02 -11.77
N GLU B 340 44.17 -5.36 -13.00
CA GLU B 340 44.46 -4.50 -14.14
C GLU B 340 43.75 -3.16 -14.06
N VAL B 341 42.61 -3.10 -13.37
CA VAL B 341 41.84 -1.86 -13.21
C VAL B 341 42.01 -1.28 -11.82
N PHE B 342 42.00 -2.12 -10.79
CA PHE B 342 42.11 -1.60 -9.42
C PHE B 342 43.51 -1.09 -9.13
N ASN B 343 44.53 -1.88 -9.48
CA ASN B 343 45.92 -1.51 -9.27
C ASN B 343 46.53 -0.83 -10.49
N ALA B 344 45.71 -0.24 -11.35
CA ALA B 344 46.20 0.37 -12.58
C ALA B 344 46.99 1.63 -12.27
N THR B 345 48.07 1.84 -13.03
CA THR B 345 48.89 3.04 -12.84
C THR B 345 48.13 4.31 -13.20
N ARG B 346 47.24 4.24 -14.20
CA ARG B 346 46.55 5.42 -14.72
C ARG B 346 45.09 5.09 -14.95
N PHE B 347 44.22 6.04 -14.58
CA PHE B 347 42.80 5.99 -14.88
C PHE B 347 42.45 7.04 -15.92
N ALA B 348 41.24 6.92 -16.46
CA ALA B 348 40.70 7.91 -17.37
C ALA B 348 39.93 8.97 -16.59
N SER B 349 39.29 9.87 -17.32
CA SER B 349 38.44 10.89 -16.75
C SER B 349 36.98 10.50 -16.89
N VAL B 350 36.11 11.27 -16.23
CA VAL B 350 34.67 11.10 -16.42
C VAL B 350 34.26 11.57 -17.80
N TYR B 351 35.05 12.44 -18.43
CA TYR B 351 34.79 12.87 -19.80
C TYR B 351 34.77 11.68 -20.74
N ALA B 352 35.60 10.67 -20.48
CA ALA B 352 35.57 9.42 -21.25
C ALA B 352 36.10 8.32 -20.34
N TRP B 353 35.20 7.52 -19.79
CA TRP B 353 35.58 6.52 -18.81
C TRP B 353 36.00 5.23 -19.49
N ASN B 354 36.87 4.47 -18.81
CA ASN B 354 37.42 3.23 -19.33
C ASN B 354 36.51 2.07 -18.97
N ARG B 355 35.82 1.53 -19.97
CA ARG B 355 34.96 0.36 -19.79
C ARG B 355 35.76 -0.89 -20.16
N LYS B 356 36.39 -1.50 -19.17
CA LYS B 356 37.18 -2.70 -19.36
C LYS B 356 36.30 -3.93 -19.15
N ARG B 357 36.12 -4.71 -20.20
CA ARG B 357 35.27 -5.89 -20.13
C ARG B 357 36.02 -7.06 -19.51
N ILE B 358 35.27 -7.92 -18.83
CA ILE B 358 35.80 -9.13 -18.20
C ILE B 358 34.89 -10.28 -18.59
N SER B 359 35.48 -11.46 -18.81
CA SER B 359 34.73 -12.63 -19.21
C SER B 359 35.65 -13.84 -19.22
N ASN B 360 35.04 -15.01 -19.12
CA ASN B 360 35.74 -16.30 -19.15
C ASN B 360 36.85 -16.34 -18.12
N CYS B 361 36.46 -16.26 -16.85
CA CYS B 361 37.42 -16.23 -15.76
C CYS B 361 36.68 -16.47 -14.46
N VAL B 362 37.45 -16.60 -13.38
CA VAL B 362 36.92 -16.81 -12.03
C VAL B 362 37.06 -15.51 -11.25
N ALA B 363 35.92 -14.92 -10.89
CA ALA B 363 35.89 -13.62 -10.24
C ALA B 363 35.88 -13.82 -8.73
N ASP B 364 37.06 -13.76 -8.13
CA ASP B 364 37.22 -13.89 -6.68
C ASP B 364 37.09 -12.51 -6.05
N TYR B 365 35.89 -12.16 -5.65
CA TYR B 365 35.61 -10.86 -5.05
C TYR B 365 36.05 -10.77 -3.58
N SER B 366 36.58 -11.85 -3.02
CA SER B 366 36.94 -11.84 -1.60
C SER B 366 38.05 -10.84 -1.32
N VAL B 367 39.02 -10.70 -2.22
CA VAL B 367 40.13 -9.78 -2.02
C VAL B 367 39.78 -8.34 -2.32
N LEU B 368 38.53 -8.05 -2.71
CA LEU B 368 38.07 -6.69 -2.98
C LEU B 368 37.19 -6.12 -1.88
N TYR B 369 36.24 -6.91 -1.37
CA TYR B 369 35.35 -6.43 -0.32
C TYR B 369 35.98 -6.57 1.06
N ASN B 370 36.75 -7.63 1.28
CA ASN B 370 37.41 -7.86 2.56
C ASN B 370 38.73 -7.10 2.70
N SER B 371 39.21 -6.46 1.63
CA SER B 371 40.46 -5.72 1.69
C SER B 371 40.24 -4.37 2.37
N ALA B 372 41.21 -3.98 3.20
CA ALA B 372 41.12 -2.73 3.96
C ALA B 372 41.85 -1.61 3.22
N SER B 373 41.38 -1.36 1.99
CA SER B 373 41.94 -0.31 1.15
C SER B 373 40.89 0.50 0.39
N PHE B 374 39.60 0.19 0.53
CA PHE B 374 38.53 0.90 -0.16
C PHE B 374 37.67 1.63 0.85
N SER B 375 37.54 2.94 0.69
CA SER B 375 36.74 3.75 1.59
C SER B 375 35.24 3.67 1.28
N THR B 376 34.83 2.87 0.30
CA THR B 376 33.41 2.75 -0.03
C THR B 376 33.21 1.46 -0.82
N PHE B 377 32.15 0.73 -0.47
CA PHE B 377 31.79 -0.50 -1.17
C PHE B 377 30.28 -0.63 -1.07
N LYS B 378 29.58 -0.20 -2.11
CA LYS B 378 28.13 -0.07 -2.10
C LYS B 378 27.53 -0.93 -3.21
N CYS B 379 26.97 -2.07 -2.84
CA CYS B 379 26.31 -2.96 -3.77
C CYS B 379 24.82 -2.66 -3.77
N TYR B 380 24.33 -2.10 -4.89
CA TYR B 380 22.97 -1.57 -4.97
C TYR B 380 21.93 -2.66 -5.19
N GLY B 381 22.00 -3.35 -6.33
CA GLY B 381 21.01 -4.35 -6.68
C GLY B 381 21.44 -5.76 -6.35
N VAL B 382 22.37 -5.91 -5.40
CA VAL B 382 22.91 -7.21 -5.05
C VAL B 382 23.51 -7.09 -3.66
N SER B 383 23.71 -8.24 -3.01
CA SER B 383 24.38 -8.29 -1.73
C SER B 383 25.89 -8.38 -1.94
N PRO B 384 26.71 -7.68 -1.13
CA PRO B 384 28.15 -7.72 -1.38
C PRO B 384 28.80 -9.06 -1.08
N THR B 385 28.20 -9.86 -0.20
CA THR B 385 28.78 -11.14 0.17
C THR B 385 28.32 -12.28 -0.73
N LYS B 386 27.13 -12.17 -1.31
CA LYS B 386 26.60 -13.22 -2.18
C LYS B 386 27.32 -13.30 -3.52
N LEU B 387 28.16 -12.32 -3.86
CA LEU B 387 28.78 -12.28 -5.18
C LEU B 387 29.71 -13.46 -5.41
N ASN B 388 30.38 -13.94 -4.36
CA ASN B 388 31.35 -15.02 -4.52
C ASN B 388 30.71 -16.34 -4.89
N ASP B 389 29.39 -16.49 -4.70
CA ASP B 389 28.68 -17.73 -5.02
C ASP B 389 27.84 -17.65 -6.28
N LEU B 390 27.84 -16.51 -6.97
CA LEU B 390 27.03 -16.32 -8.18
C LEU B 390 27.87 -16.58 -9.43
N CYS B 391 27.20 -16.56 -10.58
CA CYS B 391 27.84 -16.74 -11.88
C CYS B 391 27.16 -15.80 -12.87
N PHE B 392 27.90 -14.81 -13.36
CA PHE B 392 27.37 -13.77 -14.22
C PHE B 392 27.80 -13.99 -15.66
N THR B 393 27.23 -13.18 -16.55
CA THR B 393 27.47 -13.30 -17.99
C THR B 393 28.58 -12.36 -18.45
N ASN B 394 28.41 -11.06 -18.23
CA ASN B 394 29.37 -10.06 -18.66
C ASN B 394 29.53 -9.03 -17.55
N VAL B 395 30.79 -8.69 -17.26
CA VAL B 395 31.14 -7.74 -16.20
C VAL B 395 31.86 -6.58 -16.87
N TYR B 396 31.10 -5.54 -17.24
CA TYR B 396 31.66 -4.32 -17.79
C TYR B 396 32.06 -3.41 -16.63
N ALA B 397 33.34 -3.08 -16.55
CA ALA B 397 33.90 -2.33 -15.43
C ALA B 397 34.30 -0.94 -15.92
N ASP B 398 33.53 0.08 -15.51
CA ASP B 398 33.84 1.47 -15.82
C ASP B 398 34.82 2.00 -14.79
N SER B 399 35.73 2.88 -15.24
CA SER B 399 36.79 3.42 -14.41
C SER B 399 36.92 4.91 -14.66
N PHE B 400 37.04 5.68 -13.59
CA PHE B 400 37.21 7.13 -13.66
C PHE B 400 37.52 7.64 -12.26
N VAL B 401 37.77 8.95 -12.16
CA VAL B 401 38.14 9.59 -10.91
C VAL B 401 37.26 10.82 -10.71
N ILE B 402 36.89 11.07 -9.46
CA ILE B 402 36.01 12.19 -9.09
C ILE B 402 36.40 12.69 -7.71
N ARG B 403 35.81 13.83 -7.33
CA ARG B 403 36.01 14.41 -6.02
C ARG B 403 35.15 13.69 -4.98
N GLY B 404 35.41 14.00 -3.71
CA GLY B 404 34.64 13.42 -2.63
C GLY B 404 33.18 13.83 -2.65
N ASP B 405 32.94 15.12 -2.88
CA ASP B 405 31.57 15.63 -2.92
C ASP B 405 30.76 15.07 -4.09
N GLU B 406 31.41 14.50 -5.09
CA GLU B 406 30.73 13.95 -6.26
C GLU B 406 30.47 12.45 -6.14
N VAL B 407 31.03 11.78 -5.13
CA VAL B 407 30.77 10.35 -4.96
C VAL B 407 29.30 10.10 -4.69
N ARG B 408 28.62 11.05 -4.04
CA ARG B 408 27.18 10.93 -3.83
C ARG B 408 26.44 10.82 -5.16
N GLN B 409 26.91 11.54 -6.18
CA GLN B 409 26.25 11.51 -7.49
C GLN B 409 26.40 10.16 -8.18
N ILE B 410 27.35 9.35 -7.77
CA ILE B 410 27.53 8.01 -8.36
C ILE B 410 26.63 7.08 -7.57
N ALA B 411 25.36 7.04 -7.98
CA ALA B 411 24.37 6.18 -7.35
C ALA B 411 23.15 6.11 -8.27
N PRO B 412 22.37 5.03 -8.22
CA PRO B 412 21.25 4.91 -9.17
C PRO B 412 20.13 5.88 -8.86
N GLY B 413 19.74 6.65 -9.89
CA GLY B 413 18.66 7.61 -9.75
C GLY B 413 19.04 8.93 -9.14
N GLN B 414 20.30 9.13 -8.77
CA GLN B 414 20.73 10.37 -8.14
C GLN B 414 20.92 11.47 -9.18
N THR B 415 20.52 12.68 -8.82
CA THR B 415 20.71 13.86 -9.65
C THR B 415 22.00 14.57 -9.26
N GLY B 416 22.60 15.24 -10.23
CA GLY B 416 23.84 15.93 -10.01
C GLY B 416 24.55 16.21 -11.32
N LYS B 417 25.74 16.80 -11.20
CA LYS B 417 26.51 17.15 -12.39
C LYS B 417 27.10 15.92 -13.05
N ILE B 418 27.70 15.03 -12.27
CA ILE B 418 28.31 13.83 -12.83
C ILE B 418 27.23 12.89 -13.36
N ALA B 419 26.05 12.89 -12.74
CA ALA B 419 25.00 11.95 -13.11
C ALA B 419 24.15 12.44 -14.28
N ASP B 420 24.26 13.71 -14.66
CA ASP B 420 23.44 14.30 -15.71
C ASP B 420 24.23 14.75 -16.93
N TYR B 421 25.56 14.90 -16.82
CA TYR B 421 26.37 15.48 -17.87
C TYR B 421 27.55 14.60 -18.26
N ASN B 422 28.11 13.86 -17.29
CA ASN B 422 29.36 13.14 -17.48
C ASN B 422 29.15 11.63 -17.50
N TYR B 423 28.58 11.05 -16.45
CA TYR B 423 28.47 9.61 -16.32
C TYR B 423 27.17 9.29 -15.59
N LYS B 424 26.17 8.84 -16.33
CA LYS B 424 24.84 8.58 -15.79
C LYS B 424 24.65 7.08 -15.58
N LEU B 425 23.94 6.73 -14.50
CA LEU B 425 23.56 5.36 -14.19
C LEU B 425 22.08 5.16 -14.47
N PRO B 426 21.63 3.93 -14.71
CA PRO B 426 20.20 3.69 -14.91
C PRO B 426 19.48 3.48 -13.58
N ASP B 427 18.18 3.78 -13.60
CA ASP B 427 17.37 3.59 -12.41
C ASP B 427 17.25 2.12 -12.05
N ASP B 428 17.34 1.23 -13.03
CA ASP B 428 17.30 -0.22 -12.82
C ASP B 428 18.69 -0.82 -12.73
N PHE B 429 19.65 -0.06 -12.22
CA PHE B 429 21.04 -0.52 -12.15
C PHE B 429 21.15 -1.75 -11.25
N THR B 430 22.04 -2.66 -11.65
CA THR B 430 22.33 -3.88 -10.89
C THR B 430 23.85 -4.06 -10.87
N GLY B 431 24.48 -3.63 -9.79
CA GLY B 431 25.92 -3.76 -9.67
C GLY B 431 26.40 -3.15 -8.37
N CYS B 432 27.72 -3.01 -8.28
CA CYS B 432 28.38 -2.46 -7.10
C CYS B 432 29.30 -1.33 -7.52
N VAL B 433 29.67 -0.50 -6.54
CA VAL B 433 30.50 0.68 -6.76
C VAL B 433 31.55 0.71 -5.66
N ILE B 434 32.81 0.90 -6.05
CA ILE B 434 33.93 1.00 -5.13
C ILE B 434 34.65 2.31 -5.40
N ALA B 435 35.17 2.92 -4.35
CA ALA B 435 35.89 4.18 -4.44
C ALA B 435 37.03 4.17 -3.45
N TRP B 436 38.14 4.80 -3.84
CA TRP B 436 39.33 4.85 -3.00
C TRP B 436 40.09 6.13 -3.30
N ASN B 437 40.47 6.86 -2.25
CA ASN B 437 41.19 8.11 -2.42
C ASN B 437 42.62 7.83 -2.84
N SER B 438 43.03 8.45 -3.95
CA SER B 438 44.37 8.30 -4.51
C SER B 438 45.07 9.66 -4.57
N ASN B 439 44.98 10.42 -3.48
CA ASN B 439 45.63 11.73 -3.40
C ASN B 439 47.15 11.63 -3.55
N ASN B 440 47.73 10.45 -3.35
CA ASN B 440 49.17 10.26 -3.52
C ASN B 440 49.57 9.93 -4.95
N LEU B 441 48.61 9.54 -5.80
CA LEU B 441 48.90 9.10 -7.17
C LEU B 441 48.34 10.04 -8.22
N ASP B 442 47.04 10.31 -8.22
CA ASP B 442 46.41 11.13 -9.25
C ASP B 442 46.54 12.63 -8.98
N SER B 443 46.86 13.03 -7.76
CA SER B 443 46.98 14.44 -7.45
C SER B 443 48.17 15.05 -8.18
N LYS B 444 48.30 16.37 -8.06
CA LYS B 444 49.39 17.10 -8.71
C LYS B 444 49.49 18.47 -8.09
N VAL B 445 50.73 18.94 -7.87
CA VAL B 445 50.95 20.20 -7.17
C VAL B 445 50.31 21.35 -7.92
N GLY B 446 50.60 21.47 -9.22
CA GLY B 446 50.09 22.53 -10.04
C GLY B 446 48.73 22.27 -10.68
N GLY B 447 47.99 21.28 -10.19
CA GLY B 447 46.70 20.95 -10.75
C GLY B 447 46.80 19.97 -11.91
N ASN B 448 46.07 18.86 -11.82
CA ASN B 448 46.10 17.84 -12.85
C ASN B 448 45.14 18.22 -13.96
N TYR B 449 45.68 18.50 -15.15
CA TYR B 449 44.85 18.78 -16.31
C TYR B 449 44.24 17.52 -16.91
N ASN B 450 44.82 16.35 -16.64
CA ASN B 450 44.37 15.12 -17.29
C ASN B 450 42.97 14.70 -16.86
N TYR B 451 42.62 14.89 -15.59
CA TYR B 451 41.32 14.50 -15.05
C TYR B 451 40.42 15.73 -15.07
N ARG B 452 39.39 15.67 -15.90
CA ARG B 452 38.51 16.81 -16.17
C ARG B 452 37.05 16.38 -16.00
N TYR B 453 36.16 17.33 -16.23
CA TYR B 453 34.73 17.09 -16.17
C TYR B 453 34.02 18.06 -17.10
N ARG B 454 32.74 17.75 -17.36
CA ARG B 454 31.88 18.61 -18.16
C ARG B 454 31.17 19.61 -17.25
N LEU B 455 31.04 20.85 -17.73
CA LEU B 455 30.38 21.92 -17.01
C LEU B 455 29.08 22.38 -17.65
N PHE B 456 28.96 22.30 -18.98
CA PHE B 456 27.78 22.72 -19.70
C PHE B 456 27.40 21.64 -20.70
N ARG B 457 26.15 21.72 -21.18
CA ARG B 457 25.66 20.76 -22.15
C ARG B 457 24.37 21.30 -22.74
N LYS B 458 24.08 20.85 -23.97
CA LYS B 458 22.87 21.29 -24.67
C LYS B 458 21.64 20.49 -24.28
N SER B 459 21.78 19.41 -23.51
CA SER B 459 20.65 18.58 -23.10
C SER B 459 21.14 17.66 -21.99
N ASN B 460 20.30 16.71 -21.60
CA ASN B 460 20.64 15.76 -20.56
C ASN B 460 21.33 14.54 -21.15
N LEU B 461 22.31 14.03 -20.41
CA LEU B 461 23.04 12.85 -20.85
C LEU B 461 22.23 11.59 -20.58
N LYS B 462 22.43 10.60 -21.44
CA LYS B 462 21.74 9.32 -21.34
C LYS B 462 22.56 8.35 -20.50
N PRO B 463 21.98 7.22 -20.08
CA PRO B 463 22.76 6.27 -19.29
C PRO B 463 23.84 5.60 -20.12
N PHE B 464 25.07 5.62 -19.61
CA PHE B 464 26.21 4.97 -20.25
C PHE B 464 26.44 5.52 -21.65
N GLU B 465 26.46 6.85 -21.77
CA GLU B 465 26.69 7.54 -23.03
C GLU B 465 27.93 8.42 -22.88
N ARG B 466 29.02 8.02 -23.51
CA ARG B 466 30.24 8.81 -23.50
C ARG B 466 30.08 10.04 -24.38
N ASP B 467 30.73 11.12 -23.98
CA ASP B 467 30.72 12.37 -24.73
C ASP B 467 32.10 12.98 -24.64
N ILE B 468 32.70 13.27 -25.80
CA ILE B 468 34.02 13.87 -25.89
C ILE B 468 34.01 15.09 -26.80
N SER B 469 32.84 15.68 -27.02
CA SER B 469 32.76 16.88 -27.85
C SER B 469 33.25 18.09 -27.07
N THR B 470 34.38 18.64 -27.50
CA THR B 470 34.95 19.85 -26.90
C THR B 470 34.44 21.12 -27.57
N GLU B 471 33.26 21.06 -28.18
CA GLU B 471 32.71 22.22 -28.87
C GLU B 471 32.33 23.29 -27.86
N ILE B 472 32.51 24.54 -28.26
CA ILE B 472 32.16 25.66 -27.38
C ILE B 472 30.65 25.72 -27.23
N TYR B 473 30.18 25.59 -25.99
CA TYR B 473 28.75 25.55 -25.72
C TYR B 473 28.13 26.91 -26.00
N GLN B 474 27.02 26.91 -26.73
CA GLN B 474 26.26 28.13 -26.99
C GLN B 474 25.11 28.24 -26.00
N ALA B 475 24.86 29.45 -25.51
CA ALA B 475 23.80 29.74 -24.55
C ALA B 475 22.89 30.86 -25.00
N GLY B 476 23.41 31.87 -25.68
CA GLY B 476 22.62 32.97 -26.20
C GLY B 476 22.16 32.72 -27.62
N SER B 477 21.90 33.82 -28.33
CA SER B 477 21.48 33.76 -29.73
C SER B 477 22.64 33.92 -30.70
N LYS B 478 23.66 34.66 -30.33
CA LYS B 478 24.77 34.92 -31.25
C LYS B 478 25.58 33.63 -31.44
N PRO B 479 26.06 33.33 -32.65
CA PRO B 479 26.87 32.13 -32.83
C PRO B 479 28.20 32.22 -32.07
N CYS B 480 28.72 31.05 -31.70
CA CYS B 480 30.03 30.98 -31.06
C CYS B 480 31.15 30.90 -32.10
N ASN B 481 30.99 30.06 -33.10
CA ASN B 481 31.97 29.93 -34.20
C ASN B 481 33.32 29.45 -33.67
N GLY B 482 33.33 28.72 -32.57
CA GLY B 482 34.53 28.11 -32.06
C GLY B 482 35.35 28.97 -31.11
N VAL B 483 34.72 29.89 -30.39
CA VAL B 483 35.40 30.74 -29.42
C VAL B 483 34.44 31.10 -28.31
N GLU B 484 34.99 31.27 -27.10
CA GLU B 484 34.22 31.79 -25.99
C GLU B 484 34.02 33.30 -26.16
N GLY B 485 33.07 33.84 -25.40
CA GLY B 485 32.75 35.25 -25.48
C GLY B 485 31.35 35.59 -25.00
N PHE B 486 30.61 36.31 -25.83
CA PHE B 486 29.26 36.75 -25.49
C PHE B 486 28.32 35.56 -25.52
N ASN B 487 28.01 35.03 -24.34
CA ASN B 487 27.09 33.89 -24.20
C ASN B 487 27.59 32.66 -24.95
N CYS B 488 28.86 32.35 -24.77
CA CYS B 488 29.46 31.13 -25.32
C CYS B 488 30.51 30.64 -24.34
N TYR B 489 30.49 29.34 -24.05
CA TYR B 489 31.25 28.76 -22.96
C TYR B 489 31.88 27.45 -23.40
N PHE B 490 33.07 27.18 -22.86
CA PHE B 490 33.78 25.93 -23.14
C PHE B 490 33.39 24.91 -22.07
N PRO B 491 32.63 23.86 -22.40
CA PRO B 491 32.04 23.02 -21.33
C PRO B 491 33.05 22.21 -20.53
N LEU B 492 34.27 22.04 -21.02
CA LEU B 492 35.26 21.16 -20.39
C LEU B 492 36.12 21.96 -19.42
N GLN B 493 36.15 21.53 -18.16
CA GLN B 493 36.96 22.15 -17.13
C GLN B 493 37.69 21.07 -16.34
N SER B 494 38.80 21.47 -15.71
CA SER B 494 39.69 20.55 -15.03
C SER B 494 39.39 20.49 -13.53
N TYR B 495 39.93 19.46 -12.89
CA TYR B 495 39.79 19.26 -11.46
C TYR B 495 41.00 19.82 -10.72
N GLY B 496 40.77 20.21 -9.47
CA GLY B 496 41.83 20.67 -8.59
C GLY B 496 42.37 19.57 -7.68
N PHE B 497 42.88 18.49 -8.26
CA PHE B 497 43.49 17.41 -7.49
C PHE B 497 44.90 17.82 -7.12
N GLN B 498 45.07 18.30 -5.88
CA GLN B 498 46.36 18.67 -5.32
C GLN B 498 46.55 18.03 -3.95
N PRO B 499 47.79 17.92 -3.46
CA PRO B 499 47.99 17.29 -2.15
C PRO B 499 47.55 18.16 -0.96
N THR B 500 47.09 19.39 -1.20
CA THR B 500 46.77 20.33 -0.14
C THR B 500 45.28 20.60 0.00
N ASN B 501 44.44 20.17 -0.93
CA ASN B 501 43.03 20.45 -0.86
C ASN B 501 42.34 19.52 0.14
N GLY B 502 41.02 19.64 0.23
CA GLY B 502 40.24 18.84 1.16
C GLY B 502 39.78 17.53 0.56
N VAL B 503 39.26 16.66 1.43
CA VAL B 503 38.74 15.37 0.98
C VAL B 503 37.54 15.53 0.07
N GLY B 504 36.85 16.67 0.15
CA GLY B 504 35.79 16.97 -0.80
C GLY B 504 36.26 17.36 -2.19
N TYR B 505 37.58 17.40 -2.42
CA TYR B 505 38.13 17.70 -3.73
C TYR B 505 39.25 16.77 -4.16
N GLN B 506 39.74 15.90 -3.28
CA GLN B 506 40.84 15.02 -3.62
C GLN B 506 40.37 13.95 -4.60
N PRO B 507 41.29 13.34 -5.34
CA PRO B 507 40.88 12.33 -6.32
C PRO B 507 40.49 11.01 -5.67
N TYR B 508 39.36 10.46 -6.13
CA TYR B 508 38.84 9.19 -5.65
C TYR B 508 38.78 8.22 -6.82
N ARG B 509 39.56 7.15 -6.75
CA ARG B 509 39.62 6.15 -7.80
C ARG B 509 38.33 5.33 -7.76
N VAL B 510 37.41 5.65 -8.67
CA VAL B 510 36.10 4.99 -8.74
C VAL B 510 36.20 3.82 -9.71
N VAL B 511 35.52 2.72 -9.37
CA VAL B 511 35.45 1.53 -10.22
C VAL B 511 34.03 1.00 -10.12
N VAL B 512 33.25 1.20 -11.18
CA VAL B 512 31.85 0.80 -11.22
C VAL B 512 31.76 -0.57 -11.89
N LEU B 513 31.31 -1.57 -11.13
CA LEU B 513 31.15 -2.93 -11.62
C LEU B 513 29.66 -3.17 -11.89
N SER B 514 29.32 -3.36 -13.16
CA SER B 514 27.98 -3.75 -13.59
C SER B 514 28.00 -5.12 -14.24
N PHE B 515 26.91 -5.85 -14.09
CA PHE B 515 26.77 -7.14 -14.73
C PHE B 515 25.30 -7.53 -14.80
N GLU B 516 25.00 -8.41 -15.76
CA GLU B 516 23.69 -9.01 -15.95
C GLU B 516 23.69 -10.40 -15.36
N LEU B 517 22.55 -10.80 -14.79
CA LEU B 517 22.43 -12.05 -14.05
C LEU B 517 21.21 -12.80 -14.56
N LEU B 518 21.41 -14.07 -14.93
CA LEU B 518 20.36 -14.88 -15.55
C LEU B 518 19.78 -14.17 -16.77
N HIS B 519 20.67 -13.80 -17.69
CA HIS B 519 20.32 -13.15 -18.94
C HIS B 519 20.94 -13.82 -20.15
N ALA B 520 21.95 -14.68 -19.96
CA ALA B 520 22.64 -15.36 -21.05
C ALA B 520 23.44 -16.50 -20.44
N PRO B 521 24.06 -17.37 -21.25
CA PRO B 521 24.92 -18.41 -20.66
C PRO B 521 26.09 -17.80 -19.91
N ALA B 522 26.54 -18.50 -18.87
CA ALA B 522 27.51 -17.94 -17.94
C ALA B 522 28.90 -17.90 -18.57
N THR B 523 29.66 -16.88 -18.18
CA THR B 523 31.05 -16.73 -18.59
C THR B 523 31.94 -16.59 -17.36
N VAL B 524 31.46 -15.85 -16.36
CA VAL B 524 32.20 -15.58 -15.14
C VAL B 524 31.58 -16.39 -14.01
N CYS B 525 32.40 -16.78 -13.05
CA CYS B 525 31.95 -17.54 -11.88
C CYS B 525 32.87 -17.22 -10.72
N GLY B 526 32.52 -17.72 -9.54
CA GLY B 526 33.24 -17.43 -8.32
C GLY B 526 34.09 -18.60 -7.86
N PRO B 527 34.85 -18.39 -6.77
CA PRO B 527 35.71 -19.46 -6.25
C PRO B 527 34.90 -20.53 -5.55
N LYS B 528 34.32 -21.44 -6.33
CA LYS B 528 33.47 -22.52 -5.84
C LYS B 528 34.09 -23.86 -6.19
N LYS B 529 33.42 -24.93 -5.75
CA LYS B 529 33.84 -26.30 -6.01
C LYS B 529 32.64 -27.12 -6.45
N SER B 530 32.64 -27.54 -7.71
CA SER B 530 31.58 -28.35 -8.27
C SER B 530 31.66 -29.76 -7.69
N THR B 531 30.77 -30.64 -8.17
CA THR B 531 30.70 -32.00 -7.66
C THR B 531 30.01 -32.86 -8.71
N ASN B 532 29.69 -34.10 -8.33
CA ASN B 532 29.12 -35.07 -9.25
C ASN B 532 27.62 -34.85 -9.40
N LEU B 533 27.02 -35.65 -10.28
CA LEU B 533 25.59 -35.58 -10.58
C LEU B 533 24.88 -36.79 -9.99
N VAL B 534 23.57 -36.61 -9.78
CA VAL B 534 22.73 -37.63 -9.16
C VAL B 534 21.41 -37.68 -9.93
N LYS B 535 20.78 -38.85 -9.93
CA LYS B 535 19.51 -39.04 -10.63
C LYS B 535 18.57 -39.85 -9.75
N ASN B 536 17.27 -39.74 -10.06
CA ASN B 536 16.21 -40.44 -9.36
C ASN B 536 16.22 -40.16 -7.86
N LYS B 537 16.63 -38.94 -7.49
CA LYS B 537 16.70 -38.53 -6.10
C LYS B 537 16.43 -37.04 -6.01
N CYS B 538 15.56 -36.66 -5.08
CA CYS B 538 15.27 -35.25 -4.86
C CYS B 538 16.50 -34.58 -4.27
N VAL B 539 17.05 -33.59 -4.99
CA VAL B 539 18.24 -32.89 -4.58
C VAL B 539 18.09 -31.42 -4.93
N ASN B 540 18.71 -30.57 -4.10
CA ASN B 540 18.70 -29.12 -4.31
C ASN B 540 19.76 -28.80 -5.35
N PHE B 541 19.40 -28.91 -6.62
CA PHE B 541 20.35 -28.71 -7.70
C PHE B 541 20.63 -27.22 -7.89
N ASN B 542 21.91 -26.90 -8.13
CA ASN B 542 22.35 -25.55 -8.47
C ASN B 542 23.19 -25.69 -9.73
N PHE B 543 22.54 -25.69 -10.89
CA PHE B 543 23.21 -25.89 -12.16
C PHE B 543 23.71 -24.55 -12.67
N ASN B 544 24.86 -24.14 -12.16
CA ASN B 544 25.55 -22.94 -12.63
C ASN B 544 24.71 -21.69 -12.39
N GLY B 545 23.90 -21.71 -11.34
CA GLY B 545 22.96 -20.65 -11.03
C GLY B 545 21.52 -20.98 -11.33
N LEU B 546 21.26 -22.04 -12.12
CA LEU B 546 19.90 -22.48 -12.40
C LEU B 546 19.35 -23.23 -11.18
N THR B 547 19.11 -22.47 -10.12
CA THR B 547 18.74 -23.04 -8.84
C THR B 547 17.33 -23.62 -8.89
N GLY B 548 16.98 -24.36 -7.86
CA GLY B 548 15.72 -25.06 -7.78
C GLY B 548 15.90 -26.36 -7.04
N THR B 549 14.88 -27.21 -7.15
CA THR B 549 14.90 -28.52 -6.52
C THR B 549 13.96 -29.45 -7.27
N GLY B 550 14.36 -30.71 -7.35
CA GLY B 550 13.59 -31.68 -8.10
C GLY B 550 14.37 -32.96 -8.27
N VAL B 551 13.71 -33.94 -8.90
CA VAL B 551 14.30 -35.23 -9.18
C VAL B 551 14.78 -35.20 -10.63
N LEU B 552 16.09 -35.25 -10.82
CA LEU B 552 16.68 -35.19 -12.15
C LEU B 552 16.72 -36.59 -12.75
N THR B 553 16.41 -36.67 -14.05
CA THR B 553 16.42 -37.93 -14.77
C THR B 553 16.89 -37.67 -16.19
N GLU B 554 17.28 -38.76 -16.87
CA GLU B 554 17.78 -38.65 -18.23
C GLU B 554 16.70 -38.13 -19.17
N SER B 555 17.04 -37.10 -19.94
CA SER B 555 16.10 -36.50 -20.87
C SER B 555 16.04 -37.28 -22.16
N ASN B 556 14.85 -37.34 -22.75
CA ASN B 556 14.61 -37.98 -24.03
C ASN B 556 14.36 -36.98 -25.15
N LYS B 557 14.67 -35.71 -24.95
CA LYS B 557 14.33 -34.64 -25.86
C LYS B 557 15.56 -34.10 -26.56
N LYS B 558 15.33 -33.20 -27.52
CA LYS B 558 16.34 -32.74 -28.47
C LYS B 558 16.49 -31.23 -28.34
N PHE B 559 17.67 -30.80 -27.89
CA PHE B 559 18.01 -29.39 -27.77
C PHE B 559 18.96 -29.00 -28.89
N LEU B 560 19.05 -27.69 -29.15
CA LEU B 560 19.96 -27.20 -30.16
C LEU B 560 21.39 -27.30 -29.66
N PRO B 561 22.38 -27.15 -30.55
CA PRO B 561 23.77 -27.15 -30.07
C PRO B 561 24.10 -25.98 -29.16
N PHE B 562 23.41 -24.85 -29.33
CA PHE B 562 23.65 -23.65 -28.53
C PHE B 562 22.53 -23.38 -27.53
N GLN B 563 21.62 -24.33 -27.33
CA GLN B 563 20.55 -24.17 -26.36
C GLN B 563 21.00 -24.68 -24.99
N GLN B 564 20.77 -23.86 -23.97
CA GLN B 564 21.25 -24.14 -22.62
C GLN B 564 20.24 -24.90 -21.77
N PHE B 565 18.98 -24.47 -21.75
CA PHE B 565 17.96 -25.16 -20.97
C PHE B 565 16.62 -24.99 -21.64
N GLY B 566 15.65 -25.78 -21.17
CA GLY B 566 14.31 -25.82 -21.74
C GLY B 566 13.25 -25.44 -20.71
N ARG B 567 12.01 -25.40 -21.19
CA ARG B 567 10.88 -25.00 -20.36
C ARG B 567 9.61 -25.62 -20.92
N ASP B 568 8.59 -25.67 -20.06
CA ASP B 568 7.30 -26.25 -20.40
C ASP B 568 6.36 -25.16 -20.91
N ILE B 569 5.07 -25.49 -21.01
CA ILE B 569 4.07 -24.54 -21.48
C ILE B 569 3.99 -23.33 -20.57
N ALA B 570 4.18 -23.51 -19.26
CA ALA B 570 3.98 -22.47 -18.27
C ALA B 570 5.30 -21.88 -17.76
N ASP B 571 6.34 -21.88 -18.59
CA ASP B 571 7.61 -21.22 -18.27
C ASP B 571 8.27 -21.83 -17.04
N THR B 572 8.09 -23.13 -16.82
CA THR B 572 8.72 -23.85 -15.73
C THR B 572 9.93 -24.61 -16.25
N THR B 573 11.07 -24.44 -15.59
CA THR B 573 12.30 -25.08 -16.01
C THR B 573 12.17 -26.60 -15.96
N ASP B 574 12.17 -27.23 -17.14
CA ASP B 574 11.99 -28.66 -17.26
C ASP B 574 13.30 -29.43 -17.39
N ALA B 575 14.32 -28.85 -18.01
CA ALA B 575 15.61 -29.52 -18.17
C ALA B 575 16.66 -28.48 -18.48
N VAL B 576 17.92 -28.84 -18.19
CA VAL B 576 19.06 -27.94 -18.34
C VAL B 576 20.25 -28.71 -18.89
N ARG B 577 21.24 -27.96 -19.35
CA ARG B 577 22.49 -28.50 -19.87
C ARG B 577 23.58 -28.28 -18.82
N ASP B 578 24.25 -29.36 -18.44
CA ASP B 578 25.24 -29.28 -17.37
C ASP B 578 26.41 -28.41 -17.82
N PRO B 579 27.03 -27.63 -16.92
CA PRO B 579 28.14 -26.77 -17.37
C PRO B 579 29.36 -27.54 -17.85
N GLN B 580 29.58 -28.75 -17.35
CA GLN B 580 30.73 -29.55 -17.73
C GLN B 580 30.44 -30.53 -18.86
N THR B 581 29.27 -31.16 -18.83
CA THR B 581 28.83 -32.10 -19.85
C THR B 581 27.66 -31.51 -20.63
N LEU B 582 27.61 -31.81 -21.92
CA LEU B 582 26.51 -31.35 -22.78
C LEU B 582 25.37 -32.37 -22.76
N GLU B 583 24.87 -32.61 -21.56
CA GLU B 583 23.83 -33.60 -21.31
C GLU B 583 22.59 -32.90 -20.76
N ILE B 584 21.43 -33.28 -21.29
CA ILE B 584 20.15 -32.75 -20.84
C ILE B 584 19.56 -33.71 -19.83
N LEU B 585 18.82 -33.16 -18.87
CA LEU B 585 18.25 -33.93 -17.77
C LEU B 585 16.86 -33.41 -17.47
N ASP B 586 15.84 -34.25 -17.68
CA ASP B 586 14.49 -33.87 -17.30
C ASP B 586 14.42 -33.67 -15.79
N ILE B 587 13.39 -32.94 -15.35
CA ILE B 587 13.21 -32.56 -13.96
C ILE B 587 11.80 -32.96 -13.54
N THR B 588 11.71 -33.93 -12.64
CA THR B 588 10.44 -34.32 -12.04
C THR B 588 10.35 -33.68 -10.66
N PRO B 589 9.29 -32.91 -10.33
CA PRO B 589 9.32 -32.20 -9.04
C PRO B 589 9.27 -33.12 -7.82
N CYS B 590 9.28 -32.52 -6.63
CA CYS B 590 9.16 -33.22 -5.36
C CYS B 590 7.94 -32.70 -4.60
N SER B 591 7.75 -33.22 -3.39
CA SER B 591 6.65 -32.80 -2.51
C SER B 591 5.30 -32.97 -3.19
N PHE B 592 5.01 -34.20 -3.58
CA PHE B 592 3.83 -34.47 -4.37
C PHE B 592 2.59 -34.63 -3.48
N GLY B 593 1.58 -33.81 -3.78
CA GLY B 593 0.27 -33.98 -3.19
C GLY B 593 0.21 -33.59 -1.72
N GLY B 594 -1.02 -33.59 -1.21
CA GLY B 594 -1.32 -33.23 0.15
C GLY B 594 -1.59 -34.44 1.03
N VAL B 595 -2.28 -34.20 2.14
CA VAL B 595 -2.55 -35.22 3.14
C VAL B 595 -3.95 -34.96 3.71
N SER B 596 -4.67 -36.05 3.99
CA SER B 596 -5.97 -35.98 4.63
C SER B 596 -6.08 -37.08 5.66
N VAL B 597 -6.73 -36.77 6.78
CA VAL B 597 -6.88 -37.69 7.90
C VAL B 597 -8.31 -38.20 7.92
N ILE B 598 -8.46 -39.50 8.16
CA ILE B 598 -9.75 -40.16 8.26
C ILE B 598 -9.91 -40.64 9.69
N THR B 599 -11.13 -40.51 10.23
CA THR B 599 -11.39 -40.95 11.59
C THR B 599 -12.90 -41.02 11.80
N PRO B 600 -13.38 -41.92 12.64
CA PRO B 600 -14.74 -41.79 13.17
C PRO B 600 -14.76 -40.73 14.28
N GLY B 601 -15.93 -40.57 14.89
CA GLY B 601 -16.05 -39.61 15.97
C GLY B 601 -15.14 -39.95 17.14
N THR B 602 -14.68 -38.90 17.83
CA THR B 602 -13.79 -39.09 18.96
C THR B 602 -14.44 -39.89 20.07
N ASN B 603 -15.75 -39.74 20.25
CA ASN B 603 -16.48 -40.49 21.27
C ASN B 603 -16.48 -41.99 20.99
N THR B 604 -16.21 -42.42 19.76
CA THR B 604 -16.22 -43.82 19.38
C THR B 604 -14.86 -44.48 19.58
N SER B 605 -13.81 -43.91 19.00
CA SER B 605 -12.48 -44.49 19.11
C SER B 605 -11.48 -43.49 18.53
N ASN B 606 -10.22 -43.65 18.94
CA ASN B 606 -9.13 -42.81 18.48
C ASN B 606 -8.31 -43.45 17.38
N GLN B 607 -8.72 -44.61 16.88
CA GLN B 607 -8.04 -45.21 15.72
C GLN B 607 -8.40 -44.42 14.47
N VAL B 608 -7.40 -44.21 13.60
CA VAL B 608 -7.53 -43.34 12.44
C VAL B 608 -6.84 -43.99 11.25
N ALA B 609 -6.99 -43.34 10.10
CA ALA B 609 -6.31 -43.71 8.87
C ALA B 609 -5.80 -42.45 8.19
N VAL B 610 -4.93 -42.63 7.21
CA VAL B 610 -4.25 -41.53 6.55
C VAL B 610 -4.27 -41.79 5.05
N LEU B 611 -4.54 -40.73 4.28
CA LEU B 611 -4.56 -40.78 2.82
C LEU B 611 -3.58 -39.73 2.30
N TYR B 612 -2.65 -40.17 1.46
CA TYR B 612 -1.72 -39.29 0.77
C TYR B 612 -2.26 -39.05 -0.62
N GLN B 613 -2.96 -37.94 -0.80
CA GLN B 613 -3.65 -37.67 -2.07
C GLN B 613 -2.65 -37.53 -3.21
N GLY B 614 -2.86 -38.32 -4.26
CA GLY B 614 -2.00 -38.26 -5.41
C GLY B 614 -0.61 -38.78 -5.19
N VAL B 615 -0.45 -39.82 -4.39
CA VAL B 615 0.85 -40.36 -4.00
C VAL B 615 0.78 -41.87 -4.06
N ASN B 616 1.66 -42.48 -4.86
CA ASN B 616 1.82 -43.92 -4.82
C ASN B 616 2.46 -44.33 -3.50
N CYS B 617 2.28 -45.60 -3.14
CA CYS B 617 2.77 -46.12 -1.88
C CYS B 617 4.28 -46.32 -2.00
N THR B 618 5.03 -45.28 -1.61
CA THR B 618 6.49 -45.28 -1.71
C THR B 618 7.16 -44.96 -0.38
N GLU B 619 6.60 -44.04 0.41
CA GLU B 619 7.23 -43.65 1.67
C GLU B 619 7.31 -44.81 2.66
N VAL B 620 6.36 -45.73 2.64
CA VAL B 620 6.38 -46.88 3.52
C VAL B 620 7.52 -47.81 3.13
N ASN B 641 -1.26 -53.45 5.78
CA ASN B 641 -1.90 -52.24 6.28
C ASN B 641 -1.84 -51.12 5.26
N VAL B 642 -1.79 -51.48 3.98
CA VAL B 642 -1.64 -50.52 2.89
C VAL B 642 -2.62 -50.89 1.79
N PHE B 643 -3.18 -49.88 1.13
CA PHE B 643 -4.16 -50.09 0.08
C PHE B 643 -4.05 -48.94 -0.91
N GLN B 644 -3.72 -49.24 -2.15
CA GLN B 644 -3.57 -48.24 -3.20
C GLN B 644 -4.94 -47.96 -3.80
N THR B 645 -5.25 -46.68 -3.96
CA THR B 645 -6.50 -46.22 -4.57
C THR B 645 -6.17 -45.29 -5.73
N ARG B 646 -7.19 -44.97 -6.51
CA ARG B 646 -7.02 -44.00 -7.58
C ARG B 646 -6.81 -42.59 -7.04
N ALA B 647 -7.16 -42.34 -5.78
CA ALA B 647 -6.91 -41.05 -5.16
C ALA B 647 -5.52 -40.97 -4.54
N GLY B 648 -5.00 -42.08 -4.06
CA GLY B 648 -3.69 -42.08 -3.44
C GLY B 648 -3.52 -43.30 -2.54
N CYS B 649 -2.41 -43.29 -1.81
CA CYS B 649 -2.09 -44.37 -0.89
C CYS B 649 -2.86 -44.18 0.41
N LEU B 650 -3.61 -45.20 0.81
CA LEU B 650 -4.40 -45.20 2.03
C LEU B 650 -3.77 -46.20 2.99
N ILE B 651 -3.19 -45.68 4.07
CA ILE B 651 -2.57 -46.49 5.12
C ILE B 651 -3.45 -46.42 6.36
N GLY B 652 -3.52 -47.54 7.08
CA GLY B 652 -4.35 -47.62 8.27
C GLY B 652 -5.76 -48.10 8.02
N ALA B 653 -5.96 -48.96 7.02
CA ALA B 653 -7.30 -49.45 6.70
C ALA B 653 -7.16 -50.75 5.93
N GLU B 654 -8.12 -51.65 6.16
CA GLU B 654 -8.12 -52.97 5.53
C GLU B 654 -9.05 -52.96 4.33
N HIS B 655 -8.52 -53.37 3.17
CA HIS B 655 -9.33 -53.47 1.97
C HIS B 655 -10.31 -54.64 2.10
N VAL B 656 -11.58 -54.36 1.83
CA VAL B 656 -12.65 -55.34 1.96
C VAL B 656 -13.27 -55.55 0.59
N ASN B 657 -13.64 -56.81 0.31
CA ASN B 657 -14.26 -57.14 -0.97
C ASN B 657 -15.75 -56.84 -0.96
N ASN B 658 -16.40 -56.97 0.19
CA ASN B 658 -17.83 -56.71 0.28
C ASN B 658 -18.12 -55.22 0.14
N SER B 659 -19.33 -54.92 -0.31
CA SER B 659 -19.80 -53.55 -0.52
C SER B 659 -20.83 -53.19 0.52
N TYR B 660 -20.71 -51.98 1.06
CA TYR B 660 -21.58 -51.47 2.11
C TYR B 660 -22.06 -50.08 1.70
N GLU B 661 -22.86 -49.47 2.55
CA GLU B 661 -23.25 -48.08 2.35
C GLU B 661 -22.12 -47.16 2.77
N CYS B 662 -21.95 -46.07 2.01
CA CYS B 662 -20.85 -45.14 2.26
C CYS B 662 -21.10 -44.35 3.53
N ASP B 663 -20.23 -44.55 4.52
CA ASP B 663 -20.30 -43.80 5.78
C ASP B 663 -19.39 -42.58 5.75
N ILE B 664 -18.19 -42.72 5.19
CA ILE B 664 -17.23 -41.63 5.06
C ILE B 664 -16.75 -41.61 3.61
N PRO B 665 -16.82 -40.48 2.90
CA PRO B 665 -16.31 -40.46 1.53
C PRO B 665 -14.81 -40.24 1.45
N ILE B 666 -14.21 -40.83 0.42
CA ILE B 666 -12.78 -40.69 0.14
C ILE B 666 -12.62 -40.15 -1.27
N GLY B 667 -13.09 -40.90 -2.24
CA GLY B 667 -13.00 -40.51 -3.64
C GLY B 667 -12.93 -41.73 -4.53
N ALA B 668 -13.35 -41.54 -5.78
CA ALA B 668 -13.32 -42.59 -6.79
C ALA B 668 -14.15 -43.80 -6.38
N GLY B 669 -15.24 -43.57 -5.66
CA GLY B 669 -16.12 -44.63 -5.23
C GLY B 669 -15.73 -45.31 -3.93
N ILE B 670 -14.59 -44.94 -3.36
CA ILE B 670 -14.11 -45.58 -2.14
C ILE B 670 -14.70 -44.86 -0.94
N CYS B 671 -15.08 -45.65 0.07
CA CYS B 671 -15.59 -45.13 1.33
C CYS B 671 -15.09 -46.02 2.44
N ALA B 672 -15.14 -45.49 3.67
CA ALA B 672 -14.59 -46.17 4.83
C ALA B 672 -15.58 -46.14 5.98
N SER B 673 -15.33 -46.98 6.97
CA SER B 673 -16.16 -47.08 8.15
C SER B 673 -15.35 -47.72 9.26
N TYR B 674 -15.98 -47.89 10.42
CA TYR B 674 -15.36 -48.47 11.61
C TYR B 674 -16.25 -49.62 12.08
N GLN B 675 -15.82 -50.85 11.78
CA GLN B 675 -16.59 -52.05 12.08
C GLN B 675 -15.64 -53.14 12.55
N THR B 676 -16.21 -54.32 12.79
CA THR B 676 -15.44 -55.49 13.22
C THR B 676 -14.93 -56.27 12.02
N SER B 689 -12.96 -56.34 18.44
CA SER B 689 -11.94 -56.27 17.40
C SER B 689 -12.36 -55.32 16.30
N GLN B 690 -12.76 -54.11 16.67
CA GLN B 690 -13.21 -53.14 15.70
C GLN B 690 -12.03 -52.47 15.01
N SER B 691 -12.12 -52.33 13.69
CA SER B 691 -11.05 -51.77 12.87
C SER B 691 -11.67 -50.88 11.80
N ILE B 692 -10.79 -50.15 11.11
CA ILE B 692 -11.18 -49.28 10.01
C ILE B 692 -10.94 -50.02 8.70
N ILE B 693 -11.91 -49.90 7.79
CA ILE B 693 -11.90 -50.62 6.52
C ILE B 693 -12.12 -49.63 5.39
N ALA B 694 -11.87 -50.10 4.17
CA ALA B 694 -12.15 -49.36 2.96
C ALA B 694 -12.86 -50.29 1.98
N TYR B 695 -13.89 -49.76 1.33
CA TYR B 695 -14.73 -50.56 0.45
C TYR B 695 -15.21 -49.70 -0.70
N THR B 696 -15.74 -50.37 -1.72
CA THR B 696 -16.41 -49.69 -2.82
C THR B 696 -17.86 -49.45 -2.43
N MET B 697 -18.34 -48.23 -2.68
CA MET B 697 -19.68 -47.85 -2.27
C MET B 697 -20.73 -48.67 -3.01
N SER B 698 -21.80 -49.01 -2.31
CA SER B 698 -22.95 -49.69 -2.89
C SER B 698 -24.04 -48.69 -3.23
N LEU B 699 -24.64 -48.87 -4.40
CA LEU B 699 -25.71 -47.99 -4.88
C LEU B 699 -27.10 -48.52 -4.54
N GLY B 700 -27.20 -49.43 -3.57
CA GLY B 700 -28.45 -50.04 -3.20
C GLY B 700 -28.59 -51.44 -3.76
N ALA B 701 -29.63 -52.12 -3.32
CA ALA B 701 -29.87 -53.50 -3.70
C ALA B 701 -30.61 -53.58 -5.02
N GLU B 702 -30.24 -54.56 -5.83
CA GLU B 702 -30.88 -54.81 -7.11
C GLU B 702 -32.22 -55.51 -6.86
N ASN B 703 -33.29 -54.96 -7.45
CA ASN B 703 -34.63 -55.52 -7.34
C ASN B 703 -35.30 -55.42 -8.70
N SER B 704 -35.12 -56.45 -9.53
CA SER B 704 -35.90 -56.56 -10.74
C SER B 704 -37.30 -57.07 -10.39
N VAL B 705 -38.25 -56.77 -11.29
CA VAL B 705 -39.67 -57.05 -11.04
C VAL B 705 -40.17 -58.04 -12.09
N ALA B 706 -41.43 -58.43 -11.97
CA ALA B 706 -42.03 -59.33 -12.94
C ALA B 706 -42.30 -58.59 -14.24
N TYR B 707 -42.37 -59.37 -15.33
CA TYR B 707 -42.57 -58.79 -16.65
C TYR B 707 -43.44 -59.72 -17.49
N SER B 708 -44.26 -59.11 -18.33
CA SER B 708 -45.09 -59.82 -19.29
C SER B 708 -45.86 -58.78 -20.08
N ASN B 709 -46.43 -59.22 -21.19
CA ASN B 709 -47.34 -58.38 -21.95
C ASN B 709 -48.69 -58.23 -21.26
N ASN B 710 -49.00 -59.08 -20.28
CA ASN B 710 -50.31 -59.15 -19.64
C ASN B 710 -50.16 -59.27 -18.14
N SER B 711 -49.32 -58.41 -17.55
CA SER B 711 -49.08 -58.40 -16.11
C SER B 711 -49.25 -57.00 -15.56
N ILE B 712 -49.88 -56.90 -14.39
CA ILE B 712 -50.15 -55.63 -13.74
C ILE B 712 -50.07 -55.86 -12.23
N ALA B 713 -49.64 -54.83 -11.50
CA ALA B 713 -49.56 -54.85 -10.05
C ALA B 713 -50.36 -53.68 -9.51
N ILE B 714 -51.48 -53.96 -8.85
CA ILE B 714 -52.34 -52.94 -8.27
C ILE B 714 -52.17 -52.97 -6.75
N PRO B 715 -52.15 -51.85 -6.05
CA PRO B 715 -52.13 -51.91 -4.58
C PRO B 715 -53.47 -52.38 -4.02
N THR B 716 -53.43 -52.74 -2.74
CA THR B 716 -54.60 -53.20 -2.00
C THR B 716 -54.84 -52.42 -0.72
N ASN B 717 -53.80 -51.88 -0.11
CA ASN B 717 -53.93 -50.98 1.03
C ASN B 717 -52.98 -49.81 0.80
N PHE B 718 -52.78 -49.01 1.84
CA PHE B 718 -51.92 -47.84 1.73
C PHE B 718 -51.35 -47.53 3.12
N THR B 719 -50.49 -46.53 3.17
CA THR B 719 -49.94 -46.05 4.43
C THR B 719 -49.62 -44.57 4.27
N ILE B 720 -50.01 -43.79 5.28
CA ILE B 720 -49.79 -42.36 5.27
C ILE B 720 -48.40 -42.08 5.84
N SER B 721 -47.62 -41.29 5.10
CA SER B 721 -46.28 -40.90 5.50
C SER B 721 -46.25 -39.41 5.79
N VAL B 722 -45.33 -39.01 6.66
CA VAL B 722 -45.14 -37.62 7.02
C VAL B 722 -43.64 -37.36 7.08
N THR B 723 -43.10 -36.74 6.04
CA THR B 723 -41.68 -36.42 5.97
C THR B 723 -41.43 -35.06 6.58
N THR B 724 -40.19 -34.59 6.47
CA THR B 724 -39.77 -33.32 7.03
C THR B 724 -38.69 -32.71 6.15
N GLU B 725 -38.92 -31.46 5.73
CA GLU B 725 -37.98 -30.72 4.91
C GLU B 725 -37.58 -29.46 5.65
N ILE B 726 -36.27 -29.30 5.87
CA ILE B 726 -35.72 -28.13 6.56
C ILE B 726 -35.17 -27.20 5.50
N LEU B 727 -35.65 -25.96 5.48
CA LEU B 727 -35.24 -24.94 4.52
C LEU B 727 -34.82 -23.69 5.28
N PRO B 728 -33.59 -23.21 5.18
CA PRO B 728 -33.26 -21.92 5.78
C PRO B 728 -33.91 -20.78 5.01
N VAL B 729 -34.24 -19.72 5.75
CA VAL B 729 -35.01 -18.60 5.23
C VAL B 729 -34.26 -17.28 5.39
N SER B 730 -33.66 -17.06 6.56
CA SER B 730 -33.03 -15.80 6.90
C SER B 730 -31.64 -16.07 7.46
N MET B 731 -30.90 -14.98 7.63
CA MET B 731 -29.54 -15.01 8.18
C MET B 731 -29.40 -13.91 9.21
N THR B 732 -28.38 -14.04 10.05
CA THR B 732 -28.18 -13.10 11.13
C THR B 732 -27.70 -11.76 10.58
N LYS B 733 -28.44 -10.71 10.88
CA LYS B 733 -28.07 -9.36 10.44
C LYS B 733 -26.74 -8.94 11.05
N THR B 734 -26.03 -8.07 10.32
CA THR B 734 -24.76 -7.54 10.80
C THR B 734 -24.58 -6.14 10.25
N SER B 735 -23.87 -5.33 11.03
CA SER B 735 -23.52 -3.97 10.64
C SER B 735 -22.17 -3.64 11.25
N VAL B 736 -21.25 -3.17 10.42
CA VAL B 736 -19.86 -2.96 10.82
C VAL B 736 -19.42 -1.59 10.35
N ASP B 737 -19.09 -0.71 11.29
CA ASP B 737 -18.50 0.57 10.94
C ASP B 737 -17.05 0.35 10.52
N CYS B 738 -16.72 0.81 9.31
CA CYS B 738 -15.37 0.61 8.78
C CYS B 738 -14.33 1.29 9.66
N THR B 739 -14.66 2.47 10.18
CA THR B 739 -13.68 3.26 10.92
C THR B 739 -13.26 2.56 12.20
N MET B 740 -14.23 2.22 13.06
CA MET B 740 -13.91 1.64 14.36
C MET B 740 -13.21 0.30 14.22
N TYR B 741 -13.52 -0.45 13.15
CA TYR B 741 -12.83 -1.71 12.92
C TYR B 741 -11.38 -1.48 12.55
N ILE B 742 -11.12 -0.50 11.68
CA ILE B 742 -9.76 -0.22 11.26
C ILE B 742 -9.09 0.73 12.23
N CYS B 743 -9.63 1.94 12.35
CA CYS B 743 -9.10 2.98 13.23
C CYS B 743 -9.87 2.96 14.53
N GLY B 744 -9.24 2.44 15.58
CA GLY B 744 -9.89 2.34 16.87
C GLY B 744 -10.00 3.67 17.57
N ASP B 745 -10.82 4.56 17.01
CA ASP B 745 -11.02 5.91 17.56
C ASP B 745 -9.69 6.69 17.56
N SER B 746 -9.10 6.79 16.37
CA SER B 746 -7.86 7.52 16.16
C SER B 746 -8.08 8.54 15.06
N THR B 747 -7.92 9.82 15.40
CA THR B 747 -8.14 10.88 14.42
C THR B 747 -7.09 10.81 13.30
N GLU B 748 -5.88 10.41 13.64
CA GLU B 748 -4.82 10.33 12.63
C GLU B 748 -5.13 9.25 11.60
N CYS B 749 -5.45 8.04 12.06
CA CYS B 749 -5.78 6.95 11.16
C CYS B 749 -7.02 7.29 10.33
N SER B 750 -7.97 8.01 10.92
CA SER B 750 -9.19 8.35 10.19
C SER B 750 -8.90 9.30 9.05
N ASN B 751 -8.06 10.32 9.29
CA ASN B 751 -7.72 11.26 8.24
C ASN B 751 -6.94 10.59 7.13
N LEU B 752 -6.14 9.57 7.47
CA LEU B 752 -5.45 8.80 6.45
C LEU B 752 -6.41 7.94 5.63
N LEU B 753 -7.60 7.67 6.14
CA LEU B 753 -8.56 6.82 5.46
C LEU B 753 -9.45 7.59 4.49
N LEU B 754 -9.61 8.90 4.67
CA LEU B 754 -10.44 9.68 3.76
C LEU B 754 -9.85 9.71 2.36
N GLN B 755 -8.52 9.68 2.26
CA GLN B 755 -7.87 9.72 0.94
C GLN B 755 -7.98 8.39 0.21
N TYR B 756 -8.47 7.33 0.86
CA TYR B 756 -8.70 6.07 0.18
C TYR B 756 -10.01 6.02 -0.60
N GLY B 757 -10.88 7.01 -0.42
CA GLY B 757 -12.08 7.13 -1.22
C GLY B 757 -13.33 6.66 -0.50
N SER B 758 -14.31 6.18 -1.28
CA SER B 758 -15.60 5.76 -0.75
C SER B 758 -15.65 4.26 -0.49
N PHE B 759 -14.51 3.64 -0.16
CA PHE B 759 -14.51 2.21 0.14
C PHE B 759 -15.36 1.89 1.37
N CYS B 760 -15.47 2.86 2.30
CA CYS B 760 -16.25 2.61 3.50
C CYS B 760 -17.75 2.64 3.21
N THR B 761 -18.20 3.63 2.43
CA THR B 761 -19.63 3.77 2.17
C THR B 761 -20.16 2.58 1.35
N GLN B 762 -19.35 2.04 0.45
CA GLN B 762 -19.79 0.89 -0.33
C GLN B 762 -20.04 -0.32 0.56
N LEU B 763 -19.16 -0.53 1.55
CA LEU B 763 -19.30 -1.69 2.42
C LEU B 763 -20.53 -1.58 3.30
N ASN B 764 -20.91 -0.36 3.71
CA ASN B 764 -22.08 -0.19 4.54
C ASN B 764 -23.36 -0.35 3.74
N ARG B 765 -23.35 0.03 2.47
CA ARG B 765 -24.51 -0.19 1.61
C ARG B 765 -24.77 -1.67 1.42
N ALA B 766 -23.71 -2.45 1.19
CA ALA B 766 -23.87 -3.87 0.91
C ALA B 766 -24.44 -4.61 2.11
N LEU B 767 -23.89 -4.37 3.30
CA LEU B 767 -24.38 -5.04 4.50
C LEU B 767 -25.81 -4.63 4.81
N THR B 768 -26.14 -3.35 4.61
CA THR B 768 -27.49 -2.90 4.84
C THR B 768 -28.46 -3.51 3.84
N GLY B 769 -28.04 -3.64 2.58
CA GLY B 769 -28.88 -4.30 1.60
C GLY B 769 -29.09 -5.76 1.90
N ILE B 770 -28.11 -6.41 2.52
CA ILE B 770 -28.27 -7.80 2.94
C ILE B 770 -29.32 -7.89 4.04
N ALA B 771 -29.20 -7.04 5.06
CA ALA B 771 -30.11 -7.10 6.20
C ALA B 771 -31.55 -6.85 5.78
N VAL B 772 -31.77 -5.99 4.79
CA VAL B 772 -33.13 -5.72 4.33
C VAL B 772 -33.70 -6.95 3.62
N GLU B 773 -32.84 -7.69 2.91
CA GLU B 773 -33.31 -8.89 2.23
C GLU B 773 -33.74 -9.96 3.22
N GLN B 774 -33.10 -10.04 4.38
CA GLN B 774 -33.48 -11.03 5.37
C GLN B 774 -34.89 -10.77 5.90
N ASP B 775 -35.32 -9.51 5.92
CA ASP B 775 -36.68 -9.20 6.34
C ASP B 775 -37.69 -9.47 5.23
N LYS B 776 -37.28 -9.33 3.97
CA LYS B 776 -38.17 -9.66 2.87
C LYS B 776 -38.33 -11.17 2.70
N ASN B 777 -37.30 -11.94 3.06
CA ASN B 777 -37.36 -13.38 2.90
C ASN B 777 -38.40 -14.02 3.81
N THR B 778 -38.70 -13.39 4.94
CA THR B 778 -39.71 -13.92 5.84
C THR B 778 -41.11 -13.54 5.40
N GLN B 779 -41.30 -12.31 4.94
CA GLN B 779 -42.61 -11.86 4.49
C GLN B 779 -43.06 -12.66 3.27
N GLU B 780 -42.14 -12.94 2.35
CA GLU B 780 -42.48 -13.73 1.18
C GLU B 780 -42.82 -15.17 1.52
N VAL B 781 -42.41 -15.65 2.69
CA VAL B 781 -42.62 -17.04 3.10
C VAL B 781 -43.81 -17.12 4.04
N PHE B 782 -43.73 -16.42 5.16
CA PHE B 782 -44.73 -16.56 6.22
C PHE B 782 -45.92 -15.64 6.04
N ALA B 783 -45.73 -14.44 5.50
CA ALA B 783 -46.83 -13.49 5.31
C ALA B 783 -47.47 -13.68 3.94
N GLN B 784 -47.86 -14.92 3.66
CA GLN B 784 -48.61 -15.25 2.46
C GLN B 784 -50.10 -14.94 2.59
N VAL B 785 -50.57 -14.56 3.78
CA VAL B 785 -51.99 -14.32 4.03
C VAL B 785 -52.18 -12.84 4.35
N LYS B 786 -53.45 -12.44 4.36
CA LYS B 786 -53.86 -11.07 4.61
C LYS B 786 -54.72 -10.91 5.86
N GLN B 787 -55.13 -12.02 6.47
CA GLN B 787 -55.98 -11.97 7.65
C GLN B 787 -55.71 -13.21 8.49
N ILE B 788 -55.72 -13.02 9.80
CA ILE B 788 -55.36 -14.08 10.74
C ILE B 788 -56.57 -14.98 10.96
N TYR B 789 -56.36 -16.28 10.82
CA TYR B 789 -57.37 -17.29 11.10
C TYR B 789 -57.04 -17.99 12.40
N LYS B 790 -58.06 -18.61 13.00
CA LYS B 790 -57.92 -19.27 14.29
C LYS B 790 -58.79 -20.51 14.31
N THR B 791 -58.42 -21.43 15.18
CA THR B 791 -59.13 -22.68 15.34
C THR B 791 -60.29 -22.53 16.30
N PRO B 792 -61.25 -23.46 16.29
CA PRO B 792 -62.37 -23.36 17.21
C PRO B 792 -62.05 -24.08 18.51
N PRO B 793 -62.88 -23.91 19.54
CA PRO B 793 -62.69 -24.71 20.76
C PRO B 793 -63.08 -26.16 20.58
N ILE B 794 -64.04 -26.44 19.71
CA ILE B 794 -64.51 -27.80 19.45
C ILE B 794 -63.69 -28.34 18.29
N LYS B 795 -62.62 -29.08 18.60
CA LYS B 795 -61.69 -29.58 17.60
C LYS B 795 -62.15 -30.95 17.13
N ASP B 796 -63.18 -30.95 16.29
CA ASP B 796 -63.72 -32.16 15.66
C ASP B 796 -63.27 -32.17 14.21
N PHE B 797 -62.29 -33.02 13.89
CA PHE B 797 -61.73 -33.11 12.55
C PHE B 797 -61.78 -34.52 12.00
N GLY B 798 -62.67 -35.37 12.51
CA GLY B 798 -62.80 -36.72 12.01
C GLY B 798 -61.75 -37.68 12.49
N GLY B 799 -61.19 -37.45 13.68
CA GLY B 799 -60.22 -38.35 14.27
C GLY B 799 -58.78 -37.90 14.16
N PHE B 800 -58.50 -36.78 13.49
CA PHE B 800 -57.15 -36.27 13.35
C PHE B 800 -56.81 -35.40 14.54
N ASN B 801 -55.63 -35.64 15.14
CA ASN B 801 -55.16 -34.91 16.31
C ASN B 801 -54.02 -34.00 15.87
N PHE B 802 -54.29 -32.70 15.79
CA PHE B 802 -53.30 -31.69 15.43
C PHE B 802 -52.73 -30.98 16.66
N SER B 803 -52.76 -31.63 17.83
CA SER B 803 -52.33 -30.96 19.04
C SER B 803 -50.84 -30.66 19.02
N GLN B 804 -50.04 -31.57 18.45
CA GLN B 804 -48.60 -31.41 18.43
C GLN B 804 -48.11 -30.35 17.44
N ILE B 805 -49.01 -29.79 16.63
CA ILE B 805 -48.66 -28.72 15.70
C ILE B 805 -49.42 -27.43 15.99
N LEU B 806 -50.55 -27.49 16.67
CA LEU B 806 -51.28 -26.29 17.04
C LEU B 806 -50.66 -25.66 18.29
N PRO B 807 -50.84 -24.36 18.49
CA PRO B 807 -50.13 -23.69 19.59
C PRO B 807 -50.74 -24.01 20.95
N ASP B 808 -49.88 -24.02 21.96
CA ASP B 808 -50.31 -24.22 23.34
C ASP B 808 -50.66 -22.86 23.94
N PRO B 809 -51.94 -22.55 24.20
CA PRO B 809 -52.25 -21.21 24.73
C PRO B 809 -51.76 -20.98 26.15
N SER B 810 -51.30 -22.01 26.85
CA SER B 810 -50.82 -21.85 28.22
C SER B 810 -49.43 -21.25 28.28
N LYS B 811 -48.56 -21.57 27.34
CA LYS B 811 -47.18 -21.10 27.37
C LYS B 811 -47.14 -19.58 27.15
N PRO B 812 -46.06 -18.92 27.57
CA PRO B 812 -45.93 -17.49 27.23
C PRO B 812 -45.80 -17.26 25.74
N SER B 813 -44.94 -18.03 25.07
CA SER B 813 -44.83 -18.01 23.62
C SER B 813 -45.79 -19.04 23.05
N LYS B 814 -46.61 -18.60 22.10
CA LYS B 814 -47.71 -19.41 21.57
C LYS B 814 -47.23 -20.27 20.39
N ARG B 815 -46.23 -21.09 20.67
CA ARG B 815 -45.70 -22.04 19.69
C ARG B 815 -45.94 -23.46 20.16
N SER B 816 -46.06 -24.36 19.18
CA SER B 816 -46.50 -25.72 19.42
C SER B 816 -45.38 -26.55 20.06
N PHE B 817 -45.69 -27.82 20.33
CA PHE B 817 -44.70 -28.73 20.87
C PHE B 817 -43.54 -28.94 19.91
N ILE B 818 -43.85 -29.21 18.63
CA ILE B 818 -42.82 -29.47 17.65
C ILE B 818 -41.99 -28.21 17.41
N GLU B 819 -42.64 -27.05 17.42
CA GLU B 819 -41.91 -25.80 17.27
C GLU B 819 -40.93 -25.60 18.42
N ASP B 820 -41.35 -25.92 19.64
CA ASP B 820 -40.48 -25.74 20.80
C ASP B 820 -39.27 -26.65 20.75
N LEU B 821 -39.43 -27.86 20.20
CA LEU B 821 -38.29 -28.76 20.06
C LEU B 821 -37.24 -28.21 19.11
N LEU B 822 -37.70 -27.64 17.98
CA LEU B 822 -36.77 -27.14 16.98
C LEU B 822 -36.02 -25.92 17.49
N PHE B 823 -36.65 -25.10 18.32
CA PHE B 823 -35.98 -23.93 18.88
C PHE B 823 -34.97 -24.31 19.96
N ASN B 824 -35.09 -25.51 20.53
CA ASN B 824 -34.13 -25.99 21.52
C ASN B 824 -33.02 -26.83 20.91
N LYS B 825 -33.22 -27.38 19.71
CA LYS B 825 -32.21 -28.18 19.02
C LYS B 825 -31.30 -27.35 18.13
N VAL B 826 -31.16 -26.05 18.42
CA VAL B 826 -30.33 -25.16 17.61
C VAL B 826 -29.55 -24.26 18.56
N THR B 827 -28.25 -24.12 18.31
CA THR B 827 -27.41 -23.22 19.10
C THR B 827 -27.86 -21.78 18.92
N LYS B 854 -16.02 -8.20 21.38
CA LYS B 854 -17.43 -8.33 21.04
C LYS B 854 -17.90 -7.20 20.15
N PHE B 855 -17.43 -5.99 20.45
CA PHE B 855 -17.92 -4.75 19.84
C PHE B 855 -16.76 -3.94 19.29
N ASN B 856 -15.86 -4.59 18.56
CA ASN B 856 -14.77 -3.92 17.86
C ASN B 856 -15.26 -3.36 16.53
N GLY B 857 -16.20 -2.43 16.63
CA GLY B 857 -16.90 -1.91 15.47
C GLY B 857 -18.01 -2.79 14.95
N LEU B 858 -18.26 -3.94 15.57
CA LEU B 858 -19.29 -4.86 15.14
C LEU B 858 -20.62 -4.53 15.78
N THR B 859 -21.70 -4.92 15.10
CA THR B 859 -23.05 -4.75 15.62
C THR B 859 -23.95 -5.77 14.96
N VAL B 860 -24.79 -6.41 15.76
CA VAL B 860 -25.77 -7.38 15.30
C VAL B 860 -27.15 -6.73 15.42
N LEU B 861 -27.78 -6.46 14.30
CA LEU B 861 -29.09 -5.86 14.32
C LEU B 861 -30.16 -6.93 14.58
N PRO B 862 -31.29 -6.55 15.16
CA PRO B 862 -32.32 -7.54 15.48
C PRO B 862 -33.21 -7.79 14.28
N PRO B 863 -33.93 -8.91 14.26
CA PRO B 863 -34.89 -9.13 13.17
C PRO B 863 -36.15 -8.32 13.36
N LEU B 864 -36.80 -8.03 12.24
CA LEU B 864 -38.01 -7.21 12.27
C LEU B 864 -39.17 -7.99 12.88
N LEU B 865 -39.44 -9.18 12.37
CA LEU B 865 -40.49 -10.04 12.90
C LEU B 865 -39.93 -10.91 14.01
N THR B 866 -40.50 -10.78 15.21
CA THR B 866 -40.09 -11.59 16.33
C THR B 866 -40.54 -13.03 16.12
N ASP B 867 -39.97 -13.93 16.92
CA ASP B 867 -40.31 -15.34 16.82
C ASP B 867 -41.78 -15.58 17.16
N GLU B 868 -42.36 -14.76 18.02
CA GLU B 868 -43.77 -14.89 18.35
C GLU B 868 -44.67 -14.49 17.19
N MET B 869 -44.22 -13.54 16.37
CA MET B 869 -44.99 -13.16 15.19
C MET B 869 -44.94 -14.26 14.13
N ILE B 870 -43.78 -14.87 13.95
CA ILE B 870 -43.63 -15.95 12.97
C ILE B 870 -44.54 -17.11 13.31
N ALA B 871 -44.78 -17.34 14.60
CA ALA B 871 -45.66 -18.43 15.02
C ALA B 871 -47.12 -18.09 14.73
N GLN B 872 -47.51 -16.82 14.85
CA GLN B 872 -48.88 -16.44 14.57
C GLN B 872 -49.21 -16.66 13.09
N TYR B 873 -48.30 -16.32 12.20
CA TYR B 873 -48.52 -16.58 10.79
C TYR B 873 -48.56 -18.09 10.52
N THR B 874 -47.70 -18.85 11.20
CA THR B 874 -47.71 -20.29 11.04
C THR B 874 -49.01 -20.90 11.55
N SER B 875 -49.55 -20.35 12.64
CA SER B 875 -50.80 -20.86 13.19
C SER B 875 -51.99 -20.47 12.32
N ALA B 876 -51.92 -19.29 11.69
CA ALA B 876 -53.01 -18.86 10.82
C ALA B 876 -53.11 -19.72 9.59
N LEU B 877 -51.96 -20.13 9.03
CA LEU B 877 -51.98 -20.94 7.81
C LEU B 877 -52.40 -22.38 8.10
N LEU B 878 -52.26 -22.83 9.35
CA LEU B 878 -52.79 -24.14 9.71
C LEU B 878 -54.30 -24.11 9.82
N ALA B 879 -54.84 -23.07 10.47
CA ALA B 879 -56.28 -22.97 10.65
C ALA B 879 -57.01 -22.83 9.32
N GLY B 880 -56.34 -22.27 8.31
CA GLY B 880 -56.95 -22.19 7.00
C GLY B 880 -56.90 -23.51 6.25
N THR B 881 -55.76 -24.19 6.31
CA THR B 881 -55.62 -25.47 5.64
C THR B 881 -56.48 -26.54 6.30
N ILE B 882 -56.49 -26.58 7.64
CA ILE B 882 -57.31 -27.54 8.36
C ILE B 882 -58.78 -27.31 8.06
N THR B 883 -59.17 -26.06 7.86
CA THR B 883 -60.56 -25.69 7.68
C THR B 883 -60.95 -25.61 6.20
N SER B 884 -60.28 -24.72 5.46
CA SER B 884 -60.65 -24.41 4.09
C SER B 884 -59.87 -25.20 3.05
N GLY B 885 -58.71 -25.74 3.41
CA GLY B 885 -57.93 -26.50 2.47
C GLY B 885 -57.15 -25.63 1.51
N TRP B 886 -57.62 -25.57 0.26
CA TRP B 886 -56.93 -24.87 -0.81
C TRP B 886 -57.66 -23.60 -1.24
N THR B 887 -58.62 -23.13 -0.45
CA THR B 887 -59.48 -22.02 -0.84
C THR B 887 -58.97 -20.67 -0.34
N PHE B 888 -58.54 -20.61 0.93
CA PHE B 888 -58.12 -19.34 1.51
C PHE B 888 -56.91 -18.74 0.81
N GLY B 889 -56.13 -19.54 0.10
CA GLY B 889 -55.04 -19.03 -0.70
C GLY B 889 -55.46 -18.32 -1.97
N ALA B 890 -56.72 -18.46 -2.38
CA ALA B 890 -57.25 -17.82 -3.57
C ALA B 890 -58.11 -16.61 -3.27
N GLY B 891 -58.79 -16.59 -2.12
CA GLY B 891 -59.66 -15.49 -1.77
C GLY B 891 -60.16 -15.60 -0.36
N ALA B 892 -61.45 -15.36 -0.16
CA ALA B 892 -62.03 -15.48 1.17
C ALA B 892 -61.97 -16.93 1.63
N ALA B 893 -61.94 -17.11 2.96
CA ALA B 893 -61.95 -18.43 3.52
C ALA B 893 -63.27 -19.13 3.21
N LEU B 894 -63.30 -20.43 3.46
CA LEU B 894 -64.43 -21.25 3.06
C LEU B 894 -64.57 -22.41 4.03
N GLN B 895 -65.69 -22.45 4.74
CA GLN B 895 -65.96 -23.52 5.68
C GLN B 895 -66.11 -24.84 4.93
N ILE B 896 -65.20 -25.78 5.18
CA ILE B 896 -65.30 -27.14 4.64
C ILE B 896 -64.92 -28.09 5.77
N PRO B 897 -65.61 -29.22 5.96
CA PRO B 897 -65.14 -30.19 6.96
C PRO B 897 -63.86 -30.86 6.51
N PHE B 898 -63.05 -31.27 7.48
CA PHE B 898 -61.75 -31.83 7.18
C PHE B 898 -61.85 -33.16 6.46
N ALA B 899 -62.81 -33.99 6.86
CA ALA B 899 -62.98 -35.30 6.20
C ALA B 899 -63.37 -35.14 4.74
N MET B 900 -64.02 -34.03 4.38
CA MET B 900 -64.38 -33.78 3.00
C MET B 900 -63.20 -33.26 2.19
N GLN B 901 -62.27 -32.56 2.82
CA GLN B 901 -61.08 -32.09 2.12
C GLN B 901 -60.27 -33.26 1.60
N MET B 902 -60.04 -34.25 2.44
CA MET B 902 -59.25 -35.41 2.04
C MET B 902 -59.93 -36.18 0.92
N ALA B 903 -61.26 -36.14 0.86
CA ALA B 903 -61.98 -36.78 -0.23
C ALA B 903 -61.64 -36.13 -1.56
N TYR B 904 -61.48 -34.82 -1.57
CA TYR B 904 -61.10 -34.10 -2.78
C TYR B 904 -59.61 -34.22 -3.07
N ARG B 905 -58.79 -34.32 -2.03
CA ARG B 905 -57.37 -34.53 -2.23
C ARG B 905 -57.08 -35.95 -2.73
N PHE B 906 -57.87 -36.92 -2.28
CA PHE B 906 -57.76 -38.26 -2.82
C PHE B 906 -58.13 -38.29 -4.30
N ASN B 907 -59.15 -37.53 -4.69
CA ASN B 907 -59.49 -37.41 -6.10
C ASN B 907 -58.39 -36.71 -6.88
N GLY B 908 -57.61 -35.86 -6.22
CA GLY B 908 -56.50 -35.19 -6.86
C GLY B 908 -55.32 -36.09 -7.18
N ILE B 909 -55.35 -37.34 -6.74
CA ILE B 909 -54.28 -38.30 -6.98
C ILE B 909 -54.80 -39.56 -7.67
N GLY B 910 -56.00 -39.50 -8.24
CA GLY B 910 -56.56 -40.65 -8.92
C GLY B 910 -57.14 -41.70 -8.00
N VAL B 911 -57.78 -41.29 -6.91
CA VAL B 911 -58.38 -42.19 -5.94
C VAL B 911 -59.76 -41.65 -5.58
N THR B 912 -60.75 -42.54 -5.55
CA THR B 912 -62.12 -42.12 -5.32
C THR B 912 -62.33 -41.73 -3.86
N GLN B 913 -63.51 -41.19 -3.59
CA GLN B 913 -63.91 -40.84 -2.23
C GLN B 913 -64.29 -42.06 -1.41
N ASN B 914 -64.41 -43.24 -2.02
CA ASN B 914 -64.92 -44.40 -1.29
C ASN B 914 -63.92 -44.90 -0.26
N VAL B 915 -62.64 -45.00 -0.64
CA VAL B 915 -61.66 -45.62 0.24
C VAL B 915 -61.43 -44.78 1.47
N LEU B 916 -61.65 -43.47 1.37
CA LEU B 916 -61.48 -42.60 2.54
C LEU B 916 -62.55 -42.86 3.58
N TYR B 917 -63.81 -42.66 3.21
CA TYR B 917 -64.91 -42.82 4.17
C TYR B 917 -65.03 -44.27 4.63
N GLU B 918 -64.64 -45.21 3.78
CA GLU B 918 -64.62 -46.62 4.18
C GLU B 918 -63.46 -46.94 5.11
N ASN B 919 -62.40 -46.13 5.11
CA ASN B 919 -61.23 -46.31 5.96
C ASN B 919 -60.88 -45.01 6.66
N GLN B 920 -61.90 -44.26 7.09
CA GLN B 920 -61.67 -42.96 7.72
C GLN B 920 -60.93 -43.09 9.04
N LYS B 921 -61.11 -44.21 9.74
CA LYS B 921 -60.43 -44.41 11.02
C LYS B 921 -58.98 -44.82 10.83
N LEU B 922 -58.72 -45.67 9.83
CA LEU B 922 -57.35 -46.11 9.57
C LEU B 922 -56.48 -44.96 9.14
N ILE B 923 -56.99 -44.09 8.26
CA ILE B 923 -56.18 -43.01 7.73
C ILE B 923 -55.85 -42.00 8.82
N ALA B 924 -56.77 -41.81 9.77
CA ALA B 924 -56.51 -40.88 10.86
C ALA B 924 -55.50 -41.46 11.85
N ASN B 925 -55.58 -42.76 12.11
CA ASN B 925 -54.64 -43.38 13.03
C ASN B 925 -53.24 -43.43 12.44
N GLN B 926 -53.13 -43.66 11.12
CA GLN B 926 -51.84 -43.62 10.47
C GLN B 926 -51.24 -42.22 10.51
N PHE B 927 -52.10 -41.20 10.42
CA PHE B 927 -51.61 -39.83 10.47
C PHE B 927 -51.11 -39.49 11.86
N ASN B 928 -51.91 -39.76 12.89
CA ASN B 928 -51.53 -39.42 14.25
C ASN B 928 -50.30 -40.20 14.69
N SER B 929 -50.18 -41.45 14.23
CA SER B 929 -49.01 -42.24 14.57
C SER B 929 -47.76 -41.67 13.90
N ALA B 930 -47.87 -41.26 12.64
CA ALA B 930 -46.74 -40.69 11.94
C ALA B 930 -46.31 -39.37 12.57
N ILE B 931 -47.26 -38.60 13.12
CA ILE B 931 -46.91 -37.37 13.79
C ILE B 931 -46.08 -37.65 15.04
N GLY B 932 -46.40 -38.73 15.75
CA GLY B 932 -45.66 -39.09 16.94
C GLY B 932 -44.22 -39.45 16.65
N LYS B 933 -43.95 -39.98 15.46
CA LYS B 933 -42.58 -40.32 15.10
C LYS B 933 -41.72 -39.07 14.90
N ILE B 934 -42.34 -37.94 14.58
CA ILE B 934 -41.59 -36.70 14.43
C ILE B 934 -40.97 -36.27 15.75
N GLN B 935 -41.77 -36.29 16.82
CA GLN B 935 -41.25 -35.94 18.13
C GLN B 935 -40.14 -36.89 18.57
N ASP B 936 -40.24 -38.16 18.18
CA ASP B 936 -39.23 -39.13 18.56
C ASP B 936 -37.92 -38.90 17.79
N SER B 937 -38.02 -38.50 16.52
CA SER B 937 -36.82 -38.34 15.70
C SER B 937 -36.07 -37.07 16.08
N LEU B 938 -36.79 -35.99 16.36
CA LEU B 938 -36.15 -34.72 16.68
C LEU B 938 -35.61 -34.72 18.10
N SER B 939 -36.39 -35.26 19.05
CA SER B 939 -35.94 -35.30 20.44
C SER B 939 -34.73 -36.21 20.62
N SER B 940 -34.63 -37.28 19.83
CA SER B 940 -33.52 -38.21 19.96
C SER B 940 -32.27 -37.70 19.24
N THR B 941 -32.38 -37.52 17.92
CA THR B 941 -31.25 -37.09 17.09
C THR B 941 -31.35 -35.59 16.88
N ALA B 942 -30.29 -34.87 17.27
CA ALA B 942 -30.22 -33.42 17.09
C ALA B 942 -29.57 -33.01 15.77
N SER B 943 -29.07 -33.95 14.98
CA SER B 943 -28.38 -33.64 13.73
C SER B 943 -29.35 -33.43 12.56
N ALA B 944 -30.65 -33.40 12.81
CA ALA B 944 -31.60 -33.22 11.71
C ALA B 944 -31.58 -31.80 11.16
N LEU B 945 -31.27 -30.81 12.00
CA LEU B 945 -31.29 -29.41 11.63
C LEU B 945 -29.90 -28.90 11.24
N GLY B 946 -29.08 -29.75 10.64
CA GLY B 946 -27.75 -29.32 10.23
C GLY B 946 -27.76 -28.18 9.24
N LYS B 947 -28.81 -28.09 8.42
CA LYS B 947 -28.89 -27.03 7.42
C LYS B 947 -28.95 -25.65 8.07
N LEU B 948 -29.58 -25.55 9.24
CA LEU B 948 -29.68 -24.28 9.95
C LEU B 948 -28.50 -24.02 10.87
N GLN B 949 -27.88 -25.07 11.40
CA GLN B 949 -26.67 -24.89 12.19
C GLN B 949 -25.51 -24.42 11.32
N ASN B 950 -25.45 -24.88 10.08
CA ASN B 950 -24.39 -24.44 9.18
C ASN B 950 -24.51 -22.96 8.85
N VAL B 951 -25.74 -22.45 8.79
CA VAL B 951 -25.93 -21.02 8.54
C VAL B 951 -25.38 -20.19 9.68
N VAL B 952 -25.56 -20.66 10.92
CA VAL B 952 -25.10 -19.93 12.08
C VAL B 952 -23.59 -20.09 12.25
N ASN B 953 -23.08 -21.30 12.08
CA ASN B 953 -21.66 -21.55 12.25
C ASN B 953 -20.84 -20.85 11.18
N GLN B 954 -21.37 -20.78 9.97
CA GLN B 954 -20.65 -20.10 8.89
C GLN B 954 -20.49 -18.62 9.17
N ASN B 955 -21.53 -17.98 9.72
CA ASN B 955 -21.46 -16.55 9.98
C ASN B 955 -20.60 -16.25 11.19
N ALA B 956 -20.57 -17.15 12.18
CA ALA B 956 -19.77 -16.92 13.37
C ALA B 956 -18.28 -17.11 13.09
N GLN B 957 -17.94 -18.04 12.19
CA GLN B 957 -16.55 -18.20 11.80
C GLN B 957 -16.03 -16.97 11.08
N ALA B 958 -16.87 -16.34 10.27
CA ALA B 958 -16.44 -15.16 9.53
C ALA B 958 -16.16 -13.99 10.47
N LEU B 959 -17.03 -13.76 11.44
CA LEU B 959 -16.80 -12.66 12.38
C LEU B 959 -15.59 -12.94 13.27
N ASN B 960 -15.48 -14.16 13.80
CA ASN B 960 -14.34 -14.51 14.62
C ASN B 960 -13.05 -14.46 13.81
N THR B 961 -13.12 -14.81 12.52
CA THR B 961 -11.97 -14.67 11.65
C THR B 961 -11.71 -13.21 11.30
N LEU B 962 -12.77 -12.41 11.20
CA LEU B 962 -12.60 -11.00 10.91
C LEU B 962 -11.93 -10.27 12.06
N VAL B 963 -12.15 -10.72 13.30
CA VAL B 963 -11.60 -10.04 14.46
C VAL B 963 -10.14 -10.43 14.68
N LYS B 964 -9.81 -11.70 14.47
CA LYS B 964 -8.43 -12.15 14.65
C LYS B 964 -7.46 -11.44 13.71
N GLN B 965 -7.94 -10.94 12.57
CA GLN B 965 -7.08 -10.21 11.66
C GLN B 965 -6.58 -8.90 12.26
N LEU B 966 -7.28 -8.36 13.27
CA LEU B 966 -6.80 -7.15 13.93
C LEU B 966 -5.50 -7.40 14.67
N SER B 967 -5.28 -8.61 15.15
CA SER B 967 -4.04 -8.96 15.84
C SER B 967 -2.87 -9.18 14.89
N SER B 968 -3.08 -9.06 13.59
CA SER B 968 -2.02 -9.25 12.61
C SER B 968 -1.29 -7.94 12.34
N ASN B 969 -0.03 -8.06 11.95
CA ASN B 969 0.83 -6.91 11.72
C ASN B 969 0.81 -6.43 10.28
N PHE B 970 0.65 -7.34 9.33
CA PHE B 970 0.69 -7.01 7.90
C PHE B 970 2.01 -6.36 7.52
N GLY B 971 3.09 -6.83 8.13
CA GLY B 971 4.42 -6.32 7.84
C GLY B 971 4.83 -5.11 8.66
N ALA B 972 4.01 -4.70 9.64
CA ALA B 972 4.32 -3.55 10.46
C ALA B 972 5.06 -3.97 11.71
N ILE B 973 5.44 -2.97 12.52
CA ILE B 973 6.17 -3.25 13.75
C ILE B 973 5.25 -3.95 14.76
N SER B 974 3.98 -3.56 14.80
CA SER B 974 3.04 -4.09 15.76
C SER B 974 1.64 -4.06 15.17
N SER B 975 0.76 -4.87 15.76
CA SER B 975 -0.64 -4.93 15.34
C SER B 975 -1.50 -3.88 16.02
N VAL B 976 -1.03 -3.28 17.09
CA VAL B 976 -1.79 -2.27 17.83
C VAL B 976 -1.58 -0.93 17.17
N LEU B 977 -2.58 -0.07 17.29
CA LEU B 977 -2.53 1.28 16.74
C LEU B 977 -1.95 2.27 17.73
N ASN B 978 -2.41 2.23 18.98
CA ASN B 978 -1.90 3.16 19.99
C ASN B 978 -0.44 2.89 20.30
N ASP B 979 0.02 1.64 20.15
CA ASP B 979 1.43 1.33 20.39
C ASP B 979 2.32 2.04 19.39
N ILE B 980 1.84 2.26 18.17
CA ILE B 980 2.58 3.05 17.19
C ILE B 980 2.31 4.54 17.35
N LEU B 981 1.12 4.90 17.79
CA LEU B 981 0.76 6.31 17.92
C LEU B 981 1.56 6.97 19.05
N SER B 982 1.85 6.23 20.12
CA SER B 982 2.54 6.76 21.29
C SER B 982 4.05 6.50 21.27
N ARG B 983 4.56 5.88 20.22
CA ARG B 983 5.95 5.43 20.16
C ARG B 983 6.74 6.05 19.01
N LEU B 984 6.13 6.16 17.83
CA LEU B 984 6.79 6.69 16.64
C LEU B 984 6.17 8.03 16.25
N ASP B 985 6.88 8.73 15.38
CA ASP B 985 6.44 10.03 14.89
C ASP B 985 5.49 9.85 13.70
N PRO B 986 4.74 10.90 13.32
CA PRO B 986 3.82 10.77 12.19
C PRO B 986 4.51 10.40 10.89
N PRO B 987 5.67 11.00 10.55
CA PRO B 987 6.35 10.57 9.32
C PRO B 987 6.76 9.11 9.33
N GLU B 988 7.10 8.58 10.51
CA GLU B 988 7.47 7.18 10.64
C GLU B 988 6.28 6.28 10.95
N ALA B 989 5.22 6.84 11.53
CA ALA B 989 4.01 6.06 11.82
C ALA B 989 3.10 5.96 10.61
N GLU B 990 3.08 6.99 9.76
CA GLU B 990 2.23 6.97 8.58
C GLU B 990 2.59 5.81 7.65
N VAL B 991 3.87 5.45 7.58
CA VAL B 991 4.27 4.31 6.79
C VAL B 991 3.77 3.01 7.41
N GLN B 992 3.66 2.98 8.75
CA GLN B 992 3.24 1.78 9.45
C GLN B 992 1.73 1.65 9.47
N ILE B 993 1.02 2.75 9.72
CA ILE B 993 -0.44 2.71 9.77
C ILE B 993 -1.01 2.36 8.40
N ASP B 994 -0.34 2.77 7.32
CA ASP B 994 -0.83 2.45 5.99
C ASP B 994 -0.79 0.95 5.73
N ARG B 995 0.15 0.24 6.35
CA ARG B 995 0.22 -1.21 6.17
C ARG B 995 -0.94 -1.89 6.88
N LEU B 996 -1.33 -1.38 8.04
CA LEU B 996 -2.46 -1.97 8.75
C LEU B 996 -3.77 -1.75 8.00
N ILE B 997 -3.93 -0.57 7.41
CA ILE B 997 -5.17 -0.25 6.71
C ILE B 997 -5.33 -1.15 5.50
N THR B 998 -4.27 -1.33 4.72
CA THR B 998 -4.34 -2.18 3.54
C THR B 998 -4.68 -3.62 3.89
N GLY B 999 -4.26 -4.07 5.07
CA GLY B 999 -4.54 -5.42 5.52
C GLY B 999 -5.92 -5.53 6.14
N ARG B 1000 -6.30 -4.52 6.93
CA ARG B 1000 -7.60 -4.52 7.57
C ARG B 1000 -8.72 -4.12 6.62
N LEU B 1001 -8.41 -3.42 5.53
CA LEU B 1001 -9.43 -3.09 4.54
C LEU B 1001 -9.76 -4.29 3.66
N GLN B 1002 -8.73 -5.06 3.27
CA GLN B 1002 -8.97 -6.29 2.53
C GLN B 1002 -9.72 -7.31 3.37
N SER B 1003 -9.52 -7.29 4.68
CA SER B 1003 -10.21 -8.22 5.56
C SER B 1003 -11.71 -7.97 5.57
N LEU B 1004 -12.13 -6.72 5.35
CA LEU B 1004 -13.56 -6.41 5.24
C LEU B 1004 -14.11 -6.83 3.89
N GLN B 1005 -13.40 -6.49 2.81
CA GLN B 1005 -13.86 -6.85 1.47
C GLN B 1005 -14.00 -8.36 1.31
N THR B 1006 -13.11 -9.13 1.95
CA THR B 1006 -13.25 -10.57 1.94
C THR B 1006 -14.48 -11.01 2.74
N TYR B 1007 -14.87 -10.24 3.74
CA TYR B 1007 -16.03 -10.60 4.54
C TYR B 1007 -17.32 -10.21 3.84
N VAL B 1008 -17.38 -8.98 3.32
CA VAL B 1008 -18.59 -8.51 2.67
C VAL B 1008 -18.84 -9.27 1.38
N THR B 1009 -17.77 -9.61 0.65
CA THR B 1009 -17.93 -10.35 -0.60
C THR B 1009 -18.49 -11.74 -0.33
N GLN B 1010 -18.07 -12.37 0.77
CA GLN B 1010 -18.54 -13.72 1.08
C GLN B 1010 -19.97 -13.71 1.60
N GLN B 1011 -20.34 -12.64 2.31
CA GLN B 1011 -21.71 -12.55 2.82
C GLN B 1011 -22.71 -12.32 1.69
N LEU B 1012 -22.30 -11.56 0.68
CA LEU B 1012 -23.17 -11.36 -0.47
C LEU B 1012 -23.43 -12.65 -1.22
N ILE B 1013 -22.43 -13.55 -1.25
CA ILE B 1013 -22.61 -14.84 -1.89
C ILE B 1013 -23.43 -15.77 -1.02
N ARG B 1014 -23.19 -15.75 0.30
CA ARG B 1014 -23.99 -16.57 1.20
C ARG B 1014 -25.45 -16.12 1.19
N ALA B 1015 -25.68 -14.81 1.15
CA ALA B 1015 -27.04 -14.30 1.13
C ALA B 1015 -27.76 -14.70 -0.15
N ALA B 1016 -27.04 -14.86 -1.26
CA ALA B 1016 -27.67 -15.30 -2.49
C ALA B 1016 -28.20 -16.71 -2.38
N GLU B 1017 -27.53 -17.57 -1.60
CA GLU B 1017 -28.05 -18.90 -1.36
C GLU B 1017 -29.30 -18.86 -0.50
N ILE B 1018 -29.32 -17.97 0.50
CA ILE B 1018 -30.49 -17.82 1.34
C ILE B 1018 -31.64 -17.22 0.54
N ARG B 1019 -31.33 -16.32 -0.40
CA ARG B 1019 -32.38 -15.73 -1.24
C ARG B 1019 -33.04 -16.78 -2.12
N ALA B 1020 -32.30 -17.82 -2.51
CA ALA B 1020 -32.86 -18.88 -3.33
C ALA B 1020 -33.62 -19.90 -2.49
N SER B 1021 -33.11 -20.20 -1.29
CA SER B 1021 -33.83 -21.10 -0.39
C SER B 1021 -35.13 -20.47 0.08
N ALA B 1022 -35.12 -19.16 0.33
CA ALA B 1022 -36.33 -18.48 0.76
C ALA B 1022 -37.37 -18.42 -0.36
N ASN B 1023 -36.91 -18.12 -1.59
CA ASN B 1023 -37.83 -18.13 -2.72
C ASN B 1023 -38.38 -19.51 -2.98
N LEU B 1024 -37.60 -20.55 -2.67
CA LEU B 1024 -38.10 -21.92 -2.79
C LEU B 1024 -39.15 -22.20 -1.73
N ALA B 1025 -38.87 -21.84 -0.49
CA ALA B 1025 -39.83 -22.07 0.59
C ALA B 1025 -41.12 -21.30 0.37
N ALA B 1026 -41.02 -20.07 -0.14
CA ALA B 1026 -42.21 -19.31 -0.48
C ALA B 1026 -43.01 -19.99 -1.58
N THR B 1027 -42.33 -20.70 -2.49
CA THR B 1027 -43.03 -21.44 -3.53
C THR B 1027 -43.67 -22.71 -2.99
N LYS B 1028 -43.09 -23.30 -1.95
CA LYS B 1028 -43.68 -24.49 -1.36
C LYS B 1028 -44.91 -24.16 -0.53
N MET B 1029 -44.90 -23.02 0.16
CA MET B 1029 -46.07 -22.62 0.96
C MET B 1029 -47.26 -22.33 0.05
N SER B 1030 -46.99 -21.84 -1.15
CA SER B 1030 -48.08 -21.61 -2.11
C SER B 1030 -48.56 -22.92 -2.71
N GLU B 1031 -47.63 -23.78 -3.11
CA GLU B 1031 -47.98 -25.01 -3.82
C GLU B 1031 -48.35 -26.14 -2.85
N CYS B 1032 -47.53 -26.37 -1.84
CA CYS B 1032 -47.72 -27.52 -0.98
C CYS B 1032 -48.74 -27.25 0.11
N VAL B 1033 -48.66 -26.10 0.78
CA VAL B 1033 -49.52 -25.79 1.91
C VAL B 1033 -50.83 -25.21 1.42
N LEU B 1034 -50.76 -24.08 0.71
CA LEU B 1034 -51.96 -23.40 0.26
C LEU B 1034 -52.70 -24.14 -0.85
N GLY B 1035 -52.12 -25.22 -1.38
CA GLY B 1035 -52.79 -25.98 -2.41
C GLY B 1035 -52.28 -27.40 -2.45
N GLN B 1036 -52.71 -28.13 -3.47
CA GLN B 1036 -52.31 -29.50 -3.71
C GLN B 1036 -51.47 -29.54 -4.99
N SER B 1037 -50.24 -30.04 -4.87
CA SER B 1037 -49.29 -30.04 -5.96
C SER B 1037 -49.19 -31.43 -6.58
N LYS B 1038 -49.29 -31.48 -7.90
CA LYS B 1038 -49.07 -32.69 -8.67
C LYS B 1038 -47.62 -32.86 -9.09
N ARG B 1039 -46.72 -32.01 -8.59
CA ARG B 1039 -45.30 -32.13 -8.89
C ARG B 1039 -44.68 -33.22 -8.02
N VAL B 1040 -43.86 -34.06 -8.63
CA VAL B 1040 -43.32 -35.21 -7.93
C VAL B 1040 -42.16 -34.78 -7.04
N ASP B 1041 -42.17 -35.25 -5.80
CA ASP B 1041 -41.09 -35.03 -4.83
C ASP B 1041 -40.81 -33.55 -4.57
N PHE B 1042 -41.77 -32.67 -4.88
CA PHE B 1042 -41.65 -31.27 -4.53
C PHE B 1042 -42.22 -30.97 -3.16
N CYS B 1043 -43.25 -31.71 -2.76
CA CYS B 1043 -43.87 -31.62 -1.45
C CYS B 1043 -43.85 -32.96 -0.75
N GLY B 1044 -42.71 -33.65 -0.82
CA GLY B 1044 -42.51 -34.93 -0.17
C GLY B 1044 -42.58 -36.09 -1.14
N LYS B 1045 -41.95 -37.19 -0.73
CA LYS B 1045 -41.96 -38.41 -1.54
C LYS B 1045 -43.32 -39.07 -1.46
N GLY B 1046 -43.92 -39.31 -2.62
CA GLY B 1046 -45.23 -39.90 -2.74
C GLY B 1046 -46.21 -38.93 -3.39
N TYR B 1047 -47.48 -39.33 -3.36
CA TYR B 1047 -48.56 -38.52 -3.92
C TYR B 1047 -49.01 -37.53 -2.84
N HIS B 1048 -48.72 -36.25 -3.08
CA HIS B 1048 -48.93 -35.23 -2.06
C HIS B 1048 -50.41 -34.99 -1.82
N LEU B 1049 -50.80 -35.01 -0.53
CA LEU B 1049 -52.15 -34.66 -0.11
C LEU B 1049 -52.21 -33.24 0.43
N MET B 1050 -51.44 -32.94 1.47
CA MET B 1050 -51.41 -31.62 2.06
C MET B 1050 -50.12 -31.49 2.85
N SER B 1051 -49.88 -30.28 3.35
CA SER B 1051 -48.64 -29.96 4.06
C SER B 1051 -48.93 -28.99 5.18
N PHE B 1052 -48.20 -29.14 6.29
CA PHE B 1052 -48.36 -28.31 7.48
C PHE B 1052 -47.03 -27.64 7.77
N PRO B 1053 -46.94 -26.31 7.87
CA PRO B 1053 -45.66 -25.68 8.16
C PRO B 1053 -45.40 -25.52 9.65
N GLN B 1054 -44.12 -25.40 9.97
CA GLN B 1054 -43.68 -25.15 11.34
C GLN B 1054 -42.51 -24.18 11.30
N SER B 1055 -42.48 -23.26 12.25
CA SER B 1055 -41.42 -22.28 12.34
C SER B 1055 -40.17 -22.90 12.95
N ALA B 1056 -39.05 -22.22 12.75
CA ALA B 1056 -37.76 -22.67 13.25
C ALA B 1056 -36.81 -21.48 13.28
N PRO B 1057 -35.69 -21.58 14.00
CA PRO B 1057 -34.75 -20.46 14.05
C PRO B 1057 -34.08 -20.24 12.70
N HIS B 1058 -34.28 -19.05 12.14
CA HIS B 1058 -33.69 -18.67 10.86
C HIS B 1058 -34.08 -19.63 9.74
N GLY B 1059 -35.28 -20.19 9.82
CA GLY B 1059 -35.72 -21.13 8.81
C GLY B 1059 -37.17 -21.51 9.00
N VAL B 1060 -37.57 -22.54 8.26
CA VAL B 1060 -38.93 -23.03 8.28
C VAL B 1060 -38.90 -24.54 8.04
N VAL B 1061 -39.93 -25.22 8.53
CA VAL B 1061 -40.03 -26.67 8.43
C VAL B 1061 -41.43 -27.01 7.91
N PHE B 1062 -41.48 -27.95 6.97
CA PHE B 1062 -42.73 -28.44 6.39
C PHE B 1062 -42.97 -29.87 6.82
N LEU B 1063 -44.20 -30.16 7.20
CA LEU B 1063 -44.65 -31.50 7.54
C LEU B 1063 -45.61 -31.94 6.43
N HIS B 1064 -45.07 -32.63 5.44
CA HIS B 1064 -45.85 -33.07 4.31
C HIS B 1064 -46.71 -34.28 4.67
N VAL B 1065 -47.68 -34.57 3.81
CA VAL B 1065 -48.55 -35.74 3.95
C VAL B 1065 -48.69 -36.36 2.57
N THR B 1066 -48.35 -37.64 2.45
CA THR B 1066 -48.29 -38.32 1.17
C THR B 1066 -49.00 -39.67 1.25
N TYR B 1067 -49.61 -40.05 0.13
CA TYR B 1067 -50.26 -41.35 -0.02
C TYR B 1067 -49.25 -42.32 -0.61
N VAL B 1068 -49.10 -43.47 0.04
CA VAL B 1068 -48.09 -44.46 -0.34
C VAL B 1068 -48.74 -45.83 -0.45
N PRO B 1069 -48.90 -46.42 -1.64
CA PRO B 1069 -49.36 -47.80 -1.71
C PRO B 1069 -48.31 -48.76 -1.18
N ALA B 1070 -48.76 -49.73 -0.38
CA ALA B 1070 -47.87 -50.63 0.35
C ALA B 1070 -48.00 -52.07 -0.10
N GLN B 1071 -49.20 -52.64 -0.04
CA GLN B 1071 -49.41 -54.06 -0.31
C GLN B 1071 -49.92 -54.24 -1.73
N GLU B 1072 -49.16 -54.99 -2.53
CA GLU B 1072 -49.40 -55.16 -3.95
C GLU B 1072 -50.02 -56.53 -4.19
N LYS B 1073 -50.32 -56.80 -5.47
CA LYS B 1073 -50.84 -58.09 -5.88
C LYS B 1073 -50.74 -58.18 -7.40
N ASN B 1074 -50.18 -59.28 -7.89
CA ASN B 1074 -50.02 -59.46 -9.33
C ASN B 1074 -51.33 -59.92 -9.94
N PHE B 1075 -51.75 -59.22 -11.00
CA PHE B 1075 -52.96 -59.54 -11.73
C PHE B 1075 -52.64 -59.62 -13.22
N THR B 1076 -53.53 -60.29 -13.95
CA THR B 1076 -53.45 -60.39 -15.40
C THR B 1076 -54.35 -59.33 -16.01
N THR B 1077 -53.79 -58.54 -16.92
CA THR B 1077 -54.47 -57.37 -17.48
C THR B 1077 -54.63 -57.53 -18.99
N ALA B 1078 -55.27 -56.53 -19.59
CA ALA B 1078 -55.49 -56.49 -21.03
C ALA B 1078 -55.81 -55.05 -21.42
N PRO B 1079 -55.55 -54.68 -22.67
CA PRO B 1079 -55.84 -53.30 -23.09
C PRO B 1079 -57.34 -53.06 -23.30
N ALA B 1080 -58.04 -54.06 -23.80
CA ALA B 1080 -59.45 -53.91 -24.13
C ALA B 1080 -60.08 -55.30 -24.14
N ILE B 1081 -61.38 -55.33 -24.44
CA ILE B 1081 -62.14 -56.57 -24.52
C ILE B 1081 -63.06 -56.52 -25.74
N CYS B 1082 -63.34 -57.69 -26.30
CA CYS B 1082 -64.24 -57.84 -27.43
C CYS B 1082 -65.50 -58.56 -26.96
N HIS B 1083 -66.65 -57.98 -27.27
CA HIS B 1083 -67.95 -58.49 -26.82
C HIS B 1083 -68.82 -59.00 -27.96
N ASP B 1084 -69.08 -58.15 -28.95
CA ASP B 1084 -69.92 -58.51 -30.10
C ASP B 1084 -69.34 -57.88 -31.36
N GLY B 1085 -68.02 -57.99 -31.52
CA GLY B 1085 -67.30 -57.31 -32.56
C GLY B 1085 -66.87 -55.90 -32.21
N LYS B 1086 -67.42 -55.34 -31.13
CA LYS B 1086 -67.06 -54.00 -30.68
C LYS B 1086 -66.01 -54.10 -29.59
N ALA B 1087 -65.02 -53.22 -29.65
CA ALA B 1087 -63.96 -53.16 -28.66
C ALA B 1087 -64.31 -52.14 -27.59
N HIS B 1088 -64.29 -52.58 -26.33
CA HIS B 1088 -64.63 -51.74 -25.19
C HIS B 1088 -63.37 -51.35 -24.44
N PHE B 1089 -63.20 -50.04 -24.22
CA PHE B 1089 -62.11 -49.50 -23.43
C PHE B 1089 -62.64 -48.94 -22.12
N PRO B 1090 -61.81 -48.85 -21.07
CA PRO B 1090 -62.32 -48.37 -19.78
C PRO B 1090 -62.35 -46.85 -19.71
N ARG B 1091 -63.45 -46.33 -19.15
CA ARG B 1091 -63.57 -44.89 -18.98
C ARG B 1091 -62.51 -44.36 -18.02
N GLU B 1092 -62.35 -45.02 -16.88
CA GLU B 1092 -61.34 -44.63 -15.91
C GLU B 1092 -60.96 -45.86 -15.10
N GLY B 1093 -59.79 -46.42 -15.40
CA GLY B 1093 -59.33 -47.63 -14.74
C GLY B 1093 -58.63 -48.57 -15.69
N VAL B 1094 -58.50 -49.84 -15.28
CA VAL B 1094 -57.85 -50.86 -16.07
C VAL B 1094 -58.57 -52.19 -15.88
N PHE B 1095 -58.47 -53.03 -16.89
CA PHE B 1095 -59.03 -54.38 -16.84
C PHE B 1095 -58.03 -55.30 -16.17
N VAL B 1096 -58.51 -56.07 -15.20
CA VAL B 1096 -57.69 -57.02 -14.45
C VAL B 1096 -58.48 -58.31 -14.27
N SER B 1097 -57.75 -59.41 -14.10
CA SER B 1097 -58.33 -60.73 -13.98
C SER B 1097 -57.80 -61.43 -12.74
N ASN B 1098 -58.70 -62.15 -12.05
CA ASN B 1098 -58.33 -63.03 -10.95
C ASN B 1098 -58.02 -64.44 -11.44
N GLY B 1099 -57.65 -64.60 -12.71
CA GLY B 1099 -57.40 -65.90 -13.31
C GLY B 1099 -58.57 -66.45 -14.09
N THR B 1100 -59.80 -66.15 -13.68
CA THR B 1100 -61.01 -66.68 -14.29
C THR B 1100 -62.00 -65.60 -14.72
N HIS B 1101 -62.12 -64.53 -13.95
CA HIS B 1101 -63.10 -63.47 -14.20
C HIS B 1101 -62.39 -62.14 -14.31
N TRP B 1102 -62.79 -61.34 -15.30
CA TRP B 1102 -62.25 -60.01 -15.49
C TRP B 1102 -63.10 -58.98 -14.75
N PHE B 1103 -62.44 -57.90 -14.33
CA PHE B 1103 -63.08 -56.83 -13.59
C PHE B 1103 -62.51 -55.50 -14.06
N VAL B 1104 -63.00 -54.42 -13.48
CA VAL B 1104 -62.48 -53.08 -13.68
C VAL B 1104 -62.17 -52.48 -12.31
N THR B 1105 -61.03 -51.81 -12.22
CA THR B 1105 -60.62 -51.20 -10.97
C THR B 1105 -59.77 -49.98 -11.28
N GLN B 1106 -59.80 -49.02 -10.35
CA GLN B 1106 -58.93 -47.87 -10.45
C GLN B 1106 -57.48 -48.30 -10.31
N ARG B 1107 -56.58 -47.49 -10.87
CA ARG B 1107 -55.18 -47.90 -10.99
C ARG B 1107 -54.48 -47.93 -9.64
N ASN B 1108 -54.83 -47.04 -8.73
CA ASN B 1108 -54.09 -46.86 -7.48
C ASN B 1108 -54.70 -47.59 -6.29
N PHE B 1109 -55.77 -48.34 -6.48
CA PHE B 1109 -56.32 -49.16 -5.41
C PHE B 1109 -57.21 -50.23 -6.01
N TYR B 1110 -57.19 -51.41 -5.38
CA TYR B 1110 -57.94 -52.55 -5.87
C TYR B 1110 -59.38 -52.45 -5.39
N GLU B 1111 -60.29 -52.16 -6.32
CA GLU B 1111 -61.73 -52.10 -6.04
C GLU B 1111 -62.45 -52.67 -7.25
N PRO B 1112 -62.41 -53.98 -7.44
CA PRO B 1112 -62.92 -54.56 -8.69
C PRO B 1112 -64.43 -54.38 -8.84
N GLN B 1113 -64.84 -54.11 -10.06
CA GLN B 1113 -66.24 -53.92 -10.41
C GLN B 1113 -66.55 -54.73 -11.66
N ILE B 1114 -67.83 -54.98 -11.87
CA ILE B 1114 -68.29 -55.69 -13.06
C ILE B 1114 -68.19 -54.76 -14.26
N ILE B 1115 -67.81 -55.32 -15.40
CA ILE B 1115 -67.66 -54.54 -16.62
C ILE B 1115 -69.04 -54.26 -17.19
N THR B 1116 -69.36 -52.98 -17.38
CA THR B 1116 -70.63 -52.55 -17.92
C THR B 1116 -70.38 -51.46 -18.96
N THR B 1117 -71.46 -51.07 -19.64
CA THR B 1117 -71.37 -50.01 -20.63
C THR B 1117 -71.17 -48.65 -19.99
N ASP B 1118 -71.44 -48.50 -18.69
CA ASP B 1118 -71.22 -47.24 -18.01
C ASP B 1118 -69.77 -47.07 -17.58
N ASN B 1119 -69.10 -48.18 -17.24
CA ASN B 1119 -67.70 -48.14 -16.86
C ASN B 1119 -66.75 -48.11 -18.06
N THR B 1120 -67.25 -48.29 -19.27
CA THR B 1120 -66.41 -48.48 -20.45
C THR B 1120 -66.87 -47.57 -21.57
N PHE B 1121 -66.12 -47.62 -22.67
CA PHE B 1121 -66.40 -46.84 -23.86
C PHE B 1121 -66.05 -47.68 -25.08
N VAL B 1122 -66.86 -47.55 -26.13
CA VAL B 1122 -66.73 -48.35 -27.34
C VAL B 1122 -65.97 -47.54 -28.38
N SER B 1123 -65.14 -48.22 -29.17
CA SER B 1123 -64.44 -47.59 -30.27
C SER B 1123 -63.93 -48.65 -31.22
N GLY B 1124 -64.36 -48.61 -32.48
CA GLY B 1124 -63.85 -49.50 -33.49
C GLY B 1124 -64.17 -50.96 -33.24
N ASN B 1125 -63.54 -51.81 -34.05
CA ASN B 1125 -63.72 -53.25 -33.98
C ASN B 1125 -62.55 -53.88 -33.23
N CYS B 1126 -62.56 -55.21 -33.17
CA CYS B 1126 -61.60 -55.97 -32.40
C CYS B 1126 -60.40 -56.46 -33.20
N ASP B 1127 -60.34 -56.16 -34.50
CA ASP B 1127 -59.28 -56.65 -35.37
C ASP B 1127 -58.14 -55.66 -35.51
N VAL B 1128 -57.97 -54.75 -34.56
CA VAL B 1128 -56.96 -53.70 -34.62
C VAL B 1128 -56.09 -53.70 -33.38
N VAL B 1129 -56.70 -53.68 -32.20
CA VAL B 1129 -55.96 -53.54 -30.96
C VAL B 1129 -55.12 -54.78 -30.72
N ILE B 1130 -53.89 -54.57 -30.25
CA ILE B 1130 -52.95 -55.65 -29.97
C ILE B 1130 -53.12 -56.08 -28.52
N GLY B 1131 -53.32 -57.38 -28.31
CA GLY B 1131 -53.52 -57.92 -26.98
C GLY B 1131 -54.95 -57.96 -26.52
N ILE B 1132 -55.91 -57.64 -27.38
CA ILE B 1132 -57.31 -57.67 -26.99
C ILE B 1132 -57.73 -59.10 -26.68
N VAL B 1133 -58.77 -59.22 -25.86
CA VAL B 1133 -59.31 -60.50 -25.43
C VAL B 1133 -60.82 -60.51 -25.67
N ASN B 1134 -61.41 -61.69 -25.53
CA ASN B 1134 -62.84 -61.90 -25.71
C ASN B 1134 -63.48 -62.11 -24.35
N ASN B 1135 -64.51 -61.32 -24.05
CA ASN B 1135 -65.25 -61.46 -22.81
C ASN B 1135 -66.58 -60.75 -22.96
N THR B 1136 -67.36 -60.77 -21.88
CA THR B 1136 -68.73 -60.29 -21.88
C THR B 1136 -68.84 -58.94 -21.20
N VAL B 1137 -69.83 -58.14 -21.64
CA VAL B 1137 -70.16 -56.86 -21.05
C VAL B 1137 -71.64 -56.84 -20.74
N TYR B 1138 -72.00 -56.38 -19.55
CA TYR B 1138 -73.37 -56.44 -19.07
C TYR B 1138 -74.08 -55.12 -19.31
N ASP B 1139 -75.25 -55.19 -19.95
CA ASP B 1139 -76.10 -54.03 -20.17
C ASP B 1139 -77.17 -54.01 -19.08
N PRO B 1140 -77.28 -52.97 -18.25
CA PRO B 1140 -78.31 -52.98 -17.19
C PRO B 1140 -79.74 -52.90 -17.71
N LEU B 1141 -79.96 -52.61 -19.00
CA LEU B 1141 -81.32 -52.48 -19.50
C LEU B 1141 -82.01 -53.84 -19.63
N GLN B 1142 -81.25 -54.93 -19.72
CA GLN B 1142 -81.85 -56.24 -19.93
C GLN B 1142 -82.79 -56.66 -18.81
N PRO B 1143 -82.35 -56.75 -17.55
CA PRO B 1143 -83.25 -57.24 -16.50
C PRO B 1143 -84.42 -56.31 -16.22
N GLU B 1144 -84.30 -55.02 -16.54
CA GLU B 1144 -85.39 -54.09 -16.32
C GLU B 1144 -86.43 -54.13 -17.43
N LEU B 1145 -86.01 -54.43 -18.66
CA LEU B 1145 -86.93 -54.55 -19.78
C LEU B 1145 -87.44 -55.98 -19.97
N ASP B 1146 -86.61 -56.98 -19.70
CA ASP B 1146 -87.05 -58.36 -19.79
C ASP B 1146 -88.06 -58.73 -18.70
N SER B 1147 -88.13 -57.97 -17.62
CA SER B 1147 -89.11 -58.20 -16.58
C SER B 1147 -90.52 -58.00 -17.11
N GLN C 14 45.03 2.60 -55.37
CA GLN C 14 44.89 2.16 -53.96
C GLN C 14 43.43 2.25 -53.52
N CYS C 15 42.87 3.46 -53.52
CA CYS C 15 41.47 3.70 -53.24
C CYS C 15 40.61 3.65 -54.51
N VAL C 16 41.08 2.94 -55.54
CA VAL C 16 40.33 2.84 -56.78
C VAL C 16 39.02 2.11 -56.55
N ASN C 17 38.10 2.27 -57.50
CA ASN C 17 36.84 1.55 -57.55
C ASN C 17 36.70 0.92 -58.92
N LEU C 18 35.78 -0.04 -59.04
CA LEU C 18 35.55 -0.71 -60.31
C LEU C 18 35.02 0.31 -61.31
N ARG C 19 35.88 0.69 -62.27
CA ARG C 19 35.57 1.81 -63.15
C ARG C 19 34.33 1.55 -63.99
N THR C 20 34.04 0.29 -64.31
CA THR C 20 32.87 -0.08 -65.09
C THR C 20 31.66 -0.40 -64.23
N ARG C 21 31.58 0.19 -63.03
CA ARG C 21 30.51 -0.10 -62.08
C ARG C 21 29.38 0.91 -62.25
N THR C 22 28.15 0.44 -62.05
CA THR C 22 26.96 1.29 -62.15
C THR C 22 25.89 0.73 -61.23
N GLN C 23 25.09 1.62 -60.67
CA GLN C 23 24.09 1.27 -59.67
C GLN C 23 22.72 1.14 -60.31
N LEU C 24 21.84 0.37 -59.65
CA LEU C 24 20.49 0.09 -60.11
C LEU C 24 19.45 0.87 -59.31
N PRO C 25 18.22 0.95 -59.81
CA PRO C 25 17.16 1.62 -59.04
C PRO C 25 16.80 0.82 -57.80
N PRO C 26 15.93 1.37 -56.92
CA PRO C 26 15.57 0.63 -55.69
C PRO C 26 14.49 -0.42 -55.95
N ALA C 27 14.86 -1.44 -56.71
CA ALA C 27 13.94 -2.54 -56.98
C ALA C 27 13.66 -3.32 -55.70
N TYR C 28 12.45 -3.86 -55.62
CA TYR C 28 12.06 -4.66 -54.46
C TYR C 28 10.97 -5.64 -54.85
N THR C 29 10.69 -6.56 -53.95
CA THR C 29 9.64 -7.56 -54.12
C THR C 29 9.01 -7.82 -52.75
N ASN C 30 8.12 -8.81 -52.69
CA ASN C 30 7.39 -9.14 -51.47
C ASN C 30 7.98 -10.38 -50.83
N SER C 31 8.10 -10.34 -49.50
CA SER C 31 8.62 -11.45 -48.71
C SER C 31 7.51 -11.96 -47.81
N PHE C 32 6.98 -13.14 -48.11
CA PHE C 32 5.80 -13.66 -47.44
C PHE C 32 6.04 -13.93 -45.96
N THR C 33 6.89 -14.92 -45.65
CA THR C 33 7.01 -15.44 -44.29
C THR C 33 8.48 -15.70 -43.96
N ARG C 34 9.35 -14.76 -44.32
CA ARG C 34 10.77 -14.88 -44.07
C ARG C 34 11.18 -14.05 -42.86
N GLY C 35 12.35 -14.37 -42.33
CA GLY C 35 12.91 -13.64 -41.21
C GLY C 35 12.52 -14.15 -39.84
N VAL C 36 11.92 -15.33 -39.76
CA VAL C 36 11.55 -15.91 -38.48
C VAL C 36 12.75 -16.63 -37.89
N TYR C 37 13.01 -16.40 -36.60
CA TYR C 37 14.18 -16.97 -35.96
C TYR C 37 13.86 -17.21 -34.49
N TYR C 38 14.68 -18.08 -33.88
CA TYR C 38 14.57 -18.40 -32.46
C TYR C 38 15.12 -17.24 -31.64
N PRO C 39 14.31 -16.46 -30.93
CA PRO C 39 14.84 -15.28 -30.24
C PRO C 39 15.44 -15.58 -28.88
N ASP C 40 15.51 -16.85 -28.47
CA ASP C 40 15.99 -17.21 -27.14
C ASP C 40 16.71 -18.55 -27.24
N LYS C 41 17.04 -19.11 -26.08
CA LYS C 41 17.74 -20.39 -25.98
C LYS C 41 16.90 -21.37 -25.19
N VAL C 42 15.62 -21.48 -25.53
CA VAL C 42 14.65 -22.28 -24.78
C VAL C 42 13.91 -23.19 -25.74
N PHE C 43 13.71 -24.43 -25.31
CA PHE C 43 12.97 -25.42 -26.07
C PHE C 43 11.51 -25.44 -25.63
N ARG C 44 10.61 -25.52 -26.59
CA ARG C 44 9.19 -25.72 -26.35
C ARG C 44 8.66 -26.67 -27.40
N SER C 45 7.44 -27.14 -27.21
CA SER C 45 6.85 -28.06 -28.18
C SER C 45 5.33 -28.06 -28.05
N SER C 46 4.66 -27.98 -29.19
CA SER C 46 3.20 -28.02 -29.26
C SER C 46 2.59 -26.89 -28.44
N VAL C 47 3.12 -25.69 -28.62
CA VAL C 47 2.67 -24.49 -27.94
C VAL C 47 2.51 -23.38 -28.97
N LEU C 48 2.04 -22.22 -28.50
CA LEU C 48 1.99 -21.00 -29.30
C LEU C 48 2.48 -19.88 -28.38
N HIS C 49 3.80 -19.67 -28.36
CA HIS C 49 4.41 -18.71 -27.46
C HIS C 49 4.47 -17.34 -28.12
N SER C 50 4.20 -16.31 -27.33
CA SER C 50 4.26 -14.92 -27.77
C SER C 50 5.60 -14.31 -27.36
N THR C 51 6.01 -13.30 -28.11
CA THR C 51 7.29 -12.66 -27.88
C THR C 51 7.24 -11.23 -28.41
N GLN C 52 8.09 -10.37 -27.84
CA GLN C 52 8.19 -8.96 -28.23
C GLN C 52 9.67 -8.68 -28.46
N ASP C 53 10.12 -8.92 -29.69
CA ASP C 53 11.49 -8.65 -30.10
C ASP C 53 11.44 -8.07 -31.51
N LEU C 54 12.61 -7.77 -32.06
CA LEU C 54 12.70 -7.25 -33.41
C LEU C 54 12.48 -8.38 -34.40
N PHE C 55 11.68 -8.10 -35.44
CA PHE C 55 11.31 -9.10 -36.43
C PHE C 55 11.09 -8.43 -37.76
N LEU C 56 10.86 -9.25 -38.79
CA LEU C 56 10.54 -8.77 -40.13
C LEU C 56 9.02 -8.64 -40.28
N PRO C 57 8.49 -7.50 -40.71
CA PRO C 57 7.06 -7.46 -41.05
C PRO C 57 6.78 -8.31 -42.28
N PHE C 58 5.73 -9.11 -42.22
CA PHE C 58 5.40 -10.01 -43.31
C PHE C 58 4.95 -9.22 -44.53
N PHE C 59 5.24 -9.76 -45.71
CA PHE C 59 4.87 -9.16 -46.99
C PHE C 59 5.45 -7.75 -47.13
N SER C 60 6.66 -7.54 -46.63
CA SER C 60 7.33 -6.26 -46.72
C SER C 60 8.05 -6.11 -48.05
N ASN C 61 8.44 -4.88 -48.35
CA ASN C 61 9.19 -4.57 -49.56
C ASN C 61 10.68 -4.64 -49.26
N VAL C 62 11.32 -5.72 -49.72
CA VAL C 62 12.73 -5.96 -49.49
C VAL C 62 13.49 -5.59 -50.76
N THR C 63 14.59 -4.86 -50.60
CA THR C 63 15.34 -4.38 -51.74
C THR C 63 16.09 -5.52 -52.42
N TRP C 64 16.12 -5.48 -53.74
CA TRP C 64 16.82 -6.47 -54.55
C TRP C 64 18.13 -5.89 -55.08
N PHE C 65 19.16 -6.74 -55.14
CA PHE C 65 20.45 -6.33 -55.68
C PHE C 65 21.10 -7.52 -56.35
N HIS C 66 21.78 -7.26 -57.48
CA HIS C 66 22.45 -8.27 -58.27
C HIS C 66 23.95 -8.03 -58.21
N ALA C 67 24.72 -9.12 -58.13
CA ALA C 67 26.18 -9.08 -58.05
C ALA C 67 26.74 -9.73 -59.32
N ILE C 68 26.92 -8.92 -60.37
CA ILE C 68 27.38 -9.41 -61.66
C ILE C 68 27.97 -8.23 -62.41
N HIS C 69 28.80 -8.53 -63.40
CA HIS C 69 29.43 -7.47 -64.20
C HIS C 69 28.45 -6.92 -65.22
N LYS C 77 26.51 -3.56 -66.68
CA LYS C 77 27.12 -3.03 -65.47
C LYS C 77 26.17 -3.15 -64.30
N ARG C 78 25.67 -4.36 -64.08
CA ARG C 78 24.74 -4.65 -62.99
C ARG C 78 25.50 -5.10 -61.74
N PHE C 79 26.43 -4.27 -61.30
CA PHE C 79 27.34 -4.57 -60.20
C PHE C 79 26.96 -3.66 -59.03
N ASP C 80 26.32 -4.24 -58.02
CA ASP C 80 25.74 -3.50 -56.90
C ASP C 80 26.39 -3.95 -55.60
N ASN C 81 27.18 -3.07 -55.00
CA ASN C 81 27.66 -3.26 -53.63
C ASN C 81 27.87 -1.91 -52.96
N PRO C 82 26.82 -1.09 -52.79
CA PRO C 82 27.01 0.24 -52.18
C PRO C 82 26.86 0.22 -50.67
N VAL C 83 26.96 1.38 -50.04
CA VAL C 83 26.74 1.53 -48.61
C VAL C 83 25.25 1.44 -48.34
N LEU C 84 24.88 0.82 -47.23
CA LEU C 84 23.50 0.68 -46.79
C LEU C 84 23.43 0.96 -45.30
N PRO C 85 22.28 1.40 -44.78
CA PRO C 85 22.19 1.65 -43.35
C PRO C 85 21.95 0.37 -42.55
N PHE C 86 22.38 0.44 -41.29
CA PHE C 86 22.09 -0.58 -40.28
C PHE C 86 21.25 -0.02 -39.14
N ASN C 87 20.33 0.90 -39.45
CA ASN C 87 19.60 1.59 -38.41
C ASN C 87 18.70 0.65 -37.61
N ASP C 88 18.14 -0.36 -38.26
CA ASP C 88 17.16 -1.26 -37.66
C ASP C 88 17.44 -2.71 -38.05
N GLY C 89 18.71 -3.12 -37.97
CA GLY C 89 19.06 -4.49 -38.30
C GLY C 89 19.01 -4.74 -39.79
N VAL C 90 19.10 -6.02 -40.16
CA VAL C 90 19.14 -6.40 -41.56
C VAL C 90 18.82 -7.89 -41.68
N TYR C 91 18.39 -8.30 -42.87
CA TYR C 91 18.31 -9.69 -43.28
C TYR C 91 19.12 -9.87 -44.56
N PHE C 92 19.44 -11.13 -44.85
CA PHE C 92 20.13 -11.47 -46.08
C PHE C 92 19.63 -12.81 -46.58
N ALA C 93 19.52 -12.94 -47.91
CA ALA C 93 19.11 -14.18 -48.57
C ALA C 93 19.99 -14.33 -49.80
N SER C 94 21.08 -15.06 -49.66
CA SER C 94 22.08 -15.19 -50.71
C SER C 94 21.81 -16.46 -51.51
N THR C 95 21.41 -16.28 -52.77
CA THR C 95 21.30 -17.37 -53.74
C THR C 95 22.57 -17.36 -54.57
N GLU C 96 23.59 -18.07 -54.08
CA GLU C 96 24.88 -18.14 -54.74
C GLU C 96 25.39 -19.57 -54.71
N LYS C 97 26.06 -19.93 -55.81
CA LYS C 97 26.66 -21.25 -55.98
C LYS C 97 28.15 -21.10 -56.23
N SER C 98 28.52 -20.05 -56.95
CA SER C 98 29.92 -19.69 -57.17
C SER C 98 30.57 -19.04 -55.97
N ASN C 99 29.83 -18.81 -54.88
CA ASN C 99 30.37 -18.18 -53.68
C ASN C 99 30.91 -16.79 -53.99
N ILE C 100 30.09 -16.00 -54.68
CA ILE C 100 30.50 -14.64 -55.04
C ILE C 100 30.62 -13.78 -53.80
N ILE C 101 29.72 -13.97 -52.84
CA ILE C 101 29.67 -13.14 -51.64
C ILE C 101 30.56 -13.77 -50.59
N ARG C 102 31.41 -12.95 -49.95
CA ARG C 102 32.49 -13.43 -49.11
C ARG C 102 32.50 -12.85 -47.70
N GLY C 103 31.72 -11.81 -47.43
CA GLY C 103 31.71 -11.23 -46.10
C GLY C 103 31.03 -9.89 -46.10
N TRP C 104 31.12 -9.21 -44.96
CA TRP C 104 30.39 -7.97 -44.73
C TRP C 104 31.22 -7.04 -43.87
N ILE C 105 31.42 -5.81 -44.35
CA ILE C 105 32.08 -4.76 -43.60
C ILE C 105 31.01 -3.94 -42.87
N PHE C 106 31.32 -3.56 -41.64
CA PHE C 106 30.41 -2.77 -40.82
C PHE C 106 31.14 -1.58 -40.22
N GLY C 107 30.38 -0.60 -39.77
CA GLY C 107 30.93 0.57 -39.12
C GLY C 107 29.97 1.75 -39.22
N THR C 108 30.49 2.91 -38.85
CA THR C 108 29.76 4.16 -38.91
C THR C 108 30.23 5.06 -40.05
N THR C 109 31.52 5.00 -40.37
CA THR C 109 32.10 5.69 -41.51
C THR C 109 32.86 4.75 -42.45
N LEU C 110 33.26 3.56 -41.96
CA LEU C 110 33.98 2.58 -42.76
C LEU C 110 35.31 3.15 -43.25
N ASP C 111 36.02 3.81 -42.33
CA ASP C 111 37.36 4.31 -42.57
C ASP C 111 38.15 4.17 -41.27
N SER C 112 39.34 4.76 -41.22
CA SER C 112 40.18 4.68 -40.04
C SER C 112 39.80 5.69 -38.95
N LYS C 113 38.73 6.45 -39.14
CA LYS C 113 38.35 7.46 -38.14
C LYS C 113 37.60 6.82 -36.98
N THR C 114 36.63 5.97 -37.29
CA THR C 114 35.82 5.27 -36.30
C THR C 114 36.16 3.79 -36.29
N GLN C 115 35.82 3.14 -35.18
CA GLN C 115 36.03 1.69 -35.06
C GLN C 115 35.02 0.98 -35.94
N SER C 116 35.49 0.47 -37.09
CA SER C 116 34.65 -0.18 -38.07
C SER C 116 34.91 -1.68 -38.03
N LEU C 117 33.87 -2.45 -37.75
CA LEU C 117 33.98 -3.90 -37.63
C LEU C 117 34.17 -4.53 -39.01
N LEU C 118 35.03 -5.53 -39.07
CA LEU C 118 35.35 -6.27 -40.28
C LEU C 118 35.09 -7.75 -40.05
N ILE C 119 34.26 -8.35 -40.90
CA ILE C 119 34.00 -9.78 -40.88
C ILE C 119 34.14 -10.28 -42.31
N VAL C 120 34.88 -11.38 -42.49
CA VAL C 120 35.11 -11.97 -43.80
C VAL C 120 35.07 -13.49 -43.67
N ASN C 121 34.69 -14.14 -44.76
CA ASN C 121 34.79 -15.58 -44.91
C ASN C 121 35.81 -15.82 -46.03
N ASN C 122 37.09 -15.84 -45.65
CA ASN C 122 38.18 -15.89 -46.61
C ASN C 122 38.61 -17.32 -46.97
N ALA C 123 37.69 -18.28 -46.87
CA ALA C 123 37.87 -19.65 -47.33
C ALA C 123 38.93 -20.42 -46.53
N THR C 124 39.39 -19.89 -45.40
CA THR C 124 40.25 -20.61 -44.47
C THR C 124 39.63 -20.70 -43.08
N ASN C 125 39.04 -19.62 -42.59
CA ASN C 125 38.29 -19.63 -41.35
C ASN C 125 37.54 -18.31 -41.22
N VAL C 126 36.52 -18.32 -40.37
CA VAL C 126 35.77 -17.11 -40.09
C VAL C 126 36.66 -16.16 -39.29
N VAL C 127 36.81 -14.93 -39.79
CA VAL C 127 37.66 -13.92 -39.18
C VAL C 127 36.79 -12.74 -38.76
N ILE C 128 37.12 -12.16 -37.61
CA ILE C 128 36.43 -10.99 -37.08
C ILE C 128 37.49 -10.05 -36.53
N LYS C 129 37.37 -8.77 -36.87
CA LYS C 129 38.31 -7.76 -36.39
C LYS C 129 37.62 -6.41 -36.33
N VAL C 130 37.99 -5.62 -35.32
CA VAL C 130 37.49 -4.26 -35.13
C VAL C 130 38.72 -3.38 -34.95
N CYS C 131 39.12 -2.69 -36.02
CA CYS C 131 40.26 -1.79 -36.01
C CYS C 131 39.88 -0.56 -36.83
N GLU C 132 40.80 0.41 -36.88
CA GLU C 132 40.63 1.58 -37.73
C GLU C 132 41.02 1.20 -39.17
N PHE C 133 40.18 0.36 -39.77
CA PHE C 133 40.49 -0.24 -41.05
C PHE C 133 40.41 0.80 -42.16
N GLN C 134 41.41 0.80 -43.05
CA GLN C 134 41.49 1.75 -44.16
C GLN C 134 40.84 1.12 -45.38
N PHE C 135 39.51 1.18 -45.43
CA PHE C 135 38.77 0.61 -46.54
C PHE C 135 38.85 1.50 -47.76
N CYS C 136 38.68 0.89 -48.93
CA CYS C 136 38.62 1.59 -50.20
C CYS C 136 37.16 1.72 -50.64
N ASN C 137 36.94 2.24 -51.84
CA ASN C 137 35.59 2.44 -52.36
C ASN C 137 34.97 1.15 -52.89
N ASP C 138 35.78 0.16 -53.25
CA ASP C 138 35.30 -1.12 -53.75
C ASP C 138 36.22 -2.22 -53.24
N PRO C 139 36.14 -2.54 -51.95
CA PRO C 139 36.92 -3.68 -51.45
C PRO C 139 36.39 -4.98 -52.01
N PHE C 140 37.30 -5.96 -52.10
CA PHE C 140 36.99 -7.21 -52.78
C PHE C 140 37.85 -8.33 -52.19
N LEU C 141 37.26 -9.53 -52.14
CA LEU C 141 37.97 -10.74 -51.77
C LEU C 141 38.07 -11.58 -53.03
N GLY C 142 39.07 -11.29 -53.85
CA GLY C 142 39.15 -11.77 -55.21
C GLY C 142 40.24 -12.81 -55.42
N VAL C 143 40.47 -13.09 -56.70
CA VAL C 143 41.44 -14.10 -57.14
C VAL C 143 42.07 -13.61 -58.43
N TYR C 144 43.40 -13.72 -58.51
CA TYR C 144 44.13 -13.32 -59.71
C TYR C 144 45.22 -14.36 -59.97
N TYR C 145 45.82 -14.25 -61.15
CA TYR C 145 46.80 -15.23 -61.63
C TYR C 145 46.19 -16.63 -61.67
N HIS C 146 45.02 -16.74 -62.32
CA HIS C 146 44.45 -18.02 -62.69
C HIS C 146 45.02 -18.55 -64.00
N LYS C 147 46.03 -17.89 -64.55
CA LYS C 147 46.70 -18.39 -65.76
C LYS C 147 47.34 -19.75 -65.50
N ASN C 148 47.80 -20.00 -64.28
CA ASN C 148 48.37 -21.28 -63.89
C ASN C 148 48.29 -21.41 -62.38
N ASN C 149 48.15 -22.65 -61.92
CA ASN C 149 47.96 -22.96 -60.50
C ASN C 149 46.77 -22.19 -59.94
N LYS C 150 45.61 -22.42 -60.56
CA LYS C 150 44.39 -21.73 -60.17
C LYS C 150 44.01 -22.06 -58.73
N SER C 151 43.64 -23.32 -58.49
CA SER C 151 43.20 -23.85 -57.20
C SER C 151 41.84 -23.30 -56.75
N TRP C 152 41.24 -22.36 -57.48
CA TRP C 152 40.02 -21.67 -57.05
C TRP C 152 40.16 -21.13 -55.63
N MET C 153 41.28 -20.45 -55.36
CA MET C 153 41.58 -19.92 -54.04
C MET C 153 42.24 -18.56 -54.19
N GLU C 154 42.42 -17.89 -53.05
CA GLU C 154 43.04 -16.56 -53.02
C GLU C 154 44.53 -16.69 -53.28
N SER C 155 45.01 -16.04 -54.34
CA SER C 155 46.43 -16.05 -54.67
C SER C 155 47.15 -14.88 -54.02
N GLY C 158 42.80 -8.31 -50.13
CA GLY C 158 42.97 -6.98 -50.70
C GLY C 158 41.72 -6.13 -50.59
N VAL C 159 41.31 -5.86 -49.36
CA VAL C 159 40.10 -5.07 -49.08
C VAL C 159 40.45 -3.75 -48.39
N TYR C 160 41.46 -3.78 -47.51
CA TYR C 160 41.88 -2.63 -46.73
C TYR C 160 43.37 -2.40 -46.91
N SER C 161 43.79 -1.16 -46.63
CA SER C 161 45.20 -0.82 -46.75
C SER C 161 45.98 -1.27 -45.53
N SER C 162 45.62 -0.75 -44.35
CA SER C 162 46.31 -1.08 -43.11
C SER C 162 45.28 -1.13 -41.97
N ALA C 163 45.73 -1.60 -40.82
CA ALA C 163 44.86 -1.72 -39.65
C ALA C 163 45.69 -1.48 -38.40
N ASN C 164 45.12 -0.75 -37.45
CA ASN C 164 45.78 -0.47 -36.19
C ASN C 164 44.71 -0.13 -35.15
N ASN C 165 45.14 -0.05 -33.89
CA ASN C 165 44.25 0.21 -32.78
C ASN C 165 43.17 -0.88 -32.68
N CYS C 166 43.57 -2.12 -32.95
CA CYS C 166 42.64 -3.23 -32.91
C CYS C 166 42.20 -3.50 -31.48
N THR C 167 40.95 -3.93 -31.34
CA THR C 167 40.31 -4.07 -30.03
C THR C 167 39.70 -5.45 -29.82
N PHE C 168 39.23 -6.07 -30.90
CA PHE C 168 38.50 -7.33 -30.82
C PHE C 168 39.03 -8.29 -31.88
N GLU C 169 38.98 -9.58 -31.56
CA GLU C 169 39.39 -10.62 -32.49
C GLU C 169 38.75 -11.93 -32.07
N TYR C 170 38.07 -12.59 -33.02
CA TYR C 170 37.38 -13.84 -32.76
C TYR C 170 37.45 -14.69 -34.01
N VAL C 171 37.46 -16.01 -33.82
CA VAL C 171 37.54 -16.96 -34.93
C VAL C 171 36.69 -18.17 -34.57
N SER C 172 35.75 -18.50 -35.46
CA SER C 172 34.88 -19.66 -35.30
C SER C 172 35.51 -20.87 -36.00
N GLN C 173 34.72 -21.91 -36.24
CA GLN C 173 35.23 -23.11 -36.87
C GLN C 173 35.75 -22.80 -38.28
N PRO C 174 36.61 -23.65 -38.82
CA PRO C 174 37.18 -23.38 -40.15
C PRO C 174 36.31 -23.95 -41.27
N PHE C 175 36.68 -23.60 -42.49
CA PHE C 175 35.95 -24.04 -43.67
C PHE C 175 36.82 -23.78 -44.89
N LEU C 176 36.36 -24.29 -46.03
CA LEU C 176 37.02 -24.08 -47.32
C LEU C 176 35.95 -23.70 -48.34
N MET C 177 35.91 -22.42 -48.71
CA MET C 177 34.91 -21.93 -49.65
C MET C 177 35.43 -22.11 -51.08
N ASP C 178 34.70 -22.90 -51.87
CA ASP C 178 35.05 -23.09 -53.27
C ASP C 178 34.79 -21.80 -54.04
N LEU C 179 35.84 -21.27 -54.68
CA LEU C 179 35.75 -20.03 -55.46
C LEU C 179 35.59 -20.30 -56.95
N GLU C 180 34.95 -21.41 -57.31
CA GLU C 180 34.72 -21.73 -58.71
C GLU C 180 33.66 -20.81 -59.28
N GLY C 181 33.94 -20.23 -60.44
CA GLY C 181 33.00 -19.32 -61.09
C GLY C 181 32.01 -20.03 -61.99
N LYS C 182 30.73 -19.86 -61.71
CA LYS C 182 29.65 -20.43 -62.50
C LYS C 182 28.61 -19.35 -62.78
N GLN C 183 27.96 -19.47 -63.94
CA GLN C 183 26.95 -18.53 -64.38
C GLN C 183 25.65 -19.29 -64.62
N GLY C 184 24.53 -18.65 -64.24
CA GLY C 184 23.21 -19.21 -64.46
C GLY C 184 22.42 -19.31 -63.15
N ASN C 185 21.51 -20.27 -63.12
CA ASN C 185 20.59 -20.42 -62.01
C ASN C 185 21.23 -21.16 -60.85
N PHE C 186 20.63 -21.00 -59.67
CA PHE C 186 21.08 -21.63 -58.43
C PHE C 186 19.93 -22.40 -57.80
N LYS C 187 20.28 -23.27 -56.84
CA LYS C 187 19.30 -24.06 -56.12
C LYS C 187 19.64 -24.15 -54.63
N ASN C 188 20.27 -23.11 -54.08
CA ASN C 188 20.70 -23.11 -52.69
C ASN C 188 20.63 -21.69 -52.15
N LEU C 189 20.15 -21.56 -50.91
CA LEU C 189 19.98 -20.28 -50.26
C LEU C 189 20.48 -20.38 -48.83
N ARG C 190 21.27 -19.40 -48.42
CA ARG C 190 21.81 -19.30 -47.06
C ARG C 190 21.32 -17.98 -46.49
N GLU C 191 20.29 -18.05 -45.65
CA GLU C 191 19.66 -16.87 -45.09
C GLU C 191 20.35 -16.50 -43.78
N PHE C 192 20.67 -15.23 -43.61
CA PHE C 192 21.43 -14.73 -42.48
C PHE C 192 20.66 -13.62 -41.77
N VAL C 193 21.05 -13.38 -40.51
CA VAL C 193 20.53 -12.26 -39.73
C VAL C 193 21.70 -11.65 -38.97
N PHE C 194 21.64 -10.33 -38.78
CA PHE C 194 22.66 -9.59 -38.06
C PHE C 194 21.97 -8.56 -37.19
N LYS C 195 22.16 -8.68 -35.87
CA LYS C 195 21.37 -7.95 -34.89
C LYS C 195 22.28 -7.47 -33.77
N ASN C 196 22.17 -6.17 -33.45
CA ASN C 196 22.91 -5.56 -32.35
C ASN C 196 22.05 -5.64 -31.09
N ILE C 197 22.24 -6.70 -30.32
CA ILE C 197 21.45 -6.92 -29.08
C ILE C 197 22.20 -6.19 -27.98
N ASP C 198 21.99 -4.88 -27.91
CA ASP C 198 22.51 -4.03 -26.84
C ASP C 198 24.02 -4.18 -26.68
N GLY C 199 24.74 -4.00 -27.78
CA GLY C 199 26.17 -4.22 -27.83
C GLY C 199 26.57 -5.65 -28.14
N TYR C 200 25.73 -6.62 -27.77
CA TYR C 200 25.98 -8.02 -28.10
C TYR C 200 25.49 -8.25 -29.52
N PHE C 201 26.42 -8.48 -30.44
CA PHE C 201 26.09 -8.67 -31.86
C PHE C 201 25.88 -10.15 -32.11
N LYS C 202 24.62 -10.52 -32.32
CA LYS C 202 24.22 -11.92 -32.52
C LYS C 202 23.97 -12.18 -34.00
N ILE C 203 24.22 -13.41 -34.41
CA ILE C 203 24.09 -13.84 -35.79
C ILE C 203 23.24 -15.11 -35.84
N TYR C 204 22.36 -15.18 -36.84
CA TYR C 204 21.59 -16.38 -37.15
C TYR C 204 21.90 -16.81 -38.57
N SER C 205 21.58 -18.06 -38.88
CA SER C 205 21.93 -18.61 -40.17
C SER C 205 21.13 -19.89 -40.43
N LYS C 206 20.85 -20.14 -41.70
CA LYS C 206 20.17 -21.37 -42.12
C LYS C 206 20.40 -21.59 -43.60
N HIS C 207 21.10 -22.67 -43.94
CA HIS C 207 21.30 -23.08 -45.32
C HIS C 207 20.16 -23.99 -45.74
N THR C 208 19.49 -23.65 -46.84
CA THR C 208 18.36 -24.42 -47.36
C THR C 208 18.49 -24.54 -48.87
N PRO C 209 18.00 -25.62 -49.47
CA PRO C 209 17.91 -25.68 -50.93
C PRO C 209 16.66 -25.00 -51.43
N ILE C 210 16.69 -24.62 -52.71
CA ILE C 210 15.59 -23.90 -53.34
C ILE C 210 15.52 -24.28 -54.82
N ASN C 211 14.43 -23.85 -55.46
CA ASN C 211 14.28 -23.90 -56.92
C ASN C 211 13.93 -22.47 -57.32
N LEU C 212 14.95 -21.67 -57.61
CA LEU C 212 14.76 -20.24 -57.83
C LEU C 212 13.87 -19.99 -59.05
N VAL C 213 12.91 -19.08 -58.88
CA VAL C 213 11.99 -18.70 -59.95
C VAL C 213 12.04 -17.19 -60.14
N ARG C 214 11.81 -16.44 -59.07
CA ARG C 214 11.75 -14.98 -59.10
C ARG C 214 12.55 -14.39 -57.93
N ASP C 215 13.76 -14.90 -57.74
CA ASP C 215 14.76 -14.32 -56.85
C ASP C 215 14.47 -14.51 -55.36
N LEU C 216 13.28 -15.04 -55.01
CA LEU C 216 12.92 -15.19 -53.61
C LEU C 216 11.78 -16.19 -53.47
N PRO C 217 12.06 -17.49 -53.53
CA PRO C 217 11.00 -18.48 -53.31
C PRO C 217 10.39 -18.34 -51.92
N GLN C 218 9.08 -18.53 -51.85
CA GLN C 218 8.31 -18.30 -50.64
C GLN C 218 8.06 -19.61 -49.90
N GLY C 219 7.48 -19.49 -48.72
CA GLY C 219 7.30 -20.57 -47.78
C GLY C 219 7.76 -20.15 -46.41
N PHE C 220 7.80 -21.11 -45.49
CA PHE C 220 8.22 -20.88 -44.11
C PHE C 220 9.58 -21.50 -43.85
N SER C 221 10.32 -20.88 -42.95
CA SER C 221 11.66 -21.31 -42.59
C SER C 221 12.10 -20.58 -41.33
N ALA C 222 12.83 -21.29 -40.47
CA ALA C 222 13.36 -20.73 -39.23
C ALA C 222 14.87 -20.65 -39.32
N LEU C 223 15.45 -19.76 -38.54
CA LEU C 223 16.89 -19.49 -38.55
C LEU C 223 17.46 -19.73 -37.17
N GLU C 224 18.41 -20.65 -37.09
CA GLU C 224 19.06 -21.01 -35.84
C GLU C 224 20.08 -19.94 -35.45
N PRO C 225 20.50 -19.90 -34.18
CA PRO C 225 21.55 -18.97 -33.79
C PRO C 225 22.93 -19.56 -34.03
N LEU C 226 23.91 -18.66 -34.17
CA LEU C 226 25.28 -19.03 -34.49
C LEU C 226 26.27 -18.64 -33.40
N VAL C 227 26.29 -17.37 -32.99
CA VAL C 227 27.30 -16.91 -32.04
C VAL C 227 26.84 -15.60 -31.44
N ASP C 228 27.29 -15.33 -30.21
CA ASP C 228 27.09 -14.06 -29.53
C ASP C 228 28.44 -13.34 -29.47
N LEU C 229 28.50 -12.14 -30.04
CA LEU C 229 29.73 -11.36 -30.15
C LEU C 229 29.64 -10.15 -29.23
N PRO C 230 30.05 -10.25 -27.96
CA PRO C 230 29.96 -9.09 -27.06
C PRO C 230 31.01 -8.05 -27.41
N ILE C 231 30.76 -7.29 -28.48
CA ILE C 231 31.72 -6.29 -28.93
C ILE C 231 31.60 -5.00 -28.11
N GLY C 232 30.44 -4.35 -28.20
CA GLY C 232 30.23 -3.10 -27.52
C GLY C 232 30.58 -1.87 -28.34
N ILE C 233 30.47 -1.96 -29.66
CA ILE C 233 30.76 -0.85 -30.57
C ILE C 233 29.63 -0.81 -31.58
N ASN C 234 28.83 0.26 -31.55
CA ASN C 234 27.62 0.33 -32.35
C ASN C 234 27.93 0.34 -33.83
N ILE C 235 26.90 0.06 -34.62
CA ILE C 235 26.95 0.12 -36.08
C ILE C 235 25.78 0.96 -36.55
N THR C 236 25.99 1.72 -37.62
CA THR C 236 24.94 2.50 -38.27
C THR C 236 24.86 2.28 -39.76
N ARG C 237 25.92 1.78 -40.40
CA ARG C 237 25.90 1.43 -41.81
C ARG C 237 26.79 0.21 -42.00
N PHE C 238 26.75 -0.36 -43.21
CA PHE C 238 27.55 -1.53 -43.50
C PHE C 238 27.74 -1.63 -45.01
N GLN C 239 28.37 -2.72 -45.44
CA GLN C 239 28.67 -2.94 -46.85
C GLN C 239 28.97 -4.41 -47.07
N THR C 240 28.73 -4.86 -48.30
CA THR C 240 28.94 -6.25 -48.68
C THR C 240 30.29 -6.42 -49.38
N LEU C 241 30.74 -7.67 -49.45
CA LEU C 241 31.99 -8.04 -50.10
C LEU C 241 31.68 -9.05 -51.19
N LEU C 242 32.23 -8.83 -52.38
CA LEU C 242 32.04 -9.70 -53.53
C LEU C 242 33.38 -10.27 -53.98
N ALA C 243 33.32 -11.49 -54.54
CA ALA C 243 34.50 -12.13 -55.10
C ALA C 243 34.68 -11.71 -56.55
N LEU C 244 35.86 -11.18 -56.87
CA LEU C 244 36.21 -10.75 -58.22
C LEU C 244 37.31 -11.66 -58.76
N HIS C 245 37.23 -11.97 -60.05
CA HIS C 245 38.15 -12.88 -60.71
C HIS C 245 38.99 -12.13 -61.74
N ARG C 246 40.22 -12.58 -61.91
CA ARG C 246 41.17 -11.97 -62.84
C ARG C 246 42.04 -13.05 -63.43
N SER C 247 42.20 -13.03 -64.76
CA SER C 247 43.04 -14.01 -65.43
C SER C 247 44.51 -13.74 -65.14
N SER C 255 42.76 -3.79 -59.75
CA SER C 255 41.45 -3.53 -59.17
C SER C 255 40.65 -2.56 -60.04
N SER C 256 40.85 -2.66 -61.36
CA SER C 256 40.24 -1.76 -62.34
C SER C 256 39.33 -2.47 -63.34
N GLY C 257 39.83 -3.50 -64.03
CA GLY C 257 39.07 -4.19 -65.07
C GLY C 257 38.77 -5.63 -64.71
N TRP C 258 38.43 -5.89 -63.45
CA TRP C 258 38.12 -7.24 -63.00
C TRP C 258 36.73 -7.65 -63.50
N THR C 259 36.37 -8.90 -63.20
CA THR C 259 35.02 -9.41 -63.45
C THR C 259 34.67 -10.35 -62.31
N ALA C 260 33.56 -11.06 -62.45
CA ALA C 260 33.09 -11.97 -61.41
C ALA C 260 32.01 -12.87 -62.02
N GLY C 261 31.52 -13.79 -61.21
CA GLY C 261 30.46 -14.70 -61.62
C GLY C 261 29.08 -14.12 -61.37
N ALA C 262 28.10 -15.01 -61.27
CA ALA C 262 26.70 -14.66 -61.07
C ALA C 262 26.25 -14.98 -59.65
N ALA C 263 25.55 -14.03 -59.04
CA ALA C 263 24.95 -14.22 -57.73
C ALA C 263 24.09 -13.01 -57.39
N ALA C 264 23.00 -13.26 -56.67
CA ALA C 264 22.08 -12.22 -56.23
C ALA C 264 21.79 -12.41 -54.74
N TYR C 265 21.56 -11.29 -54.06
CA TYR C 265 21.23 -11.30 -52.65
C TYR C 265 20.06 -10.35 -52.40
N TYR C 266 19.63 -10.28 -51.15
CA TYR C 266 18.51 -9.47 -50.75
C TYR C 266 18.81 -8.79 -49.41
N VAL C 267 18.06 -7.72 -49.14
CA VAL C 267 18.24 -6.92 -47.94
C VAL C 267 16.88 -6.53 -47.40
N GLY C 268 16.76 -6.55 -46.08
CA GLY C 268 15.59 -6.04 -45.38
C GLY C 268 16.00 -5.17 -44.22
N TYR C 269 15.13 -5.01 -43.24
CA TYR C 269 15.49 -4.35 -42.00
C TYR C 269 14.43 -4.66 -40.96
N LEU C 270 14.89 -5.05 -39.77
CA LEU C 270 14.01 -5.52 -38.71
C LEU C 270 13.07 -4.42 -38.26
N GLN C 271 12.07 -4.80 -37.48
CA GLN C 271 11.16 -3.85 -36.85
C GLN C 271 10.69 -4.46 -35.53
N PRO C 272 10.36 -3.63 -34.52
CA PRO C 272 9.93 -4.19 -33.23
C PRO C 272 8.47 -4.62 -33.23
N ARG C 273 8.23 -5.82 -33.73
CA ARG C 273 6.89 -6.39 -33.86
C ARG C 273 6.66 -7.45 -32.80
N THR C 274 5.39 -7.67 -32.50
CA THR C 274 4.95 -8.77 -31.64
C THR C 274 4.57 -9.95 -32.51
N PHE C 275 4.89 -11.15 -32.04
CA PHE C 275 4.83 -12.35 -32.86
C PHE C 275 4.34 -13.52 -32.04
N LEU C 276 3.89 -14.56 -32.75
CA LEU C 276 3.66 -15.88 -32.19
C LEU C 276 4.69 -16.84 -32.76
N LEU C 277 4.89 -17.95 -32.06
CA LEU C 277 5.88 -18.96 -32.44
C LEU C 277 5.27 -20.33 -32.18
N LYS C 278 5.00 -21.06 -33.25
CA LYS C 278 4.38 -22.39 -33.16
C LYS C 278 5.47 -23.45 -33.15
N TYR C 279 5.87 -23.86 -31.96
CA TYR C 279 6.80 -24.96 -31.80
C TYR C 279 6.07 -26.28 -31.99
N ASN C 280 6.70 -27.20 -32.72
CA ASN C 280 6.11 -28.50 -33.01
C ASN C 280 6.63 -29.53 -32.00
N GLU C 281 6.30 -30.81 -32.24
CA GLU C 281 6.70 -31.86 -31.32
C GLU C 281 8.21 -31.98 -31.23
N ASN C 282 8.91 -31.83 -32.35
CA ASN C 282 10.35 -31.98 -32.42
C ASN C 282 11.08 -30.65 -32.19
N GLY C 283 10.45 -29.69 -31.52
CA GLY C 283 11.09 -28.43 -31.19
C GLY C 283 11.19 -27.43 -32.31
N THR C 284 10.79 -27.79 -33.52
CA THR C 284 10.92 -26.91 -34.66
C THR C 284 9.79 -25.89 -34.70
N ILE C 285 10.13 -24.67 -35.10
CA ILE C 285 9.13 -23.64 -35.35
C ILE C 285 8.58 -23.87 -36.76
N THR C 286 7.29 -24.20 -36.84
CA THR C 286 6.64 -24.53 -38.10
C THR C 286 5.73 -23.44 -38.63
N ASP C 287 5.43 -22.41 -37.83
CA ASP C 287 4.56 -21.33 -38.27
C ASP C 287 4.70 -20.19 -37.28
N ALA C 288 4.18 -19.02 -37.68
CA ALA C 288 4.18 -17.84 -36.82
C ALA C 288 3.07 -16.91 -37.29
N VAL C 289 2.83 -15.88 -36.50
CA VAL C 289 1.75 -14.93 -36.77
C VAL C 289 2.24 -13.54 -36.37
N ASP C 290 2.16 -12.59 -37.30
CA ASP C 290 2.47 -11.20 -37.01
C ASP C 290 1.22 -10.52 -36.47
N CYS C 291 1.31 -9.98 -35.25
CA CYS C 291 0.15 -9.44 -34.56
C CYS C 291 -0.20 -8.01 -34.97
N ALA C 292 0.32 -7.52 -36.10
CA ALA C 292 -0.06 -6.20 -36.61
C ALA C 292 -0.22 -6.18 -38.12
N LEU C 293 -0.17 -7.33 -38.79
CA LEU C 293 -0.35 -7.36 -40.24
C LEU C 293 -1.76 -6.97 -40.62
N ASP C 294 -2.75 -7.57 -39.98
CA ASP C 294 -4.15 -7.35 -40.29
C ASP C 294 -4.97 -7.65 -39.05
N PRO C 295 -6.22 -7.18 -38.98
CA PRO C 295 -7.03 -7.49 -37.80
C PRO C 295 -7.28 -8.97 -37.61
N LEU C 296 -7.28 -9.76 -38.69
CA LEU C 296 -7.44 -11.20 -38.55
C LEU C 296 -6.30 -11.82 -37.75
N SER C 297 -5.10 -11.25 -37.86
CA SER C 297 -3.97 -11.77 -37.11
C SER C 297 -3.97 -11.27 -35.67
N GLU C 298 -4.50 -10.06 -35.43
CA GLU C 298 -4.64 -9.58 -34.06
C GLU C 298 -5.56 -10.47 -33.25
N THR C 299 -6.56 -11.07 -33.91
CA THR C 299 -7.42 -12.03 -33.22
C THR C 299 -6.64 -13.27 -32.80
N LYS C 300 -5.87 -13.83 -33.71
CA LYS C 300 -5.12 -15.05 -33.42
C LYS C 300 -4.13 -14.84 -32.29
N CYS C 301 -3.55 -13.64 -32.20
CA CYS C 301 -2.67 -13.34 -31.08
C CYS C 301 -3.45 -13.13 -29.79
N THR C 302 -4.70 -12.69 -29.89
CA THR C 302 -5.52 -12.52 -28.70
C THR C 302 -5.98 -13.86 -28.16
N LEU C 303 -6.56 -14.69 -29.02
CA LEU C 303 -7.01 -16.02 -28.62
C LEU C 303 -5.87 -17.01 -28.41
N LYS C 304 -4.65 -16.68 -28.84
CA LYS C 304 -3.51 -17.59 -28.74
C LYS C 304 -3.79 -18.90 -29.47
N SER C 305 -4.40 -18.78 -30.66
CA SER C 305 -4.75 -19.95 -31.45
C SER C 305 -4.69 -19.57 -32.93
N PHE C 306 -3.87 -20.30 -33.69
CA PHE C 306 -3.77 -20.09 -35.13
C PHE C 306 -5.09 -20.31 -35.84
N THR C 307 -5.99 -21.11 -35.28
CA THR C 307 -7.34 -21.32 -35.80
C THR C 307 -8.32 -20.42 -35.06
N VAL C 308 -9.37 -20.00 -35.75
CA VAL C 308 -10.38 -19.11 -35.20
C VAL C 308 -11.74 -19.56 -35.67
N GLU C 309 -12.70 -19.59 -34.75
CA GLU C 309 -14.08 -19.97 -35.06
C GLU C 309 -14.89 -18.73 -35.42
N LYS C 310 -16.09 -18.98 -35.96
CA LYS C 310 -16.99 -17.89 -36.31
C LYS C 310 -17.45 -17.16 -35.06
N GLY C 311 -17.63 -15.85 -35.18
CA GLY C 311 -18.13 -15.05 -34.09
C GLY C 311 -17.60 -13.64 -34.18
N ILE C 312 -17.62 -12.97 -33.03
CA ILE C 312 -17.12 -11.62 -32.87
C ILE C 312 -16.14 -11.61 -31.70
N TYR C 313 -15.02 -10.92 -31.88
CA TYR C 313 -13.93 -10.94 -30.92
C TYR C 313 -13.37 -9.54 -30.76
N GLN C 314 -13.33 -9.06 -29.52
CA GLN C 314 -12.74 -7.77 -29.21
C GLN C 314 -11.23 -7.93 -29.07
N THR C 315 -10.49 -7.09 -29.79
CA THR C 315 -9.04 -7.24 -29.92
C THR C 315 -8.24 -6.10 -29.34
N SER C 316 -8.73 -4.86 -29.42
CA SER C 316 -7.95 -3.70 -29.02
C SER C 316 -8.91 -2.59 -28.59
N ASN C 317 -8.37 -1.39 -28.41
CA ASN C 317 -9.16 -0.22 -28.01
C ASN C 317 -8.70 0.95 -28.86
N PHE C 318 -9.55 1.37 -29.79
CA PHE C 318 -9.23 2.51 -30.64
C PHE C 318 -9.27 3.79 -29.82
N ARG C 319 -8.28 4.66 -30.04
CA ARG C 319 -8.19 5.92 -29.32
C ARG C 319 -7.60 6.97 -30.23
N VAL C 320 -8.25 8.13 -30.29
CA VAL C 320 -7.77 9.23 -31.11
C VAL C 320 -6.61 9.91 -30.40
N GLN C 321 -5.46 9.91 -31.04
CA GLN C 321 -4.29 10.58 -30.48
C GLN C 321 -4.40 12.09 -30.72
N PRO C 322 -4.06 12.94 -29.75
CA PRO C 322 -4.19 14.38 -29.98
C PRO C 322 -3.15 14.90 -30.95
N THR C 323 -3.53 15.94 -31.69
CA THR C 323 -2.67 16.53 -32.71
C THR C 323 -1.76 17.61 -32.14
N GLU C 324 -2.35 18.67 -31.59
CA GLU C 324 -1.62 19.82 -31.08
C GLU C 324 -1.60 19.80 -29.56
N SER C 325 -1.03 20.86 -28.99
CA SER C 325 -0.90 21.03 -27.54
C SER C 325 -1.13 22.49 -27.21
N ILE C 326 -2.34 22.82 -26.80
CA ILE C 326 -2.71 24.19 -26.47
C ILE C 326 -2.12 24.56 -25.12
N VAL C 327 -1.68 25.81 -25.00
CA VAL C 327 -1.24 26.39 -23.74
C VAL C 327 -1.86 27.78 -23.66
N ARG C 328 -2.68 28.01 -22.64
CA ARG C 328 -3.33 29.30 -22.42
C ARG C 328 -3.06 29.79 -21.01
N PHE C 329 -2.76 31.07 -20.91
CA PHE C 329 -2.42 31.73 -19.66
C PHE C 329 -2.91 33.17 -19.79
N PRO C 330 -3.37 33.80 -18.71
CA PRO C 330 -3.80 35.20 -18.84
C PRO C 330 -2.66 36.09 -19.28
N ASN C 331 -3.03 37.33 -19.65
CA ASN C 331 -2.03 38.27 -20.14
C ASN C 331 -0.99 38.55 -19.06
N ILE C 332 0.27 38.64 -19.49
CA ILE C 332 1.41 38.61 -18.57
C ILE C 332 1.91 40.04 -18.32
N THR C 333 1.01 41.01 -18.43
CA THR C 333 1.38 42.41 -18.25
C THR C 333 1.62 42.68 -16.76
N ASN C 334 1.80 43.96 -16.42
CA ASN C 334 2.13 44.39 -15.06
C ASN C 334 3.52 43.89 -14.66
N LEU C 335 4.50 44.12 -15.52
CA LEU C 335 5.88 43.85 -15.18
C LEU C 335 6.45 44.97 -14.34
N CYS C 336 7.45 44.64 -13.53
CA CYS C 336 8.07 45.65 -12.70
C CYS C 336 9.11 46.42 -13.52
N PRO C 337 9.29 47.73 -13.27
CA PRO C 337 10.26 48.48 -14.06
C PRO C 337 11.70 48.28 -13.57
N PHE C 338 12.29 47.16 -14.01
CA PHE C 338 13.62 46.81 -13.56
C PHE C 338 14.68 47.80 -14.02
N GLY C 339 14.38 48.58 -15.07
CA GLY C 339 15.29 49.63 -15.48
C GLY C 339 15.53 50.69 -14.43
N GLU C 340 14.63 50.80 -13.43
CA GLU C 340 14.83 51.78 -12.37
C GLU C 340 16.11 51.51 -11.59
N VAL C 341 16.55 50.27 -11.54
CA VAL C 341 17.83 49.92 -10.92
C VAL C 341 18.96 49.89 -11.94
N PHE C 342 18.76 49.16 -13.04
CA PHE C 342 19.83 49.04 -14.03
C PHE C 342 20.04 50.35 -14.79
N ASN C 343 18.99 51.13 -14.96
CA ASN C 343 19.02 52.38 -15.72
C ASN C 343 18.61 53.55 -14.84
N ALA C 344 19.13 53.58 -13.61
CA ALA C 344 18.83 54.67 -12.69
C ALA C 344 19.54 55.94 -13.12
N THR C 345 18.95 57.09 -12.78
CA THR C 345 19.52 58.37 -13.18
C THR C 345 20.84 58.63 -12.47
N ARG C 346 20.84 58.53 -11.14
CA ARG C 346 22.04 58.76 -10.34
C ARG C 346 22.15 57.66 -9.30
N PHE C 347 23.15 56.80 -9.45
CA PHE C 347 23.36 55.71 -8.52
C PHE C 347 23.87 56.24 -7.18
N ALA C 348 23.84 55.38 -6.18
CA ALA C 348 24.32 55.70 -4.84
C ALA C 348 25.75 55.21 -4.68
N SER C 349 26.36 55.62 -3.56
CA SER C 349 27.73 55.21 -3.28
C SER C 349 27.78 53.72 -2.95
N VAL C 350 28.99 53.24 -2.67
CA VAL C 350 29.18 51.83 -2.34
C VAL C 350 28.83 51.58 -0.88
N TYR C 351 29.34 52.42 0.01
CA TYR C 351 28.94 52.34 1.42
C TYR C 351 27.48 52.73 1.62
N ALA C 352 26.89 53.47 0.67
CA ALA C 352 25.48 53.86 0.70
C ALA C 352 24.69 53.10 -0.35
N TRP C 353 25.00 51.81 -0.52
CA TRP C 353 24.36 50.99 -1.54
C TRP C 353 22.85 50.96 -1.35
N ASN C 354 22.13 51.31 -2.41
CA ASN C 354 20.68 51.31 -2.40
C ASN C 354 20.14 49.90 -2.62
N ARG C 355 18.94 49.66 -2.10
CA ARG C 355 18.24 48.40 -2.29
C ARG C 355 16.78 48.70 -2.61
N LYS C 356 16.28 48.06 -3.67
CA LYS C 356 14.91 48.23 -4.13
C LYS C 356 14.22 46.88 -4.11
N ARG C 357 13.12 46.79 -3.38
CA ARG C 357 12.37 45.56 -3.25
C ARG C 357 11.44 45.39 -4.44
N ILE C 358 11.39 44.17 -4.97
CA ILE C 358 10.55 43.83 -6.11
C ILE C 358 9.78 42.56 -5.76
N SER C 359 8.48 42.58 -6.03
CA SER C 359 7.59 41.46 -5.73
C SER C 359 6.21 41.78 -6.29
N ASN C 360 5.38 40.75 -6.37
CA ASN C 360 4.00 40.88 -6.83
C ASN C 360 3.95 41.42 -8.26
N CYS C 361 4.80 40.87 -9.13
CA CYS C 361 4.86 41.29 -10.51
C CYS C 361 5.67 40.26 -11.29
N VAL C 362 5.66 40.41 -12.62
CA VAL C 362 6.42 39.54 -13.50
C VAL C 362 7.73 40.21 -13.84
N ALA C 363 8.77 39.41 -14.02
CA ALA C 363 10.12 39.89 -14.30
C ALA C 363 10.65 39.17 -15.54
N ASP C 364 10.81 39.91 -16.63
CA ASP C 364 11.31 39.35 -17.89
C ASP C 364 12.83 39.52 -17.91
N TYR C 365 13.55 38.45 -17.61
CA TYR C 365 15.00 38.47 -17.60
C TYR C 365 15.61 38.19 -18.97
N SER C 366 14.86 37.56 -19.88
CA SER C 366 15.40 37.19 -21.18
C SER C 366 15.82 38.41 -21.98
N VAL C 367 15.15 39.55 -21.78
CA VAL C 367 15.55 40.76 -22.47
C VAL C 367 16.91 41.25 -22.00
N LEU C 368 17.26 40.98 -20.75
CA LEU C 368 18.57 41.38 -20.25
C LEU C 368 19.68 40.51 -20.81
N TYR C 369 19.45 39.19 -20.84
CA TYR C 369 20.46 38.27 -21.37
C TYR C 369 20.75 38.56 -22.84
N ASN C 370 19.73 39.01 -23.58
CA ASN C 370 19.87 39.36 -24.98
C ASN C 370 19.96 40.87 -25.22
N SER C 371 20.27 41.65 -24.17
CA SER C 371 20.39 43.09 -24.33
C SER C 371 21.71 43.46 -25.03
N ALA C 372 22.79 42.76 -24.69
CA ALA C 372 24.12 43.04 -25.23
C ALA C 372 24.53 44.48 -24.93
N SER C 373 24.26 44.92 -23.70
CA SER C 373 24.66 46.24 -23.22
C SER C 373 25.21 46.12 -21.81
N PHE C 374 25.95 45.05 -21.55
CA PHE C 374 26.50 44.77 -20.22
C PHE C 374 27.89 44.15 -20.39
N SER C 375 28.80 44.60 -19.53
CA SER C 375 30.18 44.11 -19.60
C SER C 375 30.30 42.70 -19.05
N THR C 376 29.43 42.31 -18.11
CA THR C 376 29.49 40.99 -17.51
C THR C 376 28.09 40.62 -17.01
N PHE C 377 27.83 39.32 -16.96
CA PHE C 377 26.59 38.80 -16.43
C PHE C 377 26.89 37.43 -15.83
N LYS C 378 26.72 37.30 -14.51
CA LYS C 378 27.08 36.08 -13.79
C LYS C 378 25.98 35.76 -12.78
N CYS C 379 25.43 34.56 -12.88
CA CYS C 379 24.37 34.09 -11.99
C CYS C 379 24.86 32.86 -11.24
N TYR C 380 24.70 32.87 -9.93
CA TYR C 380 25.20 31.82 -9.06
C TYR C 380 24.05 30.89 -8.68
N GLY C 381 24.23 29.59 -8.93
CA GLY C 381 23.27 28.59 -8.59
C GLY C 381 22.27 28.27 -9.68
N VAL C 382 21.93 29.25 -10.52
CA VAL C 382 20.91 29.11 -11.55
C VAL C 382 21.38 29.80 -12.81
N SER C 383 20.92 29.30 -13.95
CA SER C 383 21.24 29.93 -15.22
C SER C 383 20.52 31.28 -15.33
N PRO C 384 21.08 32.22 -16.09
CA PRO C 384 20.39 33.52 -16.22
C PRO C 384 19.09 33.43 -16.99
N THR C 385 19.03 32.59 -18.03
CA THR C 385 17.80 32.45 -18.82
C THR C 385 16.77 31.57 -18.14
N LYS C 386 17.17 30.69 -17.24
CA LYS C 386 16.23 29.84 -16.51
C LYS C 386 15.49 30.59 -15.42
N LEU C 387 15.83 31.86 -15.17
CA LEU C 387 15.13 32.63 -14.14
C LEU C 387 13.65 32.82 -14.50
N ASN C 388 13.32 32.80 -15.79
CA ASN C 388 11.94 32.95 -16.21
C ASN C 388 11.09 31.72 -15.88
N ASP C 389 11.71 30.61 -15.48
CA ASP C 389 10.99 29.40 -15.14
C ASP C 389 10.73 29.24 -13.65
N LEU C 390 11.45 29.97 -12.80
CA LEU C 390 11.32 29.86 -11.36
C LEU C 390 10.44 30.97 -10.80
N CYS C 391 9.98 30.76 -9.57
CA CYS C 391 9.18 31.72 -8.83
C CYS C 391 9.81 31.94 -7.46
N PHE C 392 9.72 33.16 -6.95
CA PHE C 392 10.35 33.53 -5.69
C PHE C 392 9.37 34.34 -4.86
N THR C 393 9.76 34.59 -3.61
CA THR C 393 8.94 35.35 -2.68
C THR C 393 9.26 36.85 -2.77
N ASN C 394 10.52 37.20 -2.52
CA ASN C 394 10.99 38.57 -2.60
C ASN C 394 12.28 38.62 -3.41
N VAL C 395 12.48 39.72 -4.13
CA VAL C 395 13.64 39.90 -4.99
C VAL C 395 14.11 41.35 -4.83
N TYR C 396 15.35 41.52 -4.40
CA TYR C 396 15.97 42.82 -4.22
C TYR C 396 17.07 43.02 -5.26
N ALA C 397 17.47 44.26 -5.43
CA ALA C 397 18.49 44.65 -6.40
C ALA C 397 19.41 45.67 -5.75
N ASP C 398 20.58 45.22 -5.30
CA ASP C 398 21.56 46.10 -4.65
C ASP C 398 22.40 46.78 -5.72
N SER C 399 22.31 48.11 -5.77
CA SER C 399 22.95 48.91 -6.82
C SER C 399 24.02 49.80 -6.24
N PHE C 400 25.15 49.90 -6.95
CA PHE C 400 26.22 50.82 -6.60
C PHE C 400 27.23 50.82 -7.74
N VAL C 401 28.13 51.81 -7.71
CA VAL C 401 29.16 52.00 -8.73
C VAL C 401 30.51 51.76 -8.10
N ILE C 402 31.35 50.96 -8.77
CA ILE C 402 32.68 50.60 -8.29
C ILE C 402 33.66 50.70 -9.45
N ARG C 403 34.95 50.54 -9.12
CA ARG C 403 35.99 50.43 -10.12
C ARG C 403 36.06 49.02 -10.67
N GLY C 404 36.75 48.86 -11.80
CA GLY C 404 36.79 47.57 -12.46
C GLY C 404 37.50 46.51 -11.65
N ASP C 405 38.58 46.89 -10.97
CA ASP C 405 39.34 45.92 -10.18
C ASP C 405 38.52 45.38 -9.02
N GLU C 406 37.58 46.17 -8.50
CA GLU C 406 36.74 45.73 -7.39
C GLU C 406 35.58 44.84 -7.82
N VAL C 407 35.45 44.55 -9.12
CA VAL C 407 34.33 43.75 -9.58
C VAL C 407 34.45 42.31 -9.10
N ARG C 408 35.67 41.76 -9.08
CA ARG C 408 35.85 40.40 -8.61
C ARG C 408 35.56 40.28 -7.12
N GLN C 409 35.74 41.36 -6.36
CA GLN C 409 35.38 41.34 -4.95
C GLN C 409 33.87 41.22 -4.73
N ILE C 410 33.06 41.50 -5.75
CA ILE C 410 31.61 41.37 -5.67
C ILE C 410 31.28 39.92 -6.02
N ALA C 411 31.36 39.06 -5.01
CA ALA C 411 31.04 37.64 -5.17
C ALA C 411 31.11 36.95 -3.81
N PRO C 412 30.53 35.77 -3.65
CA PRO C 412 30.66 35.06 -2.37
C PRO C 412 32.07 34.54 -2.17
N GLY C 413 32.57 34.71 -0.94
CA GLY C 413 33.90 34.25 -0.60
C GLY C 413 35.02 35.12 -1.13
N GLN C 414 34.87 36.44 -1.05
CA GLN C 414 35.86 37.40 -1.52
C GLN C 414 36.37 38.24 -0.37
N THR C 415 37.42 39.02 -0.67
CA THR C 415 38.01 39.92 0.30
C THR C 415 38.46 41.19 -0.43
N GLY C 416 38.34 42.31 0.27
CA GLY C 416 38.72 43.58 -0.30
C GLY C 416 38.14 44.72 0.50
N LYS C 417 38.40 45.94 0.00
CA LYS C 417 37.90 47.13 0.67
C LYS C 417 36.38 47.22 0.61
N ILE C 418 35.79 46.79 -0.50
CA ILE C 418 34.34 46.78 -0.64
C ILE C 418 33.74 45.50 -0.08
N ALA C 419 34.44 44.37 -0.24
CA ALA C 419 33.93 43.11 0.26
C ALA C 419 33.90 43.05 1.78
N ASP C 420 34.58 43.98 2.46
CA ASP C 420 34.68 44.00 3.91
C ASP C 420 34.04 45.22 4.54
N TYR C 421 34.22 46.40 3.96
CA TYR C 421 33.93 47.67 4.64
C TYR C 421 32.76 48.45 4.06
N ASN C 422 32.38 48.22 2.81
CA ASN C 422 31.33 49.00 2.14
C ASN C 422 30.13 48.15 1.76
N TYR C 423 30.34 46.98 1.15
CA TYR C 423 29.25 46.08 0.83
C TYR C 423 29.81 44.66 0.82
N LYS C 424 29.61 43.94 1.91
CA LYS C 424 30.06 42.56 2.05
C LYS C 424 28.95 41.63 1.63
N LEU C 425 29.33 40.52 0.98
CA LEU C 425 28.41 39.50 0.53
C LEU C 425 28.55 38.23 1.36
N PRO C 426 27.52 37.39 1.45
CA PRO C 426 27.64 36.15 2.21
C PRO C 426 28.42 35.10 1.42
N ASP C 427 28.64 33.96 2.06
CA ASP C 427 29.33 32.85 1.42
C ASP C 427 28.40 32.00 0.54
N ASP C 428 27.09 32.11 0.74
CA ASP C 428 26.10 31.31 0.02
C ASP C 428 25.25 32.17 -0.91
N PHE C 429 25.87 33.17 -1.54
CA PHE C 429 25.16 33.99 -2.50
C PHE C 429 24.75 33.16 -3.70
N THR C 430 23.48 33.27 -4.08
CA THR C 430 22.93 32.54 -5.23
C THR C 430 22.07 33.46 -6.09
N GLY C 431 22.29 34.77 -6.00
CA GLY C 431 21.58 35.70 -6.85
C GLY C 431 22.22 35.83 -8.21
N CYS C 432 22.43 37.07 -8.66
CA CYS C 432 23.08 37.31 -9.93
C CYS C 432 23.87 38.60 -9.84
N VAL C 433 24.74 38.81 -10.84
CA VAL C 433 25.58 40.00 -10.94
C VAL C 433 25.54 40.47 -12.38
N ILE C 434 25.26 41.75 -12.59
CA ILE C 434 25.22 42.37 -13.91
C ILE C 434 26.10 43.62 -13.87
N ALA C 435 26.96 43.75 -14.88
CA ALA C 435 27.95 44.82 -14.94
C ALA C 435 27.71 45.66 -16.18
N TRP C 436 27.56 46.96 -15.98
CA TRP C 436 27.45 47.94 -17.07
C TRP C 436 28.64 48.89 -16.99
N ASN C 437 29.19 49.21 -18.17
CA ASN C 437 30.35 50.09 -18.24
C ASN C 437 29.89 51.55 -18.20
N SER C 438 30.34 52.27 -17.17
CA SER C 438 29.92 53.64 -16.93
C SER C 438 31.04 54.65 -17.18
N ASN C 439 32.09 54.25 -17.91
CA ASN C 439 33.20 55.15 -18.17
C ASN C 439 32.77 56.36 -19.00
N ASN C 440 31.71 56.20 -19.80
CA ASN C 440 31.13 57.30 -20.56
C ASN C 440 29.87 57.86 -19.91
N LEU C 441 29.41 57.28 -18.81
CA LEU C 441 28.17 57.69 -18.15
C LEU C 441 28.44 58.38 -16.82
N ASP C 442 29.15 57.72 -15.90
CA ASP C 442 29.37 58.23 -14.55
C ASP C 442 30.78 58.76 -14.33
N SER C 443 31.60 58.82 -15.38
CA SER C 443 32.95 59.36 -15.25
C SER C 443 32.91 60.88 -15.28
N LYS C 444 33.88 61.50 -14.62
CA LYS C 444 33.99 62.95 -14.54
C LYS C 444 35.44 63.36 -14.74
N VAL C 445 35.64 64.41 -15.54
CA VAL C 445 36.98 64.95 -15.74
C VAL C 445 37.49 65.47 -14.41
N GLY C 446 38.60 64.92 -13.94
CA GLY C 446 39.11 65.23 -12.63
C GLY C 446 38.54 64.40 -11.50
N GLY C 447 38.00 63.23 -11.80
CA GLY C 447 37.41 62.37 -10.79
C GLY C 447 35.96 62.71 -10.51
N ASN C 448 35.17 61.68 -10.16
CA ASN C 448 33.76 61.85 -9.82
C ASN C 448 33.65 61.92 -8.31
N TYR C 449 33.41 63.13 -7.78
CA TYR C 449 33.33 63.34 -6.34
C TYR C 449 31.94 63.07 -5.77
N ASN C 450 30.93 62.88 -6.62
CA ASN C 450 29.61 62.53 -6.11
C ASN C 450 29.57 61.16 -5.47
N TYR C 451 30.47 60.26 -5.87
CA TYR C 451 30.53 58.90 -5.34
C TYR C 451 31.75 58.76 -4.46
N ARG C 452 31.58 58.10 -3.33
CA ARG C 452 32.64 57.89 -2.35
C ARG C 452 32.60 56.45 -1.88
N TYR C 453 33.48 56.12 -0.94
CA TYR C 453 33.53 54.77 -0.39
C TYR C 453 34.32 54.79 0.90
N ARG C 454 33.91 53.95 1.83
CA ARG C 454 34.61 53.78 3.10
C ARG C 454 35.91 53.04 2.85
N LEU C 455 36.99 53.78 2.62
CA LEU C 455 38.31 53.18 2.46
C LEU C 455 38.90 52.71 3.79
N PHE C 456 38.30 53.08 4.93
CA PHE C 456 38.79 52.71 6.24
C PHE C 456 37.61 52.41 7.14
N ARG C 457 37.66 51.25 7.81
CA ARG C 457 36.64 50.86 8.78
C ARG C 457 37.31 50.20 9.97
N LYS C 458 36.66 50.33 11.13
CA LYS C 458 37.18 49.71 12.35
C LYS C 458 37.28 48.20 12.21
N SER C 459 36.28 47.58 11.58
CA SER C 459 36.27 46.15 11.35
C SER C 459 35.49 45.88 10.07
N ASN C 460 35.12 44.63 9.85
CA ASN C 460 34.44 44.20 8.63
C ASN C 460 32.93 44.31 8.78
N LEU C 461 32.25 44.31 7.64
CA LEU C 461 30.80 44.36 7.59
C LEU C 461 30.22 42.96 7.70
N LYS C 462 28.90 42.87 7.63
CA LYS C 462 28.16 41.62 7.53
C LYS C 462 27.55 41.50 6.14
N PRO C 463 27.00 40.33 5.79
CA PRO C 463 26.34 40.21 4.48
C PRO C 463 25.17 41.16 4.35
N PHE C 464 25.17 41.93 3.25
CA PHE C 464 24.12 42.91 2.96
C PHE C 464 24.02 43.96 4.06
N GLU C 465 25.15 44.33 4.66
CA GLU C 465 25.21 45.38 5.66
C GLU C 465 25.60 46.70 5.00
N ARG C 466 25.15 47.80 5.59
CA ARG C 466 25.49 49.14 5.14
C ARG C 466 25.93 49.97 6.34
N ASP C 467 26.99 50.76 6.14
CA ASP C 467 27.55 51.61 7.19
C ASP C 467 27.74 53.01 6.61
N ILE C 468 26.86 53.92 6.98
CA ILE C 468 26.90 55.30 6.50
C ILE C 468 27.47 56.26 7.57
N SER C 469 28.26 55.74 8.50
CA SER C 469 28.85 56.56 9.53
C SER C 469 29.98 57.41 8.97
N THR C 470 30.22 58.55 9.64
CA THR C 470 31.33 59.45 9.31
C THR C 470 32.32 59.56 10.47
N GLU C 471 32.39 58.54 11.32
CA GLU C 471 33.31 58.58 12.46
C GLU C 471 34.74 58.49 11.97
N ILE C 472 35.62 59.31 12.55
CA ILE C 472 37.03 59.28 12.20
C ILE C 472 37.61 57.93 12.59
N TYR C 473 38.30 57.28 11.66
CA TYR C 473 38.81 55.94 11.88
C TYR C 473 40.11 56.01 12.67
N GLN C 474 40.13 55.35 13.84
CA GLN C 474 41.31 55.29 14.69
C GLN C 474 42.09 54.02 14.37
N ALA C 475 43.40 54.17 14.16
CA ALA C 475 44.31 53.05 13.93
C ALA C 475 45.34 52.89 15.05
N GLY C 476 45.64 53.97 15.76
CA GLY C 476 46.59 53.94 16.86
C GLY C 476 45.91 54.12 18.21
N SER C 477 46.72 54.03 19.26
CA SER C 477 46.22 54.13 20.63
C SER C 477 45.85 55.56 21.02
N LYS C 478 46.00 56.56 20.10
CA LYS C 478 45.67 57.95 20.42
C LYS C 478 44.20 58.24 20.11
N PRO C 479 43.59 59.22 20.78
CA PRO C 479 42.19 59.55 20.49
C PRO C 479 42.05 60.59 19.41
N CYS C 480 41.11 60.35 18.50
CA CYS C 480 40.90 61.28 17.39
C CYS C 480 40.07 62.49 17.79
N ASN C 481 39.18 62.35 18.77
CA ASN C 481 38.35 63.44 19.26
C ASN C 481 37.51 64.05 18.14
N GLY C 482 37.13 63.25 17.16
CA GLY C 482 36.33 63.72 16.05
C GLY C 482 37.09 64.38 14.92
N VAL C 483 38.36 64.75 15.14
CA VAL C 483 39.19 65.38 14.12
C VAL C 483 40.31 64.41 13.73
N GLU C 484 41.04 64.79 12.69
CA GLU C 484 42.08 63.93 12.13
C GLU C 484 43.44 64.22 12.76
N GLY C 485 44.42 63.39 12.42
CA GLY C 485 45.77 63.56 12.90
C GLY C 485 46.57 62.27 12.79
N PHE C 486 47.42 62.01 13.76
CA PHE C 486 48.19 60.78 13.78
C PHE C 486 47.26 59.58 13.91
N ASN C 487 47.22 58.75 12.87
CA ASN C 487 46.37 57.56 12.83
C ASN C 487 44.90 57.92 13.07
N CYS C 488 44.46 59.01 12.46
CA CYS C 488 43.07 59.46 12.56
C CYS C 488 42.68 60.10 11.24
N TYR C 489 41.84 59.41 10.47
CA TYR C 489 41.50 59.82 9.11
C TYR C 489 40.00 59.71 8.89
N PHE C 490 39.46 60.63 8.11
CA PHE C 490 38.08 60.55 7.65
C PHE C 490 37.92 59.28 6.81
N PRO C 491 37.08 58.31 7.21
CA PRO C 491 37.09 57.02 6.50
C PRO C 491 36.61 57.09 5.07
N LEU C 492 35.54 57.84 4.80
CA LEU C 492 35.00 57.93 3.45
C LEU C 492 35.98 58.68 2.55
N GLN C 493 36.12 58.20 1.31
CA GLN C 493 37.04 58.77 0.35
C GLN C 493 36.36 58.85 -1.01
N SER C 494 36.66 59.91 -1.75
CA SER C 494 36.11 60.09 -3.08
C SER C 494 36.76 59.11 -4.06
N TYR C 495 36.17 59.03 -5.25
CA TYR C 495 36.63 58.14 -6.30
C TYR C 495 37.36 58.92 -7.38
N GLY C 496 38.17 58.20 -8.14
CA GLY C 496 38.90 58.78 -9.26
C GLY C 496 38.31 58.40 -10.60
N PHE C 497 36.98 58.25 -10.66
CA PHE C 497 36.29 57.93 -11.90
C PHE C 497 36.54 59.05 -12.89
N GLN C 498 37.29 58.75 -13.95
CA GLN C 498 37.77 59.75 -14.90
C GLN C 498 37.82 59.16 -16.31
N PRO C 499 37.71 59.99 -17.35
CA PRO C 499 38.06 59.50 -18.69
C PRO C 499 39.49 59.01 -18.81
N THR C 500 40.40 59.52 -17.96
CA THR C 500 41.78 59.08 -17.99
C THR C 500 41.94 57.67 -17.40
N ASN C 501 41.01 57.23 -16.57
CA ASN C 501 41.11 55.94 -15.92
C ASN C 501 41.13 54.81 -16.94
N GLY C 502 41.63 53.66 -16.51
CA GLY C 502 41.68 52.48 -17.35
C GLY C 502 40.43 51.63 -17.20
N VAL C 503 40.52 50.41 -17.75
CA VAL C 503 39.40 49.49 -17.66
C VAL C 503 39.19 49.04 -16.22
N GLY C 504 40.28 48.83 -15.48
CA GLY C 504 40.19 48.41 -14.10
C GLY C 504 39.90 49.51 -13.10
N TYR C 505 39.82 50.77 -13.55
CA TYR C 505 39.60 51.92 -12.68
C TYR C 505 38.44 52.80 -13.09
N GLN C 506 37.86 52.58 -14.27
CA GLN C 506 36.67 53.32 -14.65
C GLN C 506 35.47 52.86 -13.83
N PRO C 507 34.42 53.67 -13.71
CA PRO C 507 33.26 53.25 -12.95
C PRO C 507 32.50 52.12 -13.65
N TYR C 508 31.75 51.38 -12.86
CA TYR C 508 30.93 50.27 -13.36
C TYR C 508 29.66 50.19 -12.53
N ARG C 509 28.52 50.49 -13.14
CA ARG C 509 27.24 50.41 -12.46
C ARG C 509 26.91 48.95 -12.18
N VAL C 510 27.08 48.54 -10.93
CA VAL C 510 26.90 47.16 -10.50
C VAL C 510 25.48 47.00 -9.97
N VAL C 511 24.87 45.85 -10.25
CA VAL C 511 23.52 45.52 -9.78
C VAL C 511 23.53 44.06 -9.38
N VAL C 512 23.45 43.78 -8.08
CA VAL C 512 23.37 42.43 -7.54
C VAL C 512 21.90 42.13 -7.29
N LEU C 513 21.40 41.08 -7.95
CA LEU C 513 19.98 40.72 -7.90
C LEU C 513 19.78 39.63 -6.86
N SER C 514 19.26 40.01 -5.70
CA SER C 514 19.03 39.07 -4.62
C SER C 514 17.68 38.36 -4.80
N PHE C 515 17.60 37.15 -4.25
CA PHE C 515 16.40 36.32 -4.34
C PHE C 515 16.08 35.78 -2.95
N GLU C 516 14.81 35.43 -2.76
CA GLU C 516 14.33 34.93 -1.47
C GLU C 516 13.30 33.84 -1.69
N LEU C 517 13.42 32.76 -0.93
CA LEU C 517 12.49 31.63 -0.97
C LEU C 517 12.09 31.34 0.47
N LEU C 518 11.06 32.03 0.94
CA LEU C 518 10.55 31.90 2.30
C LEU C 518 9.28 31.08 2.31
N HIS C 519 8.85 30.70 3.53
CA HIS C 519 7.59 29.99 3.68
C HIS C 519 6.41 30.82 3.22
N ALA C 520 6.55 32.14 3.21
CA ALA C 520 5.56 33.02 2.63
C ALA C 520 5.36 32.67 1.14
N PRO C 521 4.21 33.01 0.56
CA PRO C 521 3.92 32.54 -0.79
C PRO C 521 4.78 33.23 -1.84
N ALA C 522 4.89 32.57 -2.99
CA ALA C 522 5.64 33.13 -4.10
C ALA C 522 4.86 34.30 -4.71
N THR C 523 5.57 35.42 -4.91
CA THR C 523 4.97 36.65 -5.40
C THR C 523 5.55 37.14 -6.71
N VAL C 524 6.74 36.70 -7.10
CA VAL C 524 7.39 37.10 -8.34
C VAL C 524 7.67 35.85 -9.15
N CYS C 525 7.33 35.91 -10.44
CA CYS C 525 7.49 34.79 -11.35
C CYS C 525 7.90 35.32 -12.71
N GLY C 526 8.37 34.41 -13.55
CA GLY C 526 8.73 34.77 -14.90
C GLY C 526 7.51 34.86 -15.79
N PRO C 527 7.71 35.36 -17.00
CA PRO C 527 6.58 35.48 -17.93
C PRO C 527 6.23 34.15 -18.57
N LYS C 528 4.93 33.89 -18.65
CA LYS C 528 4.43 32.67 -19.26
C LYS C 528 4.07 32.92 -20.72
N LYS C 529 4.07 31.84 -21.50
CA LYS C 529 3.79 31.89 -22.92
C LYS C 529 2.37 31.42 -23.18
N SER C 530 2.00 31.40 -24.46
CA SER C 530 0.66 31.00 -24.86
C SER C 530 0.68 30.74 -26.37
N THR C 531 -0.50 30.53 -26.94
CA THR C 531 -0.65 30.31 -28.36
C THR C 531 -2.09 30.59 -28.75
N ASN C 532 -2.41 30.38 -30.02
CA ASN C 532 -3.75 30.61 -30.53
C ASN C 532 -4.70 29.54 -29.98
N LEU C 533 -5.98 29.69 -30.31
CA LEU C 533 -7.05 28.85 -29.78
C LEU C 533 -7.62 27.99 -30.91
N VAL C 534 -7.57 26.68 -30.73
CA VAL C 534 -8.09 25.71 -31.69
C VAL C 534 -9.40 25.16 -31.15
N LYS C 535 -10.25 24.69 -32.08
CA LYS C 535 -11.53 24.09 -31.71
C LYS C 535 -11.83 22.96 -32.69
N ASN C 536 -12.72 22.06 -32.23
CA ASN C 536 -13.16 20.93 -33.05
C ASN C 536 -11.98 20.03 -33.42
N LYS C 537 -11.06 19.84 -32.47
CA LYS C 537 -9.88 19.02 -32.71
C LYS C 537 -9.37 18.47 -31.40
N CYS C 538 -9.00 17.19 -31.41
CA CYS C 538 -8.47 16.53 -30.22
C CYS C 538 -7.09 17.07 -29.92
N VAL C 539 -6.98 17.82 -28.82
CA VAL C 539 -5.73 18.49 -28.43
C VAL C 539 -5.58 18.40 -26.93
N ASN C 540 -4.39 18.78 -26.45
CA ASN C 540 -4.09 18.84 -25.03
C ASN C 540 -4.36 20.24 -24.50
N PHE C 541 -4.65 20.32 -23.21
CA PHE C 541 -4.98 21.56 -22.52
C PHE C 541 -3.98 21.81 -21.41
N ASN C 542 -3.43 23.02 -21.36
CA ASN C 542 -2.64 23.49 -20.22
C ASN C 542 -3.08 24.92 -19.94
N PHE C 543 -4.11 25.06 -19.10
CA PHE C 543 -4.65 26.35 -18.73
C PHE C 543 -3.92 26.88 -17.49
N ASN C 544 -4.37 28.02 -16.99
CA ASN C 544 -3.67 28.72 -15.92
C ASN C 544 -3.54 27.86 -14.68
N GLY C 545 -4.58 27.11 -14.35
CA GLY C 545 -4.59 26.26 -13.17
C GLY C 545 -5.25 24.93 -13.45
N LEU C 546 -5.19 24.49 -14.70
CA LEU C 546 -5.90 23.30 -15.13
C LEU C 546 -5.21 22.71 -16.35
N THR C 547 -5.19 21.39 -16.42
CA THR C 547 -4.62 20.67 -17.55
C THR C 547 -5.54 19.52 -17.90
N GLY C 548 -5.22 18.85 -19.00
CA GLY C 548 -5.98 17.71 -19.45
C GLY C 548 -5.88 17.55 -20.95
N THR C 549 -6.84 16.83 -21.50
CA THR C 549 -6.90 16.55 -22.92
C THR C 549 -8.35 16.39 -23.35
N GLY C 550 -8.63 16.74 -24.59
CA GLY C 550 -9.98 16.64 -25.10
C GLY C 550 -10.17 17.55 -26.29
N VAL C 551 -11.41 17.54 -26.78
CA VAL C 551 -11.86 18.42 -27.85
C VAL C 551 -12.54 19.63 -27.21
N LEU C 552 -12.30 20.80 -27.78
CA LEU C 552 -12.78 22.07 -27.24
C LEU C 552 -13.71 22.74 -28.24
N THR C 553 -14.87 23.17 -27.77
CA THR C 553 -15.86 23.83 -28.60
C THR C 553 -16.50 24.96 -27.81
N GLU C 554 -17.20 25.84 -28.53
CA GLU C 554 -17.98 26.88 -27.88
C GLU C 554 -19.19 26.28 -27.19
N SER C 555 -19.86 27.10 -26.40
CA SER C 555 -20.99 26.63 -25.61
C SER C 555 -21.93 27.78 -25.29
N ASN C 556 -23.08 27.42 -24.74
CA ASN C 556 -24.09 28.38 -24.28
C ASN C 556 -24.14 28.48 -22.75
N LYS C 557 -23.23 27.83 -22.05
CA LYS C 557 -23.25 27.85 -20.59
C LYS C 557 -22.94 29.26 -20.08
N LYS C 558 -23.63 29.63 -19.00
CA LYS C 558 -23.51 30.97 -18.41
C LYS C 558 -22.61 30.89 -17.18
N PHE C 559 -21.32 31.13 -17.36
CA PHE C 559 -20.41 31.24 -16.25
C PHE C 559 -20.58 32.58 -15.55
N LEU C 560 -20.19 32.62 -14.28
CA LEU C 560 -20.12 33.87 -13.55
C LEU C 560 -18.81 34.58 -13.86
N PRO C 561 -18.71 35.89 -13.55
CA PRO C 561 -17.48 36.61 -13.91
C PRO C 561 -16.23 36.09 -13.23
N PHE C 562 -16.36 35.35 -12.13
CA PHE C 562 -15.23 34.85 -11.36
C PHE C 562 -15.00 33.36 -11.52
N GLN C 563 -15.92 32.65 -12.18
CA GLN C 563 -15.80 31.22 -12.39
C GLN C 563 -14.87 30.94 -13.55
N GLN C 564 -13.96 30.00 -13.35
CA GLN C 564 -12.95 29.62 -14.35
C GLN C 564 -13.32 28.38 -15.12
N PHE C 565 -13.74 27.32 -14.44
CA PHE C 565 -14.13 26.08 -15.09
C PHE C 565 -15.27 25.45 -14.32
N GLY C 566 -15.83 24.37 -14.89
CA GLY C 566 -16.93 23.67 -14.28
C GLY C 566 -16.65 22.18 -14.21
N ARG C 567 -17.40 21.51 -13.34
CA ARG C 567 -17.30 20.07 -13.15
C ARG C 567 -18.70 19.48 -13.18
N ASP C 568 -18.77 18.19 -13.53
CA ASP C 568 -20.04 17.50 -13.67
C ASP C 568 -20.42 16.85 -12.33
N ILE C 569 -21.42 15.96 -12.37
CA ILE C 569 -21.86 15.27 -11.16
C ILE C 569 -20.76 14.38 -10.61
N ALA C 570 -19.92 13.82 -11.49
CA ALA C 570 -18.86 12.90 -11.10
C ALA C 570 -17.55 13.62 -10.76
N ASP C 571 -17.60 14.93 -10.54
CA ASP C 571 -16.41 15.72 -10.23
C ASP C 571 -15.37 15.61 -11.34
N THR C 572 -15.84 15.75 -12.58
CA THR C 572 -15.00 15.68 -13.77
C THR C 572 -15.23 16.93 -14.59
N THR C 573 -14.13 17.50 -15.10
CA THR C 573 -14.20 18.76 -15.81
C THR C 573 -14.92 18.58 -17.15
N ASP C 574 -15.76 19.56 -17.48
CA ASP C 574 -16.51 19.56 -18.73
C ASP C 574 -16.58 20.94 -19.38
N ALA C 575 -15.85 21.93 -18.88
CA ALA C 575 -15.93 23.28 -19.40
C ALA C 575 -14.76 24.08 -18.86
N VAL C 576 -14.52 25.23 -19.46
CA VAL C 576 -13.44 26.12 -19.05
C VAL C 576 -13.64 27.50 -19.64
N ARG C 577 -13.24 28.52 -18.91
CA ARG C 577 -13.25 29.90 -19.37
C ARG C 577 -11.85 30.26 -19.85
N ASP C 578 -11.74 30.75 -21.07
CA ASP C 578 -10.44 31.10 -21.62
C ASP C 578 -9.87 32.29 -20.83
N PRO C 579 -8.62 32.25 -20.39
CA PRO C 579 -8.13 33.34 -19.53
C PRO C 579 -7.87 34.64 -20.26
N GLN C 580 -7.55 34.58 -21.55
CA GLN C 580 -7.29 35.76 -22.35
C GLN C 580 -8.53 36.28 -23.06
N THR C 581 -9.66 35.57 -23.00
CA THR C 581 -10.91 36.01 -23.60
C THR C 581 -12.05 35.45 -22.78
N LEU C 582 -12.94 36.33 -22.33
CA LEU C 582 -14.04 35.90 -21.48
C LEU C 582 -15.06 35.12 -22.29
N GLU C 583 -14.75 33.86 -22.59
CA GLU C 583 -15.60 32.99 -23.37
C GLU C 583 -15.63 31.61 -22.72
N ILE C 584 -16.82 31.02 -22.66
CA ILE C 584 -17.02 29.69 -22.10
C ILE C 584 -16.85 28.68 -23.21
N LEU C 585 -16.11 27.60 -22.93
CA LEU C 585 -15.78 26.58 -23.90
C LEU C 585 -16.03 25.21 -23.29
N ASP C 586 -16.80 24.39 -23.99
CA ASP C 586 -17.06 23.02 -23.54
C ASP C 586 -15.87 22.12 -23.88
N ILE C 587 -15.57 21.20 -22.97
CA ILE C 587 -14.49 20.24 -23.14
C ILE C 587 -15.09 18.89 -23.47
N THR C 588 -15.21 18.59 -24.75
CA THR C 588 -15.68 17.27 -25.15
C THR C 588 -14.51 16.29 -25.11
N PRO C 589 -14.70 15.05 -24.64
CA PRO C 589 -13.60 14.10 -24.65
C PRO C 589 -13.28 13.63 -26.07
N CYS C 590 -12.04 13.21 -26.26
CA CYS C 590 -11.63 12.66 -27.54
C CYS C 590 -12.24 11.29 -27.73
N SER C 591 -12.52 10.95 -28.99
CA SER C 591 -13.24 9.73 -29.29
C SER C 591 -12.40 8.51 -28.95
N PHE C 592 -13.08 7.49 -28.44
CA PHE C 592 -12.45 6.22 -28.11
C PHE C 592 -13.50 5.13 -28.13
N GLY C 593 -13.04 3.89 -28.23
CA GLY C 593 -13.95 2.77 -28.27
C GLY C 593 -13.25 1.45 -28.53
N GLY C 594 -13.90 0.35 -28.17
CA GLY C 594 -13.34 -0.95 -28.40
C GLY C 594 -13.46 -1.37 -29.85
N VAL C 595 -12.46 -2.12 -30.32
CA VAL C 595 -12.39 -2.61 -31.68
C VAL C 595 -12.68 -4.09 -31.67
N SER C 596 -13.65 -4.50 -32.49
CA SER C 596 -14.04 -5.89 -32.62
C SER C 596 -14.16 -6.25 -34.09
N VAL C 597 -13.80 -7.50 -34.40
CA VAL C 597 -13.78 -7.99 -35.77
C VAL C 597 -14.97 -8.92 -35.97
N ILE C 598 -15.52 -8.88 -37.18
CA ILE C 598 -16.58 -9.78 -37.62
C ILE C 598 -15.96 -10.73 -38.62
N THR C 599 -16.05 -12.03 -38.34
CA THR C 599 -15.46 -13.04 -39.19
C THR C 599 -16.25 -14.33 -39.11
N PRO C 600 -16.37 -15.09 -40.20
CA PRO C 600 -16.74 -16.50 -40.07
C PRO C 600 -15.53 -17.31 -39.61
N GLY C 601 -15.72 -18.63 -39.54
CA GLY C 601 -14.63 -19.48 -39.12
C GLY C 601 -13.46 -19.43 -40.09
N THR C 602 -12.27 -19.72 -39.56
CA THR C 602 -11.08 -19.77 -40.41
C THR C 602 -11.21 -20.84 -41.49
N ASN C 603 -11.95 -21.91 -41.22
CA ASN C 603 -12.14 -22.96 -42.22
C ASN C 603 -12.88 -22.42 -43.44
N THR C 604 -13.87 -21.56 -43.24
CA THR C 604 -14.64 -21.03 -44.36
C THR C 604 -13.80 -20.13 -45.24
N SER C 605 -13.19 -19.10 -44.67
CA SER C 605 -12.41 -18.14 -45.44
C SER C 605 -11.64 -17.28 -44.45
N ASN C 606 -10.98 -16.24 -44.97
CA ASN C 606 -10.22 -15.28 -44.18
C ASN C 606 -10.71 -13.85 -44.39
N GLN C 607 -11.84 -13.65 -45.06
CA GLN C 607 -12.41 -12.32 -45.21
C GLN C 607 -12.98 -11.87 -43.88
N VAL C 608 -12.71 -10.62 -43.51
CA VAL C 608 -13.02 -10.10 -42.18
C VAL C 608 -13.51 -8.66 -42.31
N ALA C 609 -14.48 -8.31 -41.47
CA ALA C 609 -14.94 -6.94 -41.30
C ALA C 609 -14.58 -6.47 -39.89
N VAL C 610 -14.69 -5.17 -39.68
CA VAL C 610 -14.22 -4.52 -38.45
C VAL C 610 -15.28 -3.55 -37.97
N LEU C 611 -15.45 -3.49 -36.64
CA LEU C 611 -16.37 -2.59 -35.99
C LEU C 611 -15.61 -1.69 -35.02
N TYR C 612 -15.93 -0.40 -35.05
CA TYR C 612 -15.39 0.58 -34.11
C TYR C 612 -16.55 1.03 -33.23
N GLN C 613 -16.60 0.49 -32.02
CA GLN C 613 -17.75 0.70 -31.15
C GLN C 613 -17.87 2.16 -30.73
N GLY C 614 -19.08 2.70 -30.87
CA GLY C 614 -19.41 3.99 -30.30
C GLY C 614 -18.71 5.18 -30.91
N VAL C 615 -18.41 5.14 -32.19
CA VAL C 615 -17.75 6.25 -32.88
C VAL C 615 -18.35 6.40 -34.27
N ASN C 616 -18.49 7.65 -34.71
CA ASN C 616 -18.79 7.91 -36.10
C ASN C 616 -17.56 7.58 -36.94
N CYS C 617 -17.75 7.60 -38.26
CA CYS C 617 -16.68 7.29 -39.19
C CYS C 617 -15.74 8.49 -39.28
N THR C 618 -14.53 8.34 -38.76
CA THR C 618 -13.54 9.41 -38.70
C THR C 618 -12.27 9.09 -39.46
N GLU C 619 -11.72 7.88 -39.30
CA GLU C 619 -10.46 7.54 -39.94
C GLU C 619 -10.55 7.60 -41.46
N VAL C 620 -11.62 7.06 -42.03
CA VAL C 620 -11.78 7.06 -43.49
C VAL C 620 -12.30 8.41 -43.95
N ASN C 641 -18.36 0.44 -48.82
CA ASN C 641 -17.70 -0.49 -47.90
C ASN C 641 -17.79 -0.05 -46.45
N VAL C 642 -18.55 1.03 -46.18
CA VAL C 642 -18.66 1.60 -44.85
C VAL C 642 -20.11 1.97 -44.60
N PHE C 643 -20.59 1.67 -43.39
CA PHE C 643 -21.97 1.95 -43.01
C PHE C 643 -22.02 2.29 -41.53
N GLN C 644 -22.69 3.39 -41.21
CA GLN C 644 -22.85 3.81 -39.83
C GLN C 644 -24.03 3.10 -39.19
N THR C 645 -23.88 2.77 -37.92
CA THR C 645 -24.94 2.15 -37.12
C THR C 645 -24.99 2.85 -35.76
N ARG C 646 -26.00 2.49 -34.98
CA ARG C 646 -26.06 2.96 -33.60
C ARG C 646 -25.00 2.30 -32.73
N ALA C 647 -24.40 1.20 -33.18
CA ALA C 647 -23.30 0.57 -32.47
C ALA C 647 -21.95 1.17 -32.84
N GLY C 648 -21.77 1.60 -34.08
CA GLY C 648 -20.54 2.22 -34.50
C GLY C 648 -20.35 2.14 -35.99
N CYS C 649 -19.22 2.69 -36.44
CA CYS C 649 -18.86 2.67 -37.84
C CYS C 649 -18.39 1.28 -38.22
N LEU C 650 -19.13 0.63 -39.12
CA LEU C 650 -18.83 -0.71 -39.60
C LEU C 650 -18.19 -0.62 -40.97
N ILE C 651 -17.02 -1.22 -41.12
CA ILE C 651 -16.28 -1.25 -42.38
C ILE C 651 -15.89 -2.69 -42.66
N GLY C 652 -15.93 -3.06 -43.94
CA GLY C 652 -15.63 -4.40 -44.39
C GLY C 652 -16.83 -5.29 -44.60
N ALA C 653 -18.04 -4.74 -44.63
CA ALA C 653 -19.25 -5.52 -44.79
C ALA C 653 -20.29 -4.69 -45.51
N GLU C 654 -21.11 -5.36 -46.32
CA GLU C 654 -22.10 -4.71 -47.15
C GLU C 654 -23.44 -4.65 -46.45
N HIS C 655 -24.18 -3.56 -46.69
CA HIS C 655 -25.51 -3.39 -46.13
C HIS C 655 -26.56 -3.78 -47.15
N VAL C 656 -27.63 -4.41 -46.67
CA VAL C 656 -28.70 -4.91 -47.52
C VAL C 656 -30.03 -4.53 -46.90
N ASN C 657 -30.99 -4.16 -47.75
CA ASN C 657 -32.33 -3.84 -47.28
C ASN C 657 -33.14 -5.08 -46.93
N ASN C 658 -32.68 -6.27 -47.30
CA ASN C 658 -33.37 -7.50 -46.96
C ASN C 658 -33.04 -7.92 -45.54
N SER C 659 -33.92 -8.75 -44.97
CA SER C 659 -33.79 -9.22 -43.60
C SER C 659 -33.67 -10.74 -43.60
N TYR C 660 -32.77 -11.24 -42.75
CA TYR C 660 -32.49 -12.66 -42.64
C TYR C 660 -32.37 -13.01 -41.16
N GLU C 661 -32.00 -14.25 -40.89
CA GLU C 661 -31.77 -14.70 -39.52
C GLU C 661 -30.40 -14.24 -39.03
N CYS C 662 -30.30 -14.05 -37.72
CA CYS C 662 -29.06 -13.57 -37.12
C CYS C 662 -28.08 -14.72 -36.95
N ASP C 663 -26.87 -14.54 -37.49
CA ASP C 663 -25.78 -15.52 -37.37
C ASP C 663 -24.64 -15.00 -36.52
N ILE C 664 -24.27 -13.72 -36.67
CA ILE C 664 -23.19 -13.11 -35.93
C ILE C 664 -23.73 -11.82 -35.32
N PRO C 665 -24.08 -11.78 -34.03
CA PRO C 665 -24.63 -10.54 -33.47
C PRO C 665 -23.62 -9.41 -33.44
N ILE C 666 -24.14 -8.19 -33.59
CA ILE C 666 -23.34 -6.98 -33.53
C ILE C 666 -23.90 -6.08 -32.43
N GLY C 667 -25.14 -5.68 -32.59
CA GLY C 667 -25.82 -4.84 -31.62
C GLY C 667 -26.84 -3.96 -32.30
N ALA C 668 -27.85 -3.54 -31.54
CA ALA C 668 -28.88 -2.63 -32.00
C ALA C 668 -29.67 -3.22 -33.18
N GLY C 669 -29.93 -4.52 -33.11
CA GLY C 669 -30.70 -5.19 -34.12
C GLY C 669 -29.93 -5.60 -35.36
N ILE C 670 -28.63 -5.33 -35.41
CA ILE C 670 -27.80 -5.64 -36.57
C ILE C 670 -27.11 -6.98 -36.34
N CYS C 671 -26.95 -7.75 -37.40
CA CYS C 671 -26.23 -9.00 -37.38
C CYS C 671 -25.48 -9.14 -38.69
N ALA C 672 -24.63 -10.17 -38.77
CA ALA C 672 -23.79 -10.38 -39.95
C ALA C 672 -23.69 -11.86 -40.26
N SER C 673 -23.31 -12.15 -41.51
CA SER C 673 -23.12 -13.50 -41.99
C SER C 673 -22.40 -13.44 -43.33
N TYR C 674 -21.73 -14.53 -43.68
CA TYR C 674 -20.98 -14.64 -44.93
C TYR C 674 -21.83 -15.40 -45.94
N GLN C 675 -22.26 -14.71 -47.00
CA GLN C 675 -23.09 -15.29 -48.03
C GLN C 675 -22.65 -14.75 -49.38
N THR C 676 -23.40 -15.10 -50.42
CA THR C 676 -23.12 -14.62 -51.77
C THR C 676 -23.58 -13.18 -51.93
N SER C 689 -16.93 -13.56 -55.65
CA SER C 689 -18.36 -13.25 -55.75
C SER C 689 -19.00 -13.15 -54.37
N GLN C 690 -18.53 -13.97 -53.44
CA GLN C 690 -19.07 -13.98 -52.09
C GLN C 690 -18.54 -12.82 -51.28
N SER C 691 -19.30 -12.41 -50.28
CA SER C 691 -18.95 -11.26 -49.45
C SER C 691 -19.62 -11.40 -48.09
N ILE C 692 -19.20 -10.54 -47.16
CA ILE C 692 -19.80 -10.46 -45.84
C ILE C 692 -20.81 -9.34 -45.85
N ILE C 693 -21.99 -9.60 -45.27
CA ILE C 693 -23.12 -8.70 -45.31
C ILE C 693 -23.49 -8.28 -43.89
N ALA C 694 -24.25 -7.19 -43.81
CA ALA C 694 -24.80 -6.69 -42.57
C ALA C 694 -26.26 -6.38 -42.79
N TYR C 695 -27.12 -7.05 -42.03
CA TYR C 695 -28.57 -6.96 -42.21
C TYR C 695 -29.24 -6.69 -40.88
N THR C 696 -30.49 -6.25 -40.97
CA THR C 696 -31.34 -6.13 -39.80
C THR C 696 -31.93 -7.48 -39.45
N MET C 697 -31.91 -7.81 -38.16
CA MET C 697 -32.36 -9.13 -37.72
C MET C 697 -33.86 -9.27 -37.93
N SER C 698 -34.28 -10.45 -38.37
CA SER C 698 -35.68 -10.80 -38.54
C SER C 698 -36.12 -11.67 -37.38
N LEU C 699 -37.36 -11.46 -36.94
CA LEU C 699 -37.92 -12.12 -35.77
C LEU C 699 -38.82 -13.29 -36.14
N GLY C 700 -38.55 -13.94 -37.26
CA GLY C 700 -39.34 -15.06 -37.73
C GLY C 700 -40.31 -14.66 -38.81
N ALA C 701 -41.09 -15.65 -39.25
CA ALA C 701 -42.04 -15.48 -40.33
C ALA C 701 -43.38 -15.02 -39.80
N GLU C 702 -44.01 -14.10 -40.53
CA GLU C 702 -45.34 -13.64 -40.17
C GLU C 702 -46.37 -14.72 -40.49
N ASN C 703 -47.36 -14.88 -39.60
CA ASN C 703 -48.42 -15.88 -39.78
C ASN C 703 -49.71 -15.29 -39.24
N SER C 704 -50.50 -14.69 -40.14
CA SER C 704 -51.84 -14.27 -39.81
C SER C 704 -52.79 -15.45 -39.97
N VAL C 705 -53.51 -15.78 -38.90
CA VAL C 705 -54.37 -16.95 -38.85
C VAL C 705 -55.82 -16.53 -39.02
N ALA C 706 -56.67 -17.51 -39.29
CA ALA C 706 -58.07 -17.25 -39.54
C ALA C 706 -58.78 -16.84 -38.26
N TYR C 707 -59.96 -16.26 -38.43
CA TYR C 707 -60.78 -15.82 -37.30
C TYR C 707 -62.24 -15.86 -37.70
N SER C 708 -63.09 -16.14 -36.73
CA SER C 708 -64.53 -15.99 -36.87
C SER C 708 -65.14 -16.18 -35.48
N ASN C 709 -66.45 -15.98 -35.41
CA ASN C 709 -67.20 -16.36 -34.23
C ASN C 709 -67.45 -17.85 -34.15
N ASN C 710 -67.11 -18.61 -35.21
CA ASN C 710 -67.53 -20.00 -35.32
C ASN C 710 -66.46 -20.91 -35.93
N SER C 711 -65.24 -20.43 -36.15
CA SER C 711 -64.20 -21.23 -36.79
C SER C 711 -63.36 -21.96 -35.75
N ILE C 712 -62.98 -23.20 -36.08
CA ILE C 712 -62.18 -24.03 -35.20
C ILE C 712 -61.23 -24.86 -36.05
N ALA C 713 -60.03 -25.09 -35.54
CA ALA C 713 -59.03 -25.94 -36.17
C ALA C 713 -58.71 -27.11 -35.23
N ILE C 714 -58.81 -28.33 -35.76
CA ILE C 714 -58.61 -29.54 -34.98
C ILE C 714 -57.49 -30.35 -35.62
N PRO C 715 -56.60 -30.99 -34.86
CA PRO C 715 -55.63 -31.90 -35.49
C PRO C 715 -56.29 -33.19 -35.94
N THR C 716 -55.67 -33.80 -36.96
CA THR C 716 -56.10 -35.09 -37.50
C THR C 716 -55.07 -36.19 -37.31
N ASN C 717 -53.78 -35.85 -37.30
CA ASN C 717 -52.70 -36.78 -37.07
C ASN C 717 -51.80 -36.23 -35.98
N PHE C 718 -50.65 -36.85 -35.76
CA PHE C 718 -49.69 -36.39 -34.77
C PHE C 718 -48.31 -36.88 -35.16
N THR C 719 -47.32 -36.48 -34.38
CA THR C 719 -45.94 -36.91 -34.59
C THR C 719 -45.20 -36.83 -33.27
N ILE C 720 -44.35 -37.81 -33.01
CA ILE C 720 -43.60 -37.90 -31.77
C ILE C 720 -42.24 -37.23 -31.99
N SER C 721 -41.95 -36.22 -31.18
CA SER C 721 -40.67 -35.52 -31.22
C SER C 721 -39.86 -35.90 -29.99
N VAL C 722 -38.56 -36.07 -30.19
CA VAL C 722 -37.63 -36.43 -29.13
C VAL C 722 -36.49 -35.42 -29.19
N THR C 723 -36.60 -34.36 -28.41
CA THR C 723 -35.59 -33.31 -28.35
C THR C 723 -34.61 -33.59 -27.24
N THR C 724 -33.54 -32.79 -27.22
CA THR C 724 -32.44 -32.94 -26.28
C THR C 724 -32.33 -31.69 -25.41
N GLU C 725 -31.87 -31.89 -24.18
CA GLU C 725 -31.71 -30.79 -23.23
C GLU C 725 -30.55 -31.11 -22.31
N ILE C 726 -29.43 -30.41 -22.49
CA ILE C 726 -28.22 -30.63 -21.71
C ILE C 726 -28.20 -29.64 -20.57
N LEU C 727 -27.65 -30.07 -19.43
CA LEU C 727 -27.52 -29.24 -18.26
C LEU C 727 -26.24 -29.65 -17.54
N PRO C 728 -25.37 -28.72 -17.14
CA PRO C 728 -24.22 -29.10 -16.32
C PRO C 728 -24.60 -29.25 -14.87
N VAL C 729 -23.88 -30.14 -14.18
CA VAL C 729 -24.19 -30.53 -12.81
C VAL C 729 -23.01 -30.26 -11.88
N SER C 730 -21.82 -30.70 -12.28
CA SER C 730 -20.64 -30.67 -11.42
C SER C 730 -19.56 -29.83 -12.07
N MET C 731 -18.54 -29.53 -11.27
CA MET C 731 -17.34 -28.83 -11.72
C MET C 731 -16.12 -29.64 -11.33
N THR C 732 -14.96 -29.21 -11.84
CA THR C 732 -13.71 -29.88 -11.52
C THR C 732 -13.29 -29.54 -10.10
N LYS C 733 -13.20 -30.56 -9.25
CA LYS C 733 -12.77 -30.33 -7.87
C LYS C 733 -11.30 -29.94 -7.86
N THR C 734 -10.97 -28.90 -7.10
CA THR C 734 -9.61 -28.38 -7.03
C THR C 734 -9.25 -28.06 -5.60
N SER C 735 -7.95 -28.13 -5.31
CA SER C 735 -7.39 -27.73 -4.04
C SER C 735 -6.09 -26.99 -4.32
N VAL C 736 -5.80 -25.99 -3.50
CA VAL C 736 -4.64 -25.14 -3.68
C VAL C 736 -3.95 -24.99 -2.34
N ASP C 737 -2.66 -25.34 -2.30
CA ASP C 737 -1.84 -25.11 -1.12
C ASP C 737 -1.38 -23.66 -1.15
N CYS C 738 -2.00 -22.83 -0.31
CA CYS C 738 -1.71 -21.40 -0.31
C CYS C 738 -0.35 -21.04 0.24
N THR C 739 0.45 -22.01 0.68
CA THR C 739 1.83 -21.78 1.07
C THR C 739 2.81 -22.09 -0.07
N MET C 740 2.63 -23.24 -0.73
CA MET C 740 3.52 -23.59 -1.83
C MET C 740 3.36 -22.66 -3.01
N TYR C 741 2.15 -22.15 -3.24
CA TYR C 741 1.91 -21.27 -4.38
C TYR C 741 2.64 -19.96 -4.21
N ILE C 742 2.52 -19.33 -3.05
CA ILE C 742 3.21 -18.08 -2.80
C ILE C 742 4.67 -18.33 -2.47
N CYS C 743 4.92 -19.04 -1.37
CA CYS C 743 6.27 -19.34 -0.91
C CYS C 743 6.66 -20.71 -1.44
N GLY C 744 7.43 -20.73 -2.53
CA GLY C 744 7.84 -21.97 -3.14
C GLY C 744 9.02 -22.59 -2.42
N ASP C 745 8.76 -23.20 -1.26
CA ASP C 745 9.79 -23.81 -0.44
C ASP C 745 10.82 -22.77 0.00
N SER C 746 10.34 -21.78 0.74
CA SER C 746 11.17 -20.70 1.26
C SER C 746 10.69 -20.37 2.67
N THR C 747 11.46 -20.77 3.67
CA THR C 747 11.09 -20.46 5.05
C THR C 747 11.15 -18.97 5.32
N GLU C 748 11.95 -18.23 4.56
CA GLU C 748 11.96 -16.77 4.69
C GLU C 748 10.62 -16.18 4.30
N CYS C 749 10.07 -16.62 3.17
CA CYS C 749 8.75 -16.16 2.75
C CYS C 749 7.67 -16.64 3.69
N SER C 750 7.78 -17.88 4.18
CA SER C 750 6.72 -18.46 5.00
C SER C 750 6.57 -17.71 6.31
N ASN C 751 7.69 -17.33 6.94
CA ASN C 751 7.62 -16.58 8.18
C ASN C 751 7.01 -15.21 7.98
N LEU C 752 7.12 -14.65 6.78
CA LEU C 752 6.50 -13.36 6.48
C LEU C 752 5.01 -13.51 6.23
N LEU C 753 4.59 -14.63 5.66
CA LEU C 753 3.17 -14.84 5.39
C LEU C 753 2.36 -14.92 6.69
N LEU C 754 3.00 -15.33 7.78
CA LEU C 754 2.30 -15.38 9.06
C LEU C 754 1.88 -14.00 9.52
N GLN C 755 2.58 -12.96 9.08
CA GLN C 755 2.22 -11.60 9.44
C GLN C 755 0.89 -11.18 8.82
N TYR C 756 0.45 -11.85 7.74
CA TYR C 756 -0.81 -11.55 7.09
C TYR C 756 -1.99 -12.24 7.72
N GLY C 757 -1.76 -13.20 8.63
CA GLY C 757 -2.84 -13.82 9.37
C GLY C 757 -3.32 -15.12 8.76
N SER C 758 -4.63 -15.37 8.87
CA SER C 758 -5.24 -16.61 8.43
C SER C 758 -5.84 -16.51 7.03
N PHE C 759 -5.26 -15.68 6.17
CA PHE C 759 -5.73 -15.60 4.79
C PHE C 759 -5.54 -16.93 4.06
N CYS C 760 -4.46 -17.64 4.38
CA CYS C 760 -4.23 -18.94 3.78
C CYS C 760 -5.33 -19.92 4.17
N THR C 761 -5.74 -19.90 5.43
CA THR C 761 -6.73 -20.86 5.91
C THR C 761 -8.10 -20.60 5.31
N GLN C 762 -8.47 -19.33 5.13
CA GLN C 762 -9.81 -19.00 4.64
C GLN C 762 -10.00 -19.49 3.20
N LEU C 763 -8.95 -19.51 2.41
CA LEU C 763 -9.09 -19.89 1.00
C LEU C 763 -9.37 -21.38 0.87
N ASN C 764 -8.73 -22.20 1.69
CA ASN C 764 -8.95 -23.64 1.62
C ASN C 764 -10.36 -24.01 2.08
N ARG C 765 -10.92 -23.24 3.01
CA ARG C 765 -12.29 -23.50 3.43
C ARG C 765 -13.27 -23.29 2.27
N ALA C 766 -13.01 -22.27 1.45
CA ALA C 766 -13.91 -21.97 0.34
C ALA C 766 -13.84 -23.06 -0.72
N LEU C 767 -12.62 -23.44 -1.13
CA LEU C 767 -12.46 -24.47 -2.13
C LEU C 767 -12.92 -25.82 -1.61
N THR C 768 -12.69 -26.09 -0.32
CA THR C 768 -13.16 -27.34 0.27
C THR C 768 -14.69 -27.37 0.30
N GLY C 769 -15.31 -26.23 0.59
CA GLY C 769 -16.77 -26.17 0.57
C GLY C 769 -17.34 -26.34 -0.81
N ILE C 770 -16.64 -25.83 -1.83
CA ILE C 770 -17.09 -26.02 -3.20
C ILE C 770 -17.02 -27.48 -3.59
N ALA C 771 -15.92 -28.15 -3.25
CA ALA C 771 -15.73 -29.54 -3.67
C ALA C 771 -16.78 -30.46 -3.07
N VAL C 772 -17.31 -30.13 -1.90
CA VAL C 772 -18.35 -30.95 -1.29
C VAL C 772 -19.68 -30.73 -1.99
N GLU C 773 -19.93 -29.51 -2.48
CA GLU C 773 -21.18 -29.25 -3.18
C GLU C 773 -21.25 -30.02 -4.50
N GLN C 774 -20.11 -30.18 -5.18
CA GLN C 774 -20.09 -30.90 -6.44
C GLN C 774 -20.44 -32.37 -6.26
N ASP C 775 -20.24 -32.92 -5.07
CA ASP C 775 -20.68 -34.29 -4.78
C ASP C 775 -22.15 -34.35 -4.41
N LYS C 776 -22.65 -33.31 -3.75
CA LYS C 776 -24.07 -33.25 -3.42
C LYS C 776 -24.92 -33.12 -4.68
N ASN C 777 -24.43 -32.35 -5.65
CA ASN C 777 -25.21 -32.09 -6.86
C ASN C 777 -25.47 -33.36 -7.64
N THR C 778 -24.53 -34.30 -7.63
CA THR C 778 -24.74 -35.57 -8.32
C THR C 778 -25.73 -36.44 -7.56
N GLN C 779 -25.66 -36.45 -6.23
CA GLN C 779 -26.57 -37.26 -5.44
C GLN C 779 -28.00 -36.75 -5.56
N GLU C 780 -28.18 -35.43 -5.52
CA GLU C 780 -29.53 -34.86 -5.63
C GLU C 780 -30.13 -35.09 -7.01
N VAL C 781 -29.31 -35.38 -8.02
CA VAL C 781 -29.77 -35.53 -9.39
C VAL C 781 -29.93 -37.01 -9.72
N PHE C 782 -28.85 -37.78 -9.57
CA PHE C 782 -28.83 -39.17 -9.98
C PHE C 782 -29.35 -40.11 -8.91
N ALA C 783 -29.02 -39.87 -7.65
CA ALA C 783 -29.43 -40.74 -6.55
C ALA C 783 -30.80 -40.33 -6.01
N GLN C 784 -31.77 -40.27 -6.92
CA GLN C 784 -33.14 -40.00 -6.54
C GLN C 784 -33.81 -41.24 -5.94
N VAL C 785 -33.38 -42.43 -6.37
CA VAL C 785 -33.95 -43.70 -5.94
C VAL C 785 -32.84 -44.54 -5.32
N LYS C 786 -33.19 -45.24 -4.25
CA LYS C 786 -32.25 -46.12 -3.57
C LYS C 786 -32.27 -47.55 -4.12
N GLN C 787 -33.41 -47.99 -4.63
CA GLN C 787 -33.53 -49.35 -5.15
C GLN C 787 -33.03 -49.38 -6.59
N ILE C 788 -32.07 -50.26 -6.86
CA ILE C 788 -31.54 -50.45 -8.21
C ILE C 788 -32.48 -51.38 -8.97
N TYR C 789 -32.71 -51.07 -10.24
CA TYR C 789 -33.60 -51.83 -11.10
C TYR C 789 -32.85 -52.27 -12.35
N LYS C 790 -33.34 -53.35 -12.95
CA LYS C 790 -32.75 -53.91 -14.16
C LYS C 790 -33.85 -54.35 -15.10
N THR C 791 -33.58 -54.22 -16.39
CA THR C 791 -34.50 -54.70 -17.41
C THR C 791 -34.34 -56.20 -17.60
N PRO C 792 -35.36 -56.89 -18.11
CA PRO C 792 -35.25 -58.33 -18.32
C PRO C 792 -34.46 -58.64 -19.57
N PRO C 793 -34.13 -59.91 -19.80
CA PRO C 793 -33.48 -60.26 -21.07
C PRO C 793 -34.42 -60.20 -22.26
N ILE C 794 -35.69 -60.50 -22.05
CA ILE C 794 -36.69 -60.43 -23.12
C ILE C 794 -37.19 -58.98 -23.19
N LYS C 795 -36.82 -58.29 -24.25
CA LYS C 795 -37.19 -56.88 -24.44
C LYS C 795 -38.38 -56.78 -25.39
N ASP C 796 -39.56 -56.94 -24.81
CA ASP C 796 -40.84 -56.83 -25.52
C ASP C 796 -41.59 -55.63 -24.94
N PHE C 797 -41.50 -54.50 -25.62
CA PHE C 797 -42.11 -53.24 -25.18
C PHE C 797 -43.06 -52.69 -26.23
N GLY C 798 -43.78 -53.57 -26.91
CA GLY C 798 -44.77 -53.13 -27.87
C GLY C 798 -44.21 -52.48 -29.12
N GLY C 799 -43.03 -52.90 -29.55
CA GLY C 799 -42.41 -52.39 -30.76
C GLY C 799 -41.36 -51.32 -30.56
N PHE C 800 -41.06 -50.97 -29.31
CA PHE C 800 -40.09 -49.93 -29.01
C PHE C 800 -38.71 -50.53 -28.85
N ASN C 801 -37.71 -49.86 -29.43
CA ASN C 801 -36.31 -50.28 -29.37
C ASN C 801 -35.54 -49.26 -28.55
N PHE C 802 -35.32 -49.57 -27.27
CA PHE C 802 -34.52 -48.75 -26.38
C PHE C 802 -33.05 -49.17 -26.36
N SER C 803 -32.60 -49.89 -27.38
CA SER C 803 -31.25 -50.45 -27.35
C SER C 803 -30.18 -49.37 -27.36
N GLN C 804 -30.45 -48.23 -27.98
CA GLN C 804 -29.50 -47.13 -28.02
C GLN C 804 -29.50 -46.31 -26.74
N ILE C 805 -30.31 -46.65 -25.75
CA ILE C 805 -30.43 -45.90 -24.51
C ILE C 805 -29.99 -46.73 -23.31
N LEU C 806 -30.35 -48.01 -23.28
CA LEU C 806 -29.95 -48.89 -22.20
C LEU C 806 -28.56 -49.47 -22.49
N PRO C 807 -27.80 -49.81 -21.46
CA PRO C 807 -26.37 -50.08 -21.68
C PRO C 807 -26.13 -51.40 -22.38
N ASP C 808 -24.97 -51.47 -23.03
CA ASP C 808 -24.53 -52.69 -23.69
C ASP C 808 -23.78 -53.54 -22.67
N PRO C 809 -24.33 -54.66 -22.20
CA PRO C 809 -23.57 -55.48 -21.23
C PRO C 809 -22.33 -56.14 -21.81
N SER C 810 -22.17 -56.15 -23.14
CA SER C 810 -20.99 -56.76 -23.74
C SER C 810 -19.72 -55.98 -23.40
N LYS C 811 -19.74 -54.66 -23.56
CA LYS C 811 -18.56 -53.86 -23.34
C LYS C 811 -18.15 -53.88 -21.87
N PRO C 812 -16.88 -53.55 -21.56
CA PRO C 812 -16.50 -53.43 -20.14
C PRO C 812 -17.15 -52.22 -19.50
N SER C 813 -17.11 -51.09 -20.21
CA SER C 813 -17.80 -49.89 -19.76
C SER C 813 -19.29 -50.07 -19.99
N LYS C 814 -20.07 -50.05 -18.92
CA LYS C 814 -21.50 -50.32 -18.99
C LYS C 814 -22.25 -49.03 -19.28
N ARG C 815 -21.99 -48.51 -20.48
CA ARG C 815 -22.63 -47.30 -20.99
C ARG C 815 -23.51 -47.67 -22.17
N SER C 816 -24.39 -46.73 -22.53
CA SER C 816 -25.21 -46.86 -23.72
C SER C 816 -24.43 -46.37 -24.94
N PHE C 817 -25.04 -46.57 -26.12
CA PHE C 817 -24.44 -46.07 -27.35
C PHE C 817 -24.34 -44.56 -27.32
N ILE C 818 -25.38 -43.89 -26.82
CA ILE C 818 -25.38 -42.43 -26.78
C ILE C 818 -24.43 -41.92 -25.71
N GLU C 819 -24.36 -42.61 -24.56
CA GLU C 819 -23.44 -42.20 -23.51
C GLU C 819 -21.99 -42.25 -23.98
N ASP C 820 -21.68 -43.13 -24.92
CA ASP C 820 -20.31 -43.20 -25.45
C ASP C 820 -20.00 -41.99 -26.32
N LEU C 821 -20.98 -41.50 -27.08
CA LEU C 821 -20.75 -40.34 -27.93
C LEU C 821 -20.53 -39.09 -27.09
N LEU C 822 -21.26 -38.95 -25.98
CA LEU C 822 -21.14 -37.76 -25.16
C LEU C 822 -19.80 -37.70 -24.46
N PHE C 823 -19.23 -38.85 -24.10
CA PHE C 823 -17.91 -38.89 -23.48
C PHE C 823 -16.78 -38.75 -24.49
N ASN C 824 -17.07 -38.97 -25.78
CA ASN C 824 -16.06 -38.86 -26.82
C ASN C 824 -15.96 -37.47 -27.42
N LYS C 825 -16.99 -36.64 -27.30
CA LYS C 825 -16.97 -35.30 -27.82
C LYS C 825 -16.32 -34.30 -26.87
N VAL C 826 -16.60 -34.41 -25.58
CA VAL C 826 -16.04 -33.51 -24.59
C VAL C 826 -14.63 -33.97 -24.25
N THR C 827 -13.71 -33.01 -24.14
CA THR C 827 -12.31 -33.30 -23.86
C THR C 827 -11.71 -32.26 -22.92
N LYS C 854 1.19 -26.24 -12.55
CA LYS C 854 0.75 -27.62 -12.46
C LYS C 854 0.94 -28.17 -11.05
N PHE C 855 2.14 -27.95 -10.50
CA PHE C 855 2.56 -28.51 -9.23
C PHE C 855 3.11 -27.43 -8.30
N ASN C 856 2.46 -26.27 -8.30
CA ASN C 856 2.81 -25.15 -7.44
C ASN C 856 1.83 -25.04 -6.27
N GLY C 857 1.45 -26.18 -5.71
CA GLY C 857 0.36 -26.26 -4.76
C GLY C 857 -0.97 -26.60 -5.40
N LEU C 858 -1.06 -26.59 -6.72
CA LEU C 858 -2.27 -26.98 -7.42
C LEU C 858 -2.50 -28.47 -7.25
N THR C 859 -3.77 -28.83 -7.04
CA THR C 859 -4.15 -30.23 -6.88
C THR C 859 -5.58 -30.40 -7.35
N VAL C 860 -5.79 -31.35 -8.26
CA VAL C 860 -7.11 -31.68 -8.77
C VAL C 860 -7.57 -32.96 -8.11
N LEU C 861 -8.69 -32.89 -7.42
CA LEU C 861 -9.23 -34.04 -6.71
C LEU C 861 -10.19 -34.82 -7.61
N PRO C 862 -10.38 -36.11 -7.36
CA PRO C 862 -11.31 -36.88 -8.17
C PRO C 862 -12.73 -36.75 -7.64
N PRO C 863 -13.74 -37.04 -8.44
CA PRO C 863 -15.11 -37.03 -7.92
C PRO C 863 -15.43 -38.31 -7.16
N LEU C 864 -16.39 -38.18 -6.26
CA LEU C 864 -16.79 -39.31 -5.43
C LEU C 864 -17.40 -40.42 -6.28
N LEU C 865 -18.48 -40.11 -6.99
CA LEU C 865 -19.10 -41.07 -7.88
C LEU C 865 -18.34 -41.12 -9.19
N THR C 866 -17.98 -42.32 -9.61
CA THR C 866 -17.29 -42.50 -10.88
C THR C 866 -18.26 -42.46 -12.04
N ASP C 867 -17.70 -42.42 -13.25
CA ASP C 867 -18.52 -42.40 -14.46
C ASP C 867 -19.30 -43.69 -14.64
N GLU C 868 -18.86 -44.79 -14.02
CA GLU C 868 -19.60 -46.04 -14.11
C GLU C 868 -20.73 -46.09 -13.08
N MET C 869 -20.51 -45.52 -11.90
CA MET C 869 -21.56 -45.47 -10.89
C MET C 869 -22.75 -44.66 -11.37
N ILE C 870 -22.49 -43.53 -12.03
CA ILE C 870 -23.56 -42.66 -12.50
C ILE C 870 -24.34 -43.36 -13.62
N ALA C 871 -23.69 -44.24 -14.38
CA ALA C 871 -24.40 -44.98 -15.41
C ALA C 871 -25.33 -46.01 -14.81
N GLN C 872 -24.94 -46.61 -13.68
CA GLN C 872 -25.82 -47.56 -13.01
C GLN C 872 -27.05 -46.88 -12.45
N TYR C 873 -26.91 -45.63 -12.00
CA TYR C 873 -28.08 -44.86 -11.58
C TYR C 873 -28.96 -44.54 -12.78
N THR C 874 -28.34 -44.13 -13.89
CA THR C 874 -29.10 -43.81 -15.09
C THR C 874 -29.79 -45.05 -15.66
N SER C 875 -29.17 -46.22 -15.52
CA SER C 875 -29.78 -47.44 -16.01
C SER C 875 -30.99 -47.85 -15.17
N ALA C 876 -30.95 -47.56 -13.87
CA ALA C 876 -32.09 -47.88 -13.01
C ALA C 876 -33.27 -46.96 -13.30
N LEU C 877 -33.01 -45.68 -13.48
CA LEU C 877 -34.08 -44.74 -13.77
C LEU C 877 -34.73 -45.05 -15.12
N LEU C 878 -33.94 -45.48 -16.09
CA LEU C 878 -34.50 -45.92 -17.37
C LEU C 878 -35.38 -47.14 -17.18
N ALA C 879 -34.89 -48.13 -16.44
CA ALA C 879 -35.65 -49.36 -16.24
C ALA C 879 -36.90 -49.10 -15.41
N GLY C 880 -36.86 -48.13 -14.51
CA GLY C 880 -38.03 -47.83 -13.70
C GLY C 880 -39.19 -47.31 -14.52
N THR C 881 -38.92 -46.40 -15.45
CA THR C 881 -39.99 -45.82 -16.26
C THR C 881 -40.47 -46.81 -17.31
N ILE C 882 -39.55 -47.50 -17.96
CA ILE C 882 -39.91 -48.49 -18.97
C ILE C 882 -40.74 -49.60 -18.37
N THR C 883 -40.51 -49.93 -17.10
CA THR C 883 -41.10 -51.08 -16.44
C THR C 883 -42.21 -50.73 -15.48
N SER C 884 -42.11 -49.60 -14.79
CA SER C 884 -43.07 -49.20 -13.77
C SER C 884 -43.71 -47.86 -14.03
N GLY C 885 -43.31 -47.15 -15.07
CA GLY C 885 -43.93 -45.87 -15.39
C GLY C 885 -43.59 -44.79 -14.40
N TRP C 886 -44.56 -44.46 -13.54
CA TRP C 886 -44.48 -43.30 -12.65
C TRP C 886 -44.69 -43.70 -11.20
N THR C 887 -44.50 -44.98 -10.87
CA THR C 887 -44.80 -45.50 -9.54
C THR C 887 -43.56 -45.69 -8.67
N PHE C 888 -42.42 -46.03 -9.27
CA PHE C 888 -41.21 -46.23 -8.49
C PHE C 888 -40.71 -44.94 -7.86
N GLY C 889 -41.13 -43.79 -8.37
CA GLY C 889 -40.88 -42.52 -7.72
C GLY C 889 -41.84 -42.19 -6.60
N ALA C 890 -42.73 -43.11 -6.24
CA ALA C 890 -43.69 -42.95 -5.16
C ALA C 890 -43.70 -44.18 -4.28
N GLY C 891 -42.51 -44.68 -3.97
CA GLY C 891 -42.36 -45.84 -3.10
C GLY C 891 -42.02 -47.09 -3.90
N ALA C 892 -42.95 -48.05 -3.92
CA ALA C 892 -42.67 -49.35 -4.50
C ALA C 892 -42.90 -49.32 -6.00
N ALA C 893 -42.10 -50.09 -6.73
CA ALA C 893 -42.24 -50.20 -8.18
C ALA C 893 -43.32 -51.22 -8.51
N LEU C 894 -44.22 -50.86 -9.42
CA LEU C 894 -45.35 -51.69 -9.80
C LEU C 894 -45.21 -52.09 -11.26
N GLN C 895 -45.16 -53.39 -11.50
CA GLN C 895 -45.09 -53.92 -12.86
C GLN C 895 -46.30 -53.44 -13.67
N ILE C 896 -46.04 -52.70 -14.74
CA ILE C 896 -47.06 -52.26 -15.67
C ILE C 896 -46.52 -52.47 -17.08
N PRO C 897 -47.31 -52.88 -18.07
CA PRO C 897 -46.78 -52.98 -19.43
C PRO C 897 -46.55 -51.59 -20.01
N PHE C 898 -45.69 -51.56 -21.04
CA PHE C 898 -45.29 -50.27 -21.59
C PHE C 898 -46.43 -49.61 -22.35
N ALA C 899 -47.24 -50.39 -23.05
CA ALA C 899 -48.36 -49.80 -23.79
C ALA C 899 -49.38 -49.18 -22.86
N MET C 900 -49.55 -49.74 -21.66
CA MET C 900 -50.46 -49.14 -20.70
C MET C 900 -49.93 -47.82 -20.17
N GLN C 901 -48.62 -47.65 -20.09
CA GLN C 901 -48.04 -46.40 -19.63
C GLN C 901 -48.41 -45.25 -20.56
N MET C 902 -48.22 -45.46 -21.87
CA MET C 902 -48.52 -44.42 -22.85
C MET C 902 -50.00 -44.08 -22.84
N ALA C 903 -50.85 -45.08 -22.61
CA ALA C 903 -52.29 -44.83 -22.54
C ALA C 903 -52.63 -43.90 -21.38
N TYR C 904 -52.10 -44.21 -20.19
CA TYR C 904 -52.28 -43.32 -19.05
C TYR C 904 -51.67 -41.95 -19.32
N ARG C 905 -50.59 -41.91 -20.09
CA ARG C 905 -49.94 -40.65 -20.41
C ARG C 905 -50.65 -39.90 -21.53
N PHE C 906 -51.31 -40.62 -22.44
CA PHE C 906 -52.13 -39.95 -23.44
C PHE C 906 -53.35 -39.30 -22.80
N ASN C 907 -53.95 -39.96 -21.80
CA ASN C 907 -55.05 -39.35 -21.06
C ASN C 907 -54.58 -38.14 -20.28
N GLY C 908 -53.31 -38.09 -19.91
CA GLY C 908 -52.76 -36.96 -19.20
C GLY C 908 -52.57 -35.70 -20.02
N ILE C 909 -52.86 -35.75 -21.32
CA ILE C 909 -52.74 -34.60 -22.21
C ILE C 909 -54.05 -34.32 -22.96
N GLY C 910 -55.16 -34.90 -22.49
CA GLY C 910 -56.44 -34.65 -23.12
C GLY C 910 -56.70 -35.48 -24.35
N VAL C 911 -56.10 -36.67 -24.45
CA VAL C 911 -56.29 -37.57 -25.58
C VAL C 911 -56.69 -38.93 -25.04
N THR C 912 -57.79 -39.46 -25.54
CA THR C 912 -58.26 -40.76 -25.10
C THR C 912 -57.31 -41.86 -25.59
N GLN C 913 -57.26 -42.95 -24.84
CA GLN C 913 -56.32 -44.02 -25.10
C GLN C 913 -56.66 -44.84 -26.34
N ASN C 914 -57.80 -44.59 -26.98
CA ASN C 914 -58.09 -45.29 -28.23
C ASN C 914 -57.12 -44.92 -29.33
N VAL C 915 -56.61 -43.69 -29.30
CA VAL C 915 -55.68 -43.23 -30.32
C VAL C 915 -54.38 -44.02 -30.27
N LEU C 916 -54.00 -44.51 -29.08
CA LEU C 916 -52.73 -45.21 -28.94
C LEU C 916 -52.81 -46.60 -29.55
N TYR C 917 -53.75 -47.42 -29.07
CA TYR C 917 -53.80 -48.81 -29.50
C TYR C 917 -54.13 -48.91 -30.99
N GLU C 918 -54.96 -48.00 -31.50
CA GLU C 918 -55.30 -47.99 -32.91
C GLU C 918 -54.14 -47.55 -33.79
N ASN C 919 -53.16 -46.84 -33.22
CA ASN C 919 -51.96 -46.40 -33.94
C ASN C 919 -50.71 -46.77 -33.15
N GLN C 920 -50.68 -47.98 -32.60
CA GLN C 920 -49.56 -48.39 -31.77
C GLN C 920 -48.30 -48.57 -32.59
N LYS C 921 -48.40 -49.17 -33.77
CA LYS C 921 -47.22 -49.41 -34.58
C LYS C 921 -46.66 -48.10 -35.13
N LEU C 922 -47.53 -47.15 -35.46
CA LEU C 922 -47.06 -45.87 -35.99
C LEU C 922 -46.28 -45.11 -34.94
N ILE C 923 -46.77 -45.09 -33.70
CA ILE C 923 -46.12 -44.33 -32.65
C ILE C 923 -44.75 -44.91 -32.34
N ALA C 924 -44.62 -46.24 -32.40
CA ALA C 924 -43.34 -46.87 -32.13
C ALA C 924 -42.33 -46.54 -33.21
N ASN C 925 -42.75 -46.54 -34.47
CA ASN C 925 -41.85 -46.21 -35.56
C ASN C 925 -41.47 -44.74 -35.52
N GLN C 926 -42.41 -43.87 -35.15
CA GLN C 926 -42.10 -42.45 -34.99
C GLN C 926 -41.09 -42.24 -33.87
N PHE C 927 -41.19 -43.05 -32.81
CA PHE C 927 -40.27 -42.92 -31.69
C PHE C 927 -38.90 -43.50 -32.04
N ASN C 928 -38.88 -44.74 -32.54
CA ASN C 928 -37.61 -45.38 -32.86
C ASN C 928 -36.86 -44.64 -33.96
N SER C 929 -37.58 -43.96 -34.85
CA SER C 929 -36.91 -43.15 -35.87
C SER C 929 -36.30 -41.91 -35.26
N ALA C 930 -36.96 -41.32 -34.27
CA ALA C 930 -36.45 -40.09 -33.66
C ALA C 930 -35.19 -40.35 -32.85
N ILE C 931 -35.10 -41.52 -32.21
CA ILE C 931 -33.88 -41.86 -31.48
C ILE C 931 -32.69 -41.95 -32.43
N GLY C 932 -32.94 -42.45 -33.65
CA GLY C 932 -31.86 -42.56 -34.61
C GLY C 932 -31.30 -41.23 -35.06
N LYS C 933 -32.13 -40.18 -35.03
CA LYS C 933 -31.67 -38.86 -35.44
C LYS C 933 -30.70 -38.27 -34.43
N ILE C 934 -30.87 -38.59 -33.15
CA ILE C 934 -29.97 -38.07 -32.13
C ILE C 934 -28.57 -38.64 -32.33
N GLN C 935 -28.48 -39.93 -32.68
CA GLN C 935 -27.19 -40.51 -33.01
C GLN C 935 -26.55 -39.80 -34.20
N ASP C 936 -27.36 -39.43 -35.18
CA ASP C 936 -26.83 -38.75 -36.36
C ASP C 936 -26.45 -37.31 -36.05
N SER C 937 -27.15 -36.67 -35.12
CA SER C 937 -26.85 -35.28 -34.79
C SER C 937 -25.62 -35.19 -33.90
N LEU C 938 -25.59 -35.96 -32.81
CA LEU C 938 -24.48 -35.84 -31.86
C LEU C 938 -23.19 -36.37 -32.45
N SER C 939 -23.26 -37.45 -33.24
CA SER C 939 -22.06 -38.03 -33.82
C SER C 939 -21.38 -37.12 -34.83
N SER C 940 -22.06 -36.07 -35.31
CA SER C 940 -21.52 -35.15 -36.30
C SER C 940 -21.41 -33.72 -35.79
N THR C 941 -22.40 -33.22 -35.07
CA THR C 941 -22.40 -31.84 -34.58
C THR C 941 -21.64 -31.78 -33.27
N ALA C 942 -20.52 -31.06 -33.27
CA ALA C 942 -19.75 -30.84 -32.05
C ALA C 942 -20.22 -29.63 -31.26
N SER C 943 -21.02 -28.75 -31.87
CA SER C 943 -21.45 -27.51 -31.22
C SER C 943 -22.63 -27.72 -30.27
N ALA C 944 -23.09 -28.96 -30.06
CA ALA C 944 -24.27 -29.18 -29.24
C ALA C 944 -23.93 -29.19 -27.75
N LEU C 945 -22.72 -29.64 -27.41
CA LEU C 945 -22.31 -29.82 -26.02
C LEU C 945 -21.63 -28.57 -25.45
N GLY C 946 -21.95 -27.40 -25.99
CA GLY C 946 -21.24 -26.19 -25.59
C GLY C 946 -21.47 -25.81 -24.14
N LYS C 947 -22.60 -26.22 -23.56
CA LYS C 947 -22.89 -25.85 -22.18
C LYS C 947 -21.95 -26.54 -21.21
N LEU C 948 -21.51 -27.75 -21.52
CA LEU C 948 -20.58 -28.48 -20.68
C LEU C 948 -19.14 -28.14 -20.99
N GLN C 949 -18.82 -27.93 -22.26
CA GLN C 949 -17.46 -27.56 -22.64
C GLN C 949 -17.06 -26.21 -22.06
N ASN C 950 -18.01 -25.29 -21.93
CA ASN C 950 -17.70 -24.00 -21.33
C ASN C 950 -17.33 -24.12 -19.86
N VAL C 951 -17.86 -25.13 -19.18
CA VAL C 951 -17.51 -25.35 -17.78
C VAL C 951 -16.07 -25.81 -17.66
N VAL C 952 -15.66 -26.73 -18.53
CA VAL C 952 -14.29 -27.24 -18.49
C VAL C 952 -13.31 -26.15 -18.90
N ASN C 953 -13.67 -25.36 -19.91
CA ASN C 953 -12.78 -24.31 -20.38
C ASN C 953 -12.66 -23.17 -19.36
N GLN C 954 -13.74 -22.88 -18.64
CA GLN C 954 -13.70 -21.80 -17.66
C GLN C 954 -12.75 -22.13 -16.51
N ASN C 955 -12.65 -23.41 -16.15
CA ASN C 955 -11.75 -23.81 -15.08
C ASN C 955 -10.30 -23.74 -15.52
N ALA C 956 -9.99 -24.28 -16.70
CA ALA C 956 -8.61 -24.33 -17.16
C ALA C 956 -8.05 -22.93 -17.41
N GLN C 957 -8.90 -22.00 -17.86
CA GLN C 957 -8.44 -20.63 -18.05
C GLN C 957 -8.04 -19.99 -16.73
N ALA C 958 -8.80 -20.27 -15.68
CA ALA C 958 -8.50 -19.69 -14.36
C ALA C 958 -7.24 -20.31 -13.79
N LEU C 959 -7.06 -21.61 -13.98
CA LEU C 959 -5.86 -22.27 -13.47
C LEU C 959 -4.62 -21.80 -14.22
N ASN C 960 -4.70 -21.70 -15.54
CA ASN C 960 -3.55 -21.22 -16.31
C ASN C 960 -3.24 -19.77 -15.97
N THR C 961 -4.27 -18.93 -15.85
CA THR C 961 -4.07 -17.54 -15.45
C THR C 961 -3.48 -17.46 -14.06
N LEU C 962 -3.83 -18.39 -13.17
CA LEU C 962 -3.25 -18.41 -11.84
C LEU C 962 -1.77 -18.76 -11.88
N VAL C 963 -1.37 -19.61 -12.82
CA VAL C 963 0.03 -20.03 -12.92
C VAL C 963 0.87 -18.98 -13.62
N LYS C 964 0.30 -18.32 -14.64
CA LYS C 964 1.02 -17.25 -15.33
C LYS C 964 1.33 -16.09 -14.40
N GLN C 965 0.49 -15.86 -13.40
CA GLN C 965 0.72 -14.77 -12.46
C GLN C 965 1.99 -14.97 -11.63
N LEU C 966 2.48 -16.19 -11.52
CA LEU C 966 3.71 -16.42 -10.78
C LEU C 966 4.93 -15.83 -11.50
N SER C 967 4.86 -15.71 -12.82
CA SER C 967 5.94 -15.14 -13.60
C SER C 967 6.00 -13.62 -13.54
N SER C 968 5.08 -12.97 -12.84
CA SER C 968 5.03 -11.53 -12.76
C SER C 968 5.84 -11.02 -11.57
N ASN C 969 6.33 -9.79 -11.70
CA ASN C 969 7.18 -9.19 -10.68
C ASN C 969 6.41 -8.37 -9.66
N PHE C 970 5.29 -7.75 -10.07
CA PHE C 970 4.51 -6.89 -9.19
C PHE C 970 5.35 -5.73 -8.65
N GLY C 971 6.26 -5.24 -9.48
CA GLY C 971 7.13 -4.14 -9.10
C GLY C 971 8.42 -4.54 -8.43
N ALA C 972 8.74 -5.83 -8.38
CA ALA C 972 9.97 -6.31 -7.77
C ALA C 972 11.07 -6.44 -8.82
N ILE C 973 12.27 -6.78 -8.34
CA ILE C 973 13.40 -6.95 -9.25
C ILE C 973 13.24 -8.22 -10.07
N SER C 974 12.56 -9.23 -9.53
CA SER C 974 12.39 -10.49 -10.24
C SER C 974 11.25 -11.27 -9.61
N SER C 975 10.76 -12.26 -10.35
CA SER C 975 9.68 -13.12 -9.89
C SER C 975 10.18 -14.36 -9.16
N VAL C 976 11.41 -14.78 -9.42
CA VAL C 976 11.96 -15.96 -8.77
C VAL C 976 12.49 -15.58 -7.39
N LEU C 977 12.16 -16.39 -6.39
CA LEU C 977 12.57 -16.09 -5.03
C LEU C 977 14.06 -16.35 -4.84
N ASN C 978 14.55 -17.48 -5.34
CA ASN C 978 15.97 -17.79 -5.20
C ASN C 978 16.85 -16.77 -5.88
N ASP C 979 16.36 -16.13 -6.95
CA ASP C 979 17.08 -15.03 -7.56
C ASP C 979 17.11 -13.78 -6.69
N ILE C 980 16.29 -13.73 -5.64
CA ILE C 980 16.29 -12.63 -4.68
C ILE C 980 16.99 -13.06 -3.39
N LEU C 981 16.80 -14.31 -2.96
CA LEU C 981 17.46 -14.80 -1.76
C LEU C 981 18.96 -14.97 -2.00
N SER C 982 19.33 -15.54 -3.15
CA SER C 982 20.73 -15.77 -3.49
C SER C 982 21.41 -14.55 -4.08
N ARG C 983 20.76 -13.38 -4.06
CA ARG C 983 21.28 -12.15 -4.64
C ARG C 983 21.31 -11.00 -3.66
N LEU C 984 20.32 -10.89 -2.79
CA LEU C 984 20.18 -9.76 -1.87
C LEU C 984 20.26 -10.24 -0.43
N ASP C 985 20.43 -9.27 0.46
CA ASP C 985 20.46 -9.52 1.89
C ASP C 985 19.04 -9.76 2.40
N PRO C 986 18.88 -10.26 3.62
CA PRO C 986 17.53 -10.44 4.18
C PRO C 986 16.74 -9.14 4.23
N PRO C 987 17.25 -8.08 4.87
CA PRO C 987 16.40 -6.88 5.04
C PRO C 987 16.06 -6.18 3.74
N GLU C 988 16.90 -6.30 2.72
CA GLU C 988 16.59 -5.76 1.41
C GLU C 988 15.73 -6.71 0.58
N ALA C 989 15.76 -8.01 0.90
CA ALA C 989 14.94 -8.97 0.18
C ALA C 989 13.49 -8.92 0.63
N GLU C 990 13.26 -8.68 1.92
CA GLU C 990 11.89 -8.62 2.44
C GLU C 990 11.09 -7.54 1.77
N VAL C 991 11.74 -6.44 1.36
CA VAL C 991 11.03 -5.40 0.63
C VAL C 991 10.57 -5.90 -0.72
N GLN C 992 11.40 -6.72 -1.38
CA GLN C 992 11.02 -7.28 -2.67
C GLN C 992 10.12 -8.49 -2.51
N ILE C 993 10.35 -9.30 -1.47
CA ILE C 993 9.54 -10.49 -1.25
C ILE C 993 8.11 -10.10 -0.91
N ASP C 994 7.93 -8.99 -0.19
CA ASP C 994 6.59 -8.57 0.21
C ASP C 994 5.74 -8.17 -0.99
N ARG C 995 6.38 -7.69 -2.06
CA ARG C 995 5.63 -7.29 -3.24
C ARG C 995 5.08 -8.50 -3.98
N LEU C 996 5.83 -9.60 -4.01
CA LEU C 996 5.35 -10.80 -4.65
C LEU C 996 4.21 -11.43 -3.86
N ILE C 997 4.30 -11.39 -2.54
CA ILE C 997 3.25 -11.98 -1.70
C ILE C 997 1.94 -11.22 -1.89
N THR C 998 1.99 -9.89 -1.80
CA THR C 998 0.79 -9.08 -1.93
C THR C 998 0.16 -9.24 -3.31
N GLY C 999 0.97 -9.50 -4.33
CA GLY C 999 0.45 -9.69 -5.67
C GLY C 999 -0.11 -11.08 -5.86
N ARG C 1000 0.62 -12.08 -5.37
CA ARG C 1000 0.16 -13.47 -5.50
C ARG C 1000 -1.06 -13.73 -4.64
N LEU C 1001 -1.18 -13.04 -3.51
CA LEU C 1001 -2.35 -13.22 -2.65
C LEU C 1001 -3.60 -12.67 -3.32
N GLN C 1002 -3.48 -11.55 -4.04
CA GLN C 1002 -4.62 -11.04 -4.79
C GLN C 1002 -4.98 -11.96 -5.95
N SER C 1003 -3.98 -12.65 -6.51
CA SER C 1003 -4.25 -13.58 -7.61
C SER C 1003 -5.08 -14.77 -7.14
N LEU C 1004 -4.95 -15.14 -5.86
CA LEU C 1004 -5.74 -16.25 -5.32
C LEU C 1004 -7.15 -15.81 -4.96
N GLN C 1005 -7.28 -14.67 -4.27
CA GLN C 1005 -8.61 -14.19 -3.89
C GLN C 1005 -9.47 -13.92 -5.12
N THR C 1006 -8.86 -13.49 -6.22
CA THR C 1006 -9.60 -13.32 -7.46
C THR C 1006 -10.03 -14.67 -8.02
N TYR C 1007 -9.22 -15.70 -7.81
CA TYR C 1007 -9.56 -17.03 -8.31
C TYR C 1007 -10.64 -17.67 -7.44
N VAL C 1008 -10.50 -17.57 -6.12
CA VAL C 1008 -11.46 -18.20 -5.22
C VAL C 1008 -12.79 -17.46 -5.27
N THR C 1009 -12.76 -16.13 -5.35
CA THR C 1009 -13.99 -15.36 -5.41
C THR C 1009 -14.77 -15.64 -6.68
N GLN C 1010 -14.07 -15.96 -7.77
CA GLN C 1010 -14.76 -16.25 -9.03
C GLN C 1010 -15.36 -17.65 -9.00
N GLN C 1011 -14.63 -18.62 -8.47
CA GLN C 1011 -15.12 -19.99 -8.43
C GLN C 1011 -16.33 -20.11 -7.50
N LEU C 1012 -16.41 -19.27 -6.46
CA LEU C 1012 -17.60 -19.25 -5.64
C LEU C 1012 -18.82 -18.78 -6.43
N ILE C 1013 -18.62 -17.91 -7.41
CA ILE C 1013 -19.71 -17.47 -8.26
C ILE C 1013 -20.02 -18.53 -9.31
N ARG C 1014 -18.99 -19.15 -9.88
CA ARG C 1014 -19.20 -20.27 -10.78
C ARG C 1014 -19.89 -21.42 -10.07
N ALA C 1015 -19.62 -21.61 -8.78
CA ALA C 1015 -20.26 -22.66 -8.01
C ALA C 1015 -21.70 -22.36 -7.67
N ALA C 1016 -22.15 -21.11 -7.84
CA ALA C 1016 -23.55 -20.78 -7.67
C ALA C 1016 -24.35 -21.00 -8.94
N GLU C 1017 -23.74 -20.75 -10.10
CA GLU C 1017 -24.39 -21.06 -11.37
C GLU C 1017 -24.58 -22.56 -11.52
N ILE C 1018 -23.59 -23.34 -11.12
CA ILE C 1018 -23.67 -24.79 -11.25
C ILE C 1018 -24.65 -25.36 -10.24
N ARG C 1019 -24.84 -24.69 -9.10
CA ARG C 1019 -25.77 -25.16 -8.09
C ARG C 1019 -27.21 -24.97 -8.54
N ALA C 1020 -27.49 -23.84 -9.20
CA ALA C 1020 -28.85 -23.60 -9.69
C ALA C 1020 -29.15 -24.47 -10.90
N SER C 1021 -28.16 -24.77 -11.72
CA SER C 1021 -28.36 -25.68 -12.85
C SER C 1021 -28.53 -27.11 -12.38
N ALA C 1022 -27.89 -27.48 -11.27
CA ALA C 1022 -28.03 -28.82 -10.74
C ALA C 1022 -29.36 -29.00 -10.01
N ASN C 1023 -29.78 -27.98 -9.25
CA ASN C 1023 -31.08 -28.04 -8.61
C ASN C 1023 -32.20 -28.08 -9.65
N LEU C 1024 -32.00 -27.44 -10.79
CA LEU C 1024 -32.96 -27.55 -11.89
C LEU C 1024 -33.00 -28.97 -12.43
N ALA C 1025 -31.82 -29.54 -12.74
CA ALA C 1025 -31.76 -30.87 -13.31
C ALA C 1025 -32.32 -31.91 -12.35
N ALA C 1026 -32.12 -31.72 -11.05
CA ALA C 1026 -32.72 -32.62 -10.08
C ALA C 1026 -34.24 -32.50 -10.09
N THR C 1027 -34.75 -31.29 -10.33
CA THR C 1027 -36.19 -31.09 -10.41
C THR C 1027 -36.76 -31.72 -11.67
N LYS C 1028 -35.97 -31.82 -12.74
CA LYS C 1028 -36.46 -32.42 -13.98
C LYS C 1028 -36.50 -33.93 -13.88
N MET C 1029 -35.52 -34.54 -13.22
CA MET C 1029 -35.56 -35.98 -12.98
C MET C 1029 -36.80 -36.35 -12.16
N SER C 1030 -37.19 -35.48 -11.24
CA SER C 1030 -38.36 -35.76 -10.42
C SER C 1030 -39.64 -35.60 -11.22
N GLU C 1031 -39.80 -34.47 -11.90
CA GLU C 1031 -41.06 -34.14 -12.54
C GLU C 1031 -41.19 -34.71 -13.95
N CYS C 1032 -40.10 -34.70 -14.72
CA CYS C 1032 -40.18 -35.12 -16.11
C CYS C 1032 -39.93 -36.62 -16.29
N VAL C 1033 -38.96 -37.18 -15.55
CA VAL C 1033 -38.60 -38.58 -15.71
C VAL C 1033 -39.45 -39.44 -14.79
N LEU C 1034 -39.39 -39.15 -13.49
CA LEU C 1034 -40.14 -39.92 -12.50
C LEU C 1034 -41.64 -39.68 -12.57
N GLY C 1035 -42.11 -38.73 -13.38
CA GLY C 1035 -43.52 -38.48 -13.50
C GLY C 1035 -43.83 -37.76 -14.79
N GLN C 1036 -45.11 -37.41 -14.93
CA GLN C 1036 -45.60 -36.66 -16.08
C GLN C 1036 -45.95 -35.25 -15.64
N SER C 1037 -45.45 -34.27 -16.38
CA SER C 1037 -45.58 -32.86 -16.03
C SER C 1037 -46.53 -32.16 -16.98
N LYS C 1038 -47.40 -31.33 -16.43
CA LYS C 1038 -48.28 -30.46 -17.19
C LYS C 1038 -47.72 -29.06 -17.36
N ARG C 1039 -46.46 -28.84 -17.01
CA ARG C 1039 -45.83 -27.54 -17.17
C ARG C 1039 -45.33 -27.38 -18.60
N VAL C 1040 -45.65 -26.24 -19.20
CA VAL C 1040 -45.35 -26.01 -20.60
C VAL C 1040 -43.87 -25.66 -20.75
N ASP C 1041 -43.21 -26.31 -21.70
CA ASP C 1041 -41.82 -26.06 -22.06
C ASP C 1041 -40.84 -26.33 -20.94
N PHE C 1042 -41.26 -27.03 -19.88
CA PHE C 1042 -40.36 -27.42 -18.80
C PHE C 1042 -39.70 -28.76 -19.07
N CYS C 1043 -40.48 -29.72 -19.57
CA CYS C 1043 -39.99 -31.04 -19.95
C CYS C 1043 -40.04 -31.23 -21.47
N GLY C 1044 -39.71 -30.19 -22.21
CA GLY C 1044 -39.64 -30.21 -23.65
C GLY C 1044 -40.79 -29.44 -24.29
N LYS C 1045 -40.60 -29.13 -25.57
CA LYS C 1045 -41.62 -28.40 -26.34
C LYS C 1045 -42.69 -29.37 -26.81
N GLY C 1046 -43.93 -29.05 -26.47
CA GLY C 1046 -45.07 -29.89 -26.78
C GLY C 1046 -45.70 -30.45 -25.51
N TYR C 1047 -46.64 -31.36 -25.71
CA TYR C 1047 -47.30 -32.02 -24.59
C TYR C 1047 -46.42 -33.17 -24.11
N HIS C 1048 -46.00 -33.09 -22.85
CA HIS C 1048 -45.02 -34.02 -22.32
C HIS C 1048 -45.62 -35.39 -22.10
N LEU C 1049 -44.89 -36.43 -22.54
CA LEU C 1049 -45.25 -37.82 -22.27
C LEU C 1049 -44.32 -38.44 -21.24
N MET C 1050 -43.01 -38.41 -21.48
CA MET C 1050 -42.04 -38.91 -20.52
C MET C 1050 -40.65 -38.47 -20.97
N SER C 1051 -39.66 -38.79 -20.15
CA SER C 1051 -38.29 -38.38 -20.38
C SER C 1051 -37.35 -39.51 -20.01
N PHE C 1052 -36.25 -39.61 -20.76
CA PHE C 1052 -35.23 -40.64 -20.55
C PHE C 1052 -33.90 -39.96 -20.31
N PRO C 1053 -33.23 -40.14 -19.18
CA PRO C 1053 -31.97 -39.43 -18.94
C PRO C 1053 -30.77 -40.19 -19.49
N GLN C 1054 -29.70 -39.42 -19.71
CA GLN C 1054 -28.42 -39.98 -20.13
C GLN C 1054 -27.30 -39.19 -19.46
N SER C 1055 -26.30 -39.90 -18.97
CA SER C 1055 -25.20 -39.27 -18.27
C SER C 1055 -24.22 -38.64 -19.25
N ALA C 1056 -23.44 -37.70 -18.74
CA ALA C 1056 -22.45 -36.99 -19.54
C ALA C 1056 -21.41 -36.41 -18.59
N PRO C 1057 -20.26 -35.99 -19.11
CA PRO C 1057 -19.24 -35.39 -18.23
C PRO C 1057 -19.73 -34.09 -17.61
N HIS C 1058 -19.77 -34.06 -16.28
CA HIS C 1058 -20.15 -32.88 -15.52
C HIS C 1058 -21.58 -32.41 -15.81
N GLY C 1059 -22.45 -33.31 -16.24
CA GLY C 1059 -23.80 -32.91 -16.54
C GLY C 1059 -24.69 -34.08 -16.89
N VAL C 1060 -25.87 -33.75 -17.39
CA VAL C 1060 -26.88 -34.71 -17.80
C VAL C 1060 -27.37 -34.37 -19.20
N VAL C 1061 -28.12 -35.30 -19.78
CA VAL C 1061 -28.77 -35.11 -21.07
C VAL C 1061 -30.14 -35.75 -20.98
N PHE C 1062 -31.20 -34.94 -21.10
CA PHE C 1062 -32.56 -35.42 -21.03
C PHE C 1062 -33.12 -35.60 -22.43
N LEU C 1063 -33.70 -36.76 -22.68
CA LEU C 1063 -34.39 -37.06 -23.94
C LEU C 1063 -35.88 -36.92 -23.69
N HIS C 1064 -36.41 -35.73 -24.00
CA HIS C 1064 -37.80 -35.42 -23.72
C HIS C 1064 -38.68 -35.89 -24.86
N VAL C 1065 -39.61 -36.78 -24.56
CA VAL C 1065 -40.61 -37.26 -25.51
C VAL C 1065 -41.84 -36.37 -25.39
N THR C 1066 -42.35 -35.89 -26.53
CA THR C 1066 -43.47 -34.98 -26.55
C THR C 1066 -44.44 -35.37 -27.65
N TYR C 1067 -45.71 -35.01 -27.44
CA TYR C 1067 -46.78 -35.24 -28.40
C TYR C 1067 -47.06 -33.95 -29.14
N VAL C 1068 -47.06 -34.01 -30.47
CA VAL C 1068 -47.19 -32.83 -31.32
C VAL C 1068 -48.30 -33.09 -32.34
N PRO C 1069 -49.36 -32.29 -32.38
CA PRO C 1069 -50.29 -32.40 -33.52
C PRO C 1069 -49.65 -31.87 -34.79
N ALA C 1070 -49.95 -32.55 -35.91
CA ALA C 1070 -49.25 -32.31 -37.17
C ALA C 1070 -50.16 -31.71 -38.24
N GLN C 1071 -51.26 -32.39 -38.57
CA GLN C 1071 -52.11 -32.01 -39.70
C GLN C 1071 -53.43 -31.46 -39.17
N GLU C 1072 -53.74 -30.23 -39.57
CA GLU C 1072 -54.91 -29.51 -39.09
C GLU C 1072 -56.04 -29.60 -40.10
N LYS C 1073 -57.19 -29.06 -39.71
CA LYS C 1073 -58.36 -29.01 -40.59
C LYS C 1073 -59.38 -28.03 -40.04
N ASN C 1074 -59.80 -27.08 -40.87
CA ASN C 1074 -60.74 -26.05 -40.43
C ASN C 1074 -62.16 -26.62 -40.40
N PHE C 1075 -62.86 -26.36 -39.29
CA PHE C 1075 -64.25 -26.76 -39.11
C PHE C 1075 -65.04 -25.58 -38.59
N THR C 1076 -66.36 -25.75 -38.54
CA THR C 1076 -67.28 -24.77 -37.99
C THR C 1076 -67.81 -25.30 -36.67
N THR C 1077 -67.77 -24.46 -35.62
CA THR C 1077 -68.10 -24.87 -34.26
C THR C 1077 -69.27 -24.05 -33.74
N ALA C 1078 -69.61 -24.29 -32.48
CA ALA C 1078 -70.64 -23.55 -31.79
C ALA C 1078 -70.56 -23.83 -30.30
N PRO C 1079 -70.98 -22.90 -29.43
CA PRO C 1079 -70.89 -23.16 -27.99
C PRO C 1079 -71.85 -24.23 -27.51
N ALA C 1080 -73.05 -24.32 -28.08
CA ALA C 1080 -74.07 -25.23 -27.60
C ALA C 1080 -75.02 -25.54 -28.75
N ILE C 1081 -76.03 -26.35 -28.44
CA ILE C 1081 -77.02 -26.79 -29.42
C ILE C 1081 -78.39 -26.71 -28.77
N CYS C 1082 -79.38 -26.25 -29.54
CA CYS C 1082 -80.77 -26.20 -29.12
C CYS C 1082 -81.52 -27.36 -29.76
N HIS C 1083 -82.21 -28.14 -28.93
CA HIS C 1083 -82.93 -29.34 -29.36
C HIS C 1083 -84.44 -29.20 -29.23
N ASP C 1084 -84.92 -28.89 -28.03
CA ASP C 1084 -86.35 -28.76 -27.76
C ASP C 1084 -86.56 -27.64 -26.75
N GLY C 1085 -85.90 -26.50 -26.98
CA GLY C 1085 -85.87 -25.43 -26.02
C GLY C 1085 -84.80 -25.55 -24.97
N LYS C 1086 -84.13 -26.70 -24.89
CA LYS C 1086 -83.06 -26.94 -23.93
C LYS C 1086 -81.70 -26.79 -24.60
N ALA C 1087 -80.74 -26.23 -23.87
CA ALA C 1087 -79.40 -26.01 -24.37
C ALA C 1087 -78.49 -27.14 -23.92
N HIS C 1088 -77.87 -27.81 -24.88
CA HIS C 1088 -77.00 -28.95 -24.62
C HIS C 1088 -75.55 -28.52 -24.81
N PHE C 1089 -74.76 -28.68 -23.77
CA PHE C 1089 -73.32 -28.45 -23.80
C PHE C 1089 -72.57 -29.78 -23.80
N PRO C 1090 -71.33 -29.82 -24.28
CA PRO C 1090 -70.60 -31.09 -24.31
C PRO C 1090 -69.93 -31.38 -22.97
N ARG C 1091 -70.09 -32.62 -22.51
CA ARG C 1091 -69.42 -33.03 -21.27
C ARG C 1091 -67.91 -33.01 -21.43
N GLU C 1092 -67.42 -33.44 -22.59
CA GLU C 1092 -66.00 -33.42 -22.88
C GLU C 1092 -65.83 -33.29 -24.39
N GLY C 1093 -65.05 -32.30 -24.81
CA GLY C 1093 -64.82 -32.03 -26.22
C GLY C 1093 -65.47 -30.74 -26.67
N VAL C 1094 -65.80 -30.66 -27.96
CA VAL C 1094 -66.35 -29.45 -28.53
C VAL C 1094 -67.13 -29.83 -29.77
N PHE C 1095 -68.19 -29.08 -30.05
CA PHE C 1095 -68.99 -29.32 -31.24
C PHE C 1095 -68.27 -28.81 -32.49
N VAL C 1096 -68.42 -29.55 -33.58
CA VAL C 1096 -67.85 -29.20 -34.87
C VAL C 1096 -68.86 -29.56 -35.95
N SER C 1097 -68.55 -29.17 -37.18
CA SER C 1097 -69.43 -29.41 -38.31
C SER C 1097 -68.62 -29.65 -39.57
N ASN C 1098 -69.06 -30.62 -40.37
CA ASN C 1098 -68.48 -30.87 -41.69
C ASN C 1098 -69.21 -30.11 -42.79
N GLY C 1099 -69.83 -28.97 -42.46
CA GLY C 1099 -70.59 -28.18 -43.39
C GLY C 1099 -72.08 -28.43 -43.35
N THR C 1100 -72.50 -29.67 -43.14
CA THR C 1100 -73.91 -30.05 -43.11
C THR C 1100 -74.34 -30.72 -41.82
N HIS C 1101 -73.51 -31.62 -41.28
CA HIS C 1101 -73.82 -32.37 -40.08
C HIS C 1101 -72.90 -31.95 -38.95
N TRP C 1102 -73.43 -31.99 -37.74
CA TRP C 1102 -72.68 -31.64 -36.54
C TRP C 1102 -72.26 -32.90 -35.78
N PHE C 1103 -71.14 -32.79 -35.07
CA PHE C 1103 -70.53 -33.91 -34.38
C PHE C 1103 -69.91 -33.43 -33.08
N VAL C 1104 -69.37 -34.38 -32.32
CA VAL C 1104 -68.60 -34.12 -31.11
C VAL C 1104 -67.27 -34.85 -31.24
N THR C 1105 -66.21 -34.22 -30.75
CA THR C 1105 -64.88 -34.80 -30.87
C THR C 1105 -63.99 -34.25 -29.76
N GLN C 1106 -62.93 -35.00 -29.47
CA GLN C 1106 -61.93 -34.55 -28.52
C GLN C 1106 -61.20 -33.33 -29.07
N ARG C 1107 -60.73 -32.48 -28.16
CA ARG C 1107 -60.20 -31.18 -28.55
C ARG C 1107 -58.91 -31.31 -29.35
N ASN C 1108 -58.03 -32.24 -28.98
CA ASN C 1108 -56.71 -32.37 -29.56
C ASN C 1108 -56.61 -33.46 -30.62
N PHE C 1109 -57.72 -34.09 -30.99
CA PHE C 1109 -57.69 -35.13 -32.00
C PHE C 1109 -59.07 -35.25 -32.63
N TYR C 1110 -59.10 -35.46 -33.94
CA TYR C 1110 -60.35 -35.55 -34.68
C TYR C 1110 -60.90 -36.96 -34.56
N GLU C 1111 -61.99 -37.11 -33.81
CA GLU C 1111 -62.64 -38.40 -33.61
C GLU C 1111 -64.13 -38.14 -33.49
N PRO C 1112 -64.81 -37.88 -34.62
CA PRO C 1112 -66.21 -37.48 -34.54
C PRO C 1112 -67.10 -38.56 -33.96
N GLN C 1113 -68.10 -38.12 -33.19
CA GLN C 1113 -69.11 -38.98 -32.63
C GLN C 1113 -70.46 -38.30 -32.78
N ILE C 1114 -71.50 -39.11 -32.94
CA ILE C 1114 -72.85 -38.58 -33.04
C ILE C 1114 -73.25 -37.96 -31.72
N ILE C 1115 -73.94 -36.82 -31.79
CA ILE C 1115 -74.34 -36.10 -30.59
C ILE C 1115 -75.50 -36.84 -29.94
N THR C 1116 -75.42 -37.01 -28.62
CA THR C 1116 -76.46 -37.68 -27.87
C THR C 1116 -76.45 -37.17 -26.44
N THR C 1117 -77.41 -37.64 -25.64
CA THR C 1117 -77.54 -37.17 -24.27
C THR C 1117 -76.39 -37.65 -23.39
N ASP C 1118 -75.69 -38.71 -23.78
CA ASP C 1118 -74.56 -39.19 -22.99
C ASP C 1118 -73.31 -38.36 -23.21
N ASN C 1119 -73.10 -37.85 -24.42
CA ASN C 1119 -71.95 -37.01 -24.73
C ASN C 1119 -72.18 -35.53 -24.44
N THR C 1120 -73.30 -35.18 -23.80
CA THR C 1120 -73.69 -33.79 -23.63
C THR C 1120 -74.17 -33.55 -22.20
N PHE C 1121 -74.46 -32.28 -21.92
CA PHE C 1121 -74.86 -31.83 -20.59
C PHE C 1121 -75.87 -30.70 -20.78
N VAL C 1122 -77.05 -30.86 -20.21
CA VAL C 1122 -78.14 -29.92 -20.40
C VAL C 1122 -78.11 -28.89 -19.29
N SER C 1123 -78.39 -27.63 -19.66
CA SER C 1123 -78.47 -26.54 -18.69
C SER C 1123 -79.17 -25.34 -19.28
N GLY C 1124 -80.26 -24.92 -18.67
CA GLY C 1124 -80.93 -23.70 -19.07
C GLY C 1124 -81.74 -23.86 -20.34
N ASN C 1125 -82.02 -22.72 -20.98
CA ASN C 1125 -82.80 -22.65 -22.21
C ASN C 1125 -81.91 -22.10 -23.32
N CYS C 1126 -82.50 -21.91 -24.49
CA CYS C 1126 -81.78 -21.50 -25.69
C CYS C 1126 -81.76 -19.99 -25.90
N ASP C 1127 -82.35 -19.21 -24.99
CA ASP C 1127 -82.53 -17.77 -25.19
C ASP C 1127 -81.50 -16.94 -24.43
N VAL C 1128 -80.38 -17.54 -24.06
CA VAL C 1128 -79.34 -16.86 -23.27
C VAL C 1128 -78.01 -16.95 -23.99
N VAL C 1129 -77.63 -18.15 -24.43
CA VAL C 1129 -76.32 -18.38 -24.98
C VAL C 1129 -76.15 -17.63 -26.29
N ILE C 1130 -74.97 -17.07 -26.50
CA ILE C 1130 -74.64 -16.31 -27.70
C ILE C 1130 -73.96 -17.25 -28.69
N GLY C 1131 -74.46 -17.28 -29.92
CA GLY C 1131 -73.90 -18.11 -30.95
C GLY C 1131 -74.45 -19.52 -31.01
N ILE C 1132 -75.51 -19.81 -30.25
CA ILE C 1132 -76.08 -21.14 -30.25
C ILE C 1132 -76.69 -21.48 -31.61
N VAL C 1133 -76.88 -22.76 -31.86
CA VAL C 1133 -77.45 -23.27 -33.09
C VAL C 1133 -78.51 -24.31 -32.75
N ASN C 1134 -79.30 -24.67 -33.77
CA ASN C 1134 -80.39 -25.63 -33.63
C ASN C 1134 -80.00 -26.93 -34.30
N ASN C 1135 -80.19 -28.04 -33.58
CA ASN C 1135 -79.96 -29.36 -34.14
C ASN C 1135 -80.59 -30.40 -33.22
N THR C 1136 -80.59 -31.65 -33.68
CA THR C 1136 -81.20 -32.76 -32.96
C THR C 1136 -80.18 -33.44 -32.06
N VAL C 1137 -80.65 -33.93 -30.92
CA VAL C 1137 -79.85 -34.69 -29.97
C VAL C 1137 -80.45 -36.08 -29.87
N TYR C 1138 -79.67 -37.09 -30.23
CA TYR C 1138 -80.16 -38.46 -30.29
C TYR C 1138 -80.27 -39.06 -28.89
N ASP C 1139 -81.32 -39.85 -28.69
CA ASP C 1139 -81.57 -40.55 -27.43
C ASP C 1139 -81.54 -42.05 -27.67
N PRO C 1140 -80.62 -42.83 -27.08
CA PRO C 1140 -80.59 -44.27 -27.38
C PRO C 1140 -81.81 -45.05 -26.89
N LEU C 1141 -82.63 -44.48 -26.01
CA LEU C 1141 -83.79 -45.20 -25.49
C LEU C 1141 -84.90 -45.39 -26.52
N GLN C 1142 -84.81 -44.73 -27.68
CA GLN C 1142 -85.92 -44.78 -28.63
C GLN C 1142 -85.99 -46.12 -29.36
N PRO C 1143 -84.93 -46.62 -30.01
CA PRO C 1143 -85.06 -47.88 -30.75
C PRO C 1143 -85.43 -49.08 -29.88
N GLU C 1144 -85.22 -48.99 -28.57
CA GLU C 1144 -85.65 -50.07 -27.68
C GLU C 1144 -87.17 -50.21 -27.66
N LEU C 1145 -87.88 -49.11 -27.86
CA LEU C 1145 -89.35 -49.14 -27.79
C LEU C 1145 -89.97 -49.96 -28.91
N ASP C 1146 -89.24 -50.19 -30.00
CA ASP C 1146 -89.71 -51.06 -31.07
C ASP C 1146 -89.57 -52.54 -30.74
N SER C 1147 -89.07 -52.88 -29.56
CA SER C 1147 -88.96 -54.27 -29.14
C SER C 1147 -90.34 -54.93 -29.03
N GLU D 1 57.20 34.19 16.36
CA GLU D 1 57.73 35.01 17.45
C GLU D 1 58.03 36.41 16.92
N VAL D 2 57.42 37.43 17.52
CA VAL D 2 57.60 38.80 17.07
C VAL D 2 58.98 39.29 17.50
N GLN D 3 59.75 39.80 16.53
CA GLN D 3 61.16 40.10 16.74
C GLN D 3 61.53 41.37 16.01
N LEU D 4 62.18 42.30 16.72
CA LEU D 4 62.70 43.53 16.13
C LEU D 4 64.22 43.53 16.30
N GLN D 5 64.92 43.54 15.17
CA GLN D 5 66.38 43.54 15.15
C GLN D 5 66.88 44.83 14.52
N GLN D 6 67.78 45.52 15.22
CA GLN D 6 68.30 46.79 14.76
C GLN D 6 69.74 46.62 14.25
N SER D 7 70.38 47.72 13.90
CA SER D 7 71.71 47.70 13.32
C SER D 7 72.78 47.71 14.42
N GLY D 8 74.04 47.79 13.99
CA GLY D 8 75.15 47.84 14.91
C GLY D 8 75.51 49.27 15.28
N PRO D 9 76.43 49.43 16.23
CA PRO D 9 76.83 50.78 16.64
C PRO D 9 77.69 51.44 15.58
N GLU D 10 77.45 52.73 15.36
CA GLU D 10 78.09 53.49 14.31
C GLU D 10 78.90 54.64 14.90
N LEU D 11 80.17 54.72 14.52
CA LEU D 11 81.02 55.86 14.85
C LEU D 11 80.92 56.86 13.71
N VAL D 12 80.56 58.11 14.02
CA VAL D 12 80.29 59.10 13.00
C VAL D 12 80.92 60.43 13.41
N LYS D 13 81.39 61.17 12.40
CA LYS D 13 81.94 62.51 12.57
C LYS D 13 80.80 63.53 12.61
N PRO D 14 81.03 64.70 13.21
CA PRO D 14 79.97 65.72 13.26
C PRO D 14 79.65 66.29 11.89
N GLY D 15 78.36 66.53 11.65
CA GLY D 15 77.88 67.08 10.41
C GLY D 15 77.43 66.06 9.39
N ALA D 16 77.63 64.77 9.64
CA ALA D 16 77.31 63.73 8.68
C ALA D 16 75.89 63.24 8.90
N SER D 17 75.54 62.12 8.27
CA SER D 17 74.20 61.55 8.35
C SER D 17 74.28 60.04 8.38
N VAL D 18 73.37 59.42 9.16
CA VAL D 18 73.34 57.98 9.33
C VAL D 18 71.93 57.47 9.08
N LYS D 19 71.82 56.17 8.85
CA LYS D 19 70.54 55.49 8.63
C LYS D 19 70.45 54.32 9.58
N ILE D 20 69.51 54.37 10.51
CA ILE D 20 69.32 53.33 11.52
C ILE D 20 68.12 52.49 11.14
N SER D 21 68.33 51.19 10.99
CA SER D 21 67.29 50.26 10.55
C SER D 21 66.72 49.48 11.71
N CYS D 22 65.50 48.95 11.50
CA CYS D 22 64.83 48.12 12.48
C CYS D 22 63.98 47.10 11.72
N LYS D 23 64.55 45.92 11.50
CA LYS D 23 63.85 44.89 10.73
C LYS D 23 62.73 44.29 11.56
N THR D 24 61.63 43.94 10.90
CA THR D 24 60.42 43.49 11.56
C THR D 24 60.02 42.11 11.06
N SER D 25 59.57 41.26 11.98
CA SER D 25 59.12 39.93 11.63
C SER D 25 58.19 39.42 12.73
N GLY D 26 57.22 38.60 12.33
CA GLY D 26 56.31 37.97 13.26
C GLY D 26 54.94 38.58 13.34
N TYR D 27 54.68 39.68 12.62
CA TYR D 27 53.38 40.32 12.68
C TYR D 27 53.12 41.03 11.36
N THR D 28 51.92 41.57 11.23
CA THR D 28 51.52 42.31 10.03
C THR D 28 52.10 43.72 10.12
N PHE D 29 53.08 44.01 9.27
CA PHE D 29 53.80 45.28 9.34
C PHE D 29 52.99 46.47 8.85
N THR D 30 51.94 46.24 8.05
CA THR D 30 51.25 47.34 7.40
C THR D 30 50.37 48.12 8.37
N GLU D 31 49.65 47.43 9.25
CA GLU D 31 48.65 48.09 10.09
C GLU D 31 49.27 48.81 11.27
N TYR D 32 50.22 48.16 11.96
CA TYR D 32 50.72 48.67 13.23
C TYR D 32 51.66 49.85 13.02
N THR D 33 51.53 50.84 13.91
CA THR D 33 52.27 52.10 13.81
C THR D 33 53.62 51.96 14.51
N MET D 34 54.66 52.50 13.89
CA MET D 34 56.02 52.39 14.42
C MET D 34 56.53 53.75 14.89
N TYR D 35 57.02 53.78 16.12
CA TYR D 35 57.57 54.98 16.73
C TYR D 35 59.10 54.92 16.79
N TRP D 36 59.70 56.07 17.09
CA TRP D 36 61.14 56.18 17.25
C TRP D 36 61.43 57.14 18.40
N VAL D 37 62.40 56.77 19.23
CA VAL D 37 62.72 57.49 20.45
C VAL D 37 64.23 57.73 20.52
N LYS D 38 64.67 58.34 21.62
CA LYS D 38 66.07 58.67 21.82
C LYS D 38 66.33 58.80 23.31
N GLN D 39 67.35 58.11 23.80
CA GLN D 39 67.71 58.12 25.21
C GLN D 39 69.16 58.56 25.36
N SER D 40 69.36 59.77 25.88
CA SER D 40 70.71 60.24 26.16
C SER D 40 71.22 59.61 27.45
N HIS D 41 72.53 59.71 27.65
CA HIS D 41 73.19 59.04 28.77
C HIS D 41 72.92 59.81 30.05
N GLY D 42 72.28 59.15 31.01
CA GLY D 42 72.07 59.71 32.33
C GLY D 42 70.90 60.64 32.48
N LYS D 43 70.24 61.02 31.39
CA LYS D 43 69.09 61.92 31.44
C LYS D 43 67.82 61.16 31.08
N SER D 44 66.72 61.89 30.97
CA SER D 44 65.42 61.28 30.75
C SER D 44 65.26 60.89 29.29
N LEU D 45 64.17 60.16 29.02
CA LEU D 45 63.83 59.71 27.68
C LEU D 45 63.15 60.85 26.91
N GLU D 46 63.17 60.74 25.59
CA GLU D 46 62.51 61.70 24.74
C GLU D 46 61.96 61.01 23.51
N TRP D 47 60.87 61.54 22.98
CA TRP D 47 60.16 60.98 21.85
C TRP D 47 60.43 61.83 20.61
N ILE D 48 60.58 61.16 19.46
CA ILE D 48 60.95 61.82 18.21
C ILE D 48 59.74 61.94 17.27
N GLY D 49 59.17 60.82 16.86
CA GLY D 49 58.06 60.86 15.93
C GLY D 49 57.55 59.46 15.66
N GLY D 50 56.50 59.40 14.85
CA GLY D 50 55.89 58.13 14.49
C GLY D 50 55.43 58.15 13.05
N ILE D 51 55.50 56.98 12.42
CA ILE D 51 55.15 56.83 11.02
C ILE D 51 54.16 55.67 10.87
N ASN D 52 53.23 55.83 9.93
CA ASN D 52 52.17 54.85 9.70
C ASN D 52 52.45 54.18 8.36
N PRO D 53 52.62 52.85 8.31
CA PRO D 53 53.07 52.21 7.07
C PRO D 53 52.00 52.12 5.97
N ASN D 54 50.73 52.06 6.35
CA ASN D 54 49.69 51.92 5.33
C ASN D 54 49.42 53.21 4.57
N ILE D 55 49.68 54.36 5.18
CA ILE D 55 49.39 55.66 4.59
C ILE D 55 50.67 56.45 4.33
N GLY D 56 51.48 56.64 5.37
CA GLY D 56 52.64 57.49 5.30
C GLY D 56 52.54 58.78 6.11
N ASP D 57 51.57 58.87 7.03
CA ASP D 57 51.41 60.07 7.82
C ASP D 57 52.49 60.15 8.89
N THR D 58 53.07 61.33 9.07
CA THR D 58 54.14 61.54 10.03
C THR D 58 53.78 62.69 10.95
N SER D 59 54.25 62.61 12.19
CA SER D 59 54.06 63.69 13.16
C SER D 59 55.28 63.69 14.08
N TYR D 60 56.25 64.53 13.76
CA TYR D 60 57.48 64.61 14.53
C TYR D 60 57.30 65.55 15.72
N ASN D 61 58.22 65.42 16.68
CA ASN D 61 58.31 66.40 17.76
C ASN D 61 58.82 67.72 17.21
N GLN D 62 58.47 68.81 17.87
CA GLN D 62 58.86 70.13 17.40
C GLN D 62 60.34 70.42 17.64
N ASN D 63 60.98 69.69 18.55
CA ASN D 63 62.41 69.83 18.78
C ASN D 63 63.24 68.93 17.87
N PHE D 64 62.59 68.13 17.03
CA PHE D 64 63.29 67.21 16.13
C PHE D 64 62.77 67.35 14.70
N LYS D 65 62.32 68.56 14.33
CA LYS D 65 61.72 68.75 13.02
C LYS D 65 62.76 68.75 11.91
N GLY D 66 63.85 69.50 12.12
CA GLY D 66 64.93 69.52 11.16
C GLY D 66 66.06 68.61 11.59
N LYS D 67 65.72 67.54 12.30
CA LYS D 67 66.72 66.63 12.84
C LYS D 67 66.60 65.23 12.26
N ALA D 68 65.38 64.68 12.18
CA ALA D 68 65.19 63.30 11.76
C ALA D 68 64.02 63.19 10.80
N THR D 69 64.17 62.34 9.78
CA THR D 69 63.09 61.99 8.89
C THR D 69 62.94 60.47 8.88
N LEU D 70 61.75 59.99 8.51
CA LEU D 70 61.41 58.59 8.59
C LEU D 70 60.91 58.08 7.24
N THR D 71 61.42 56.92 6.83
CA THR D 71 60.98 56.24 5.62
C THR D 71 60.74 54.77 5.92
N VAL D 72 59.74 54.20 5.28
CA VAL D 72 59.34 52.81 5.48
C VAL D 72 59.49 52.07 4.16
N ASP D 73 60.11 50.88 4.21
CA ASP D 73 60.29 50.02 3.05
C ASP D 73 59.36 48.81 3.22
N ARG D 74 58.22 48.84 2.53
CA ARG D 74 57.27 47.74 2.59
C ARG D 74 57.72 46.52 1.79
N SER D 75 58.70 46.69 0.90
CA SER D 75 59.18 45.56 0.10
C SER D 75 60.02 44.59 0.92
N SER D 76 60.58 45.02 2.04
CA SER D 76 61.37 44.15 2.89
C SER D 76 60.98 44.21 4.36
N SER D 77 59.92 44.96 4.70
CA SER D 77 59.45 45.24 6.07
C SER D 77 60.58 45.79 6.95
N THR D 78 61.09 46.95 6.55
CA THR D 78 62.20 47.61 7.22
C THR D 78 61.93 49.11 7.29
N ALA D 79 61.97 49.67 8.48
CA ALA D 79 61.86 51.11 8.65
C ALA D 79 63.24 51.74 8.76
N TYR D 80 63.28 53.06 8.59
CA TYR D 80 64.55 53.77 8.57
C TYR D 80 64.39 55.14 9.22
N MET D 81 65.43 55.58 9.92
CA MET D 81 65.51 56.91 10.51
C MET D 81 66.80 57.56 10.06
N GLU D 82 66.70 58.74 9.45
CA GLU D 82 67.84 59.44 8.88
C GLU D 82 68.05 60.72 9.67
N LEU D 83 69.16 60.80 10.40
CA LEU D 83 69.49 61.96 11.21
C LEU D 83 70.37 62.93 10.42
N ARG D 84 70.08 64.22 10.55
CA ARG D 84 70.82 65.25 9.82
C ARG D 84 71.32 66.29 10.80
N SER D 85 72.42 66.96 10.40
CA SER D 85 73.11 68.03 11.13
C SER D 85 73.44 67.60 12.56
N LEU D 86 74.28 66.57 12.67
CA LEU D 86 74.65 66.02 13.96
C LEU D 86 75.64 66.91 14.68
N THR D 87 75.52 66.96 16.00
CA THR D 87 76.39 67.76 16.84
C THR D 87 76.84 66.83 17.96
N SER D 88 77.54 67.33 18.99
CA SER D 88 77.98 66.49 20.09
C SER D 88 76.87 66.11 21.07
N GLU D 89 75.67 66.67 20.90
CA GLU D 89 74.56 66.39 21.81
C GLU D 89 73.81 65.12 21.45
N ASP D 90 74.15 64.47 20.35
CA ASP D 90 73.44 63.27 19.89
C ASP D 90 74.15 61.98 20.31
N SER D 91 74.91 62.02 21.40
CA SER D 91 75.54 60.82 21.95
C SER D 91 74.49 60.05 22.73
N ALA D 92 73.70 59.27 21.99
CA ALA D 92 72.54 58.62 22.58
C ALA D 92 72.28 57.30 21.88
N VAL D 93 71.42 56.49 22.49
CA VAL D 93 70.93 55.26 21.89
C VAL D 93 69.56 55.54 21.28
N TYR D 94 69.24 54.80 20.22
CA TYR D 94 68.00 55.01 19.48
C TYR D 94 67.27 53.69 19.32
N TYR D 95 66.02 53.64 19.76
CA TYR D 95 65.20 52.45 19.73
C TYR D 95 64.09 52.58 18.70
N CYS D 96 63.58 51.44 18.26
CA CYS D 96 62.36 51.39 17.46
C CYS D 96 61.24 50.78 18.31
N ALA D 97 60.00 51.09 17.92
CA ALA D 97 58.83 50.71 18.71
C ALA D 97 57.76 50.14 17.79
N ARG D 98 56.60 49.83 18.38
CA ARG D 98 55.47 49.29 17.65
C ARG D 98 54.20 49.52 18.44
N ASP D 99 53.25 50.25 17.88
CA ASP D 99 51.99 50.54 18.55
C ASP D 99 51.13 49.28 18.59
N GLY D 100 50.14 49.25 19.48
CA GLY D 100 49.36 48.05 19.69
C GLY D 100 47.86 48.24 19.79
N TYR D 101 47.34 49.34 19.23
CA TYR D 101 45.94 49.72 19.35
C TYR D 101 44.90 48.72 18.84
N PRO D 102 45.11 47.95 17.74
CA PRO D 102 44.16 46.86 17.48
C PRO D 102 44.48 45.57 18.21
N TYR D 103 44.88 45.68 19.49
CA TYR D 103 44.90 44.51 20.36
C TYR D 103 44.52 44.87 21.79
N TYR D 104 43.84 46.00 21.99
CA TYR D 104 43.44 46.54 23.30
C TYR D 104 44.68 46.74 24.18
N TYR D 105 45.54 47.64 23.71
CA TYR D 105 46.85 47.91 24.31
C TYR D 105 47.12 49.42 24.28
N ALA D 106 48.28 49.78 24.85
CA ALA D 106 48.95 51.05 24.58
C ALA D 106 50.44 50.79 24.36
N LEU D 107 50.75 49.65 23.75
CA LEU D 107 52.07 49.05 23.78
C LEU D 107 53.04 49.79 22.86
N ASP D 108 54.31 49.86 23.27
CA ASP D 108 55.37 50.32 22.40
C ASP D 108 56.29 49.21 21.89
N HIS D 109 56.62 48.23 22.74
CA HIS D 109 57.33 46.99 22.39
C HIS D 109 58.70 47.30 21.77
N TRP D 110 59.57 47.84 22.62
CA TRP D 110 60.83 48.42 22.20
C TRP D 110 61.78 47.35 21.67
N GLY D 111 62.71 47.79 20.82
CA GLY D 111 63.56 46.86 20.10
C GLY D 111 64.85 46.52 20.82
N GLN D 112 65.99 46.92 20.26
CA GLN D 112 67.29 46.63 20.86
C GLN D 112 68.07 47.89 21.19
N GLY D 113 68.15 48.84 20.26
CA GLY D 113 68.90 50.05 20.48
C GLY D 113 70.23 50.09 19.74
N THR D 114 70.50 51.20 19.06
CA THR D 114 71.76 51.41 18.37
C THR D 114 72.51 52.55 19.04
N SER D 115 73.70 52.25 19.56
CA SER D 115 74.51 53.27 20.24
C SER D 115 75.25 54.08 19.19
N VAL D 116 74.80 55.32 18.99
CA VAL D 116 75.40 56.22 17.99
C VAL D 116 76.16 57.29 18.76
N THR D 117 77.47 57.31 18.61
CA THR D 117 78.33 58.29 19.25
C THR D 117 78.91 59.23 18.20
N VAL D 118 79.29 60.42 18.65
CA VAL D 118 79.82 61.47 17.80
C VAL D 118 81.16 61.94 18.35
N SER D 119 82.15 62.06 17.48
CA SER D 119 83.48 62.52 17.85
C SER D 119 84.24 62.91 16.59
N SER D 120 85.34 63.63 16.79
CA SER D 120 86.22 64.02 15.70
C SER D 120 87.64 63.49 15.91
N ALA D 121 87.77 62.27 16.44
CA ALA D 121 89.08 61.70 16.76
C ALA D 121 89.25 60.35 16.09
N LYS D 122 90.46 60.12 15.58
CA LYS D 122 90.82 58.82 15.04
C LYS D 122 91.00 57.82 16.19
N THR D 123 90.76 56.55 15.91
CA THR D 123 90.92 55.50 16.91
C THR D 123 92.37 55.38 17.36
N THR D 124 92.59 55.65 18.65
CA THR D 124 93.91 55.66 19.24
C THR D 124 94.03 54.50 20.22
N PRO D 125 95.11 53.73 20.19
CA PRO D 125 95.24 52.63 21.14
C PRO D 125 95.50 53.14 22.54
N PRO D 126 95.12 52.38 23.57
CA PRO D 126 95.34 52.85 24.94
C PRO D 126 96.78 52.71 25.38
N SER D 127 97.08 53.38 26.49
CA SER D 127 98.39 53.33 27.12
C SER D 127 98.19 53.16 28.62
N VAL D 128 98.50 51.97 29.12
CA VAL D 128 98.28 51.68 30.53
C VAL D 128 99.35 52.35 31.38
N TYR D 129 99.02 52.58 32.66
CA TYR D 129 99.91 53.20 33.60
C TYR D 129 99.57 52.62 34.97
N PRO D 130 100.53 52.06 35.69
CA PRO D 130 100.23 51.46 36.99
C PRO D 130 100.09 52.53 38.06
N LEU D 131 99.55 52.10 39.21
CA LEU D 131 99.36 52.97 40.36
C LEU D 131 100.24 52.47 41.51
N ALA D 132 100.85 53.41 42.22
CA ALA D 132 101.79 53.08 43.29
C ALA D 132 101.05 53.03 44.63
N PRO D 133 100.97 51.87 45.29
CA PRO D 133 100.21 51.78 46.55
C PRO D 133 100.72 52.56 47.78
N GLY D 134 102.01 52.59 48.16
CA GLY D 134 103.25 52.23 47.47
C GLY D 134 104.08 51.06 47.95
N SER D 135 105.11 51.36 48.75
CA SER D 135 106.17 50.41 49.06
C SER D 135 105.66 49.20 49.84
N ALA D 136 105.20 49.41 51.07
CA ALA D 136 104.86 48.28 51.94
C ALA D 136 103.92 48.74 53.04
N ALA D 137 102.95 47.86 53.37
CA ALA D 137 102.16 47.92 54.61
C ALA D 137 101.32 49.19 54.71
N GLN D 138 100.65 49.54 53.61
CA GLN D 138 99.75 50.69 53.56
C GLN D 138 98.44 50.23 52.91
N THR D 139 97.47 49.78 53.73
CA THR D 139 97.59 49.68 55.18
C THR D 139 98.07 48.29 55.61
N ASN D 140 98.00 48.02 56.91
CA ASN D 140 98.47 46.75 57.44
C ASN D 140 97.52 45.59 57.16
N SER D 141 96.26 45.87 56.86
CA SER D 141 95.25 44.81 56.70
C SER D 141 95.01 44.48 55.23
N MET D 142 94.58 45.47 54.44
CA MET D 142 94.26 45.26 53.03
C MET D 142 94.80 46.40 52.21
N VAL D 143 95.63 46.08 51.21
CA VAL D 143 96.27 47.07 50.35
C VAL D 143 95.56 47.05 49.00
N THR D 144 95.27 48.23 48.46
CA THR D 144 94.61 48.36 47.18
C THR D 144 95.61 48.75 46.10
N LEU D 145 95.36 48.27 44.89
CA LEU D 145 96.19 48.56 43.72
C LEU D 145 95.31 49.19 42.65
N GLY D 146 95.88 49.37 41.46
CA GLY D 146 95.10 49.91 40.35
C GLY D 146 95.97 50.14 39.14
N CYS D 147 95.28 50.33 38.00
CA CYS D 147 95.93 50.61 36.73
C CYS D 147 95.04 51.56 35.93
N LEU D 148 95.62 52.64 35.44
CA LEU D 148 94.90 53.63 34.67
C LEU D 148 95.00 53.34 33.17
N VAL D 149 94.04 53.87 32.42
CA VAL D 149 94.17 54.03 30.98
C VAL D 149 93.96 55.50 30.67
N LYS D 150 94.51 55.93 29.53
CA LYS D 150 94.44 57.34 29.16
C LYS D 150 94.60 57.47 27.66
N GLY D 151 93.67 58.19 27.03
CA GLY D 151 93.73 58.43 25.60
C GLY D 151 93.45 57.22 24.72
N TYR D 152 92.22 56.73 24.74
CA TYR D 152 91.83 55.63 23.89
C TYR D 152 90.46 55.91 23.28
N PHE D 153 90.19 55.26 22.15
CA PHE D 153 88.93 55.40 21.44
C PHE D 153 88.74 54.20 20.55
N PRO D 154 87.53 53.62 20.49
CA PRO D 154 86.35 53.95 21.28
C PRO D 154 86.11 52.98 22.43
N GLU D 155 84.97 53.11 23.10
CA GLU D 155 84.59 52.15 24.11
C GLU D 155 84.29 50.79 23.47
N PRO D 156 84.53 49.68 24.19
CA PRO D 156 85.17 49.55 25.50
C PRO D 156 86.56 48.89 25.46
N VAL D 157 87.18 48.78 26.62
CA VAL D 157 88.37 47.95 26.80
C VAL D 157 88.04 46.89 27.83
N THR D 158 88.74 45.77 27.74
CA THR D 158 88.53 44.64 28.64
C THR D 158 89.66 44.63 29.66
N VAL D 159 89.38 45.16 30.85
CA VAL D 159 90.36 45.23 31.92
C VAL D 159 90.22 43.98 32.77
N THR D 160 91.14 43.04 32.61
CA THR D 160 91.19 41.83 33.40
C THR D 160 92.43 41.85 34.29
N TRP D 161 92.26 41.48 35.55
CA TRP D 161 93.36 41.41 36.50
C TRP D 161 93.81 39.96 36.66
N ASN D 162 95.12 39.74 36.58
CA ASN D 162 95.76 38.41 36.63
C ASN D 162 95.20 37.48 35.57
N SER D 163 95.02 38.02 34.35
CA SER D 163 94.50 37.31 33.18
C SER D 163 93.13 36.68 33.44
N GLY D 164 92.31 37.32 34.26
CA GLY D 164 90.95 36.88 34.50
C GLY D 164 90.76 35.90 35.63
N SER D 165 91.69 35.85 36.60
CA SER D 165 91.55 34.96 37.74
C SER D 165 91.23 35.68 39.04
N LEU D 166 91.76 36.88 39.23
CA LEU D 166 91.48 37.65 40.43
C LEU D 166 90.20 38.44 40.24
N SER D 167 89.17 38.11 41.02
CA SER D 167 87.89 38.81 40.90
C SER D 167 87.29 39.13 42.26
N SER D 168 88.08 39.10 43.33
CA SER D 168 87.58 39.40 44.67
C SER D 168 87.71 40.90 44.91
N GLY D 169 86.81 41.66 44.31
CA GLY D 169 86.77 43.09 44.53
C GLY D 169 87.35 43.94 43.42
N VAL D 170 87.04 43.60 42.17
CA VAL D 170 87.46 44.40 41.03
C VAL D 170 86.37 45.42 40.74
N HIS D 171 86.75 46.70 40.71
CA HIS D 171 85.82 47.81 40.49
C HIS D 171 86.29 48.62 39.29
N THR D 172 85.81 48.26 38.10
CA THR D 172 86.12 48.98 36.89
C THR D 172 85.16 50.16 36.77
N PHE D 173 85.65 51.36 37.05
CA PHE D 173 84.84 52.56 36.98
C PHE D 173 84.53 52.89 35.52
N PRO D 174 83.37 53.50 35.25
CA PRO D 174 83.01 53.81 33.86
C PRO D 174 83.87 54.93 33.28
N ALA D 175 83.81 55.04 31.95
CA ALA D 175 84.67 55.95 31.22
C ALA D 175 84.11 57.37 31.21
N VAL D 176 84.99 58.35 31.34
CA VAL D 176 84.63 59.76 31.27
C VAL D 176 85.42 60.41 30.14
N LEU D 177 85.22 61.71 29.94
CA LEU D 177 85.88 62.45 28.86
C LEU D 177 86.62 63.64 29.44
N GLN D 178 87.90 63.78 29.08
CA GLN D 178 88.68 64.91 29.58
C GLN D 178 89.32 65.71 28.45
N SER D 179 89.64 65.05 27.33
CA SER D 179 90.24 65.73 26.18
C SER D 179 89.69 65.16 24.89
N ASP D 180 88.37 64.94 24.85
CA ASP D 180 87.67 64.21 23.77
C ASP D 180 88.26 62.82 23.54
N LEU D 181 88.70 62.19 24.62
CA LEU D 181 89.28 60.85 24.60
C LEU D 181 88.97 60.19 25.92
N TYR D 182 88.52 58.94 25.87
CA TYR D 182 88.03 58.29 27.07
C TYR D 182 89.17 57.88 27.99
N THR D 183 88.83 57.74 29.27
CA THR D 183 89.78 57.27 30.29
C THR D 183 88.98 56.67 31.45
N LEU D 184 89.59 55.71 32.12
CA LEU D 184 88.96 55.05 33.27
C LEU D 184 90.06 54.54 34.19
N SER D 185 89.64 53.77 35.20
CA SER D 185 90.56 53.17 36.13
C SER D 185 89.94 51.88 36.65
N SER D 186 90.74 51.11 37.37
CA SER D 186 90.26 49.90 38.02
C SER D 186 90.86 49.82 39.41
N SER D 187 90.12 49.19 40.32
CA SER D 187 90.53 49.09 41.71
C SER D 187 90.36 47.66 42.18
N VAL D 188 91.45 47.07 42.70
CA VAL D 188 91.43 45.72 43.22
C VAL D 188 91.88 45.74 44.66
N THR D 189 91.55 44.67 45.37
CA THR D 189 91.93 44.51 46.78
C THR D 189 92.64 43.18 46.92
N VAL D 190 93.95 43.23 47.06
CA VAL D 190 94.79 42.04 47.23
C VAL D 190 95.21 41.97 48.69
N PRO D 191 95.07 40.84 49.36
CA PRO D 191 95.49 40.74 50.76
C PRO D 191 96.99 40.79 50.92
N SER D 192 97.43 40.98 52.17
CA SER D 192 98.85 41.19 52.45
C SER D 192 99.66 39.90 52.37
N SER D 193 99.01 38.74 52.38
CA SER D 193 99.74 37.48 52.38
C SER D 193 100.28 37.11 51.01
N THR D 194 99.85 37.78 49.95
CA THR D 194 100.30 37.48 48.60
C THR D 194 101.03 38.63 47.92
N TRP D 195 100.87 39.86 48.41
CA TRP D 195 101.57 41.01 47.86
C TRP D 195 102.52 41.60 48.91
N PRO D 196 103.77 41.94 48.54
CA PRO D 196 104.40 41.84 47.22
C PRO D 196 105.21 40.58 47.00
N SER D 197 104.78 39.46 47.61
CA SER D 197 105.49 38.20 47.39
C SER D 197 105.18 37.64 46.01
N GLU D 198 103.93 37.71 45.59
CA GLU D 198 103.51 37.22 44.29
C GLU D 198 103.27 38.37 43.33
N THR D 199 103.21 38.04 42.04
CA THR D 199 103.10 39.04 40.98
C THR D 199 101.62 39.24 40.63
N VAL D 200 101.15 40.47 40.79
CA VAL D 200 99.79 40.86 40.42
C VAL D 200 99.90 41.86 39.29
N THR D 201 99.31 41.53 38.13
CA THR D 201 99.42 42.34 36.94
C THR D 201 98.04 42.76 36.44
N CYS D 202 98.05 43.74 35.55
CA CYS D 202 96.83 44.33 34.99
C CYS D 202 96.87 44.17 33.48
N ASN D 203 95.85 43.51 32.92
CA ASN D 203 95.79 43.20 31.49
C ASN D 203 94.64 43.99 30.90
N VAL D 204 94.97 44.98 30.07
CA VAL D 204 93.99 45.78 29.34
C VAL D 204 94.13 45.47 27.86
N ALA D 205 93.02 45.12 27.22
CA ALA D 205 93.00 44.79 25.81
C ALA D 205 91.98 45.67 25.09
N HIS D 206 92.28 45.97 23.83
CA HIS D 206 91.41 46.83 23.01
C HIS D 206 90.94 46.05 21.80
N PRO D 207 89.63 45.79 21.66
CA PRO D 207 89.16 45.04 20.49
C PRO D 207 89.14 45.85 19.21
N ALA D 208 89.17 47.18 19.30
CA ALA D 208 89.14 48.03 18.12
C ALA D 208 90.51 48.30 17.53
N SER D 209 91.59 47.96 18.25
CA SER D 209 92.93 48.11 17.72
C SER D 209 93.74 46.81 17.75
N SER D 210 93.23 45.75 18.40
CA SER D 210 93.88 44.44 18.52
C SER D 210 95.27 44.56 19.15
N THR D 211 95.34 45.27 20.28
CA THR D 211 96.59 45.49 20.99
C THR D 211 96.47 44.92 22.39
N LYS D 212 97.40 44.03 22.74
CA LYS D 212 97.44 43.39 24.05
C LYS D 212 98.61 43.95 24.84
N VAL D 213 98.31 44.64 25.94
CA VAL D 213 99.33 45.27 26.77
C VAL D 213 99.08 44.86 28.22
N ASP D 214 100.14 44.51 28.92
CA ASP D 214 100.06 44.16 30.33
C ASP D 214 101.18 44.86 31.09
N LYS D 215 100.87 45.30 32.31
CA LYS D 215 101.83 46.01 33.15
C LYS D 215 101.79 45.37 34.53
N LYS D 216 102.96 44.94 35.01
CA LYS D 216 103.07 44.37 36.34
C LYS D 216 103.14 45.47 37.38
N ILE D 217 102.41 45.29 38.48
CA ILE D 217 102.45 46.23 39.58
C ILE D 217 103.74 46.00 40.36
N VAL D 218 104.59 47.01 40.40
CA VAL D 218 105.89 46.94 41.07
C VAL D 218 105.81 47.78 42.34
N PRO D 219 106.24 47.25 43.49
CA PRO D 219 106.25 48.05 44.72
C PRO D 219 107.32 49.12 44.66
N ARG D 220 106.91 50.37 44.86
CA ARG D 220 107.84 51.49 44.81
C ARG D 220 107.54 52.49 45.90
N ASP E 1 54.19 71.75 25.89
CA ASP E 1 53.70 70.38 26.02
C ASP E 1 53.56 69.99 27.48
N ILE E 2 53.22 68.73 27.71
CA ILE E 2 53.00 68.22 29.05
C ILE E 2 54.35 67.98 29.70
N VAL E 3 54.50 68.43 30.95
CA VAL E 3 55.72 68.23 31.73
C VAL E 3 55.42 67.14 32.75
N MET E 4 55.93 65.94 32.50
CA MET E 4 55.73 64.82 33.41
C MET E 4 56.86 64.82 34.44
N THR E 5 56.53 65.17 35.67
CA THR E 5 57.51 65.32 36.74
C THR E 5 57.49 64.10 37.65
N GLN E 6 58.67 63.56 37.94
CA GLN E 6 58.82 62.47 38.88
C GLN E 6 59.69 62.93 40.04
N SER E 7 59.26 62.61 41.26
CA SER E 7 59.96 63.04 42.47
C SER E 7 59.73 62.00 43.55
N GLN E 8 60.79 61.42 44.09
CA GLN E 8 62.20 61.74 43.78
C GLN E 8 62.71 60.91 42.61
N LYS E 9 64.03 60.93 42.41
CA LYS E 9 64.69 60.11 41.40
C LYS E 9 65.28 58.82 41.96
N PHE E 10 65.63 58.81 43.25
CA PHE E 10 66.18 57.62 43.89
C PHE E 10 65.23 57.12 44.97
N MET E 11 65.12 55.81 45.09
CA MET E 11 64.35 55.17 46.14
C MET E 11 65.07 53.89 46.56
N SER E 12 65.01 53.59 47.86
CA SER E 12 65.72 52.45 48.43
C SER E 12 64.74 51.59 49.22
N THR E 13 64.42 50.41 48.70
CA THR E 13 63.57 49.44 49.38
C THR E 13 64.21 48.07 49.32
N SER E 14 64.20 47.36 50.43
CA SER E 14 64.73 46.01 50.51
C SER E 14 63.75 45.01 49.91
N VAL E 15 64.15 43.74 49.88
CA VAL E 15 63.30 42.70 49.32
C VAL E 15 62.13 42.41 50.24
N GLY E 16 61.01 42.01 49.65
CA GLY E 16 59.82 41.77 50.44
C GLY E 16 59.15 43.00 50.98
N ASP E 17 59.33 44.16 50.35
CA ASP E 17 58.80 45.42 50.84
C ASP E 17 57.93 46.06 49.76
N ARG E 18 57.00 46.91 50.21
CA ARG E 18 56.08 47.62 49.33
C ARG E 18 56.70 48.96 48.92
N VAL E 19 56.70 49.23 47.62
CA VAL E 19 57.26 50.45 47.05
C VAL E 19 56.21 51.10 46.16
N SER E 20 56.18 52.43 46.13
CA SER E 20 55.26 53.18 45.30
C SER E 20 56.03 54.19 44.47
N VAL E 21 55.86 54.12 43.16
CA VAL E 21 56.48 55.06 42.22
C VAL E 21 55.38 55.97 41.70
N THR E 22 55.59 57.28 41.83
CA THR E 22 54.59 58.26 41.44
C THR E 22 55.17 59.24 40.43
N CYS E 23 54.29 59.79 39.57
CA CYS E 23 54.64 60.87 38.66
C CYS E 23 53.39 61.67 38.31
N LYS E 24 53.56 62.98 38.19
CA LYS E 24 52.46 63.91 38.01
C LYS E 24 52.41 64.38 36.56
N ALA E 25 51.27 64.97 36.18
CA ALA E 25 51.09 65.56 34.86
C ALA E 25 50.75 67.04 35.00
N SER E 26 50.88 67.77 33.89
CA SER E 26 50.61 69.20 33.91
C SER E 26 49.16 69.50 33.62
N GLN E 27 48.64 68.98 32.51
CA GLN E 27 47.26 69.19 32.09
C GLN E 27 46.45 67.91 32.29
N ASN E 28 45.19 67.95 31.88
CA ASN E 28 44.26 66.85 32.08
C ASN E 28 44.60 65.74 31.09
N VAL E 29 45.40 64.77 31.55
CA VAL E 29 45.77 63.67 30.67
C VAL E 29 44.63 62.66 30.56
N GLY E 30 43.84 62.49 31.62
CA GLY E 30 42.72 61.58 31.58
C GLY E 30 43.01 60.25 32.23
N THR E 31 43.14 59.20 31.41
CA THR E 31 43.34 57.86 31.93
C THR E 31 44.55 57.22 31.26
N ASN E 32 44.79 57.57 29.99
CA ASN E 32 45.78 56.88 29.16
C ASN E 32 47.19 57.33 29.55
N VAL E 33 47.79 56.59 30.49
CA VAL E 33 49.20 56.72 30.82
C VAL E 33 49.82 55.34 30.75
N ALA E 34 51.14 55.28 30.94
CA ALA E 34 51.84 54.00 30.85
C ALA E 34 52.99 53.98 31.84
N TRP E 35 53.58 52.79 31.99
CA TRP E 35 54.76 52.60 32.80
C TRP E 35 55.65 51.54 32.14
N TYR E 36 56.96 51.69 32.32
CA TYR E 36 57.92 50.83 31.65
C TYR E 36 58.96 50.35 32.66
N GLN E 37 59.80 49.42 32.21
CA GLN E 37 60.85 48.84 33.04
C GLN E 37 62.10 48.67 32.18
N GLN E 38 63.20 49.26 32.61
CA GLN E 38 64.45 49.25 31.83
C GLN E 38 65.58 48.70 32.69
N LYS E 39 66.06 47.52 32.34
CA LYS E 39 67.27 46.99 32.93
C LYS E 39 68.48 47.83 32.48
N PRO E 40 69.54 47.87 33.29
CA PRO E 40 70.73 48.66 32.89
C PRO E 40 71.42 48.05 31.69
N GLY E 41 71.44 48.80 30.59
CA GLY E 41 72.02 48.35 29.34
C GLY E 41 71.03 47.72 28.39
N GLN E 42 70.02 47.02 28.90
CA GLN E 42 69.06 46.33 28.06
C GLN E 42 67.98 47.30 27.58
N SER E 43 67.04 46.78 26.82
CA SER E 43 65.95 47.52 26.23
C SER E 43 64.77 47.61 27.19
N PRO E 44 64.04 48.72 27.17
CA PRO E 44 62.87 48.84 28.06
C PRO E 44 61.72 47.95 27.61
N LYS E 45 61.01 47.41 28.59
CA LYS E 45 59.83 46.60 28.35
C LYS E 45 58.64 47.24 29.03
N ALA E 46 57.45 46.92 28.55
CA ALA E 46 56.23 47.56 29.03
C ALA E 46 55.64 46.77 30.19
N LEU E 47 55.14 47.49 31.18
CA LEU E 47 54.57 46.90 32.39
C LEU E 47 53.09 47.17 32.55
N ILE E 48 52.67 48.43 32.52
CA ILE E 48 51.30 48.83 32.79
C ILE E 48 50.87 49.81 31.73
N TYR E 49 49.70 49.56 31.11
CA TYR E 49 49.08 50.51 30.20
C TYR E 49 47.71 50.91 30.72
N SER E 50 47.36 52.19 30.52
CA SER E 50 46.09 52.81 30.92
C SER E 50 45.82 52.66 32.42
N THR E 51 46.90 52.64 33.22
CA THR E 51 46.97 52.67 34.70
C THR E 51 46.09 51.64 35.41
N SER E 52 45.57 50.63 34.70
CA SER E 52 44.81 49.58 35.36
C SER E 52 45.02 48.19 34.79
N TYR E 53 45.87 48.02 33.79
CA TYR E 53 45.98 46.74 33.09
C TYR E 53 47.44 46.40 32.86
N ARG E 54 47.76 45.13 32.99
CA ARG E 54 49.11 44.62 32.82
C ARG E 54 49.33 44.22 31.37
N TYR E 55 50.44 43.53 31.09
CA TYR E 55 50.76 43.06 29.76
C TYR E 55 50.85 41.53 29.77
N SER E 56 51.29 40.98 28.64
CA SER E 56 51.41 39.53 28.48
C SER E 56 52.84 39.13 28.79
N GLY E 57 53.08 38.62 29.99
CA GLY E 57 54.40 38.20 30.43
C GLY E 57 54.92 38.93 31.64
N VAL E 58 54.25 39.98 32.08
CA VAL E 58 54.70 40.73 33.26
C VAL E 58 54.05 40.10 34.49
N PRO E 59 54.65 40.22 35.68
CA PRO E 59 54.03 39.65 36.87
C PRO E 59 52.79 40.42 37.31
N ASP E 60 51.97 39.74 38.10
CA ASP E 60 50.71 40.30 38.56
C ASP E 60 50.87 41.23 39.74
N ARG E 61 52.06 41.30 40.33
CA ARG E 61 52.29 42.19 41.47
C ARG E 61 52.39 43.66 41.06
N PHE E 62 52.62 43.93 39.78
CA PHE E 62 52.69 45.30 39.27
C PHE E 62 51.27 45.81 39.06
N THR E 63 50.76 46.57 40.03
CA THR E 63 49.43 47.15 39.93
C THR E 63 49.53 48.67 39.87
N GLY E 64 48.51 49.29 39.32
CA GLY E 64 48.48 50.73 39.17
C GLY E 64 47.09 51.27 39.48
N SER E 65 47.07 52.51 39.96
CA SER E 65 45.83 53.19 40.29
C SER E 65 45.97 54.65 39.90
N GLY E 66 45.03 55.47 40.35
CA GLY E 66 45.10 56.90 40.11
C GLY E 66 44.53 57.33 38.77
N SER E 67 44.01 58.55 38.70
CA SER E 67 43.48 59.10 37.47
C SER E 67 43.54 60.61 37.52
N GLY E 68 43.58 61.23 36.34
CA GLY E 68 43.58 62.67 36.24
C GLY E 68 44.94 63.32 36.40
N THR E 69 45.41 63.44 37.65
CA THR E 69 46.69 64.05 37.93
C THR E 69 47.69 63.06 38.50
N ASP E 70 47.34 62.40 39.60
CA ASP E 70 48.27 61.51 40.30
C ASP E 70 48.16 60.10 39.75
N PHE E 71 49.31 59.46 39.55
CA PHE E 71 49.39 58.07 39.13
C PHE E 71 50.43 57.37 40.00
N THR E 72 50.13 56.13 40.38
CA THR E 72 50.98 55.39 41.30
C THR E 72 51.17 53.97 40.79
N LEU E 73 52.43 53.55 40.67
CA LEU E 73 52.78 52.19 40.30
C LEU E 73 53.28 51.51 41.57
N THR E 74 52.40 50.76 42.23
CA THR E 74 52.70 50.13 43.50
C THR E 74 53.10 48.68 43.26
N ILE E 75 54.19 48.25 43.89
CA ILE E 75 54.67 46.88 43.80
C ILE E 75 54.59 46.26 45.20
N SER E 76 54.01 45.07 45.29
CA SER E 76 53.81 44.45 46.60
C SER E 76 55.08 43.75 47.10
N ASN E 77 55.52 42.71 46.40
CA ASN E 77 56.62 41.85 46.84
C ASN E 77 57.76 41.99 45.84
N VAL E 78 58.69 42.91 46.10
CA VAL E 78 59.77 43.16 45.16
C VAL E 78 60.80 42.05 45.24
N GLN E 79 61.62 41.95 44.19
CA GLN E 79 62.65 40.92 44.10
C GLN E 79 63.95 41.51 43.61
N SER E 80 64.93 40.66 43.31
CA SER E 80 66.18 41.13 42.74
C SER E 80 66.02 41.52 41.27
N GLU E 81 65.01 41.00 40.59
CA GLU E 81 64.70 41.38 39.22
C GLU E 81 63.89 42.66 39.14
N ASP E 82 63.47 43.22 40.27
CA ASP E 82 62.70 44.45 40.28
C ASP E 82 63.58 45.67 40.11
N LEU E 83 64.88 45.54 40.35
CA LEU E 83 65.83 46.66 40.26
C LEU E 83 66.02 47.04 38.80
N ALA E 84 65.42 48.15 38.40
CA ALA E 84 65.46 48.62 37.02
C ALA E 84 65.19 50.13 37.02
N GLU E 85 64.93 50.67 35.83
CA GLU E 85 64.57 52.07 35.67
C GLU E 85 63.12 52.14 35.22
N TYR E 86 62.30 52.90 35.94
CA TYR E 86 60.87 52.97 35.70
C TYR E 86 60.48 54.37 35.22
N PHE E 87 59.82 54.44 34.08
CA PHE E 87 59.41 55.68 33.45
C PHE E 87 57.89 55.72 33.33
N CYS E 88 57.33 56.90 33.05
CA CYS E 88 55.90 57.02 32.80
C CYS E 88 55.67 57.89 31.58
N GLN E 89 54.72 57.47 30.74
CA GLN E 89 54.43 58.10 29.46
C GLN E 89 52.97 58.55 29.46
N GLN E 90 52.63 59.43 28.52
CA GLN E 90 51.26 59.85 28.29
C GLN E 90 50.88 59.56 26.85
N TYR E 91 49.57 59.44 26.61
CA TYR E 91 49.04 59.15 25.28
C TYR E 91 47.90 60.10 24.95
N ASN E 92 47.95 61.32 25.45
CA ASN E 92 46.83 62.25 25.31
C ASN E 92 46.97 63.16 24.11
N SER E 93 48.08 63.88 23.99
CA SER E 93 48.27 64.83 22.90
C SER E 93 49.68 64.69 22.35
N TYR E 94 49.79 64.69 21.02
CA TYR E 94 51.10 64.61 20.40
C TYR E 94 51.82 65.95 20.56
N PRO E 95 53.15 65.95 20.80
CA PRO E 95 54.04 64.79 20.90
C PRO E 95 54.03 64.12 22.26
N TYR E 96 54.46 62.86 22.32
CA TYR E 96 54.45 62.11 23.56
C TYR E 96 55.55 62.61 24.48
N THR E 97 55.20 62.84 25.74
CA THR E 97 56.14 63.35 26.73
C THR E 97 56.42 62.27 27.76
N PHE E 98 57.64 61.75 27.75
CA PHE E 98 58.06 60.78 28.74
C PHE E 98 58.33 61.47 30.07
N GLY E 99 58.53 60.65 31.11
CA GLY E 99 58.80 61.15 32.44
C GLY E 99 60.29 61.33 32.69
N GLY E 100 60.64 61.43 33.97
CA GLY E 100 62.01 61.60 34.36
C GLY E 100 62.73 60.29 34.61
N GLY E 101 62.14 59.44 35.43
CA GLY E 101 62.73 58.15 35.72
C GLY E 101 63.06 58.02 37.19
N THR E 102 62.86 56.81 37.71
CA THR E 102 63.15 56.50 39.11
C THR E 102 63.89 55.18 39.20
N LYS E 103 65.05 55.19 39.84
CA LYS E 103 65.86 54.00 40.01
C LYS E 103 65.67 53.42 41.40
N LEU E 104 65.55 52.10 41.47
CA LEU E 104 65.39 51.41 42.73
C LEU E 104 66.73 51.02 43.32
N GLU E 105 66.77 50.86 44.64
CA GLU E 105 68.01 50.53 45.33
C GLU E 105 67.68 49.62 46.51
N ILE E 106 68.69 48.90 46.98
CA ILE E 106 68.56 48.01 48.13
C ILE E 106 69.06 48.75 49.37
N LYS E 107 68.29 48.65 50.46
CA LYS E 107 68.71 49.26 51.71
C LYS E 107 69.85 48.47 52.34
N ARG E 108 70.79 49.18 52.94
CA ARG E 108 71.96 48.58 53.54
C ARG E 108 72.32 49.35 54.81
N ALA E 109 73.23 48.79 55.59
CA ALA E 109 73.72 49.47 56.77
C ALA E 109 74.69 50.58 56.38
N ASP E 110 74.92 51.50 57.30
CA ASP E 110 75.82 52.61 57.06
C ASP E 110 77.27 52.15 57.14
N ALA E 111 78.06 52.50 56.13
CA ALA E 111 79.46 52.09 56.07
C ALA E 111 80.30 53.23 55.52
N ALA E 112 81.42 53.51 56.16
CA ALA E 112 82.33 54.55 55.73
C ALA E 112 83.18 54.07 54.55
N PRO E 113 83.56 54.97 53.65
CA PRO E 113 84.42 54.57 52.54
C PRO E 113 85.85 54.33 52.98
N THR E 114 86.55 53.52 52.20
CA THR E 114 87.97 53.24 52.41
C THR E 114 88.75 53.97 51.33
N VAL E 115 89.17 55.19 51.62
CA VAL E 115 89.83 56.03 50.63
C VAL E 115 91.27 55.56 50.44
N SER E 116 91.79 55.78 49.23
CA SER E 116 93.15 55.39 48.87
C SER E 116 93.63 56.32 47.77
N ILE E 117 94.72 57.03 48.01
CA ILE E 117 95.34 57.91 47.02
C ILE E 117 96.51 57.18 46.39
N PHE E 118 96.71 57.40 45.09
CA PHE E 118 97.82 56.78 44.36
C PHE E 118 98.59 57.88 43.64
N PRO E 119 99.84 58.14 44.02
CA PRO E 119 100.64 59.14 43.31
C PRO E 119 101.01 58.64 41.92
N PRO E 120 101.38 59.54 41.00
CA PRO E 120 101.73 59.10 39.65
C PRO E 120 103.05 58.33 39.64
N SER E 121 103.08 57.27 38.84
CA SER E 121 104.22 56.37 38.79
C SER E 121 105.34 57.00 37.95
N SER E 122 106.45 56.27 37.85
CA SER E 122 107.60 56.76 37.08
C SER E 122 107.34 56.75 35.58
N GLU E 123 106.43 55.89 35.10
CA GLU E 123 106.08 55.92 33.69
C GLU E 123 105.24 57.13 33.36
N GLN E 124 104.46 57.63 34.32
CA GLN E 124 103.77 58.91 34.15
C GLN E 124 104.76 60.06 34.15
N LEU E 125 105.85 59.96 34.90
CA LEU E 125 106.81 61.04 35.00
C LEU E 125 107.65 61.23 33.75
N THR E 126 107.66 60.25 32.83
CA THR E 126 108.39 60.37 31.57
C THR E 126 107.46 60.39 30.36
N SER E 127 106.18 60.69 30.55
CA SER E 127 105.20 60.60 29.47
C SER E 127 104.84 61.95 28.86
N GLY E 128 104.65 62.99 29.67
CA GLY E 128 104.16 64.25 29.18
C GLY E 128 103.19 64.93 30.12
N GLY E 129 102.53 64.14 30.97
CA GLY E 129 101.62 64.68 31.97
C GLY E 129 101.56 63.77 33.19
N ALA E 130 100.81 64.25 34.19
CA ALA E 130 100.67 63.51 35.43
C ALA E 130 99.22 63.55 35.88
N SER E 131 98.81 62.53 36.63
CA SER E 131 97.45 62.44 37.13
C SER E 131 97.44 61.62 38.40
N VAL E 132 96.99 62.22 39.49
CA VAL E 132 96.88 61.54 40.78
C VAL E 132 95.42 61.15 40.99
N VAL E 133 95.20 59.92 41.46
CA VAL E 133 93.85 59.38 41.59
C VAL E 133 93.58 59.10 43.05
N CYS E 134 92.29 59.10 43.40
CA CYS E 134 91.84 58.86 44.77
C CYS E 134 90.65 57.91 44.70
N PHE E 135 90.89 56.63 44.97
CA PHE E 135 89.84 55.64 44.92
C PHE E 135 89.00 55.68 46.19
N LEU E 136 87.70 55.45 46.05
CA LEU E 136 86.78 55.32 47.17
C LEU E 136 85.92 54.10 46.93
N ASN E 137 85.97 53.13 47.85
CA ASN E 137 85.34 51.84 47.64
C ASN E 137 84.45 51.48 48.82
N ASN E 138 83.32 50.82 48.51
CA ASN E 138 82.43 50.14 49.46
C ASN E 138 81.87 51.10 50.51
N PHE E 139 81.06 52.03 50.04
CA PHE E 139 80.39 52.99 50.92
C PHE E 139 78.90 53.00 50.66
N TYR E 140 78.14 53.47 51.65
CA TYR E 140 76.69 53.59 51.57
C TYR E 140 76.29 54.72 52.50
N PRO E 141 75.37 55.61 52.10
CA PRO E 141 74.64 55.66 50.82
C PRO E 141 75.38 56.38 49.70
N LYS E 142 74.62 56.82 48.68
CA LYS E 142 75.21 57.33 47.46
C LYS E 142 75.75 58.74 47.62
N ASP E 143 75.21 59.53 48.55
CA ASP E 143 75.60 60.93 48.65
C ASP E 143 77.00 61.06 49.26
N ILE E 144 77.84 61.85 48.60
CA ILE E 144 79.24 62.02 48.99
C ILE E 144 79.74 63.30 48.35
N ASN E 145 80.82 63.84 48.88
CA ASN E 145 81.41 65.08 48.38
C ASN E 145 82.91 64.97 48.54
N VAL E 146 83.62 64.87 47.42
CA VAL E 146 85.07 64.82 47.42
C VAL E 146 85.60 66.21 47.15
N LYS E 147 86.77 66.53 47.73
CA LYS E 147 87.36 67.85 47.61
C LYS E 147 88.87 67.70 47.59
N TRP E 148 89.50 68.06 46.48
CA TRP E 148 90.94 67.99 46.36
C TRP E 148 91.54 69.31 46.83
N LYS E 149 92.32 69.25 47.90
CA LYS E 149 92.97 70.43 48.47
C LYS E 149 94.46 70.39 48.14
N ILE E 150 94.97 71.50 47.60
CA ILE E 150 96.37 71.59 47.22
C ILE E 150 97.07 72.52 48.21
N ASP E 151 97.72 71.93 49.23
CA ASP E 151 98.36 72.64 50.34
C ASP E 151 97.39 73.58 51.06
N GLY E 152 96.14 73.13 51.21
CA GLY E 152 95.12 73.93 51.85
C GLY E 152 94.24 74.73 50.91
N SER E 153 94.49 74.66 49.60
CA SER E 153 93.70 75.38 48.62
C SER E 153 92.91 74.37 47.78
N GLU E 154 91.60 74.55 47.74
CA GLU E 154 90.75 73.63 46.98
C GLU E 154 90.91 73.86 45.49
N ARG E 155 91.22 72.79 44.76
CA ARG E 155 91.40 72.83 43.32
C ARG E 155 90.12 72.40 42.63
N GLN E 156 89.71 73.15 41.60
CA GLN E 156 88.47 72.89 40.91
C GLN E 156 88.63 72.53 39.44
N ASN E 157 89.71 72.95 38.79
CA ASN E 157 89.91 72.63 37.38
C ASN E 157 90.56 71.27 37.23
N GLY E 158 90.09 70.51 36.23
CA GLY E 158 90.63 69.19 35.96
C GLY E 158 90.26 68.12 36.96
N VAL E 159 89.34 68.39 37.88
CA VAL E 159 88.92 67.41 38.87
C VAL E 159 87.71 66.68 38.31
N LEU E 160 87.96 65.51 37.73
CA LEU E 160 86.91 64.69 37.14
C LEU E 160 86.53 63.57 38.08
N ASN E 161 85.28 63.12 37.98
CA ASN E 161 84.76 62.07 38.84
C ASN E 161 84.03 61.02 38.00
N SER E 162 83.89 59.83 38.58
CA SER E 162 83.23 58.72 37.90
C SER E 162 82.62 57.81 38.95
N TRP E 163 81.31 57.92 39.14
CA TRP E 163 80.60 57.03 40.05
C TRP E 163 80.28 55.71 39.36
N THR E 164 79.91 54.72 40.17
CA THR E 164 79.52 53.42 39.66
C THR E 164 78.07 53.13 40.02
N ASP E 165 77.51 52.13 39.36
CA ASP E 165 76.24 51.56 39.78
C ASP E 165 76.45 50.66 40.98
N GLN E 166 75.35 50.19 41.55
CA GLN E 166 75.44 49.38 42.76
C GLN E 166 75.95 47.98 42.44
N ASP E 167 76.83 47.47 43.30
CA ASP E 167 77.37 46.14 43.13
C ASP E 167 76.28 45.11 43.42
N SER E 168 76.23 44.07 42.59
CA SER E 168 75.19 43.05 42.69
C SER E 168 75.52 41.94 43.69
N LYS E 169 76.49 42.16 44.58
CA LYS E 169 76.88 41.15 45.55
C LYS E 169 76.87 41.67 46.98
N ASP E 170 77.17 42.95 47.19
CA ASP E 170 77.23 43.52 48.53
C ASP E 170 76.41 44.79 48.67
N SER E 171 75.83 45.29 47.57
CA SER E 171 75.00 46.51 47.52
C SER E 171 75.76 47.73 48.04
N THR E 172 77.01 47.89 47.62
CA THR E 172 77.83 49.03 47.97
C THR E 172 78.21 49.81 46.73
N TYR E 173 78.48 51.10 46.92
CA TYR E 173 78.90 51.97 45.84
C TYR E 173 80.43 52.04 45.75
N SER E 174 80.91 52.61 44.65
CA SER E 174 82.32 52.91 44.47
C SER E 174 82.43 54.12 43.55
N MET E 175 83.49 54.90 43.74
CA MET E 175 83.72 56.06 42.91
C MET E 175 85.22 56.37 42.86
N SER E 176 85.61 57.18 41.89
CA SER E 176 87.01 57.54 41.67
C SER E 176 87.09 59.01 41.31
N SER E 177 88.25 59.60 41.58
CA SER E 177 88.49 61.02 41.34
C SER E 177 89.83 61.16 40.64
N THR E 178 89.80 61.70 39.43
CA THR E 178 90.99 61.90 38.62
C THR E 178 91.32 63.38 38.57
N LEU E 179 92.50 63.75 39.05
CA LEU E 179 92.98 65.12 39.03
C LEU E 179 94.12 65.20 38.03
N THR E 180 93.88 65.88 36.91
CA THR E 180 94.87 65.99 35.84
C THR E 180 95.58 67.34 35.90
N LEU E 181 96.87 67.32 35.59
CA LEU E 181 97.74 68.50 35.65
C LEU E 181 99.02 68.17 34.90
N THR E 182 99.87 69.17 34.75
CA THR E 182 101.12 68.97 34.01
C THR E 182 102.27 68.61 34.96
N LYS E 183 103.48 68.59 34.42
CA LYS E 183 104.65 68.10 35.16
C LYS E 183 105.05 69.04 36.28
N ASP E 184 105.44 70.27 35.93
CA ASP E 184 105.98 71.20 36.91
C ASP E 184 104.93 71.69 37.90
N GLU E 185 103.65 71.62 37.53
CA GLU E 185 102.60 71.92 38.48
C GLU E 185 102.44 70.82 39.52
N TYR E 186 102.87 69.60 39.20
CA TYR E 186 102.86 68.53 40.20
C TYR E 186 104.01 68.69 41.19
N GLU E 187 105.16 69.15 40.72
CA GLU E 187 106.31 69.40 41.59
C GLU E 187 106.41 70.83 42.04
N ARG E 188 105.36 71.63 41.85
CA ARG E 188 105.33 72.97 42.42
C ARG E 188 105.00 72.96 43.90
N HIS E 189 104.11 72.07 44.33
CA HIS E 189 103.70 71.96 45.72
C HIS E 189 104.35 70.74 46.35
N ASN E 190 104.07 70.54 47.63
CA ASN E 190 104.72 69.49 48.41
C ASN E 190 103.76 68.44 48.97
N SER E 191 102.49 68.75 49.13
CA SER E 191 101.53 67.81 49.70
C SER E 191 100.25 67.79 48.87
N TYR E 192 99.57 66.65 48.90
CA TYR E 192 98.28 66.50 48.25
C TYR E 192 97.40 65.62 49.11
N THR E 193 96.14 66.01 49.27
CA THR E 193 95.20 65.29 50.11
C THR E 193 93.88 65.12 49.38
N CYS E 194 93.12 64.10 49.81
CA CYS E 194 91.85 63.75 49.19
C CYS E 194 90.78 63.80 50.28
N GLU E 195 90.18 64.98 50.47
CA GLU E 195 89.12 65.15 51.45
C GLU E 195 87.82 64.60 50.91
N ALA E 196 87.14 63.79 51.73
CA ALA E 196 85.86 63.22 51.36
C ALA E 196 84.98 63.15 52.59
N THR E 197 83.84 63.83 52.55
CA THR E 197 82.92 63.84 53.68
C THR E 197 81.77 62.86 53.45
N HIS E 198 81.08 62.54 54.54
CA HIS E 198 79.99 61.58 54.50
C HIS E 198 79.11 61.82 55.73
N LYS E 199 77.92 61.21 55.72
CA LYS E 199 77.03 61.32 56.86
C LYS E 199 77.37 60.33 57.97
N THR E 200 78.28 59.39 57.73
CA THR E 200 78.69 58.42 58.73
C THR E 200 79.67 58.99 59.75
N SER E 201 80.12 60.23 59.57
CA SER E 201 81.05 60.84 60.52
C SER E 201 80.85 62.35 60.49
N THR E 202 81.22 63.00 61.59
CA THR E 202 81.17 64.45 61.65
C THR E 202 82.32 65.07 60.86
N SER E 203 83.54 64.73 61.22
CA SER E 203 84.74 65.17 60.51
C SER E 203 84.97 64.30 59.28
N PRO E 204 85.45 64.88 58.18
CA PRO E 204 85.66 64.09 56.96
C PRO E 204 86.86 63.15 57.10
N ILE E 205 86.85 62.12 56.26
CA ILE E 205 87.94 61.15 56.21
C ILE E 205 89.14 61.81 55.52
N VAL E 206 90.29 61.79 56.19
CA VAL E 206 91.48 62.46 55.72
C VAL E 206 92.49 61.41 55.29
N LYS E 207 93.11 61.62 54.12
CA LYS E 207 94.27 60.87 53.69
C LYS E 207 95.12 61.80 52.84
N SER E 208 96.44 61.60 52.90
CA SER E 208 97.35 62.50 52.18
C SER E 208 98.67 61.77 51.94
N PHE E 209 99.53 62.42 51.16
CA PHE E 209 100.89 61.97 50.94
C PHE E 209 101.76 63.18 50.65
N ASN E 210 103.07 63.00 50.78
CA ASN E 210 104.03 64.08 50.63
C ASN E 210 104.82 63.93 49.33
N ARG E 211 105.41 65.05 48.90
CA ARG E 211 106.30 65.17 47.74
C ARG E 211 105.66 64.73 46.42
#